data_1E9S
#
_entry.id   1E9S
#
_cell.length_a   107.400
_cell.length_b   153.400
_cell.length_c   162.500
_cell.angle_alpha   90.00
_cell.angle_beta   94.20
_cell.angle_gamma   90.00
#
_symmetry.space_group_name_H-M   'P 1 21 1'
#
loop_
_entity.id
_entity.type
_entity.pdbx_description
1 polymer 'CONJUGAL TRANSFER PROTEIN TRWB'
2 water water
#
_entity_poly.entity_id   1
_entity_poly.type   'polypeptide(L)'
_entity_poly.pdbx_seq_one_letter_code
;LNSVGQGEFGGAPFKRFLRGTRIVSGGKLKRMTREKAKQVTVAGVPMPRDAEPRHLLVNGATGTGKSVLLRELAYTGLLR
GDRMVIVDPNGDMLSKFGRDKDIILNPYDQRTKGWSFFNEIRNDYDWQRYALSVVPRGKTDEAEEWASYGRLLLRETAKK
LALIGTPSMRELFHWTTIATFDDLRGFLEGTLAESLFAGSNEASKALTSARFVLSDKLPEHVTMPDGDFSIRSWLEDPNG
GNLFITWREDMGPALRPLISAWVDVVCTSILSLPEEPKRRLWLFIDELASLEKLASLADALTKGRKAGLRVVAGLQSTSQ
LDDVYGVKEAQTLRASFRSLVVLGGSRTDPKTNEDMSLSLGEHEVERDRYSKNTGKHHSTGRALERVRERVVMPAEIANL
PDLTAYVGFAGNRPIAKVPLEIKQFANRQPAFVEGTI
;
_entity_poly.pdbx_strand_id   A,B,D,E,F,G,H,I,J,K,L,M
#
# COMPACT_ATOMS: atom_id res chain seq x y z
N ASN A 2 33.89 -55.21 64.52
CA ASN A 2 33.29 -55.68 63.24
C ASN A 2 33.19 -57.20 63.18
N SER A 3 32.26 -57.75 63.95
CA SER A 3 32.05 -59.19 64.01
C SER A 3 30.71 -59.56 63.37
N VAL A 4 30.22 -58.70 62.49
CA VAL A 4 28.96 -58.95 61.81
C VAL A 4 29.11 -58.79 60.29
N GLY A 5 28.28 -59.49 59.54
CA GLY A 5 28.33 -59.39 58.09
C GLY A 5 29.09 -60.43 57.30
N GLN A 6 30.25 -60.86 57.79
CA GLN A 6 31.04 -61.86 57.07
C GLN A 6 30.26 -63.14 56.81
N GLY A 7 30.56 -63.80 55.70
CA GLY A 7 29.89 -65.03 55.34
C GLY A 7 28.55 -64.74 54.68
N GLU A 8 28.17 -63.47 54.74
CA GLU A 8 26.92 -63.04 54.18
C GLU A 8 27.18 -61.84 53.27
N PHE A 9 27.65 -60.75 53.86
CA PHE A 9 27.97 -59.54 53.11
C PHE A 9 29.31 -59.69 52.39
N GLY A 10 29.35 -59.29 51.12
CA GLY A 10 30.57 -59.40 50.33
C GLY A 10 31.59 -58.32 50.59
N GLY A 11 31.17 -57.22 51.20
CA GLY A 11 32.08 -56.14 51.49
C GLY A 11 32.80 -56.31 52.82
N ALA A 12 33.32 -55.22 53.37
CA ALA A 12 34.03 -55.29 54.63
C ALA A 12 33.07 -55.56 55.78
N PRO A 13 33.47 -56.41 56.74
CA PRO A 13 32.62 -56.73 57.89
C PRO A 13 32.38 -55.44 58.67
N PHE A 14 31.26 -55.37 59.40
CA PHE A 14 30.95 -54.18 60.18
C PHE A 14 30.56 -54.47 61.62
N LYS A 15 30.57 -53.43 62.44
CA LYS A 15 30.23 -53.58 63.84
C LYS A 15 28.72 -53.58 64.06
N ARG A 16 28.02 -52.64 63.45
CA ARG A 16 26.57 -52.54 63.65
C ARG A 16 25.79 -52.22 62.37
N PHE A 17 24.65 -52.89 62.18
CA PHE A 17 23.80 -52.64 61.02
C PHE A 17 22.73 -51.65 61.45
N LEU A 18 22.67 -50.50 60.78
CA LEU A 18 21.70 -49.46 61.11
C LEU A 18 20.33 -49.61 60.43
N ARG A 19 20.33 -49.58 59.10
CA ARG A 19 19.10 -49.69 58.32
C ARG A 19 19.33 -50.09 56.86
N GLY A 20 18.25 -50.39 56.16
CA GLY A 20 18.33 -50.78 54.76
C GLY A 20 18.09 -52.25 54.51
N THR A 21 18.75 -52.78 53.49
CA THR A 21 18.62 -54.19 53.14
C THR A 21 19.56 -55.07 53.96
N ARG A 22 19.00 -56.10 54.59
CA ARG A 22 19.79 -57.04 55.36
C ARG A 22 20.16 -58.21 54.47
N ILE A 23 21.40 -58.66 54.55
CA ILE A 23 21.79 -59.82 53.78
C ILE A 23 22.19 -60.87 54.81
N VAL A 24 21.69 -62.08 54.60
CA VAL A 24 21.96 -63.18 55.50
C VAL A 24 22.51 -64.35 54.69
N SER A 25 22.88 -65.42 55.38
CA SER A 25 23.41 -66.61 54.72
C SER A 25 22.24 -67.40 54.14
N GLY A 26 22.50 -68.16 53.09
CA GLY A 26 21.44 -68.96 52.52
C GLY A 26 20.78 -69.80 53.59
N GLY A 27 21.60 -70.38 54.46
CA GLY A 27 21.06 -71.21 55.53
C GLY A 27 20.18 -70.48 56.51
N LYS A 28 20.60 -69.29 56.94
CA LYS A 28 19.78 -68.53 57.88
C LYS A 28 18.47 -68.08 57.27
N LEU A 29 18.49 -67.80 55.97
CA LEU A 29 17.26 -67.37 55.28
C LEU A 29 16.29 -68.54 55.21
N LYS A 30 16.82 -69.72 54.89
CA LYS A 30 15.99 -70.92 54.79
C LYS A 30 15.32 -71.20 56.13
N ARG A 31 15.96 -70.79 57.21
CA ARG A 31 15.40 -71.00 58.52
C ARG A 31 14.35 -69.96 58.87
N MET A 32 14.56 -68.76 58.37
CA MET A 32 13.64 -67.66 58.61
C MET A 32 12.36 -67.79 57.81
N THR A 33 12.47 -68.29 56.57
CA THR A 33 11.30 -68.43 55.71
C THR A 33 10.58 -69.76 55.88
N ARG A 34 11.21 -70.71 56.55
CA ARG A 34 10.57 -72.01 56.80
C ARG A 34 9.27 -71.79 57.56
N GLU A 35 8.23 -72.46 57.12
CA GLU A 35 6.90 -72.32 57.71
C GLU A 35 6.27 -73.68 57.98
N LYS A 36 5.28 -73.70 58.86
CA LYS A 36 4.58 -74.93 59.19
C LYS A 36 3.87 -75.50 57.97
N ALA A 37 3.12 -74.65 57.27
CA ALA A 37 2.38 -75.07 56.09
C ALA A 37 3.29 -75.63 54.99
N LYS A 38 2.71 -76.39 54.07
CA LYS A 38 3.47 -76.94 52.96
C LYS A 38 3.92 -75.77 52.08
N GLN A 39 5.20 -75.72 51.75
CA GLN A 39 5.72 -74.64 50.95
C GLN A 39 6.34 -75.08 49.64
N VAL A 40 6.61 -74.10 48.80
CA VAL A 40 7.24 -74.28 47.51
C VAL A 40 8.66 -73.75 47.72
N THR A 41 9.62 -74.13 46.90
CA THR A 41 10.97 -73.62 47.11
C THR A 41 11.58 -72.87 45.93
N VAL A 42 12.32 -71.82 46.25
CA VAL A 42 12.99 -71.00 45.26
C VAL A 42 14.48 -71.10 45.55
N ALA A 43 15.21 -71.76 44.65
CA ALA A 43 16.64 -71.93 44.82
C ALA A 43 16.93 -72.61 46.17
N GLY A 44 16.06 -73.53 46.55
CA GLY A 44 16.25 -74.26 47.79
C GLY A 44 15.65 -73.58 49.00
N VAL A 45 15.36 -72.29 48.87
CA VAL A 45 14.78 -71.52 49.98
C VAL A 45 13.26 -71.62 49.96
N PRO A 46 12.65 -72.07 51.08
CA PRO A 46 11.19 -72.17 51.10
C PRO A 46 10.57 -70.79 50.98
N MET A 47 9.63 -70.64 50.06
CA MET A 47 8.99 -69.37 49.84
C MET A 47 7.87 -69.07 50.82
N PRO A 48 7.93 -67.90 51.49
CA PRO A 48 6.88 -67.55 52.44
C PRO A 48 5.52 -67.66 51.77
N ARG A 49 4.57 -68.26 52.45
CA ARG A 49 3.23 -68.42 51.90
C ARG A 49 2.60 -67.11 51.42
N ASP A 50 2.74 -66.05 52.21
CA ASP A 50 2.15 -64.77 51.85
C ASP A 50 2.78 -64.09 50.64
N ALA A 51 4.00 -64.53 50.30
CA ALA A 51 4.73 -63.97 49.17
C ALA A 51 4.30 -64.57 47.82
N GLU A 52 3.76 -65.77 47.85
CA GLU A 52 3.33 -66.45 46.63
C GLU A 52 2.40 -65.65 45.72
N PRO A 53 1.29 -65.13 46.26
CA PRO A 53 0.37 -64.35 45.42
C PRO A 53 0.87 -62.96 45.06
N ARG A 54 2.10 -62.65 45.45
CA ARG A 54 2.69 -61.35 45.16
C ARG A 54 3.72 -61.45 44.05
N HIS A 55 3.76 -62.63 43.45
CA HIS A 55 4.60 -62.94 42.30
C HIS A 55 6.11 -62.91 42.45
N LEU A 56 6.77 -63.61 41.54
CA LEU A 56 8.21 -63.73 41.55
C LEU A 56 8.83 -63.39 40.21
N LEU A 57 9.86 -62.57 40.26
CA LEU A 57 10.57 -62.16 39.06
C LEU A 57 11.98 -62.73 39.12
N VAL A 58 12.30 -63.59 38.17
CA VAL A 58 13.61 -64.21 38.11
C VAL A 58 14.42 -63.57 37.01
N ASN A 59 15.43 -62.82 37.40
CA ASN A 59 16.27 -62.14 36.44
C ASN A 59 17.65 -62.78 36.34
N GLY A 60 18.14 -62.96 35.12
CA GLY A 60 19.45 -63.56 34.95
C GLY A 60 19.78 -63.84 33.51
N ALA A 61 21.06 -64.01 33.22
CA ALA A 61 21.51 -64.29 31.86
C ALA A 61 21.11 -65.70 31.43
N THR A 62 21.59 -66.14 30.27
CA THR A 62 21.26 -67.46 29.73
C THR A 62 22.17 -68.54 30.30
N GLY A 63 21.56 -69.61 30.79
CA GLY A 63 22.33 -70.71 31.35
C GLY A 63 22.84 -70.45 32.76
N THR A 64 22.22 -69.53 33.46
CA THR A 64 22.63 -69.19 34.82
C THR A 64 21.86 -70.02 35.85
N GLY A 65 20.93 -70.84 35.37
CA GLY A 65 20.15 -71.69 36.27
C GLY A 65 18.67 -71.35 36.37
N LYS A 66 18.14 -70.60 35.42
CA LYS A 66 16.73 -70.25 35.46
C LYS A 66 15.88 -71.50 35.32
N SER A 67 16.33 -72.39 34.44
CA SER A 67 15.63 -73.64 34.18
C SER A 67 15.59 -74.47 35.45
N VAL A 68 16.74 -74.61 36.10
CA VAL A 68 16.82 -75.36 37.34
C VAL A 68 15.85 -74.77 38.38
N LEU A 69 15.83 -73.44 38.49
CA LEU A 69 14.99 -72.74 39.43
C LEU A 69 13.50 -72.91 39.14
N LEU A 70 13.10 -72.68 37.90
CA LEU A 70 11.71 -72.81 37.52
C LEU A 70 11.25 -74.25 37.64
N ARG A 71 12.13 -75.16 37.28
CA ARG A 71 11.87 -76.60 37.35
C ARG A 71 11.58 -77.01 38.81
N GLU A 72 12.42 -76.56 39.75
CA GLU A 72 12.25 -76.86 41.16
C GLU A 72 11.00 -76.22 41.74
N LEU A 73 10.71 -75.01 41.29
CA LEU A 73 9.54 -74.28 41.75
C LEU A 73 8.28 -75.01 41.30
N ALA A 74 8.28 -75.45 40.05
CA ALA A 74 7.14 -76.18 39.50
C ALA A 74 6.95 -77.52 40.20
N TYR A 75 8.07 -78.24 40.39
CA TYR A 75 8.06 -79.53 41.05
C TYR A 75 7.46 -79.44 42.46
N THR A 76 8.05 -78.61 43.31
CA THR A 76 7.55 -78.47 44.68
C THR A 76 6.12 -77.95 44.73
N GLY A 77 5.70 -77.25 43.69
CA GLY A 77 4.34 -76.73 43.65
C GLY A 77 3.36 -77.84 43.31
N LEU A 78 3.79 -78.72 42.42
CA LEU A 78 2.98 -79.86 42.01
C LEU A 78 2.83 -80.83 43.17
N LEU A 79 3.92 -81.06 43.92
CA LEU A 79 3.90 -81.96 45.07
C LEU A 79 2.86 -81.51 46.06
N ARG A 80 2.62 -80.21 46.10
CA ARG A 80 1.66 -79.64 47.01
C ARG A 80 0.25 -79.68 46.41
N GLY A 81 0.17 -80.15 45.16
CA GLY A 81 -1.11 -80.27 44.49
C GLY A 81 -1.61 -79.00 43.82
N ASP A 82 -0.73 -78.04 43.59
CA ASP A 82 -1.11 -76.78 42.97
C ASP A 82 -1.36 -76.99 41.48
N ARG A 83 -2.19 -76.13 40.90
CA ARG A 83 -2.47 -76.20 39.47
C ARG A 83 -1.61 -75.13 38.81
N MET A 84 -1.35 -75.27 37.52
CA MET A 84 -0.55 -74.27 36.84
C MET A 84 -0.61 -74.25 35.32
N VAL A 85 -0.35 -73.08 34.77
CA VAL A 85 -0.30 -72.86 33.34
C VAL A 85 1.16 -72.57 33.10
N ILE A 86 1.77 -73.32 32.19
CA ILE A 86 3.18 -73.11 31.92
C ILE A 86 3.51 -72.78 30.48
N VAL A 87 4.10 -71.60 30.28
CA VAL A 87 4.52 -71.18 28.95
C VAL A 87 5.80 -71.99 28.85
N ASP A 88 5.72 -73.08 28.10
CA ASP A 88 6.81 -74.03 28.00
C ASP A 88 7.53 -74.20 26.66
N PRO A 89 8.64 -73.47 26.46
CA PRO A 89 9.41 -73.55 25.21
C PRO A 89 9.98 -74.95 25.02
N ASN A 90 9.75 -75.51 23.83
CA ASN A 90 10.25 -76.85 23.49
C ASN A 90 9.63 -77.99 24.29
N GLY A 91 8.61 -77.69 25.09
CA GLY A 91 7.97 -78.74 25.86
C GLY A 91 8.85 -79.39 26.91
N ASP A 92 9.83 -78.65 27.43
CA ASP A 92 10.72 -79.19 28.44
C ASP A 92 10.00 -79.53 29.74
N MET A 93 9.15 -78.61 30.21
CA MET A 93 8.40 -78.82 31.44
C MET A 93 7.38 -79.93 31.26
N LEU A 94 6.85 -80.04 30.03
CA LEU A 94 5.86 -81.06 29.70
C LEU A 94 6.47 -82.43 29.82
N SER A 95 7.63 -82.62 29.21
CA SER A 95 8.31 -83.89 29.23
C SER A 95 8.69 -84.34 30.64
N LYS A 96 8.90 -83.41 31.56
CA LYS A 96 9.28 -83.76 32.92
C LYS A 96 8.10 -83.86 33.88
N PHE A 97 7.10 -82.99 33.71
CA PHE A 97 5.95 -82.96 34.62
C PHE A 97 4.58 -83.23 34.01
N GLY A 98 4.55 -83.52 32.72
CA GLY A 98 3.27 -83.79 32.09
C GLY A 98 2.62 -85.08 32.54
N ARG A 99 1.36 -84.98 32.93
CA ARG A 99 0.58 -86.14 33.34
C ARG A 99 -0.45 -86.40 32.26
N ASP A 100 -1.21 -87.48 32.40
CA ASP A 100 -2.20 -87.85 31.40
C ASP A 100 -3.41 -86.91 31.37
N LYS A 101 -3.83 -86.45 32.54
CA LYS A 101 -4.99 -85.56 32.65
C LYS A 101 -4.66 -84.11 32.26
N ASP A 102 -3.38 -83.82 32.03
CA ASP A 102 -2.96 -82.48 31.68
C ASP A 102 -3.27 -82.07 30.26
N ILE A 103 -3.38 -80.76 30.05
CA ILE A 103 -3.72 -80.16 28.78
C ILE A 103 -2.51 -79.62 28.03
N ILE A 104 -2.57 -79.64 26.71
CA ILE A 104 -1.49 -79.10 25.88
C ILE A 104 -2.05 -78.19 24.80
N LEU A 105 -1.48 -77.00 24.67
CA LEU A 105 -1.90 -76.05 23.64
C LEU A 105 -0.69 -75.76 22.75
N ASN A 106 -0.78 -76.22 21.51
CA ASN A 106 0.30 -76.07 20.53
C ASN A 106 -0.31 -76.45 19.17
N PRO A 107 -0.48 -75.47 18.28
CA PRO A 107 -1.08 -75.83 16.99
C PRO A 107 -0.43 -76.95 16.21
N TYR A 108 0.81 -77.29 16.56
CA TYR A 108 1.53 -78.34 15.84
C TYR A 108 1.83 -79.65 16.57
N ASP A 109 1.17 -79.84 17.71
CA ASP A 109 1.37 -81.06 18.48
C ASP A 109 0.09 -81.89 18.39
N GLN A 110 0.25 -83.16 18.02
CA GLN A 110 -0.89 -84.05 17.87
C GLN A 110 -1.77 -84.15 19.12
N ARG A 111 -1.20 -83.86 20.29
CA ARG A 111 -1.90 -83.95 21.56
C ARG A 111 -2.67 -82.69 21.96
N THR A 112 -2.50 -81.61 21.21
CA THR A 112 -3.16 -80.34 21.50
C THR A 112 -4.67 -80.43 21.57
N LYS A 113 -5.26 -79.53 22.34
CA LYS A 113 -6.69 -79.45 22.46
C LYS A 113 -7.12 -78.52 21.31
N GLY A 114 -8.39 -78.62 20.93
CA GLY A 114 -8.91 -77.77 19.87
C GLY A 114 -9.36 -76.49 20.53
N TRP A 115 -9.09 -75.35 19.92
CA TRP A 115 -9.46 -74.07 20.52
C TRP A 115 -9.58 -72.92 19.52
N SER A 116 -10.40 -71.95 19.90
CA SER A 116 -10.63 -70.73 19.13
C SER A 116 -11.07 -69.74 20.21
N PHE A 117 -10.80 -68.46 20.05
CA PHE A 117 -11.17 -67.53 21.12
C PHE A 117 -12.69 -67.48 21.35
N PHE A 118 -13.46 -67.98 20.39
CA PHE A 118 -14.90 -67.99 20.53
C PHE A 118 -15.32 -68.82 21.75
N ASN A 119 -14.54 -69.84 22.09
CA ASN A 119 -14.83 -70.70 23.22
C ASN A 119 -14.78 -70.01 24.55
N GLU A 120 -14.26 -68.78 24.57
CA GLU A 120 -14.12 -68.04 25.82
C GLU A 120 -15.22 -67.00 26.02
N ILE A 121 -16.03 -66.79 25.00
CA ILE A 121 -17.11 -65.81 25.06
C ILE A 121 -18.33 -66.34 25.82
N ARG A 122 -18.71 -65.62 26.87
CA ARG A 122 -19.87 -65.99 27.66
C ARG A 122 -20.90 -64.87 27.66
N ASN A 123 -20.42 -63.65 27.88
CA ASN A 123 -21.28 -62.47 27.90
C ASN A 123 -20.91 -61.54 26.77
N ASP A 124 -21.61 -60.42 26.64
CA ASP A 124 -21.29 -59.52 25.54
C ASP A 124 -20.00 -58.74 25.76
N TYR A 125 -19.70 -58.44 27.02
CA TYR A 125 -18.50 -57.68 27.32
C TYR A 125 -17.23 -58.50 27.10
N ASP A 126 -17.40 -59.79 26.81
CA ASP A 126 -16.27 -60.67 26.57
C ASP A 126 -15.66 -60.51 25.18
N TRP A 127 -16.41 -59.93 24.25
CA TRP A 127 -15.90 -59.74 22.89
C TRP A 127 -14.71 -58.79 22.87
N GLN A 128 -14.84 -57.64 23.52
CA GLN A 128 -13.74 -56.69 23.55
C GLN A 128 -12.65 -57.26 24.46
N ARG A 129 -13.08 -57.84 25.57
CA ARG A 129 -12.20 -58.44 26.54
C ARG A 129 -11.18 -59.39 25.92
N TYR A 130 -11.65 -60.28 25.04
CA TYR A 130 -10.77 -61.23 24.41
C TYR A 130 -10.21 -60.78 23.07
N ALA A 131 -10.71 -59.66 22.54
CA ALA A 131 -10.17 -59.11 21.30
C ALA A 131 -8.83 -58.51 21.75
N LEU A 132 -8.79 -58.10 23.02
CA LEU A 132 -7.61 -57.50 23.64
C LEU A 132 -6.53 -58.57 23.82
N SER A 133 -6.95 -59.82 23.92
CA SER A 133 -6.04 -60.97 24.05
C SER A 133 -5.51 -61.36 22.68
N VAL A 134 -6.40 -61.37 21.69
CA VAL A 134 -6.06 -61.74 20.33
C VAL A 134 -5.19 -60.70 19.65
N VAL A 135 -5.47 -59.43 19.92
CA VAL A 135 -4.68 -58.35 19.35
C VAL A 135 -4.04 -57.58 20.51
N PRO A 136 -2.83 -58.01 20.93
CA PRO A 136 -2.14 -57.34 22.04
C PRO A 136 -1.84 -55.85 21.80
N ARG A 137 -1.42 -55.16 22.84
CA ARG A 137 -1.11 -53.72 22.74
C ARG A 137 0.02 -53.41 21.76
N GLY A 138 -0.13 -52.33 21.02
CA GLY A 138 0.89 -51.95 20.06
C GLY A 138 2.09 -51.39 20.76
N LYS A 139 3.25 -51.58 20.16
CA LYS A 139 4.52 -51.08 20.72
C LYS A 139 4.52 -49.56 20.85
N THR A 140 3.99 -48.87 19.84
CA THR A 140 3.92 -47.42 19.84
C THR A 140 2.47 -46.96 19.93
N ASP A 141 2.26 -45.68 20.21
CA ASP A 141 0.91 -45.17 20.31
C ASP A 141 0.20 -45.32 18.98
N GLU A 142 0.93 -45.10 17.89
CA GLU A 142 0.35 -45.23 16.57
C GLU A 142 -0.04 -46.66 16.25
N ALA A 143 0.82 -47.60 16.63
CA ALA A 143 0.54 -49.01 16.39
C ALA A 143 -0.62 -49.49 17.23
N GLU A 144 -0.85 -48.85 18.39
CA GLU A 144 -1.96 -49.21 19.25
C GLU A 144 -3.23 -48.63 18.64
N GLU A 145 -3.08 -47.57 17.85
CA GLU A 145 -4.23 -46.95 17.20
C GLU A 145 -4.72 -47.98 16.18
N TRP A 146 -3.80 -48.53 15.41
CA TRP A 146 -4.12 -49.54 14.40
C TRP A 146 -4.70 -50.78 15.05
N ALA A 147 -4.11 -51.19 16.16
CA ALA A 147 -4.57 -52.36 16.88
C ALA A 147 -5.99 -52.16 17.35
N SER A 148 -6.35 -50.93 17.71
CA SER A 148 -7.70 -50.60 18.16
C SER A 148 -8.70 -50.83 17.03
N TYR A 149 -8.30 -50.46 15.82
CA TYR A 149 -9.14 -50.64 14.64
C TYR A 149 -9.27 -52.13 14.39
N GLY A 150 -8.16 -52.85 14.57
CA GLY A 150 -8.15 -54.27 14.38
C GLY A 150 -9.12 -54.99 15.31
N ARG A 151 -9.21 -54.51 16.55
CA ARG A 151 -10.10 -55.12 17.53
C ARG A 151 -11.56 -54.80 17.24
N LEU A 152 -11.81 -53.60 16.73
CA LEU A 152 -13.17 -53.22 16.39
C LEU A 152 -13.64 -54.12 15.26
N LEU A 153 -12.80 -54.24 14.23
CA LEU A 153 -13.11 -55.09 13.09
C LEU A 153 -13.26 -56.55 13.56
N LEU A 154 -12.33 -56.99 14.39
CA LEU A 154 -12.34 -58.35 14.90
C LEU A 154 -13.58 -58.69 15.69
N ARG A 155 -13.87 -57.87 16.70
CA ARG A 155 -15.03 -58.15 17.54
C ARG A 155 -16.37 -58.01 16.85
N GLU A 156 -16.49 -57.07 15.92
CA GLU A 156 -17.74 -56.89 15.20
C GLU A 156 -17.96 -57.97 14.15
N THR A 157 -16.90 -58.38 13.47
CA THR A 157 -17.00 -59.44 12.46
C THR A 157 -17.24 -60.77 13.16
N ALA A 158 -16.60 -60.97 14.31
CA ALA A 158 -16.77 -62.21 15.06
C ALA A 158 -18.15 -62.29 15.66
N LYS A 159 -18.62 -61.19 16.22
CA LYS A 159 -19.95 -61.15 16.81
C LYS A 159 -21.01 -61.56 15.80
N LYS A 160 -20.88 -61.07 14.57
CA LYS A 160 -21.84 -61.41 13.52
C LYS A 160 -21.73 -62.87 13.12
N LEU A 161 -20.51 -63.32 12.82
CA LEU A 161 -20.31 -64.71 12.43
C LEU A 161 -20.94 -65.63 13.47
N ALA A 162 -20.82 -65.25 14.74
CA ALA A 162 -21.39 -66.06 15.81
C ALA A 162 -22.91 -66.09 15.70
N LEU A 163 -23.49 -64.95 15.35
CA LEU A 163 -24.94 -64.84 15.18
C LEU A 163 -25.45 -65.65 13.99
N ILE A 164 -24.82 -65.49 12.83
CA ILE A 164 -25.25 -66.22 11.66
C ILE A 164 -24.89 -67.70 11.74
N GLY A 165 -24.50 -68.14 12.94
CA GLY A 165 -24.15 -69.53 13.17
C GLY A 165 -22.86 -70.09 12.61
N THR A 166 -21.97 -69.25 12.09
CA THR A 166 -20.70 -69.74 11.53
C THR A 166 -19.50 -69.17 12.29
N PRO A 167 -19.38 -69.45 13.60
CA PRO A 167 -18.24 -68.94 14.38
C PRO A 167 -16.94 -69.67 14.07
N SER A 168 -16.44 -69.51 12.85
CA SER A 168 -15.22 -70.14 12.41
C SER A 168 -14.10 -69.13 12.20
N MET A 169 -12.90 -69.51 12.59
CA MET A 169 -11.76 -68.64 12.43
C MET A 169 -11.38 -68.51 10.96
N ARG A 170 -11.65 -69.55 10.18
CA ARG A 170 -11.35 -69.54 8.76
C ARG A 170 -12.23 -68.50 8.07
N GLU A 171 -13.48 -68.39 8.53
CA GLU A 171 -14.44 -67.43 8.00
C GLU A 171 -14.03 -66.04 8.45
N LEU A 172 -13.75 -65.91 9.75
CA LEU A 172 -13.33 -64.64 10.32
C LEU A 172 -12.09 -64.13 9.59
N PHE A 173 -11.11 -65.01 9.39
CA PHE A 173 -9.89 -64.63 8.72
C PHE A 173 -10.15 -64.24 7.27
N HIS A 174 -11.13 -64.90 6.66
CA HIS A 174 -11.46 -64.61 5.28
C HIS A 174 -12.09 -63.23 5.14
N TRP A 175 -13.06 -62.95 5.99
CA TRP A 175 -13.74 -61.66 5.96
C TRP A 175 -12.82 -60.48 6.27
N THR A 176 -12.10 -60.58 7.37
CA THR A 176 -11.23 -59.52 7.80
C THR A 176 -9.93 -59.37 6.98
N THR A 177 -9.57 -60.38 6.20
CA THR A 177 -8.32 -60.36 5.45
C THR A 177 -8.38 -60.64 3.96
N ILE A 178 -9.23 -61.57 3.57
CA ILE A 178 -9.34 -61.98 2.18
C ILE A 178 -10.45 -61.30 1.36
N ALA A 179 -11.65 -61.21 1.93
CA ALA A 179 -12.78 -60.59 1.23
C ALA A 179 -12.40 -59.21 0.73
N THR A 180 -13.02 -58.77 -0.37
CA THR A 180 -12.69 -57.46 -0.91
C THR A 180 -13.19 -56.38 0.04
N PHE A 181 -12.67 -55.17 -0.13
CA PHE A 181 -13.08 -54.07 0.72
C PHE A 181 -14.57 -53.88 0.74
N ASP A 182 -15.18 -53.84 -0.46
CA ASP A 182 -16.61 -53.63 -0.56
C ASP A 182 -17.43 -54.76 0.06
N ASP A 183 -16.98 -55.99 -0.14
CA ASP A 183 -17.66 -57.14 0.43
C ASP A 183 -17.61 -57.10 1.97
N LEU A 184 -16.45 -56.72 2.51
CA LEU A 184 -16.29 -56.64 3.96
C LEU A 184 -17.25 -55.57 4.47
N ARG A 185 -17.20 -54.40 3.84
CA ARG A 185 -18.06 -53.29 4.23
C ARG A 185 -19.52 -53.76 4.22
N GLY A 186 -19.87 -54.53 3.21
CA GLY A 186 -21.23 -55.04 3.14
C GLY A 186 -21.52 -55.97 4.30
N PHE A 187 -20.59 -56.87 4.58
CA PHE A 187 -20.76 -57.82 5.67
C PHE A 187 -20.92 -57.07 6.99
N LEU A 188 -20.20 -55.97 7.15
CA LEU A 188 -20.26 -55.19 8.37
C LEU A 188 -21.57 -54.47 8.59
N GLU A 189 -22.42 -54.46 7.57
CA GLU A 189 -23.70 -53.80 7.69
C GLU A 189 -24.52 -54.49 8.77
N GLY A 190 -25.06 -53.71 9.68
CA GLY A 190 -25.86 -54.29 10.75
C GLY A 190 -25.07 -54.40 12.04
N THR A 191 -23.76 -54.20 11.94
CA THR A 191 -22.89 -54.25 13.11
C THR A 191 -22.52 -52.84 13.54
N LEU A 192 -21.93 -52.71 14.73
CA LEU A 192 -21.53 -51.41 15.25
C LEU A 192 -20.44 -50.77 14.40
N ALA A 193 -19.79 -51.58 13.55
CA ALA A 193 -18.70 -51.09 12.71
C ALA A 193 -19.14 -50.71 11.31
N GLU A 194 -20.43 -50.82 11.06
CA GLU A 194 -21.00 -50.50 9.75
C GLU A 194 -20.61 -49.13 9.21
N SER A 195 -20.79 -48.10 10.02
CA SER A 195 -20.45 -46.75 9.58
C SER A 195 -19.08 -46.24 10.01
N LEU A 196 -18.50 -46.82 11.06
CA LEU A 196 -17.21 -46.36 11.54
C LEU A 196 -16.12 -46.55 10.49
N PHE A 197 -16.24 -47.60 9.70
CA PHE A 197 -15.24 -47.90 8.67
C PHE A 197 -15.65 -47.44 7.27
N ALA A 198 -16.57 -46.49 7.19
CA ALA A 198 -17.01 -45.98 5.89
C ALA A 198 -17.34 -44.49 5.94
N GLY A 199 -17.38 -43.85 4.77
CA GLY A 199 -17.74 -42.45 4.71
C GLY A 199 -16.66 -41.42 4.51
N SER A 200 -15.40 -41.85 4.54
CA SER A 200 -14.31 -40.90 4.34
C SER A 200 -13.03 -41.66 4.07
N ASN A 201 -12.00 -40.95 3.63
CA ASN A 201 -10.71 -41.58 3.38
C ASN A 201 -10.10 -42.08 4.69
N GLU A 202 -10.32 -41.32 5.76
CA GLU A 202 -9.78 -41.70 7.05
C GLU A 202 -10.42 -43.01 7.52
N ALA A 203 -11.72 -43.16 7.31
CA ALA A 203 -12.43 -44.38 7.70
C ALA A 203 -11.88 -45.58 6.92
N SER A 204 -11.56 -45.35 5.66
CA SER A 204 -11.01 -46.37 4.79
C SER A 204 -9.59 -46.72 5.23
N LYS A 205 -8.84 -45.70 5.62
CA LYS A 205 -7.47 -45.89 6.08
C LYS A 205 -7.52 -46.74 7.33
N ALA A 206 -8.43 -46.38 8.24
CA ALA A 206 -8.62 -47.09 9.50
C ALA A 206 -8.92 -48.56 9.24
N LEU A 207 -9.83 -48.82 8.31
CA LEU A 207 -10.21 -50.19 7.96
C LEU A 207 -8.98 -50.94 7.40
N THR A 208 -8.21 -50.28 6.55
CA THR A 208 -7.04 -50.90 5.97
C THR A 208 -6.06 -51.30 7.08
N SER A 209 -5.87 -50.41 8.05
CA SER A 209 -4.98 -50.68 9.17
C SER A 209 -5.47 -51.90 9.96
N ALA A 210 -6.78 -51.99 10.14
CA ALA A 210 -7.40 -53.10 10.85
C ALA A 210 -7.12 -54.43 10.14
N ARG A 211 -7.22 -54.42 8.82
CA ARG A 211 -6.98 -55.63 8.01
C ARG A 211 -5.54 -56.10 8.19
N PHE A 212 -4.61 -55.16 8.08
CA PHE A 212 -3.20 -55.48 8.25
C PHE A 212 -2.92 -56.07 9.62
N VAL A 213 -3.43 -55.44 10.67
CA VAL A 213 -3.22 -55.95 12.00
C VAL A 213 -3.71 -57.38 12.13
N LEU A 214 -4.93 -57.64 11.68
CA LEU A 214 -5.53 -58.97 11.76
C LEU A 214 -4.82 -60.00 10.88
N SER A 215 -4.28 -59.58 9.74
CA SER A 215 -3.58 -60.50 8.86
C SER A 215 -2.29 -60.97 9.55
N ASP A 216 -1.83 -60.18 10.51
CA ASP A 216 -0.62 -60.49 11.27
C ASP A 216 -0.86 -61.39 12.47
N LYS A 217 -1.95 -61.14 13.19
CA LYS A 217 -2.28 -61.90 14.40
C LYS A 217 -3.07 -63.19 14.21
N LEU A 218 -4.02 -63.17 13.28
CA LEU A 218 -4.88 -64.32 13.05
C LEU A 218 -4.36 -65.59 12.37
N PRO A 219 -3.38 -65.50 11.45
CA PRO A 219 -2.89 -66.71 10.79
C PRO A 219 -2.81 -67.99 11.64
N GLU A 220 -2.12 -67.92 12.78
CA GLU A 220 -1.99 -69.11 13.60
C GLU A 220 -3.24 -69.53 14.35
N HIS A 221 -4.19 -68.62 14.49
CA HIS A 221 -5.45 -68.93 15.15
C HIS A 221 -6.26 -69.80 14.19
N VAL A 222 -6.06 -69.56 12.90
CA VAL A 222 -6.75 -70.31 11.87
C VAL A 222 -6.17 -71.72 11.75
N THR A 223 -4.85 -71.83 11.73
CA THR A 223 -4.19 -73.13 11.63
C THR A 223 -4.41 -73.98 12.90
N MET A 224 -4.70 -73.32 14.01
CA MET A 224 -4.93 -74.03 15.26
C MET A 224 -6.09 -75.00 15.10
N PRO A 225 -5.89 -76.26 15.53
CA PRO A 225 -6.93 -77.28 15.43
C PRO A 225 -8.15 -76.78 16.17
N ASP A 226 -9.30 -76.78 15.52
CA ASP A 226 -10.50 -76.30 16.17
C ASP A 226 -11.06 -77.35 17.11
N GLY A 227 -11.70 -76.89 18.17
CA GLY A 227 -12.27 -77.79 19.16
C GLY A 227 -13.12 -77.02 20.13
N ASP A 228 -13.48 -77.67 21.23
CA ASP A 228 -14.34 -77.03 22.23
C ASP A 228 -13.64 -76.63 23.51
N PHE A 229 -12.33 -76.86 23.60
CA PHE A 229 -11.62 -76.49 24.80
C PHE A 229 -11.73 -75.00 25.13
N SER A 230 -11.98 -74.72 26.41
CA SER A 230 -12.11 -73.35 26.90
C SER A 230 -11.23 -73.17 28.13
N ILE A 231 -10.30 -72.24 28.05
CA ILE A 231 -9.40 -71.96 29.16
C ILE A 231 -10.19 -71.52 30.38
N ARG A 232 -11.28 -70.80 30.15
CA ARG A 232 -12.13 -70.33 31.24
C ARG A 232 -12.74 -71.50 31.98
N SER A 233 -13.30 -72.45 31.24
CA SER A 233 -13.92 -73.62 31.84
C SER A 233 -12.84 -74.44 32.52
N TRP A 234 -11.70 -74.55 31.86
CA TRP A 234 -10.57 -75.30 32.40
C TRP A 234 -10.20 -74.73 33.78
N LEU A 235 -10.15 -73.41 33.88
CA LEU A 235 -9.81 -72.74 35.13
C LEU A 235 -10.82 -73.05 36.24
N GLU A 236 -12.07 -73.27 35.84
CA GLU A 236 -13.13 -73.56 36.79
C GLU A 236 -13.19 -75.02 37.23
N ASP A 237 -12.64 -75.91 36.40
CA ASP A 237 -12.64 -77.33 36.71
C ASP A 237 -11.52 -77.67 37.68
N PRO A 238 -11.85 -78.05 38.93
CA PRO A 238 -10.85 -78.42 39.94
C PRO A 238 -9.96 -79.57 39.53
N ASN A 239 -10.51 -80.49 38.75
CA ASN A 239 -9.76 -81.66 38.28
C ASN A 239 -9.31 -81.51 36.84
N GLY A 240 -9.12 -80.26 36.40
CA GLY A 240 -8.71 -80.01 35.03
C GLY A 240 -7.26 -80.31 34.77
N GLY A 241 -6.46 -80.35 35.83
CA GLY A 241 -5.04 -80.62 35.68
C GLY A 241 -4.26 -79.36 35.40
N ASN A 242 -3.17 -79.51 34.66
CA ASN A 242 -2.33 -78.36 34.33
C ASN A 242 -2.33 -78.10 32.84
N LEU A 243 -1.97 -76.89 32.45
CA LEU A 243 -1.94 -76.52 31.05
C LEU A 243 -0.52 -76.20 30.61
N PHE A 244 -0.10 -76.82 29.51
CA PHE A 244 1.23 -76.58 28.98
C PHE A 244 1.14 -75.95 27.61
N ILE A 245 1.58 -74.70 27.52
CA ILE A 245 1.59 -74.00 26.26
C ILE A 245 3.00 -74.21 25.74
N THR A 246 3.15 -75.14 24.80
CA THR A 246 4.45 -75.45 24.25
C THR A 246 4.61 -75.01 22.79
N TRP A 247 5.84 -75.06 22.32
CA TRP A 247 6.17 -74.72 20.94
C TRP A 247 7.65 -74.87 20.65
N ARG A 248 7.98 -75.15 19.40
CA ARG A 248 9.36 -75.31 18.98
C ARG A 248 9.98 -73.94 18.86
N GLU A 249 11.20 -73.79 19.35
CA GLU A 249 11.87 -72.50 19.32
C GLU A 249 12.08 -71.89 17.93
N ASP A 250 12.13 -72.72 16.89
CA ASP A 250 12.33 -72.17 15.54
C ASP A 250 11.03 -71.57 15.01
N MET A 251 9.96 -71.66 15.82
CA MET A 251 8.66 -71.11 15.46
C MET A 251 8.22 -70.06 16.46
N GLY A 252 9.17 -69.50 17.18
CA GLY A 252 8.84 -68.49 18.17
C GLY A 252 8.14 -67.29 17.57
N PRO A 253 8.77 -66.62 16.60
CA PRO A 253 8.16 -65.44 15.98
C PRO A 253 6.76 -65.66 15.40
N ALA A 254 6.56 -66.79 14.75
CA ALA A 254 5.26 -67.10 14.15
C ALA A 254 4.16 -67.28 15.18
N LEU A 255 4.49 -67.93 16.29
CA LEU A 255 3.53 -68.20 17.35
C LEU A 255 3.46 -67.17 18.46
N ARG A 256 4.27 -66.11 18.37
CA ARG A 256 4.27 -65.09 19.42
C ARG A 256 2.87 -64.54 19.69
N PRO A 257 2.12 -64.21 18.64
CA PRO A 257 0.77 -63.67 18.89
C PRO A 257 -0.20 -64.66 19.51
N LEU A 258 -0.15 -65.91 19.09
CA LEU A 258 -1.05 -66.94 19.62
C LEU A 258 -0.73 -67.24 21.08
N ILE A 259 0.53 -67.47 21.39
CA ILE A 259 0.95 -67.75 22.75
C ILE A 259 0.65 -66.58 23.68
N SER A 260 0.83 -65.36 23.17
CA SER A 260 0.54 -64.16 23.93
C SER A 260 -0.96 -64.11 24.20
N ALA A 261 -1.75 -64.55 23.23
CA ALA A 261 -3.21 -64.58 23.38
C ALA A 261 -3.59 -65.51 24.52
N TRP A 262 -3.03 -66.73 24.50
CA TRP A 262 -3.33 -67.68 25.55
C TRP A 262 -2.94 -67.18 26.93
N VAL A 263 -1.75 -66.61 27.03
CA VAL A 263 -1.28 -66.09 28.31
C VAL A 263 -2.22 -64.98 28.79
N ASP A 264 -2.66 -64.14 27.86
CA ASP A 264 -3.54 -63.05 28.21
C ASP A 264 -4.94 -63.53 28.57
N VAL A 265 -5.38 -64.59 27.90
CA VAL A 265 -6.69 -65.17 28.18
C VAL A 265 -6.69 -65.60 29.63
N VAL A 266 -5.62 -66.23 30.06
CA VAL A 266 -5.49 -66.68 31.44
C VAL A 266 -5.56 -65.47 32.37
N CYS A 267 -4.86 -64.40 32.00
CA CYS A 267 -4.81 -63.18 32.81
C CYS A 267 -6.14 -62.47 33.05
N THR A 268 -7.03 -62.42 32.06
CA THR A 268 -8.32 -61.78 32.29
C THR A 268 -9.25 -62.77 32.94
N SER A 269 -9.27 -63.98 32.39
CA SER A 269 -10.13 -65.03 32.87
C SER A 269 -10.10 -65.29 34.37
N ILE A 270 -8.92 -65.31 35.00
CA ILE A 270 -8.90 -65.58 36.43
C ILE A 270 -9.58 -64.48 37.22
N LEU A 271 -9.85 -63.36 36.58
CA LEU A 271 -10.51 -62.24 37.26
C LEU A 271 -12.02 -62.46 37.35
N SER A 272 -12.51 -63.49 36.67
CA SER A 272 -13.94 -63.81 36.67
C SER A 272 -14.23 -65.02 37.55
N LEU A 273 -13.19 -65.70 38.01
CA LEU A 273 -13.35 -66.86 38.86
C LEU A 273 -13.96 -66.51 40.20
N PRO A 274 -14.96 -67.31 40.65
CA PRO A 274 -15.62 -67.09 41.93
C PRO A 274 -14.60 -67.24 43.05
N GLU A 275 -14.63 -66.34 44.05
CA GLU A 275 -13.66 -66.41 45.12
C GLU A 275 -13.57 -67.79 45.77
N GLU A 276 -12.35 -68.32 45.78
CA GLU A 276 -12.08 -69.64 46.35
C GLU A 276 -10.74 -69.53 47.09
N PRO A 277 -10.77 -69.33 48.41
CA PRO A 277 -9.58 -69.21 49.25
C PRO A 277 -8.60 -70.38 49.12
N LYS A 278 -9.12 -71.54 48.74
CA LYS A 278 -8.32 -72.75 48.60
C LYS A 278 -7.55 -72.83 47.26
N ARG A 279 -7.99 -72.09 46.26
CA ARG A 279 -7.35 -72.16 44.94
C ARG A 279 -5.97 -71.51 44.84
N ARG A 280 -5.07 -72.21 44.15
CA ARG A 280 -3.70 -71.76 43.95
C ARG A 280 -3.31 -72.09 42.51
N LEU A 281 -3.29 -71.09 41.64
CA LEU A 281 -2.92 -71.27 40.23
C LEU A 281 -1.65 -70.52 39.91
N TRP A 282 -0.68 -71.21 39.32
CA TRP A 282 0.59 -70.60 38.94
C TRP A 282 0.64 -70.29 37.46
N LEU A 283 1.17 -69.13 37.13
CA LEU A 283 1.31 -68.76 35.73
C LEU A 283 2.81 -68.65 35.53
N PHE A 284 3.37 -69.62 34.83
CA PHE A 284 4.80 -69.62 34.56
C PHE A 284 5.03 -69.03 33.18
N ILE A 285 5.44 -67.77 33.16
CA ILE A 285 5.73 -67.10 31.90
C ILE A 285 7.22 -67.23 31.73
N ASP A 286 7.64 -68.15 30.89
CA ASP A 286 9.05 -68.36 30.65
C ASP A 286 9.80 -67.03 30.59
N GLU A 287 9.79 -66.40 29.42
CA GLU A 287 10.46 -65.11 29.24
C GLU A 287 9.40 -64.06 28.94
N LEU A 288 9.12 -63.22 29.92
CA LEU A 288 8.12 -62.19 29.80
C LEU A 288 8.25 -61.28 28.59
N ALA A 289 9.47 -60.85 28.31
CA ALA A 289 9.74 -59.97 27.19
C ALA A 289 9.71 -60.66 25.82
N SER A 290 9.44 -61.96 25.80
CA SER A 290 9.36 -62.69 24.54
C SER A 290 7.92 -62.75 24.04
N LEU A 291 6.98 -62.37 24.92
CA LEU A 291 5.58 -62.36 24.56
C LEU A 291 5.29 -60.95 24.10
N GLU A 292 4.15 -60.75 23.46
CA GLU A 292 3.80 -59.43 23.01
C GLU A 292 3.43 -58.57 24.23
N LYS A 293 3.05 -57.33 23.97
CA LYS A 293 2.66 -56.44 25.04
C LYS A 293 1.28 -56.85 25.52
N LEU A 294 1.25 -57.64 26.59
CA LEU A 294 0.00 -58.14 27.15
C LEU A 294 -0.88 -57.06 27.79
N ALA A 295 -2.14 -57.07 27.40
CA ALA A 295 -3.13 -56.12 27.88
C ALA A 295 -3.66 -56.39 29.27
N SER A 296 -3.70 -57.66 29.68
CA SER A 296 -4.26 -58.01 30.99
C SER A 296 -3.26 -58.42 32.06
N LEU A 297 -2.00 -58.60 31.69
CA LEU A 297 -0.97 -59.00 32.65
C LEU A 297 -0.97 -58.10 33.88
N ALA A 298 -0.88 -56.81 33.64
CA ALA A 298 -0.85 -55.83 34.72
C ALA A 298 -1.98 -56.01 35.74
N ASP A 299 -3.22 -56.13 35.28
CA ASP A 299 -4.33 -56.30 36.21
C ASP A 299 -4.26 -57.65 36.92
N ALA A 300 -3.87 -58.69 36.20
CA ALA A 300 -3.77 -60.00 36.77
C ALA A 300 -2.74 -60.01 37.91
N LEU A 301 -1.67 -59.24 37.74
CA LEU A 301 -0.61 -59.15 38.75
C LEU A 301 -1.02 -58.32 39.95
N THR A 302 -2.10 -57.56 39.78
CA THR A 302 -2.60 -56.66 40.81
C THR A 302 -3.93 -57.06 41.44
N LYS A 303 -4.73 -57.82 40.72
CA LYS A 303 -6.03 -58.22 41.22
C LYS A 303 -6.27 -59.71 41.25
N GLY A 304 -5.22 -60.50 41.10
CA GLY A 304 -5.38 -61.94 41.08
C GLY A 304 -5.27 -62.65 42.42
N ARG A 305 -5.13 -61.89 43.49
CA ARG A 305 -5.00 -62.47 44.83
C ARG A 305 -6.20 -63.33 45.20
N LYS A 306 -7.41 -62.79 45.05
CA LYS A 306 -8.64 -63.52 45.38
C LYS A 306 -8.77 -64.80 44.55
N ALA A 307 -8.33 -64.76 43.30
CA ALA A 307 -8.40 -65.92 42.43
C ALA A 307 -7.27 -66.90 42.74
N GLY A 308 -6.30 -66.43 43.54
CA GLY A 308 -5.17 -67.25 43.92
C GLY A 308 -4.10 -67.37 42.86
N LEU A 309 -3.98 -66.35 42.02
CA LEU A 309 -2.98 -66.34 40.93
C LEU A 309 -1.59 -66.04 41.46
N ARG A 310 -0.60 -66.77 40.94
CA ARG A 310 0.79 -66.61 41.32
C ARG A 310 1.57 -66.61 40.02
N VAL A 311 2.23 -65.50 39.69
CA VAL A 311 2.97 -65.42 38.45
C VAL A 311 4.47 -65.47 38.68
N VAL A 312 5.14 -66.25 37.86
CA VAL A 312 6.60 -66.38 37.91
C VAL A 312 7.05 -66.03 36.50
N ALA A 313 7.82 -64.97 36.38
CA ALA A 313 8.30 -64.57 35.07
C ALA A 313 9.81 -64.41 35.04
N GLY A 314 10.39 -64.68 33.87
CA GLY A 314 11.81 -64.56 33.68
C GLY A 314 12.13 -63.32 32.87
N LEU A 315 13.25 -62.69 33.20
CA LEU A 315 13.70 -61.48 32.52
C LEU A 315 15.21 -61.53 32.39
N GLN A 316 15.76 -60.81 31.42
CA GLN A 316 17.20 -60.79 31.24
C GLN A 316 17.69 -59.36 31.29
N SER A 317 17.65 -58.64 30.18
CA SER A 317 18.09 -57.24 30.18
C SER A 317 16.90 -56.32 30.39
N THR A 318 17.12 -55.28 31.18
CA THR A 318 16.08 -54.32 31.47
C THR A 318 15.51 -53.77 30.17
N SER A 319 16.40 -53.51 29.21
CA SER A 319 16.03 -52.98 27.91
C SER A 319 15.06 -53.84 27.10
N GLN A 320 15.02 -55.13 27.37
CA GLN A 320 14.12 -56.03 26.66
C GLN A 320 12.66 -55.71 26.94
N LEU A 321 12.28 -55.70 28.22
CA LEU A 321 10.92 -55.41 28.60
C LEU A 321 10.62 -53.95 28.27
N ASP A 322 11.62 -53.09 28.45
CA ASP A 322 11.47 -51.67 28.15
C ASP A 322 11.10 -51.42 26.69
N ASP A 323 11.63 -52.23 25.80
CA ASP A 323 11.36 -52.08 24.38
C ASP A 323 9.97 -52.61 24.03
N VAL A 324 9.52 -53.64 24.74
CA VAL A 324 8.20 -54.21 24.49
C VAL A 324 7.06 -53.35 25.06
N TYR A 325 7.15 -52.99 26.34
CA TYR A 325 6.12 -52.20 27.00
C TYR A 325 6.38 -50.71 27.05
N GLY A 326 7.63 -50.33 26.88
CA GLY A 326 7.97 -48.91 26.98
C GLY A 326 8.52 -48.76 28.38
N VAL A 327 9.41 -47.79 28.58
CA VAL A 327 10.00 -47.59 29.89
C VAL A 327 9.05 -47.45 31.06
N LYS A 328 8.00 -46.66 30.90
CA LYS A 328 7.03 -46.43 31.97
C LYS A 328 6.22 -47.66 32.33
N GLU A 329 5.60 -48.29 31.32
CA GLU A 329 4.81 -49.49 31.58
C GLU A 329 5.66 -50.69 32.00
N ALA A 330 6.90 -50.75 31.53
CA ALA A 330 7.79 -51.82 31.91
C ALA A 330 8.12 -51.67 33.40
N GLN A 331 8.29 -50.44 33.86
CA GLN A 331 8.61 -50.18 35.26
C GLN A 331 7.44 -50.63 36.13
N THR A 332 6.24 -50.27 35.70
CA THR A 332 5.02 -50.62 36.42
C THR A 332 4.86 -52.14 36.48
N LEU A 333 5.15 -52.81 35.37
CA LEU A 333 5.01 -54.25 35.28
C LEU A 333 5.99 -54.92 36.24
N ARG A 334 7.28 -54.59 36.14
CA ARG A 334 8.29 -55.16 37.01
C ARG A 334 7.98 -54.90 38.47
N ALA A 335 7.46 -53.72 38.77
CA ALA A 335 7.13 -53.33 40.13
C ALA A 335 6.01 -54.18 40.71
N SER A 336 5.34 -54.94 39.85
CA SER A 336 4.23 -55.78 40.30
C SER A 336 4.66 -57.14 40.81
N PHE A 337 5.94 -57.45 40.66
CA PHE A 337 6.50 -58.71 41.18
C PHE A 337 7.25 -58.33 42.46
N ARG A 338 6.70 -58.72 43.61
CA ARG A 338 7.28 -58.37 44.91
C ARG A 338 8.52 -59.16 45.33
N SER A 339 8.70 -60.34 44.76
CA SER A 339 9.86 -61.17 45.06
C SER A 339 10.79 -61.19 43.87
N LEU A 340 12.09 -61.12 44.14
CA LEU A 340 13.09 -61.09 43.11
C LEU A 340 14.21 -62.09 43.33
N VAL A 341 14.68 -62.66 42.24
CA VAL A 341 15.78 -63.60 42.27
C VAL A 341 16.76 -63.09 41.21
N VAL A 342 17.98 -62.79 41.62
CA VAL A 342 19.00 -62.30 40.70
C VAL A 342 20.03 -63.39 40.44
N LEU A 343 20.09 -63.86 39.20
CA LEU A 343 21.00 -64.93 38.83
C LEU A 343 22.32 -64.51 38.23
N GLY A 344 22.57 -63.22 38.12
CA GLY A 344 23.85 -62.82 37.57
C GLY A 344 23.86 -62.71 36.07
N GLY A 345 24.36 -61.58 35.59
CA GLY A 345 24.39 -61.34 34.16
C GLY A 345 25.75 -61.21 33.55
N SER A 346 25.79 -60.59 32.37
CA SER A 346 27.00 -60.41 31.60
C SER A 346 27.72 -59.13 31.99
N ARG A 347 29.05 -59.15 31.85
CA ARG A 347 29.82 -57.95 32.17
C ARG A 347 29.55 -56.93 31.07
N THR A 348 29.02 -57.39 29.94
CA THR A 348 28.73 -56.52 28.81
C THR A 348 27.38 -55.80 28.97
N ASP A 349 26.76 -55.98 30.13
CA ASP A 349 25.49 -55.33 30.41
C ASP A 349 25.55 -54.61 31.75
N PRO A 350 26.42 -53.60 31.88
CA PRO A 350 26.55 -52.86 33.13
C PRO A 350 25.27 -52.17 33.61
N LYS A 351 24.41 -51.80 32.68
CA LYS A 351 23.18 -51.14 33.06
C LYS A 351 22.22 -52.03 33.82
N THR A 352 22.05 -53.27 33.35
CA THR A 352 21.14 -54.18 34.04
C THR A 352 21.72 -54.63 35.37
N ASN A 353 23.05 -54.73 35.45
CA ASN A 353 23.68 -55.14 36.69
C ASN A 353 23.50 -54.06 37.72
N GLU A 354 23.47 -52.81 37.25
CA GLU A 354 23.25 -51.66 38.13
C GLU A 354 21.80 -51.66 38.61
N ASP A 355 20.89 -52.01 37.72
CA ASP A 355 19.48 -52.05 38.05
C ASP A 355 19.20 -53.11 39.08
N MET A 356 19.82 -54.28 38.92
CA MET A 356 19.64 -55.39 39.85
C MET A 356 20.31 -55.09 41.19
N SER A 357 21.48 -54.43 41.12
CA SER A 357 22.21 -54.03 42.31
C SER A 357 21.35 -53.05 43.11
N LEU A 358 20.79 -52.08 42.42
CA LEU A 358 19.93 -51.07 43.01
C LEU A 358 18.68 -51.73 43.60
N SER A 359 18.16 -52.75 42.91
CA SER A 359 16.98 -53.46 43.37
C SER A 359 17.27 -54.27 44.64
N LEU A 360 18.45 -54.88 44.71
CA LEU A 360 18.84 -55.64 45.89
C LEU A 360 18.95 -54.66 47.06
N GLY A 361 19.27 -53.40 46.75
CA GLY A 361 19.33 -52.38 47.78
C GLY A 361 20.62 -52.06 48.48
N GLU A 362 20.58 -50.95 49.22
CA GLU A 362 21.72 -50.48 49.98
C GLU A 362 21.43 -50.65 51.47
N HIS A 363 22.47 -50.49 52.29
CA HIS A 363 22.29 -50.57 53.73
C HIS A 363 23.15 -49.49 54.36
N GLU A 364 22.80 -49.08 55.57
CA GLU A 364 23.60 -48.09 56.28
C GLU A 364 24.22 -48.91 57.41
N VAL A 365 25.52 -48.74 57.60
CA VAL A 365 26.23 -49.54 58.57
C VAL A 365 27.31 -48.77 59.32
N GLU A 366 27.63 -49.22 60.54
CA GLU A 366 28.69 -48.60 61.34
C GLU A 366 29.88 -49.55 61.35
N ARG A 367 31.06 -49.04 61.00
CA ARG A 367 32.25 -49.86 60.93
C ARG A 367 33.43 -49.21 61.65
N ASP A 368 34.29 -50.03 62.23
CA ASP A 368 35.47 -49.55 62.93
C ASP A 368 36.63 -49.37 61.98
N ARG A 369 37.17 -48.16 61.94
CA ARG A 369 38.31 -47.86 61.06
C ARG A 369 39.56 -47.87 61.95
N TYR A 370 40.17 -49.04 62.09
CA TYR A 370 41.36 -49.20 62.91
C TYR A 370 42.59 -48.43 62.46
N SER A 371 43.40 -48.01 63.44
CA SER A 371 44.63 -47.26 63.17
C SER A 371 45.79 -47.72 64.07
N LYS A 372 47.02 -47.48 63.61
CA LYS A 372 48.24 -47.87 64.33
C LYS A 372 48.99 -46.64 64.83
N ARG A 382 41.38 -46.46 66.60
CA ARG A 382 40.01 -46.98 66.53
C ARG A 382 38.95 -45.89 66.43
N ALA A 383 38.20 -45.88 65.32
CA ALA A 383 37.15 -44.88 65.12
C ALA A 383 35.93 -45.46 64.42
N LEU A 384 34.75 -45.00 64.83
CA LEU A 384 33.49 -45.45 64.27
C LEU A 384 33.08 -44.57 63.08
N GLU A 385 32.68 -45.21 61.99
CA GLU A 385 32.27 -44.50 60.78
C GLU A 385 30.93 -45.03 60.28
N ARG A 386 30.06 -44.13 59.84
CA ARG A 386 28.76 -44.50 59.29
C ARG A 386 28.91 -44.55 57.78
N VAL A 387 28.46 -45.63 57.16
CA VAL A 387 28.59 -45.77 55.71
C VAL A 387 27.38 -46.41 55.04
N ARG A 388 26.99 -45.85 53.91
CA ARG A 388 25.89 -46.36 53.11
C ARG A 388 26.55 -47.07 51.94
N GLU A 389 26.07 -48.26 51.61
CA GLU A 389 26.67 -49.01 50.49
C GLU A 389 25.73 -50.05 49.92
N ARG A 390 26.04 -50.53 48.72
CA ARG A 390 25.22 -51.55 48.08
C ARG A 390 25.51 -52.87 48.74
N VAL A 391 24.46 -53.57 49.10
CA VAL A 391 24.62 -54.88 49.71
C VAL A 391 25.28 -55.79 48.66
N VAL A 392 24.87 -55.60 47.40
CA VAL A 392 25.40 -56.38 46.29
C VAL A 392 25.81 -55.42 45.18
N MET A 393 27.10 -55.34 44.91
CA MET A 393 27.63 -54.49 43.87
C MET A 393 27.28 -55.02 42.49
N PRO A 394 27.24 -54.13 41.49
CA PRO A 394 26.92 -54.57 40.13
C PRO A 394 27.94 -55.63 39.69
N ALA A 395 29.21 -55.42 40.04
CA ALA A 395 30.29 -56.33 39.68
C ALA A 395 30.12 -57.70 40.31
N GLU A 396 29.50 -57.75 41.50
CA GLU A 396 29.29 -59.02 42.16
C GLU A 396 28.26 -59.82 41.38
N ILE A 397 27.33 -59.13 40.76
CA ILE A 397 26.29 -59.78 39.96
C ILE A 397 26.87 -60.27 38.63
N ALA A 398 27.76 -59.48 38.03
CA ALA A 398 28.38 -59.84 36.76
C ALA A 398 29.34 -61.02 36.91
N ASN A 399 29.93 -61.14 38.09
CA ASN A 399 30.89 -62.21 38.40
C ASN A 399 30.27 -63.37 39.16
N LEU A 400 28.94 -63.46 39.19
CA LEU A 400 28.28 -64.55 39.88
C LEU A 400 28.51 -65.84 39.10
N PRO A 401 28.87 -66.93 39.80
CA PRO A 401 29.09 -68.20 39.12
C PRO A 401 27.72 -68.79 38.81
N ASP A 402 27.62 -69.64 37.80
CA ASP A 402 26.33 -70.24 37.46
C ASP A 402 25.77 -71.01 38.64
N LEU A 403 24.44 -71.15 38.64
CA LEU A 403 23.74 -71.86 39.70
C LEU A 403 23.89 -71.21 41.07
N THR A 404 24.06 -69.90 41.07
CA THR A 404 24.18 -69.13 42.29
C THR A 404 23.19 -67.98 42.10
N ALA A 405 22.41 -67.67 43.14
CA ALA A 405 21.42 -66.60 43.02
C ALA A 405 21.18 -65.84 44.30
N TYR A 406 20.72 -64.60 44.15
CA TYR A 406 20.37 -63.79 45.31
C TYR A 406 18.88 -63.88 45.38
N VAL A 407 18.36 -64.28 46.54
CA VAL A 407 16.94 -64.41 46.71
C VAL A 407 16.42 -63.33 47.61
N GLY A 408 15.56 -62.47 47.07
CA GLY A 408 14.97 -61.40 47.84
C GLY A 408 13.48 -61.52 47.83
N PHE A 409 12.92 -62.11 48.90
CA PHE A 409 11.48 -62.28 48.99
C PHE A 409 10.78 -60.98 49.37
N ALA A 410 9.50 -60.90 49.03
CA ALA A 410 8.70 -59.73 49.32
C ALA A 410 8.70 -59.43 50.80
N GLY A 411 8.34 -58.20 51.13
CA GLY A 411 8.27 -57.79 52.53
C GLY A 411 9.59 -57.58 53.25
N ASN A 412 9.50 -57.58 54.57
CA ASN A 412 10.64 -57.37 55.43
C ASN A 412 11.47 -58.64 55.64
N ARG A 413 12.24 -59.02 54.63
CA ARG A 413 13.09 -60.20 54.73
C ARG A 413 14.45 -59.86 54.17
N PRO A 414 15.49 -60.49 54.72
CA PRO A 414 16.83 -60.20 54.21
C PRO A 414 17.01 -60.98 52.91
N ILE A 415 18.02 -60.61 52.13
CA ILE A 415 18.27 -61.33 50.90
C ILE A 415 19.38 -62.30 51.25
N ALA A 416 19.70 -63.22 50.34
CA ALA A 416 20.73 -64.19 50.60
C ALA A 416 21.26 -64.74 49.31
N LYS A 417 22.55 -65.04 49.29
CA LYS A 417 23.19 -65.61 48.12
C LYS A 417 23.04 -67.11 48.35
N VAL A 418 22.32 -67.78 47.44
CA VAL A 418 22.09 -69.21 47.56
C VAL A 418 22.48 -69.97 46.29
N PRO A 419 22.96 -71.21 46.45
CA PRO A 419 23.36 -72.04 45.32
C PRO A 419 22.18 -72.89 44.88
N LEU A 420 22.10 -73.12 43.58
CA LEU A 420 21.03 -73.95 43.01
C LEU A 420 21.52 -75.37 42.77
N GLU A 421 20.72 -76.34 43.21
CA GLU A 421 21.04 -77.75 43.06
C GLU A 421 20.43 -78.26 41.76
N ILE A 422 21.24 -78.86 40.90
CA ILE A 422 20.73 -79.38 39.65
C ILE A 422 20.03 -80.72 39.82
N LYS A 423 18.78 -80.70 40.27
CA LYS A 423 18.02 -81.92 40.46
C LYS A 423 17.78 -82.56 39.10
N GLN A 424 17.79 -83.88 39.07
CA GLN A 424 17.58 -84.61 37.84
C GLN A 424 16.13 -85.04 37.74
N PHE A 425 15.52 -84.80 36.59
CA PHE A 425 14.13 -85.18 36.38
C PHE A 425 14.00 -86.13 35.21
N ALA A 426 13.27 -87.23 35.43
CA ALA A 426 13.05 -88.24 34.41
C ALA A 426 12.04 -87.73 33.40
N ASN A 427 12.27 -88.06 32.13
CA ASN A 427 11.36 -87.67 31.06
C ASN A 427 10.13 -88.57 31.09
N ARG A 428 9.04 -88.08 31.64
CA ARG A 428 7.83 -88.86 31.74
C ARG A 428 6.91 -88.73 30.54
N GLN A 429 7.27 -87.89 29.58
CA GLN A 429 6.43 -87.68 28.40
C GLN A 429 7.24 -87.11 27.23
N PRO A 430 6.85 -87.42 25.99
CA PRO A 430 7.59 -86.86 24.87
C PRO A 430 7.29 -85.37 24.82
N ALA A 431 8.32 -84.56 24.65
CA ALA A 431 8.16 -83.10 24.62
C ALA A 431 7.31 -82.62 23.45
N PHE A 432 7.54 -83.19 22.28
CA PHE A 432 6.82 -82.79 21.08
C PHE A 432 6.38 -84.01 20.27
N VAL A 433 5.10 -84.06 19.94
CA VAL A 433 4.54 -85.13 19.13
C VAL A 433 4.01 -84.45 17.87
N GLU A 434 4.91 -84.25 16.92
CA GLU A 434 4.62 -83.60 15.64
C GLU A 434 3.80 -84.46 14.67
N GLY A 435 4.13 -85.74 14.61
CA GLY A 435 3.41 -86.64 13.74
C GLY A 435 4.15 -87.11 12.51
N THR A 436 5.18 -86.39 12.10
CA THR A 436 5.96 -86.78 10.93
C THR A 436 6.94 -87.91 11.27
N ILE A 437 7.03 -88.88 10.36
CA ILE A 437 7.91 -90.03 10.54
C ILE A 437 9.33 -89.61 10.91
N ASN B 2 50.91 -53.14 51.73
CA ASN B 2 50.06 -53.46 50.55
C ASN B 2 50.81 -54.38 49.57
N SER B 3 50.50 -55.69 49.67
CA SER B 3 51.13 -56.71 48.84
C SER B 3 50.33 -57.05 47.58
N VAL B 4 49.01 -57.02 47.69
CA VAL B 4 48.15 -57.35 46.55
C VAL B 4 48.10 -56.15 45.59
N GLY B 5 48.06 -56.45 44.29
CA GLY B 5 48.03 -55.40 43.30
C GLY B 5 49.14 -55.57 42.29
N GLN B 6 50.31 -55.03 42.63
CA GLN B 6 51.51 -55.08 41.78
C GLN B 6 51.53 -56.16 40.70
N GLY B 7 51.63 -55.73 39.44
CA GLY B 7 51.69 -56.67 38.33
C GLY B 7 50.36 -57.20 37.83
N GLU B 8 49.28 -56.57 38.24
CA GLU B 8 47.95 -56.98 37.82
C GLU B 8 47.09 -55.72 37.78
N PHE B 9 46.85 -55.14 38.95
CA PHE B 9 46.04 -53.94 39.10
C PHE B 9 46.86 -52.68 38.81
N GLY B 10 46.34 -51.83 37.94
CA GLY B 10 47.03 -50.61 37.57
C GLY B 10 47.02 -49.49 38.60
N GLY B 11 46.10 -49.57 39.55
CA GLY B 11 46.04 -48.55 40.57
C GLY B 11 47.01 -48.84 41.70
N ALA B 12 46.77 -48.25 42.85
CA ALA B 12 47.65 -48.47 44.01
C ALA B 12 47.48 -49.86 44.57
N PRO B 13 48.60 -50.50 44.98
CA PRO B 13 48.55 -51.86 45.55
C PRO B 13 47.67 -51.81 46.79
N PHE B 14 47.07 -52.93 47.17
CA PHE B 14 46.20 -52.94 48.35
C PHE B 14 46.47 -54.11 49.28
N LYS B 15 45.96 -54.03 50.50
CA LYS B 15 46.16 -55.09 51.48
C LYS B 15 45.22 -56.27 51.30
N ARG B 16 43.93 -55.99 51.11
CA ARG B 16 42.95 -57.06 50.97
C ARG B 16 41.85 -56.72 49.97
N PHE B 17 41.43 -57.73 49.20
CA PHE B 17 40.36 -57.55 48.22
C PHE B 17 39.06 -58.01 48.85
N LEU B 18 38.07 -57.13 48.87
CA LEU B 18 36.77 -57.46 49.46
C LEU B 18 35.78 -58.08 48.48
N ARG B 19 35.43 -57.34 47.43
CA ARG B 19 34.48 -57.82 46.44
C ARG B 19 34.55 -57.13 45.08
N GLY B 20 33.80 -57.66 44.11
CA GLY B 20 33.79 -57.09 42.78
C GLY B 20 34.59 -57.84 41.74
N THR B 21 35.14 -57.09 40.79
CA THR B 21 35.94 -57.67 39.72
C THR B 21 37.39 -57.88 40.13
N ARG B 22 37.84 -59.13 39.99
CA ARG B 22 39.21 -59.50 40.33
C ARG B 22 40.05 -59.38 39.07
N ILE B 23 41.23 -58.80 39.21
CA ILE B 23 42.11 -58.67 38.06
C ILE B 23 43.34 -59.48 38.41
N VAL B 24 43.77 -60.29 37.46
CA VAL B 24 44.90 -61.16 37.67
C VAL B 24 45.90 -60.97 36.52
N SER B 25 47.04 -61.65 36.56
CA SER B 25 48.04 -61.52 35.50
C SER B 25 47.71 -62.43 34.33
N GLY B 26 48.10 -62.05 33.13
CA GLY B 26 47.82 -62.87 31.98
C GLY B 26 48.21 -64.32 32.23
N GLY B 27 49.31 -64.52 32.93
CA GLY B 27 49.79 -65.86 33.20
C GLY B 27 48.94 -66.63 34.19
N LYS B 28 48.46 -65.94 35.21
CA LYS B 28 47.64 -66.58 36.24
C LYS B 28 46.24 -66.90 35.71
N LEU B 29 45.79 -66.14 34.71
CA LEU B 29 44.49 -66.39 34.11
C LEU B 29 44.59 -67.62 33.24
N LYS B 30 45.67 -67.69 32.45
CA LYS B 30 45.88 -68.82 31.56
C LYS B 30 45.93 -70.13 32.33
N ARG B 31 46.45 -70.07 33.55
CA ARG B 31 46.53 -71.26 34.41
C ARG B 31 45.15 -71.66 34.94
N MET B 32 44.34 -70.65 35.26
CA MET B 32 42.99 -70.87 35.77
C MET B 32 42.02 -71.40 34.73
N THR B 33 42.10 -70.86 33.51
CA THR B 33 41.22 -71.26 32.42
C THR B 33 41.68 -72.49 31.64
N ARG B 34 42.93 -72.88 31.84
CA ARG B 34 43.48 -74.06 31.18
C ARG B 34 42.70 -75.31 31.63
N GLU B 35 42.25 -76.10 30.66
CA GLU B 35 41.48 -77.33 30.94
C GLU B 35 42.05 -78.53 30.21
N LYS B 36 41.63 -79.70 30.65
CA LYS B 36 42.07 -80.98 30.08
C LYS B 36 41.64 -81.04 28.62
N ALA B 37 40.35 -80.86 28.37
CA ALA B 37 39.79 -80.89 27.02
C ALA B 37 40.52 -79.93 26.07
N LYS B 38 40.45 -80.21 24.77
CA LYS B 38 41.09 -79.35 23.79
C LYS B 38 40.34 -78.05 23.80
N GLN B 39 41.07 -76.95 23.86
CA GLN B 39 40.44 -75.63 23.90
C GLN B 39 40.84 -74.71 22.78
N VAL B 40 40.13 -73.60 22.72
CA VAL B 40 40.37 -72.56 21.74
C VAL B 40 41.07 -71.46 22.53
N THR B 41 41.76 -70.54 21.86
CA THR B 41 42.42 -69.48 22.59
C THR B 41 42.03 -68.06 22.18
N VAL B 42 41.86 -67.22 23.20
CA VAL B 42 41.50 -65.82 23.02
C VAL B 42 42.69 -65.02 23.55
N ALA B 43 43.42 -64.39 22.64
CA ALA B 43 44.59 -63.61 23.03
C ALA B 43 45.57 -64.46 23.81
N GLY B 44 45.78 -65.69 23.36
CA GLY B 44 46.70 -66.57 24.02
C GLY B 44 46.14 -67.29 25.23
N VAL B 45 45.00 -66.80 25.72
CA VAL B 45 44.37 -67.39 26.88
C VAL B 45 43.34 -68.45 26.50
N PRO B 46 43.50 -69.67 27.00
CA PRO B 46 42.55 -70.74 26.69
C PRO B 46 41.15 -70.40 27.19
N MET B 47 40.18 -70.47 26.28
CA MET B 47 38.81 -70.16 26.63
C MET B 47 38.11 -71.30 27.34
N PRO B 48 37.54 -71.04 28.52
CA PRO B 48 36.84 -72.11 29.24
C PRO B 48 35.81 -72.73 28.28
N ARG B 49 35.67 -74.05 28.32
CA ARG B 49 34.73 -74.75 27.44
C ARG B 49 33.27 -74.31 27.63
N ASP B 50 32.86 -74.11 28.88
CA ASP B 50 31.49 -73.70 29.18
C ASP B 50 31.17 -72.28 28.69
N ALA B 51 32.21 -71.48 28.47
CA ALA B 51 32.05 -70.11 28.04
C ALA B 51 31.79 -69.94 26.55
N GLU B 52 32.28 -70.89 25.74
CA GLU B 52 32.11 -70.83 24.29
C GLU B 52 30.69 -70.61 23.76
N PRO B 53 29.72 -71.40 24.22
CA PRO B 53 28.36 -71.20 23.71
C PRO B 53 27.66 -69.97 24.31
N ARG B 54 28.39 -69.20 25.12
CA ARG B 54 27.86 -67.98 25.75
C ARG B 54 28.37 -66.73 25.03
N HIS B 55 29.05 -66.97 23.92
CA HIS B 55 29.56 -65.95 23.02
C HIS B 55 30.62 -64.99 23.49
N LEU B 56 31.34 -64.43 22.53
CA LEU B 56 32.43 -63.50 22.78
C LEU B 56 32.26 -62.20 21.99
N LEU B 57 32.38 -61.10 22.71
CA LEU B 57 32.27 -59.79 22.13
C LEU B 57 33.66 -59.19 22.21
N VAL B 58 34.17 -58.77 21.08
CA VAL B 58 35.50 -58.19 21.04
C VAL B 58 35.37 -56.71 20.67
N ASN B 59 35.68 -55.86 21.63
CA ASN B 59 35.59 -54.42 21.41
C ASN B 59 36.99 -53.81 21.35
N GLY B 60 37.19 -52.94 20.36
CA GLY B 60 38.46 -52.27 20.20
C GLY B 60 38.45 -51.42 18.95
N ALA B 61 39.39 -50.49 18.87
CA ALA B 61 39.46 -49.62 17.69
C ALA B 61 40.05 -50.38 16.50
N THR B 62 40.41 -49.61 15.47
CA THR B 62 40.98 -50.18 14.25
C THR B 62 42.48 -50.36 14.39
N GLY B 63 42.95 -51.57 14.10
CA GLY B 63 44.37 -51.85 14.19
C GLY B 63 44.84 -52.18 15.58
N THR B 64 43.90 -52.45 16.48
CA THR B 64 44.23 -52.78 17.85
C THR B 64 44.53 -54.27 17.99
N GLY B 65 44.31 -55.01 16.91
CA GLY B 65 44.60 -56.43 16.93
C GLY B 65 43.41 -57.36 16.93
N LYS B 66 42.29 -56.92 16.36
CA LYS B 66 41.11 -57.78 16.31
C LYS B 66 41.32 -58.87 15.30
N SER B 67 42.06 -58.54 14.25
CA SER B 67 42.36 -59.49 13.19
C SER B 67 43.19 -60.61 13.77
N VAL B 68 44.22 -60.22 14.52
CA VAL B 68 45.10 -61.18 15.17
C VAL B 68 44.31 -62.07 16.12
N LEU B 69 43.36 -61.49 16.83
CA LEU B 69 42.54 -62.24 17.79
C LEU B 69 41.56 -63.20 17.14
N LEU B 70 40.86 -62.74 16.11
CA LEU B 70 39.89 -63.59 15.44
C LEU B 70 40.60 -64.68 14.64
N ARG B 71 41.76 -64.32 14.12
CA ARG B 71 42.58 -65.22 13.32
C ARG B 71 43.04 -66.40 14.19
N GLU B 72 43.48 -66.09 15.41
CA GLU B 72 43.93 -67.11 16.34
C GLU B 72 42.77 -67.96 16.83
N LEU B 73 41.65 -67.31 17.10
CA LEU B 73 40.44 -67.99 17.55
C LEU B 73 40.03 -69.02 16.49
N ALA B 74 39.89 -68.55 15.25
CA ALA B 74 39.50 -69.40 14.15
C ALA B 74 40.48 -70.54 13.95
N TYR B 75 41.77 -70.25 14.05
CA TYR B 75 42.80 -71.27 13.86
C TYR B 75 42.70 -72.37 14.92
N THR B 76 42.74 -72.00 16.19
CA THR B 76 42.67 -73.01 17.23
C THR B 76 41.34 -73.77 17.23
N GLY B 77 40.31 -73.15 16.64
CA GLY B 77 39.01 -73.79 16.57
C GLY B 77 39.02 -74.81 15.45
N LEU B 78 39.72 -74.50 14.37
CA LEU B 78 39.83 -75.41 13.25
C LEU B 78 40.66 -76.63 13.64
N LEU B 79 41.77 -76.40 14.34
CA LEU B 79 42.66 -77.48 14.80
C LEU B 79 41.83 -78.48 15.57
N ARG B 80 40.85 -77.97 16.29
CA ARG B 80 40.00 -78.81 17.12
C ARG B 80 38.91 -79.51 16.30
N GLY B 81 38.80 -79.15 15.02
CA GLY B 81 37.80 -79.77 14.17
C GLY B 81 36.42 -79.14 14.16
N ASP B 82 36.31 -77.91 14.67
CA ASP B 82 35.04 -77.19 14.71
C ASP B 82 34.64 -76.65 13.34
N ARG B 83 33.34 -76.50 13.11
CA ARG B 83 32.87 -75.96 11.84
C ARG B 83 32.54 -74.50 12.07
N MET B 84 32.52 -73.71 11.01
CA MET B 84 32.21 -72.31 11.21
C MET B 84 31.80 -71.51 9.98
N VAL B 85 31.03 -70.45 10.24
CA VAL B 85 30.58 -69.54 9.22
C VAL B 85 31.39 -68.31 9.56
N ILE B 86 32.04 -67.71 8.57
CA ILE B 86 32.86 -66.55 8.82
C ILE B 86 32.53 -65.41 7.89
N VAL B 87 32.06 -64.30 8.45
CA VAL B 87 31.77 -63.11 7.65
C VAL B 87 33.18 -62.62 7.42
N ASP B 88 33.64 -62.77 6.19
CA ASP B 88 35.01 -62.50 5.82
C ASP B 88 35.31 -61.32 4.88
N PRO B 89 35.56 -60.13 5.46
CA PRO B 89 35.86 -58.96 4.62
C PRO B 89 37.13 -59.20 3.82
N ASN B 90 37.02 -59.01 2.52
CA ASN B 90 38.15 -59.18 1.59
C ASN B 90 38.69 -60.59 1.42
N GLY B 91 37.99 -61.59 1.95
CA GLY B 91 38.44 -62.95 1.83
C GLY B 91 39.76 -63.22 2.54
N ASP B 92 40.06 -62.48 3.61
CA ASP B 92 41.31 -62.71 4.32
C ASP B 92 41.35 -64.06 5.03
N MET B 93 40.31 -64.38 5.79
CA MET B 93 40.25 -65.65 6.51
C MET B 93 40.18 -66.80 5.53
N LEU B 94 39.62 -66.55 4.35
CA LEU B 94 39.49 -67.57 3.31
C LEU B 94 40.86 -67.95 2.75
N SER B 95 41.67 -66.94 2.47
CA SER B 95 42.99 -67.18 1.91
C SER B 95 43.87 -67.92 2.90
N LYS B 96 43.67 -67.68 4.20
CA LYS B 96 44.50 -68.34 5.20
C LYS B 96 43.99 -69.72 5.59
N PHE B 97 42.68 -69.83 5.78
CA PHE B 97 42.07 -71.08 6.24
C PHE B 97 41.16 -71.84 5.29
N GLY B 98 40.96 -71.30 4.10
CA GLY B 98 40.11 -71.98 3.15
C GLY B 98 40.59 -73.34 2.72
N ARG B 99 39.74 -74.35 2.86
CA ARG B 99 40.08 -75.70 2.44
C ARG B 99 39.36 -75.94 1.14
N ASP B 100 39.60 -77.10 0.54
CA ASP B 100 39.01 -77.44 -0.75
C ASP B 100 37.54 -77.84 -0.57
N LYS B 101 37.23 -78.45 0.57
CA LYS B 101 35.87 -78.88 0.87
C LYS B 101 35.00 -77.73 1.38
N ASP B 102 35.60 -76.58 1.60
CA ASP B 102 34.87 -75.42 2.12
C ASP B 102 34.01 -74.69 1.10
N ILE B 103 33.04 -73.94 1.62
CA ILE B 103 32.09 -73.18 0.83
C ILE B 103 32.35 -71.67 0.79
N ILE B 104 32.03 -71.06 -0.34
CA ILE B 104 32.19 -69.61 -0.50
C ILE B 104 30.91 -68.99 -1.01
N LEU B 105 30.41 -67.98 -0.30
CA LEU B 105 29.22 -67.26 -0.72
C LEU B 105 29.68 -65.82 -1.03
N ASN B 106 29.62 -65.47 -2.31
CA ASN B 106 30.02 -64.14 -2.77
C ASN B 106 29.53 -63.98 -4.20
N PRO B 107 28.52 -63.14 -4.44
CA PRO B 107 28.05 -62.99 -5.82
C PRO B 107 29.09 -62.75 -6.92
N TYR B 108 30.24 -62.18 -6.56
CA TYR B 108 31.28 -61.86 -7.55
C TYR B 108 32.55 -62.71 -7.58
N ASP B 109 32.52 -63.85 -6.93
CA ASP B 109 33.68 -64.73 -6.92
C ASP B 109 33.33 -65.99 -7.67
N GLN B 110 34.16 -66.34 -8.64
CA GLN B 110 33.94 -67.52 -9.44
C GLN B 110 33.74 -68.83 -8.68
N ARG B 111 34.21 -68.90 -7.45
CA ARG B 111 34.08 -70.12 -6.67
C ARG B 111 32.83 -70.21 -5.83
N THR B 112 32.05 -69.13 -5.80
CA THR B 112 30.81 -69.08 -5.01
C THR B 112 29.83 -70.18 -5.37
N LYS B 113 29.02 -70.58 -4.41
CA LYS B 113 28.00 -71.58 -4.64
C LYS B 113 26.76 -70.86 -5.15
N GLY B 114 25.85 -71.58 -5.82
CA GLY B 114 24.65 -70.94 -6.32
C GLY B 114 23.64 -70.86 -5.20
N TRP B 115 22.90 -69.76 -5.11
CA TRP B 115 21.93 -69.62 -4.02
C TRP B 115 20.79 -68.60 -4.23
N SER B 116 19.66 -68.88 -3.60
CA SER B 116 18.46 -68.04 -3.58
C SER B 116 17.79 -68.42 -2.28
N PHE B 117 17.11 -67.49 -1.63
CA PHE B 117 16.47 -67.83 -0.36
C PHE B 117 15.44 -68.95 -0.53
N PHE B 118 15.04 -69.23 -1.77
CA PHE B 118 14.08 -70.30 -2.04
C PHE B 118 14.62 -71.64 -1.56
N ASN B 119 15.95 -71.79 -1.64
CA ASN B 119 16.61 -73.03 -1.26
C ASN B 119 16.49 -73.34 0.23
N GLU B 120 16.02 -72.38 1.01
CA GLU B 120 15.91 -72.55 2.45
C GLU B 120 14.50 -72.94 2.90
N ILE B 121 13.54 -72.81 1.99
CA ILE B 121 12.13 -73.12 2.29
C ILE B 121 11.85 -74.63 2.34
N ARG B 122 11.26 -75.07 3.45
CA ARG B 122 10.91 -76.48 3.64
C ARG B 122 9.45 -76.60 4.04
N ASN B 123 9.04 -75.79 5.02
CA ASN B 123 7.67 -75.78 5.50
C ASN B 123 7.02 -74.44 5.18
N ASP B 124 5.74 -74.30 5.48
CA ASP B 124 5.06 -73.05 5.16
C ASP B 124 5.50 -71.92 6.07
N TYR B 125 5.82 -72.22 7.32
CA TYR B 125 6.23 -71.16 8.23
C TYR B 125 7.61 -70.59 7.89
N ASP B 126 8.29 -71.18 6.91
CA ASP B 126 9.61 -70.70 6.52
C ASP B 126 9.56 -69.45 5.63
N TRP B 127 8.41 -69.17 5.00
CA TRP B 127 8.32 -68.00 4.13
C TRP B 127 8.47 -66.69 4.87
N GLN B 128 7.82 -66.60 6.03
CA GLN B 128 7.88 -65.41 6.89
C GLN B 128 9.25 -65.41 7.55
N ARG B 129 9.63 -66.58 8.06
CA ARG B 129 10.89 -66.79 8.73
C ARG B 129 12.08 -66.25 7.94
N TYR B 130 12.10 -66.56 6.65
CA TYR B 130 13.19 -66.12 5.79
C TYR B 130 12.97 -64.79 5.10
N ALA B 131 11.73 -64.31 5.09
CA ALA B 131 11.45 -63.00 4.51
C ALA B 131 12.09 -62.02 5.49
N LEU B 132 12.14 -62.43 6.75
CA LEU B 132 12.73 -61.64 7.83
C LEU B 132 14.25 -61.59 7.66
N SER B 133 14.81 -62.57 6.96
CA SER B 133 16.23 -62.61 6.72
C SER B 133 16.54 -61.73 5.54
N VAL B 134 15.69 -61.82 4.52
CA VAL B 134 15.86 -61.05 3.30
C VAL B 134 15.60 -59.56 3.51
N VAL B 135 14.57 -59.26 4.30
CA VAL B 135 14.21 -57.88 4.63
C VAL B 135 14.45 -57.64 6.12
N PRO B 136 15.67 -57.23 6.48
CA PRO B 136 16.01 -56.96 7.89
C PRO B 136 15.15 -55.90 8.56
N ARG B 137 15.26 -55.81 9.88
CA ARG B 137 14.49 -54.86 10.66
C ARG B 137 14.77 -53.42 10.27
N GLY B 138 13.71 -52.60 10.24
CA GLY B 138 13.85 -51.20 9.88
C GLY B 138 14.55 -50.46 11.00
N LYS B 139 15.31 -49.43 10.67
CA LYS B 139 16.04 -48.65 11.66
C LYS B 139 15.07 -47.97 12.62
N THR B 140 14.02 -47.38 12.05
CA THR B 140 13.01 -46.68 12.83
C THR B 140 11.71 -47.48 12.82
N ASP B 141 10.81 -47.19 13.74
CA ASP B 141 9.55 -47.92 13.77
C ASP B 141 8.75 -47.74 12.47
N GLU B 142 8.88 -46.59 11.81
CA GLU B 142 8.15 -46.41 10.57
C GLU B 142 8.80 -47.19 9.43
N ALA B 143 10.12 -47.31 9.47
CA ALA B 143 10.84 -48.05 8.44
C ALA B 143 10.54 -49.56 8.58
N GLU B 144 10.23 -50.00 9.80
CA GLU B 144 9.90 -51.40 10.01
C GLU B 144 8.47 -51.62 9.52
N GLU B 145 7.66 -50.57 9.52
CA GLU B 145 6.30 -50.70 9.02
C GLU B 145 6.43 -51.03 7.53
N TRP B 146 7.21 -50.23 6.81
CA TRP B 146 7.44 -50.45 5.38
C TRP B 146 8.07 -51.82 5.14
N ALA B 147 9.02 -52.21 5.98
CA ALA B 147 9.69 -53.50 5.84
C ALA B 147 8.69 -54.64 5.99
N SER B 148 7.68 -54.44 6.84
CA SER B 148 6.65 -55.43 7.07
C SER B 148 5.82 -55.64 5.82
N TYR B 149 5.51 -54.53 5.16
CA TYR B 149 4.76 -54.56 3.90
C TYR B 149 5.63 -55.25 2.87
N GLY B 150 6.93 -54.93 2.90
CA GLY B 150 7.86 -55.54 1.99
C GLY B 150 7.97 -57.06 2.15
N ARG B 151 7.86 -57.54 3.39
CA ARG B 151 7.93 -58.97 3.61
C ARG B 151 6.63 -59.64 3.19
N LEU B 152 5.50 -58.95 3.39
CA LEU B 152 4.20 -59.48 3.00
C LEU B 152 4.19 -59.68 1.48
N LEU B 153 4.63 -58.65 0.75
CA LEU B 153 4.68 -58.70 -0.71
C LEU B 153 5.66 -59.80 -1.14
N LEU B 154 6.83 -59.82 -0.50
CA LEU B 154 7.85 -60.82 -0.79
C LEU B 154 7.37 -62.26 -0.57
N ARG B 155 6.91 -62.56 0.63
CA ARG B 155 6.50 -63.93 0.92
C ARG B 155 5.29 -64.39 0.08
N GLU B 156 4.40 -63.46 -0.25
CA GLU B 156 3.22 -63.84 -1.02
C GLU B 156 3.52 -63.96 -2.52
N THR B 157 4.37 -63.07 -3.05
CA THR B 157 4.74 -63.14 -4.47
C THR B 157 5.64 -64.34 -4.71
N ALA B 158 6.41 -64.71 -3.69
CA ALA B 158 7.34 -65.83 -3.74
C ALA B 158 6.60 -67.15 -3.62
N LYS B 159 5.66 -67.18 -2.67
CA LYS B 159 4.85 -68.36 -2.43
C LYS B 159 4.10 -68.76 -3.72
N LYS B 160 3.65 -67.76 -4.48
CA LYS B 160 2.92 -68.02 -5.73
C LYS B 160 3.87 -68.46 -6.83
N LEU B 161 4.95 -67.71 -7.06
CA LEU B 161 5.92 -68.07 -8.08
C LEU B 161 6.38 -69.50 -7.88
N ALA B 162 6.54 -69.90 -6.61
CA ALA B 162 6.98 -71.26 -6.28
C ALA B 162 5.92 -72.28 -6.72
N LEU B 163 4.65 -71.92 -6.51
CA LEU B 163 3.52 -72.77 -6.89
C LEU B 163 3.34 -72.94 -8.39
N ILE B 164 3.50 -71.86 -9.14
CA ILE B 164 3.36 -71.93 -10.59
C ILE B 164 4.66 -72.37 -11.27
N GLY B 165 5.57 -72.93 -10.46
CA GLY B 165 6.84 -73.45 -10.95
C GLY B 165 7.98 -72.52 -11.33
N THR B 166 7.82 -71.21 -11.17
CA THR B 166 8.92 -70.30 -11.52
C THR B 166 9.52 -69.60 -10.30
N PRO B 167 10.12 -70.36 -9.37
CA PRO B 167 10.71 -69.72 -8.20
C PRO B 167 12.05 -69.08 -8.52
N SER B 168 12.03 -68.04 -9.35
CA SER B 168 13.27 -67.35 -9.72
C SER B 168 13.30 -65.95 -9.13
N MET B 169 14.47 -65.53 -8.65
CA MET B 169 14.61 -64.20 -8.06
C MET B 169 14.43 -63.13 -9.14
N ARG B 170 14.73 -63.48 -10.38
CA ARG B 170 14.58 -62.56 -11.49
C ARG B 170 13.09 -62.27 -11.72
N GLU B 171 12.26 -63.30 -11.59
CA GLU B 171 10.81 -63.16 -11.76
C GLU B 171 10.27 -62.38 -10.56
N LEU B 172 10.68 -62.81 -9.37
CA LEU B 172 10.27 -62.17 -8.14
C LEU B 172 10.57 -60.66 -8.20
N PHE B 173 11.82 -60.33 -8.50
CA PHE B 173 12.25 -58.94 -8.57
C PHE B 173 11.45 -58.17 -9.61
N HIS B 174 11.10 -58.84 -10.69
CA HIS B 174 10.33 -58.18 -11.74
C HIS B 174 8.94 -57.85 -11.25
N TRP B 175 8.28 -58.82 -10.64
CA TRP B 175 6.93 -58.62 -10.14
C TRP B 175 6.87 -57.59 -9.03
N THR B 176 7.67 -57.79 -8.01
CA THR B 176 7.69 -56.91 -6.87
C THR B 176 8.21 -55.51 -7.18
N THR B 177 8.89 -55.34 -8.30
CA THR B 177 9.48 -54.04 -8.59
C THR B 177 9.28 -53.43 -9.97
N ILE B 178 9.27 -54.27 -10.99
CA ILE B 178 9.13 -53.79 -12.36
C ILE B 178 7.70 -53.81 -12.90
N ALA B 179 6.97 -54.90 -12.68
CA ALA B 179 5.59 -54.99 -13.17
C ALA B 179 4.85 -53.76 -12.73
N THR B 180 3.83 -53.38 -13.48
CA THR B 180 3.05 -52.20 -13.11
C THR B 180 2.21 -52.50 -11.89
N PHE B 181 1.70 -51.44 -11.29
CA PHE B 181 0.86 -51.56 -10.13
C PHE B 181 -0.29 -52.51 -10.36
N ASP B 182 -1.04 -52.29 -11.45
CA ASP B 182 -2.18 -53.13 -11.78
C ASP B 182 -1.81 -54.58 -12.06
N ASP B 183 -0.75 -54.79 -12.83
CA ASP B 183 -0.32 -56.13 -13.15
C ASP B 183 0.04 -56.86 -11.87
N LEU B 184 0.81 -56.19 -11.00
CA LEU B 184 1.23 -56.76 -9.74
C LEU B 184 -0.01 -57.12 -8.93
N ARG B 185 -0.92 -56.15 -8.81
CA ARG B 185 -2.16 -56.37 -8.08
C ARG B 185 -2.88 -57.59 -8.65
N GLY B 186 -2.83 -57.72 -9.98
CA GLY B 186 -3.46 -58.84 -10.63
C GLY B 186 -2.78 -60.14 -10.24
N PHE B 187 -1.45 -60.12 -10.25
CA PHE B 187 -0.68 -61.30 -9.90
C PHE B 187 -1.00 -61.74 -8.48
N LEU B 188 -1.12 -60.77 -7.58
CA LEU B 188 -1.39 -61.08 -6.19
C LEU B 188 -2.75 -61.73 -5.91
N GLU B 189 -3.59 -61.77 -6.93
CA GLU B 189 -4.91 -62.40 -6.79
C GLU B 189 -4.72 -63.88 -6.46
N GLY B 190 -5.45 -64.37 -5.46
CA GLY B 190 -5.33 -65.76 -5.10
C GLY B 190 -4.43 -65.94 -3.90
N THR B 191 -3.63 -64.91 -3.61
CA THR B 191 -2.72 -64.94 -2.47
C THR B 191 -3.30 -64.20 -1.27
N LEU B 192 -2.70 -64.39 -0.10
CA LEU B 192 -3.17 -63.75 1.11
C LEU B 192 -3.03 -62.24 1.07
N ALA B 193 -2.32 -61.74 0.08
CA ALA B 193 -2.10 -60.30 -0.05
C ALA B 193 -2.99 -59.67 -1.10
N GLU B 194 -3.88 -60.47 -1.67
CA GLU B 194 -4.78 -59.97 -2.71
C GLU B 194 -5.58 -58.76 -2.27
N SER B 195 -6.22 -58.86 -1.11
CA SER B 195 -7.03 -57.75 -0.60
C SER B 195 -6.29 -56.81 0.35
N LEU B 196 -5.18 -57.26 0.91
CA LEU B 196 -4.43 -56.42 1.82
C LEU B 196 -3.84 -55.19 1.14
N PHE B 197 -3.40 -55.35 -0.10
CA PHE B 197 -2.82 -54.23 -0.86
C PHE B 197 -3.80 -53.55 -1.81
N ALA B 198 -5.09 -53.67 -1.55
CA ALA B 198 -6.09 -53.05 -2.42
C ALA B 198 -7.29 -52.52 -1.64
N GLY B 199 -8.09 -51.66 -2.27
CA GLY B 199 -9.28 -51.15 -1.62
C GLY B 199 -9.23 -49.75 -1.01
N SER B 200 -8.05 -49.14 -0.93
CA SER B 200 -7.96 -47.80 -0.36
C SER B 200 -6.65 -47.12 -0.71
N ASN B 201 -6.54 -45.84 -0.38
CA ASN B 201 -5.31 -45.10 -0.65
C ASN B 201 -4.22 -45.67 0.24
N GLU B 202 -4.59 -45.98 1.49
CA GLU B 202 -3.66 -46.52 2.45
C GLU B 202 -3.09 -47.86 1.97
N ALA B 203 -3.94 -48.75 1.46
CA ALA B 203 -3.47 -50.04 0.95
C ALA B 203 -2.47 -49.82 -0.20
N SER B 204 -2.73 -48.80 -1.01
CA SER B 204 -1.86 -48.44 -2.15
C SER B 204 -0.52 -47.88 -1.67
N LYS B 205 -0.57 -47.06 -0.62
CA LYS B 205 0.62 -46.46 -0.01
C LYS B 205 1.50 -47.56 0.55
N ALA B 206 0.86 -48.54 1.19
CA ALA B 206 1.53 -49.69 1.77
C ALA B 206 2.21 -50.52 0.68
N LEU B 207 1.49 -50.78 -0.40
CA LEU B 207 2.04 -51.56 -1.51
C LEU B 207 3.25 -50.81 -2.09
N THR B 208 3.13 -49.48 -2.27
CA THR B 208 4.21 -48.65 -2.81
C THR B 208 5.43 -48.77 -1.92
N SER B 209 5.22 -48.78 -0.60
CA SER B 209 6.30 -48.92 0.35
C SER B 209 6.99 -50.27 0.22
N ALA B 210 6.20 -51.33 0.06
CA ALA B 210 6.75 -52.68 -0.09
C ALA B 210 7.66 -52.76 -1.31
N ARG B 211 7.25 -52.13 -2.40
CA ARG B 211 8.01 -52.13 -3.64
C ARG B 211 9.36 -51.46 -3.45
N PHE B 212 9.34 -50.31 -2.77
CA PHE B 212 10.58 -49.57 -2.51
C PHE B 212 11.52 -50.38 -1.63
N VAL B 213 10.99 -51.00 -0.59
CA VAL B 213 11.81 -51.81 0.30
C VAL B 213 12.45 -52.96 -0.46
N LEU B 214 11.67 -53.61 -1.31
CA LEU B 214 12.16 -54.75 -2.08
C LEU B 214 13.11 -54.34 -3.19
N SER B 215 12.97 -53.13 -3.73
CA SER B 215 13.87 -52.69 -4.78
C SER B 215 15.24 -52.38 -4.19
N ASP B 216 15.32 -52.26 -2.87
CA ASP B 216 16.58 -51.96 -2.19
C ASP B 216 17.29 -53.20 -1.70
N LYS B 217 16.51 -54.18 -1.27
CA LYS B 217 17.06 -55.41 -0.71
C LYS B 217 17.32 -56.50 -1.72
N LEU B 218 16.45 -56.61 -2.73
CA LEU B 218 16.56 -57.66 -3.75
C LEU B 218 17.63 -57.57 -4.83
N PRO B 219 18.02 -56.35 -5.25
CA PRO B 219 19.04 -56.22 -6.30
C PRO B 219 20.15 -57.30 -6.32
N GLU B 220 20.86 -57.42 -5.21
CA GLU B 220 21.95 -58.37 -5.12
C GLU B 220 21.55 -59.84 -5.02
N HIS B 221 20.29 -60.11 -4.71
CA HIS B 221 19.84 -61.50 -4.64
C HIS B 221 19.59 -61.97 -6.06
N VAL B 222 19.31 -61.01 -6.95
CA VAL B 222 19.06 -61.31 -8.34
C VAL B 222 20.35 -61.54 -9.11
N THR B 223 21.39 -60.76 -8.79
CA THR B 223 22.67 -60.91 -9.47
C THR B 223 23.41 -62.15 -8.95
N MET B 224 23.01 -62.63 -7.78
CA MET B 224 23.63 -63.81 -7.18
C MET B 224 23.49 -65.00 -8.11
N PRO B 225 24.62 -65.65 -8.47
CA PRO B 225 24.57 -66.81 -9.35
C PRO B 225 23.62 -67.80 -8.72
N ASP B 226 22.66 -68.30 -9.48
CA ASP B 226 21.73 -69.25 -8.88
C ASP B 226 22.31 -70.66 -8.87
N GLY B 227 21.85 -71.44 -7.91
CA GLY B 227 22.30 -72.81 -7.76
C GLY B 227 21.43 -73.52 -6.77
N ASP B 228 21.88 -74.67 -6.29
CA ASP B 228 21.09 -75.45 -5.34
C ASP B 228 21.62 -75.47 -3.92
N PHE B 229 22.59 -74.62 -3.62
CA PHE B 229 23.15 -74.60 -2.26
C PHE B 229 22.11 -74.14 -1.24
N SER B 230 22.05 -74.83 -0.10
CA SER B 230 21.13 -74.49 0.96
C SER B 230 21.94 -74.40 2.25
N ILE B 231 21.90 -73.25 2.90
CA ILE B 231 22.63 -73.08 4.15
C ILE B 231 22.11 -74.06 5.22
N ARG B 232 20.82 -74.37 5.17
CA ARG B 232 20.21 -75.28 6.13
C ARG B 232 20.78 -76.67 5.93
N SER B 233 20.84 -77.11 4.68
CA SER B 233 21.37 -78.43 4.36
C SER B 233 22.85 -78.47 4.72
N TRP B 234 23.53 -77.38 4.44
CA TRP B 234 24.94 -77.29 4.76
C TRP B 234 25.15 -77.45 6.28
N LEU B 235 24.27 -76.85 7.09
CA LEU B 235 24.38 -76.94 8.55
C LEU B 235 24.18 -78.36 9.05
N GLU B 236 23.40 -79.14 8.29
CA GLU B 236 23.10 -80.52 8.67
C GLU B 236 24.16 -81.51 8.22
N ASP B 237 24.90 -81.18 7.18
CA ASP B 237 25.96 -82.06 6.67
C ASP B 237 27.19 -81.97 7.57
N PRO B 238 27.52 -83.07 8.25
CA PRO B 238 28.69 -83.07 9.15
C PRO B 238 30.01 -82.83 8.41
N ASN B 239 30.06 -83.26 7.15
CA ASN B 239 31.25 -83.11 6.33
C ASN B 239 31.10 -81.96 5.36
N GLY B 240 30.32 -80.95 5.76
CA GLY B 240 30.09 -79.81 4.90
C GLY B 240 31.25 -78.85 4.82
N GLY B 241 32.07 -78.83 5.86
CA GLY B 241 33.20 -77.93 5.88
C GLY B 241 32.82 -76.60 6.50
N ASN B 242 33.52 -75.53 6.12
CA ASN B 242 33.26 -74.20 6.67
C ASN B 242 32.67 -73.32 5.58
N LEU B 243 32.01 -72.24 6.00
CA LEU B 243 31.39 -71.31 5.06
C LEU B 243 32.07 -69.96 5.18
N PHE B 244 32.51 -69.43 4.05
CA PHE B 244 33.15 -68.12 4.01
C PHE B 244 32.32 -67.12 3.21
N ILE B 245 31.76 -66.16 3.92
CA ILE B 245 30.97 -65.13 3.30
C ILE B 245 31.98 -64.01 3.09
N THR B 246 32.50 -63.91 1.87
CA THR B 246 33.50 -62.89 1.58
C THR B 246 32.91 -61.81 0.70
N TRP B 247 33.64 -60.69 0.61
CA TRP B 247 33.24 -59.58 -0.25
C TRP B 247 34.29 -58.50 -0.22
N ARG B 248 34.40 -57.76 -1.33
CA ARG B 248 35.36 -56.67 -1.45
C ARG B 248 34.84 -55.50 -0.62
N GLU B 249 35.71 -54.83 0.11
CA GLU B 249 35.27 -53.73 0.92
C GLU B 249 34.73 -52.52 0.19
N ASP B 250 34.95 -52.42 -1.12
CA ASP B 250 34.42 -51.29 -1.86
C ASP B 250 32.98 -51.60 -2.27
N MET B 251 32.50 -52.77 -1.87
CA MET B 251 31.15 -53.19 -2.18
C MET B 251 30.37 -53.44 -0.91
N GLY B 252 30.83 -52.85 0.19
CA GLY B 252 30.17 -53.02 1.46
C GLY B 252 28.72 -52.61 1.40
N PRO B 253 28.43 -51.35 1.09
CA PRO B 253 27.05 -50.86 1.02
C PRO B 253 26.14 -51.66 0.07
N ALA B 254 26.66 -52.04 -1.09
CA ALA B 254 25.88 -52.81 -2.05
C ALA B 254 25.50 -54.19 -1.55
N LEU B 255 26.39 -54.85 -0.84
CA LEU B 255 26.14 -56.20 -0.34
C LEU B 255 25.67 -56.31 1.11
N ARG B 256 25.48 -55.19 1.79
CA ARG B 256 25.05 -55.22 3.18
C ARG B 256 23.78 -56.05 3.36
N PRO B 257 22.77 -55.83 2.50
CA PRO B 257 21.54 -56.63 2.65
C PRO B 257 21.68 -58.13 2.41
N LEU B 258 22.45 -58.50 1.39
CA LEU B 258 22.66 -59.91 1.07
C LEU B 258 23.44 -60.63 2.18
N ILE B 259 24.56 -60.04 2.60
CA ILE B 259 25.38 -60.64 3.66
C ILE B 259 24.59 -60.74 4.95
N SER B 260 23.76 -59.74 5.22
CA SER B 260 22.94 -59.73 6.42
C SER B 260 21.94 -60.87 6.29
N ALA B 261 21.43 -61.09 5.08
CA ALA B 261 20.49 -62.16 4.88
C ALA B 261 21.17 -63.49 5.19
N TRP B 262 22.40 -63.68 4.71
CA TRP B 262 23.12 -64.93 4.96
C TRP B 262 23.37 -65.18 6.44
N VAL B 263 23.82 -64.14 7.14
CA VAL B 263 24.09 -64.24 8.56
C VAL B 263 22.80 -64.51 9.33
N ASP B 264 21.69 -63.94 8.86
CA ASP B 264 20.44 -64.15 9.53
C ASP B 264 19.93 -65.56 9.24
N VAL B 265 20.10 -66.02 8.00
CA VAL B 265 19.67 -67.36 7.63
C VAL B 265 20.29 -68.36 8.61
N VAL B 266 21.60 -68.25 8.80
CA VAL B 266 22.31 -69.10 9.74
C VAL B 266 21.68 -68.97 11.13
N CYS B 267 21.41 -67.74 11.56
CA CYS B 267 20.81 -67.48 12.86
C CYS B 267 19.47 -68.18 13.13
N THR B 268 18.53 -68.20 12.18
CA THR B 268 17.27 -68.92 12.45
C THR B 268 17.44 -70.40 12.18
N SER B 269 18.16 -70.72 11.12
CA SER B 269 18.37 -72.10 10.73
C SER B 269 18.97 -72.99 11.80
N ILE B 270 19.94 -72.51 12.57
CA ILE B 270 20.51 -73.39 13.58
C ILE B 270 19.50 -73.73 14.67
N LEU B 271 18.36 -73.05 14.68
CA LEU B 271 17.34 -73.30 15.69
C LEU B 271 16.45 -74.47 15.29
N SER B 272 16.66 -74.97 14.07
CA SER B 272 15.88 -76.09 13.54
C SER B 272 16.72 -77.36 13.53
N LEU B 273 18.00 -77.22 13.86
CA LEU B 273 18.91 -78.36 13.89
C LEU B 273 18.59 -79.32 15.04
N PRO B 274 18.58 -80.63 14.74
CA PRO B 274 18.30 -81.69 15.72
C PRO B 274 19.39 -81.68 16.78
N GLU B 275 19.02 -81.74 18.06
CA GLU B 275 20.00 -81.70 19.14
C GLU B 275 21.13 -82.70 18.95
N GLU B 276 22.35 -82.17 18.96
CA GLU B 276 23.56 -82.96 18.80
C GLU B 276 24.57 -82.38 19.76
N PRO B 277 24.75 -83.03 20.93
CA PRO B 277 25.70 -82.57 21.96
C PRO B 277 27.13 -82.34 21.44
N LYS B 278 27.47 -83.05 20.37
CA LYS B 278 28.80 -82.97 19.79
C LYS B 278 29.01 -81.83 18.79
N ARG B 279 27.94 -81.17 18.36
CA ARG B 279 28.06 -80.09 17.39
C ARG B 279 28.57 -78.76 17.94
N ARG B 280 29.53 -78.17 17.22
CA ARG B 280 30.13 -76.89 17.58
C ARG B 280 30.31 -76.04 16.33
N LEU B 281 29.38 -75.11 16.14
CA LEU B 281 29.39 -74.22 14.99
C LEU B 281 29.73 -72.80 15.45
N TRP B 282 30.73 -72.18 14.82
CA TRP B 282 31.12 -70.82 15.16
C TRP B 282 30.57 -69.86 14.14
N LEU B 283 30.11 -68.70 14.59
CA LEU B 283 29.62 -67.67 13.68
C LEU B 283 30.51 -66.47 13.94
N PHE B 284 31.42 -66.21 13.03
CA PHE B 284 32.32 -65.08 13.14
C PHE B 284 31.72 -63.89 12.40
N ILE B 285 31.16 -62.95 13.16
CA ILE B 285 30.59 -61.77 12.55
C ILE B 285 31.65 -60.70 12.68
N ASP B 286 32.45 -60.52 11.65
CA ASP B 286 33.50 -59.51 11.66
C ASP B 286 33.09 -58.29 12.50
N GLU B 287 32.26 -57.41 11.93
CA GLU B 287 31.79 -56.23 12.64
C GLU B 287 30.28 -56.29 12.71
N LEU B 288 29.75 -56.49 13.90
CA LEU B 288 28.31 -56.58 14.08
C LEU B 288 27.52 -55.38 13.57
N ALA B 289 28.01 -54.19 13.84
CA ALA B 289 27.33 -52.97 13.43
C ALA B 289 27.41 -52.67 11.93
N SER B 290 28.13 -53.50 11.19
CA SER B 290 28.23 -53.28 9.76
C SER B 290 27.13 -54.01 9.01
N LEU B 291 26.49 -54.94 9.71
CA LEU B 291 25.39 -55.70 9.15
C LEU B 291 24.12 -54.93 9.43
N GLU B 292 23.03 -55.29 8.76
CA GLU B 292 21.78 -54.60 9.01
C GLU B 292 21.25 -55.07 10.35
N LYS B 293 20.08 -54.56 10.74
CA LYS B 293 19.48 -54.94 12.00
C LYS B 293 18.93 -56.36 11.87
N LEU B 294 19.72 -57.33 12.27
CA LEU B 294 19.35 -58.74 12.18
C LEU B 294 18.16 -59.10 13.06
N ALA B 295 17.18 -59.74 12.44
CA ALA B 295 15.96 -60.15 13.12
C ALA B 295 16.10 -61.38 13.99
N SER B 296 17.06 -62.26 13.64
CA SER B 296 17.24 -63.50 14.38
C SER B 296 18.47 -63.62 15.25
N LEU B 297 19.36 -62.62 15.19
CA LEU B 297 20.59 -62.67 15.98
C LEU B 297 20.29 -62.85 17.46
N ALA B 298 19.39 -62.02 17.98
CA ALA B 298 19.03 -62.09 19.37
C ALA B 298 18.63 -63.49 19.82
N ASP B 299 17.79 -64.18 19.04
CA ASP B 299 17.38 -65.53 19.40
C ASP B 299 18.51 -66.54 19.26
N ALA B 300 19.31 -66.38 18.21
CA ALA B 300 20.44 -67.29 18.01
C ALA B 300 21.44 -67.17 19.18
N LEU B 301 21.54 -65.98 19.76
CA LEU B 301 22.48 -65.75 20.86
C LEU B 301 21.93 -66.27 22.17
N THR B 302 20.63 -66.52 22.21
CA THR B 302 19.96 -66.99 23.42
C THR B 302 19.45 -68.41 23.39
N LYS B 303 19.23 -68.95 22.20
CA LYS B 303 18.69 -70.29 22.07
C LYS B 303 19.54 -71.25 21.25
N GLY B 304 20.77 -70.84 20.95
CA GLY B 304 21.63 -71.67 20.12
C GLY B 304 22.51 -72.63 20.88
N ARG B 305 22.27 -72.79 22.16
CA ARG B 305 23.09 -73.68 22.98
C ARG B 305 22.95 -75.13 22.56
N LYS B 306 21.71 -75.59 22.38
CA LYS B 306 21.47 -76.97 21.98
C LYS B 306 22.11 -77.28 20.64
N ALA B 307 22.07 -76.30 19.74
CA ALA B 307 22.65 -76.45 18.41
C ALA B 307 24.16 -76.31 18.45
N GLY B 308 24.69 -75.82 19.57
CA GLY B 308 26.12 -75.64 19.71
C GLY B 308 26.66 -74.42 19.01
N LEU B 309 25.86 -73.36 18.92
CA LEU B 309 26.27 -72.12 18.25
C LEU B 309 27.16 -71.30 19.19
N ARG B 310 28.19 -70.72 18.60
CA ARG B 310 29.16 -69.91 19.33
C ARG B 310 29.36 -68.69 18.47
N VAL B 311 28.96 -67.52 18.95
CA VAL B 311 29.11 -66.32 18.16
C VAL B 311 30.23 -65.44 18.68
N VAL B 312 31.03 -64.91 17.75
CA VAL B 312 32.14 -64.03 18.06
C VAL B 312 31.86 -62.80 17.20
N ALA B 313 31.66 -61.65 17.84
CA ALA B 313 31.37 -60.43 17.09
C ALA B 313 32.30 -59.30 17.47
N GLY B 314 32.59 -58.45 16.51
CA GLY B 314 33.46 -57.33 16.76
C GLY B 314 32.65 -56.06 16.88
N LEU B 315 33.12 -55.13 17.70
CA LEU B 315 32.43 -53.88 17.91
C LEU B 315 33.44 -52.79 18.20
N GLN B 316 33.10 -51.54 17.90
CA GLN B 316 34.02 -50.43 18.15
C GLN B 316 33.41 -49.41 19.12
N SER B 317 32.65 -48.47 18.59
CA SER B 317 32.01 -47.47 19.42
C SER B 317 30.62 -47.94 19.74
N THR B 318 30.22 -47.76 20.99
CA THR B 318 28.91 -48.16 21.44
C THR B 318 27.84 -47.55 20.54
N SER B 319 28.06 -46.30 20.12
CA SER B 319 27.14 -45.58 19.24
C SER B 319 26.85 -46.28 17.92
N GLN B 320 27.79 -47.10 17.46
CA GLN B 320 27.60 -47.82 16.21
C GLN B 320 26.40 -48.73 16.29
N LEU B 321 26.45 -49.71 17.19
CA LEU B 321 25.36 -50.64 17.38
C LEU B 321 24.09 -49.91 17.81
N ASP B 322 24.23 -48.91 18.66
CA ASP B 322 23.07 -48.13 19.13
C ASP B 322 22.30 -47.51 17.96
N ASP B 323 23.02 -47.08 16.95
CA ASP B 323 22.41 -46.45 15.80
C ASP B 323 21.69 -47.44 14.87
N VAL B 324 22.16 -48.68 14.83
CA VAL B 324 21.56 -49.70 13.98
C VAL B 324 20.35 -50.35 14.63
N TYR B 325 20.49 -50.76 15.89
CA TYR B 325 19.42 -51.42 16.63
C TYR B 325 18.59 -50.50 17.51
N GLY B 326 19.20 -49.39 17.91
CA GLY B 326 18.51 -48.49 18.81
C GLY B 326 19.12 -48.81 20.15
N VAL B 327 19.23 -47.80 21.00
CA VAL B 327 19.82 -48.00 22.30
C VAL B 327 19.32 -49.18 23.16
N LYS B 328 18.00 -49.43 23.16
CA LYS B 328 17.40 -50.52 23.95
C LYS B 328 17.77 -51.91 23.41
N GLU B 329 17.60 -52.13 22.11
CA GLU B 329 17.93 -53.43 21.52
C GLU B 329 19.43 -53.63 21.41
N ALA B 330 20.19 -52.55 21.29
CA ALA B 330 21.65 -52.66 21.22
C ALA B 330 22.16 -53.13 22.58
N GLN B 331 21.51 -52.70 23.65
CA GLN B 331 21.92 -53.11 24.99
C GLN B 331 21.59 -54.59 25.22
N THR B 332 20.42 -55.00 24.74
CA THR B 332 19.98 -56.38 24.88
C THR B 332 20.93 -57.26 24.07
N LEU B 333 21.28 -56.81 22.87
CA LEU B 333 22.19 -57.57 22.01
C LEU B 333 23.55 -57.72 22.68
N ARG B 334 24.17 -56.61 23.06
CA ARG B 334 25.48 -56.67 23.70
C ARG B 334 25.44 -57.52 24.96
N ALA B 335 24.35 -57.41 25.73
CA ALA B 335 24.21 -58.19 26.95
C ALA B 335 24.15 -59.69 26.70
N SER B 336 24.01 -60.09 25.44
CA SER B 336 23.90 -61.52 25.10
C SER B 336 25.24 -62.22 24.92
N PHE B 337 26.31 -61.45 24.90
CA PHE B 337 27.67 -61.98 24.77
C PHE B 337 28.23 -61.98 26.18
N ARG B 338 28.43 -63.16 26.75
CA ARG B 338 28.91 -63.28 28.12
C ARG B 338 30.40 -63.02 28.35
N SER B 339 31.20 -63.21 27.31
CA SER B 339 32.65 -62.98 27.40
C SER B 339 32.99 -61.69 26.68
N LEU B 340 33.87 -60.90 27.28
CA LEU B 340 34.27 -59.64 26.69
C LEU B 340 35.77 -59.49 26.54
N VAL B 341 36.21 -58.89 25.44
CA VAL B 341 37.61 -58.64 25.23
C VAL B 341 37.71 -57.17 24.85
N VAL B 342 38.50 -56.41 25.62
CA VAL B 342 38.67 -54.98 25.33
C VAL B 342 40.05 -54.72 24.78
N LEU B 343 40.10 -54.21 23.56
CA LEU B 343 41.34 -53.92 22.85
C LEU B 343 41.87 -52.49 22.91
N GLY B 344 41.15 -51.59 23.54
CA GLY B 344 41.69 -50.25 23.60
C GLY B 344 41.12 -49.38 22.52
N GLY B 345 40.54 -48.26 22.96
CA GLY B 345 39.90 -47.33 22.05
C GLY B 345 40.61 -46.02 21.90
N SER B 346 39.94 -45.11 21.21
CA SER B 346 40.46 -43.79 20.91
C SER B 346 40.23 -42.82 22.08
N ARG B 347 41.14 -41.87 22.26
CA ARG B 347 40.93 -40.92 23.33
C ARG B 347 39.82 -39.94 22.91
N THR B 348 39.48 -39.93 21.63
CA THR B 348 38.41 -39.07 21.12
C THR B 348 37.03 -39.76 21.27
N ASP B 349 37.00 -40.87 22.02
CA ASP B 349 35.78 -41.60 22.27
C ASP B 349 35.64 -41.91 23.76
N PRO B 350 35.66 -40.86 24.61
CA PRO B 350 35.53 -41.02 26.07
C PRO B 350 34.30 -41.79 26.55
N LYS B 351 33.22 -41.79 25.77
CA LYS B 351 32.00 -42.51 26.16
C LYS B 351 32.17 -44.01 26.10
N THR B 352 32.74 -44.51 25.00
CA THR B 352 32.92 -45.93 24.85
C THR B 352 33.98 -46.47 25.82
N ASN B 353 34.95 -45.64 26.18
CA ASN B 353 35.97 -46.08 27.12
C ASN B 353 35.36 -46.14 28.49
N GLU B 354 34.38 -45.30 28.71
CA GLU B 354 33.68 -45.31 30.00
C GLU B 354 32.84 -46.59 30.02
N ASP B 355 32.14 -46.86 28.93
CA ASP B 355 31.30 -48.04 28.83
C ASP B 355 32.09 -49.29 29.08
N MET B 356 33.25 -49.41 28.43
CA MET B 356 34.10 -50.59 28.57
C MET B 356 34.66 -50.69 29.97
N SER B 357 35.02 -49.55 30.54
CA SER B 357 35.56 -49.49 31.90
C SER B 357 34.50 -50.00 32.88
N LEU B 358 33.28 -49.49 32.70
CA LEU B 358 32.17 -49.88 33.54
C LEU B 358 31.86 -51.38 33.34
N SER B 359 32.13 -51.88 32.15
CA SER B 359 31.89 -53.27 31.82
C SER B 359 32.99 -54.15 32.40
N LEU B 360 34.20 -53.61 32.53
CA LEU B 360 35.31 -54.37 33.11
C LEU B 360 35.05 -54.44 34.62
N GLY B 361 34.28 -53.47 35.12
CA GLY B 361 33.88 -53.46 36.52
C GLY B 361 34.72 -52.82 37.60
N GLU B 362 34.08 -52.66 38.75
CA GLU B 362 34.71 -52.08 39.93
C GLU B 362 34.96 -53.16 40.96
N HIS B 363 35.82 -52.83 41.92
CA HIS B 363 36.13 -53.72 43.02
C HIS B 363 36.09 -52.89 44.29
N GLU B 364 35.94 -53.54 45.43
CA GLU B 364 35.96 -52.82 46.70
C GLU B 364 37.18 -53.45 47.35
N VAL B 365 38.03 -52.61 47.91
CA VAL B 365 39.27 -53.11 48.45
C VAL B 365 39.72 -52.35 49.71
N GLU B 366 40.60 -52.98 50.50
CA GLU B 366 41.13 -52.35 51.71
C GLU B 366 42.61 -52.03 51.51
N ARG B 367 42.99 -50.78 51.77
CA ARG B 367 44.37 -50.35 51.55
C ARG B 367 44.92 -49.58 52.75
N ASP B 368 46.22 -49.68 52.96
CA ASP B 368 46.86 -48.97 54.06
C ASP B 368 47.27 -47.56 53.64
N ARG B 369 46.84 -46.57 54.41
CA ARG B 369 47.18 -45.18 54.13
C ARG B 369 48.23 -44.72 55.14
N TYR B 370 49.49 -44.62 54.73
CA TYR B 370 50.54 -44.21 55.64
C TYR B 370 50.73 -42.69 55.67
N ARG B 382 49.92 -44.94 59.46
CA ARG B 382 49.32 -46.11 58.83
C ARG B 382 47.92 -46.43 59.36
N ALA B 383 46.94 -46.49 58.45
CA ALA B 383 45.54 -46.76 58.78
C ALA B 383 44.86 -47.52 57.63
N LEU B 384 43.76 -48.22 57.92
CA LEU B 384 43.03 -48.96 56.89
C LEU B 384 41.84 -48.18 56.32
N GLU B 385 41.71 -48.23 55.00
CA GLU B 385 40.63 -47.54 54.29
C GLU B 385 39.94 -48.48 53.31
N ARG B 386 38.62 -48.36 53.21
CA ARG B 386 37.82 -49.16 52.28
C ARG B 386 37.56 -48.30 51.04
N VAL B 387 37.85 -48.85 49.86
CA VAL B 387 37.65 -48.08 48.64
C VAL B 387 37.07 -48.86 47.47
N ARG B 388 36.14 -48.22 46.76
CA ARG B 388 35.53 -48.80 45.56
C ARG B 388 36.19 -48.10 44.39
N GLU B 389 36.66 -48.85 43.40
CA GLU B 389 37.32 -48.26 42.23
C GLU B 389 37.22 -49.11 40.97
N ARG B 390 37.44 -48.50 39.82
CA ARG B 390 37.40 -49.22 38.57
C ARG B 390 38.67 -50.01 38.47
N VAL B 391 38.54 -51.29 38.14
CA VAL B 391 39.73 -52.10 37.99
C VAL B 391 40.51 -51.52 36.81
N VAL B 392 39.77 -51.14 35.78
CA VAL B 392 40.36 -50.54 34.60
C VAL B 392 39.70 -49.21 34.27
N MET B 393 40.45 -48.14 34.45
CA MET B 393 39.99 -46.79 34.18
C MET B 393 39.82 -46.59 32.69
N PRO B 394 38.93 -45.66 32.30
CA PRO B 394 38.71 -45.36 30.88
C PRO B 394 40.02 -44.91 30.21
N ALA B 395 40.82 -44.13 30.93
CA ALA B 395 42.10 -43.63 30.43
C ALA B 395 43.05 -44.79 30.12
N GLU B 396 42.98 -45.85 30.94
CA GLU B 396 43.84 -47.01 30.73
C GLU B 396 43.51 -47.73 29.45
N ILE B 397 42.24 -47.73 29.08
CA ILE B 397 41.80 -48.37 27.85
C ILE B 397 42.21 -47.52 26.63
N ALA B 398 42.07 -46.20 26.78
CA ALA B 398 42.43 -45.26 25.72
C ALA B 398 43.93 -45.29 25.47
N ASN B 399 44.70 -45.57 26.52
CA ASN B 399 46.15 -45.62 26.45
C ASN B 399 46.72 -47.02 26.33
N LEU B 400 45.90 -47.98 25.93
CA LEU B 400 46.36 -49.35 25.75
C LEU B 400 47.17 -49.43 24.45
N PRO B 401 48.38 -50.00 24.52
CA PRO B 401 49.21 -50.13 23.31
C PRO B 401 48.59 -51.21 22.42
N ASP B 402 48.86 -51.20 21.13
CA ASP B 402 48.28 -52.22 20.26
C ASP B 402 48.72 -53.61 20.63
N LEU B 403 47.87 -54.57 20.31
CA LEU B 403 48.13 -55.97 20.61
C LEU B 403 48.16 -56.24 22.11
N THR B 404 47.31 -55.53 22.84
CA THR B 404 47.16 -55.68 24.29
C THR B 404 45.66 -55.68 24.53
N ALA B 405 45.17 -56.66 25.28
CA ALA B 405 43.75 -56.76 25.52
C ALA B 405 43.38 -57.19 26.92
N TYR B 406 42.22 -56.74 27.38
CA TYR B 406 41.73 -57.15 28.68
C TYR B 406 40.74 -58.26 28.33
N VAL B 407 40.99 -59.44 28.90
CA VAL B 407 40.13 -60.58 28.63
C VAL B 407 39.26 -60.86 29.86
N GLY B 408 37.96 -60.75 29.67
CA GLY B 408 37.04 -61.00 30.75
C GLY B 408 36.06 -62.08 30.34
N PHE B 409 36.36 -63.32 30.72
CA PHE B 409 35.50 -64.45 30.37
C PHE B 409 34.25 -64.48 31.20
N ALA B 410 33.24 -65.16 30.69
CA ALA B 410 31.97 -65.27 31.39
C ALA B 410 32.15 -65.88 32.77
N GLY B 411 31.13 -65.71 33.58
CA GLY B 411 31.15 -66.28 34.92
C GLY B 411 32.10 -65.67 35.90
N ASN B 412 32.33 -66.42 36.97
CA ASN B 412 33.19 -66.01 38.06
C ASN B 412 34.68 -66.21 37.74
N ARG B 413 35.20 -65.34 36.87
CA ARG B 413 36.61 -65.42 36.51
C ARG B 413 37.16 -64.01 36.59
N PRO B 414 38.45 -63.88 36.89
CA PRO B 414 39.03 -62.55 36.98
C PRO B 414 39.39 -62.10 35.56
N ILE B 415 39.63 -60.81 35.37
CA ILE B 415 40.00 -60.32 34.05
C ILE B 415 41.52 -60.29 34.03
N ALA B 416 42.09 -59.97 32.88
CA ALA B 416 43.54 -59.90 32.77
C ALA B 416 43.97 -59.16 31.53
N LYS B 417 45.05 -58.39 31.68
CA LYS B 417 45.62 -57.64 30.57
C LYS B 417 46.59 -58.62 29.92
N VAL B 418 46.38 -58.90 28.64
CA VAL B 418 47.21 -59.87 27.93
C VAL B 418 47.70 -59.34 26.60
N PRO B 419 48.90 -59.77 26.20
CA PRO B 419 49.46 -59.33 24.91
C PRO B 419 49.12 -60.36 23.84
N LEU B 420 48.82 -59.88 22.64
CA LEU B 420 48.49 -60.72 21.49
C LEU B 420 49.75 -60.95 20.68
N GLU B 421 49.96 -62.19 20.26
CA GLU B 421 51.13 -62.54 19.48
C GLU B 421 50.72 -62.52 18.01
N ILE B 422 51.46 -61.81 17.17
CA ILE B 422 51.13 -61.76 15.75
C ILE B 422 51.58 -63.02 15.02
N LYS B 423 50.79 -64.08 15.13
CA LYS B 423 51.09 -65.36 14.48
C LYS B 423 51.03 -65.12 12.97
N GLN B 424 51.95 -65.71 12.22
CA GLN B 424 51.96 -65.52 10.77
C GLN B 424 51.24 -66.69 10.10
N PHE B 425 50.36 -66.38 9.16
CA PHE B 425 49.61 -67.42 8.47
C PHE B 425 49.90 -67.34 6.99
N ALA B 426 50.13 -68.52 6.40
CA ALA B 426 50.42 -68.63 4.98
C ALA B 426 49.15 -68.56 4.16
N ASN B 427 49.24 -67.93 2.98
CA ASN B 427 48.10 -67.81 2.09
C ASN B 427 47.92 -69.12 1.36
N ARG B 428 46.97 -69.91 1.84
CA ARG B 428 46.68 -71.22 1.28
C ARG B 428 45.76 -71.14 0.05
N GLN B 429 45.17 -69.98 -0.20
CA GLN B 429 44.28 -69.81 -1.33
C GLN B 429 44.10 -68.36 -1.73
N PRO B 430 43.72 -68.11 -2.98
CA PRO B 430 43.53 -66.71 -3.39
C PRO B 430 42.27 -66.18 -2.68
N ALA B 431 42.40 -64.99 -2.08
CA ALA B 431 41.30 -64.41 -1.34
C ALA B 431 40.08 -64.12 -2.23
N PHE B 432 40.33 -63.67 -3.46
CA PHE B 432 39.24 -63.33 -4.36
C PHE B 432 39.55 -63.78 -5.78
N VAL B 433 38.61 -64.45 -6.44
CA VAL B 433 38.79 -64.92 -7.82
C VAL B 433 37.75 -64.42 -8.83
N GLU B 434 38.22 -63.67 -9.83
CA GLU B 434 37.41 -63.09 -10.91
C GLU B 434 36.92 -61.68 -10.58
N GLY C 7 55.61 -31.50 37.03
CA GLY C 7 56.32 -30.29 36.52
C GLY C 7 55.95 -30.01 35.07
N GLU C 8 55.02 -30.80 34.56
CA GLU C 8 54.52 -30.70 33.18
C GLU C 8 53.00 -30.72 33.29
N PHE C 9 52.56 -31.19 34.44
CA PHE C 9 51.16 -31.30 34.80
C PHE C 9 50.77 -29.99 35.48
N GLY C 10 49.58 -29.46 35.17
CA GLY C 10 49.14 -28.21 35.74
C GLY C 10 48.67 -28.18 37.19
N GLY C 11 48.24 -29.32 37.72
CA GLY C 11 47.75 -29.35 39.09
C GLY C 11 48.86 -29.50 40.12
N ALA C 12 48.46 -29.57 41.39
CA ALA C 12 49.41 -29.74 42.48
C ALA C 12 50.39 -30.87 42.17
N PRO C 13 51.71 -30.66 42.43
CA PRO C 13 52.64 -31.75 42.13
C PRO C 13 52.37 -33.01 42.96
N PHE C 14 52.67 -34.17 42.39
CA PHE C 14 52.43 -35.42 43.08
C PHE C 14 53.68 -36.24 43.37
N LYS C 15 53.51 -37.25 44.22
CA LYS C 15 54.62 -38.12 44.62
C LYS C 15 54.71 -39.47 43.89
N ARG C 16 53.71 -39.79 43.06
CA ARG C 16 53.71 -41.04 42.32
C ARG C 16 52.52 -41.15 41.37
N PHE C 17 52.80 -41.31 40.08
CA PHE C 17 51.74 -41.46 39.08
C PHE C 17 51.30 -42.92 39.07
N LEU C 18 50.04 -43.18 39.41
CA LEU C 18 49.52 -44.55 39.44
C LEU C 18 49.08 -45.08 38.09
N ARG C 19 48.13 -44.41 37.46
CA ARG C 19 47.62 -44.85 36.16
C ARG C 19 46.90 -43.77 35.40
N GLY C 20 46.55 -44.06 34.15
CA GLY C 20 45.81 -43.10 33.35
C GLY C 20 46.66 -42.43 32.31
N THR C 21 46.30 -41.18 31.99
CA THR C 21 47.01 -40.38 31.00
C THR C 21 48.24 -39.71 31.58
N ARG C 22 49.34 -39.85 30.88
CA ARG C 22 50.58 -39.23 31.28
C ARG C 22 50.72 -37.96 30.47
N ILE C 23 51.33 -36.95 31.09
CA ILE C 23 51.57 -35.69 30.42
C ILE C 23 53.06 -35.42 30.60
N VAL C 24 53.76 -35.21 29.49
CA VAL C 24 55.19 -34.93 29.52
C VAL C 24 55.44 -33.56 28.90
N SER C 25 56.69 -33.11 28.92
CA SER C 25 57.01 -31.83 28.33
C SER C 25 56.97 -31.99 26.81
N GLY C 26 56.83 -30.88 26.10
CA GLY C 26 56.80 -30.97 24.65
C GLY C 26 58.09 -31.56 24.17
N GLY C 27 59.18 -31.22 24.85
CA GLY C 27 60.50 -31.71 24.49
C GLY C 27 60.62 -33.24 24.56
N LYS C 28 60.15 -33.81 25.67
CA LYS C 28 60.20 -35.25 25.88
C LYS C 28 59.28 -36.03 24.97
N LEU C 29 58.14 -35.46 24.60
CA LEU C 29 57.23 -36.16 23.71
C LEU C 29 57.81 -36.19 22.30
N LYS C 30 58.38 -35.07 21.86
CA LYS C 30 58.97 -35.00 20.54
C LYS C 30 60.11 -36.01 20.39
N ARG C 31 60.84 -36.25 21.48
CA ARG C 31 61.93 -37.23 21.46
C ARG C 31 61.37 -38.65 21.50
N MET C 32 60.27 -38.85 22.22
CA MET C 32 59.65 -40.15 22.33
C MET C 32 59.02 -40.58 21.01
N THR C 33 58.38 -39.66 20.29
CA THR C 33 57.73 -40.00 19.04
C THR C 33 58.67 -39.96 17.83
N ARG C 34 59.82 -39.31 18.01
CA ARG C 34 60.82 -39.22 16.95
C ARG C 34 61.24 -40.62 16.51
N GLU C 35 61.30 -40.82 15.21
CA GLU C 35 61.61 -42.11 14.61
C GLU C 35 62.68 -42.00 13.51
N LYS C 36 63.44 -43.09 13.33
CA LYS C 36 64.48 -43.12 12.30
C LYS C 36 63.89 -42.80 10.91
N ALA C 37 62.73 -43.38 10.61
CA ALA C 37 62.08 -43.16 9.32
C ALA C 37 61.63 -41.71 9.17
N LYS C 38 61.60 -41.21 7.94
CA LYS C 38 61.16 -39.83 7.70
C LYS C 38 59.75 -39.66 8.24
N GLN C 39 59.55 -38.62 9.03
CA GLN C 39 58.24 -38.39 9.62
C GLN C 39 57.67 -37.06 9.22
N VAL C 40 56.39 -36.90 9.54
CA VAL C 40 55.62 -35.70 9.29
C VAL C 40 55.43 -35.09 10.67
N THR C 41 55.27 -33.78 10.79
CA THR C 41 55.09 -33.25 12.14
C THR C 41 53.74 -32.58 12.39
N VAL C 42 53.26 -32.78 13.61
CA VAL C 42 52.00 -32.23 14.07
C VAL C 42 52.33 -31.28 15.22
N ALA C 43 52.30 -29.98 14.93
CA ALA C 43 52.63 -28.97 15.93
C ALA C 43 54.06 -29.19 16.42
N GLY C 44 54.96 -29.45 15.47
CA GLY C 44 56.37 -29.66 15.79
C GLY C 44 56.69 -30.98 16.46
N VAL C 45 55.66 -31.81 16.67
CA VAL C 45 55.87 -33.11 17.29
C VAL C 45 55.88 -34.15 16.19
N PRO C 46 56.99 -34.88 16.03
CA PRO C 46 57.00 -35.88 14.96
C PRO C 46 55.92 -36.93 15.21
N MET C 47 55.12 -37.20 14.18
CA MET C 47 54.03 -38.16 14.27
C MET C 47 54.45 -39.61 14.10
N PRO C 48 54.19 -40.45 15.13
CA PRO C 48 54.54 -41.86 15.05
C PRO C 48 54.07 -42.42 13.72
N ARG C 49 54.98 -43.05 12.99
CA ARG C 49 54.63 -43.64 11.71
C ARG C 49 53.34 -44.48 11.76
N ASP C 50 53.18 -45.26 12.83
CA ASP C 50 52.03 -46.14 12.98
C ASP C 50 50.72 -45.42 13.34
N ALA C 51 50.83 -44.14 13.67
CA ALA C 51 49.66 -43.38 14.04
C ALA C 51 49.06 -42.67 12.83
N GLU C 52 49.88 -42.50 11.78
CA GLU C 52 49.45 -41.81 10.57
C GLU C 52 48.15 -42.29 9.91
N PRO C 53 48.04 -43.59 9.61
CA PRO C 53 46.83 -44.13 8.98
C PRO C 53 45.68 -44.34 9.95
N ARG C 54 45.78 -43.78 11.14
CA ARG C 54 44.74 -43.88 12.17
C ARG C 54 44.06 -42.54 12.38
N HIS C 55 44.45 -41.60 11.53
CA HIS C 55 43.88 -40.27 11.46
C HIS C 55 44.05 -39.31 12.61
N LEU C 56 43.91 -38.04 12.28
CA LEU C 56 44.07 -36.97 13.22
C LEU C 56 42.91 -35.99 13.23
N LEU C 57 42.42 -35.72 14.44
CA LEU C 57 41.33 -34.79 14.61
C LEU C 57 41.96 -33.61 15.32
N VAL C 58 41.82 -32.44 14.74
CA VAL C 58 42.39 -31.24 15.31
C VAL C 58 41.24 -30.37 15.77
N ASN C 59 41.06 -30.28 17.08
CA ASN C 59 39.97 -29.49 17.63
C ASN C 59 40.47 -28.17 18.21
N GLY C 60 39.84 -27.08 17.79
CA GLY C 60 40.24 -25.77 18.28
C GLY C 60 39.35 -24.64 17.80
N ALA C 61 39.46 -23.48 18.45
CA ALA C 61 38.68 -22.31 18.08
C ALA C 61 39.23 -21.66 16.79
N THR C 62 38.69 -20.49 16.44
CA THR C 62 39.12 -19.76 15.25
C THR C 62 40.32 -18.86 15.58
N GLY C 63 41.43 -19.07 14.88
CA GLY C 63 42.62 -18.28 15.12
C GLY C 63 43.51 -18.83 16.23
N THR C 64 43.38 -20.11 16.52
CA THR C 64 44.19 -20.73 17.56
C THR C 64 45.40 -21.49 17.04
N GLY C 65 45.50 -21.64 15.72
CA GLY C 65 46.65 -22.32 15.15
C GLY C 65 46.35 -23.41 14.13
N LYS C 66 45.08 -23.68 13.85
CA LYS C 66 44.73 -24.74 12.89
C LYS C 66 45.37 -24.57 11.53
N SER C 67 45.45 -23.32 11.08
CA SER C 67 46.04 -23.04 9.78
C SER C 67 47.54 -23.36 9.82
N VAL C 68 48.20 -22.91 10.88
CA VAL C 68 49.62 -23.17 11.08
C VAL C 68 49.87 -24.69 11.11
N LEU C 69 49.17 -25.39 12.02
CA LEU C 69 49.31 -26.83 12.17
C LEU C 69 49.13 -27.57 10.84
N LEU C 70 48.01 -27.32 10.17
CA LEU C 70 47.72 -27.97 8.89
C LEU C 70 48.70 -27.58 7.79
N ARG C 71 49.37 -26.45 7.97
CA ARG C 71 50.33 -25.94 6.99
C ARG C 71 51.65 -26.70 7.13
N GLU C 72 52.05 -26.93 8.38
CA GLU C 72 53.29 -27.63 8.73
C GLU C 72 53.19 -29.12 8.45
N LEU C 73 51.99 -29.67 8.63
CA LEU C 73 51.74 -31.08 8.40
C LEU C 73 51.78 -31.32 6.89
N ALA C 74 51.07 -30.49 6.12
CA ALA C 74 51.03 -30.60 4.66
C ALA C 74 52.40 -30.37 4.07
N TYR C 75 53.18 -29.50 4.69
CA TYR C 75 54.54 -29.21 4.24
C TYR C 75 55.47 -30.41 4.39
N THR C 76 55.66 -30.84 5.64
CA THR C 76 56.53 -31.97 5.96
C THR C 76 56.08 -33.24 5.24
N GLY C 77 54.81 -33.28 4.86
CA GLY C 77 54.29 -34.44 4.15
C GLY C 77 54.77 -34.39 2.72
N LEU C 78 54.81 -33.18 2.17
CA LEU C 78 55.26 -32.98 0.80
C LEU C 78 56.76 -33.25 0.65
N LEU C 79 57.55 -32.84 1.65
CA LEU C 79 58.98 -33.08 1.62
C LEU C 79 59.28 -34.57 1.63
N ARG C 80 58.30 -35.38 2.00
CA ARG C 80 58.50 -36.82 2.09
C ARG C 80 57.94 -37.54 0.86
N GLY C 81 57.37 -36.78 -0.04
CA GLY C 81 56.84 -37.39 -1.25
C GLY C 81 55.38 -37.73 -1.19
N ASP C 82 54.80 -37.62 -0.01
CA ASP C 82 53.38 -37.92 0.19
C ASP C 82 52.46 -37.19 -0.78
N ARG C 83 51.32 -37.82 -1.10
CA ARG C 83 50.34 -37.21 -1.98
C ARG C 83 49.18 -36.77 -1.09
N MET C 84 48.32 -35.91 -1.61
CA MET C 84 47.19 -35.44 -0.81
C MET C 84 46.08 -34.70 -1.53
N VAL C 85 44.87 -34.91 -1.02
CA VAL C 85 43.68 -34.26 -1.51
C VAL C 85 43.47 -33.26 -0.38
N ILE C 86 43.34 -31.99 -0.74
CA ILE C 86 43.16 -30.97 0.29
C ILE C 86 41.92 -30.11 0.08
N VAL C 87 41.01 -30.15 1.06
CA VAL C 87 39.82 -29.32 1.01
C VAL C 87 40.37 -27.98 1.43
N ASP C 88 40.59 -27.13 0.43
CA ASP C 88 41.25 -25.86 0.61
C ASP C 88 40.48 -24.55 0.48
N PRO C 89 39.96 -24.04 1.60
CA PRO C 89 39.19 -22.77 1.62
C PRO C 89 40.07 -21.62 1.13
N ASN C 90 39.55 -20.88 0.15
CA ASN C 90 40.24 -19.73 -0.43
C ASN C 90 41.56 -20.07 -1.12
N GLY C 91 41.68 -21.31 -1.59
CA GLY C 91 42.92 -21.72 -2.23
C GLY C 91 44.15 -21.27 -1.48
N ASP C 92 44.11 -21.27 -0.15
CA ASP C 92 45.27 -20.87 0.63
C ASP C 92 46.41 -21.89 0.52
N MET C 93 46.06 -23.17 0.59
CA MET C 93 47.05 -24.25 0.51
C MET C 93 47.62 -24.34 -0.90
N LEU C 94 46.75 -24.16 -1.87
CA LEU C 94 47.12 -24.20 -3.28
C LEU C 94 48.20 -23.18 -3.61
N SER C 95 47.98 -21.94 -3.16
CA SER C 95 48.91 -20.85 -3.42
C SER C 95 50.28 -21.06 -2.76
N LYS C 96 50.32 -21.73 -1.62
CA LYS C 96 51.58 -21.95 -0.89
C LYS C 96 52.36 -23.18 -1.35
N PHE C 97 51.65 -24.25 -1.70
CA PHE C 97 52.24 -25.53 -2.08
C PHE C 97 51.91 -26.06 -3.47
N GLY C 98 51.11 -25.33 -4.22
CA GLY C 98 50.76 -25.81 -5.55
C GLY C 98 51.91 -25.97 -6.52
N ARG C 99 51.86 -27.03 -7.32
CA ARG C 99 52.89 -27.29 -8.34
C ARG C 99 52.18 -27.51 -9.67
N ASP C 100 52.93 -27.34 -10.75
CA ASP C 100 52.39 -27.46 -12.10
C ASP C 100 51.66 -28.77 -12.40
N LYS C 101 52.14 -29.87 -11.84
CA LYS C 101 51.51 -31.16 -12.07
C LYS C 101 50.28 -31.34 -11.20
N ASP C 102 50.14 -30.52 -10.17
CA ASP C 102 49.01 -30.63 -9.27
C ASP C 102 47.64 -30.30 -9.89
N ILE C 103 46.61 -30.99 -9.41
CA ILE C 103 45.22 -30.85 -9.87
C ILE C 103 44.43 -29.82 -9.08
N ILE C 104 43.39 -29.27 -9.71
CA ILE C 104 42.50 -28.30 -9.06
C ILE C 104 41.04 -28.57 -9.43
N LEU C 105 40.19 -28.66 -8.42
CA LEU C 105 38.77 -28.87 -8.66
C LEU C 105 38.03 -27.67 -8.08
N ASN C 106 37.50 -26.84 -8.97
CA ASN C 106 36.76 -25.63 -8.59
C ASN C 106 35.95 -25.22 -9.81
N PRO C 107 34.61 -25.28 -9.72
CA PRO C 107 33.86 -24.89 -10.91
C PRO C 107 34.13 -23.47 -11.42
N TYR C 108 34.67 -22.62 -10.55
CA TYR C 108 34.94 -21.22 -10.92
C TYR C 108 36.41 -20.80 -11.07
N ASP C 109 37.30 -21.76 -11.21
CA ASP C 109 38.70 -21.42 -11.38
C ASP C 109 39.05 -21.83 -12.79
N GLN C 110 39.86 -21.01 -13.47
CA GLN C 110 40.23 -21.30 -14.86
C GLN C 110 41.14 -22.54 -14.99
N ARG C 111 41.82 -22.88 -13.90
CA ARG C 111 42.74 -24.02 -13.91
C ARG C 111 42.10 -25.39 -13.65
N THR C 112 40.85 -25.40 -13.23
CA THR C 112 40.11 -26.63 -12.92
C THR C 112 40.24 -27.73 -13.95
N LYS C 113 39.86 -28.94 -13.56
CA LYS C 113 39.86 -30.09 -14.42
C LYS C 113 38.42 -30.27 -14.82
N GLY C 114 38.16 -31.04 -15.88
CA GLY C 114 36.79 -31.27 -16.32
C GLY C 114 36.30 -32.48 -15.55
N TRP C 115 35.04 -32.44 -15.09
CA TRP C 115 34.54 -33.56 -14.29
C TRP C 115 33.02 -33.68 -14.20
N SER C 116 32.55 -34.91 -13.99
CA SER C 116 31.14 -35.23 -13.79
C SER C 116 31.24 -36.59 -13.11
N PHE C 117 30.32 -36.92 -12.21
CA PHE C 117 30.43 -38.19 -11.52
C PHE C 117 30.41 -39.38 -12.47
N PHE C 118 30.05 -39.14 -13.71
CA PHE C 118 30.02 -40.20 -14.71
C PHE C 118 31.41 -40.80 -14.87
N ASN C 119 32.43 -39.95 -14.74
CA ASN C 119 33.84 -40.34 -14.89
C ASN C 119 34.33 -41.37 -13.90
N GLU C 120 33.56 -41.58 -12.83
CA GLU C 120 33.95 -42.53 -11.79
C GLU C 120 33.27 -43.88 -11.95
N ILE C 121 32.30 -43.98 -12.83
CA ILE C 121 31.57 -45.23 -13.07
C ILE C 121 32.34 -46.23 -13.96
N ARG C 122 32.72 -47.37 -13.39
CA ARG C 122 33.45 -48.40 -14.11
C ARG C 122 32.69 -49.71 -14.08
N ASN C 123 31.90 -49.90 -13.02
CA ASN C 123 31.11 -51.11 -12.86
C ASN C 123 29.69 -50.74 -12.45
N ASP C 124 28.74 -51.63 -12.69
CA ASP C 124 27.36 -51.32 -12.36
C ASP C 124 27.11 -51.01 -10.88
N TYR C 125 27.96 -51.51 -9.99
CA TYR C 125 27.75 -51.26 -8.56
C TYR C 125 28.20 -49.88 -8.13
N ASP C 126 28.85 -49.16 -9.05
CA ASP C 126 29.33 -47.82 -8.80
C ASP C 126 28.21 -46.78 -8.88
N TRP C 127 27.19 -47.02 -9.70
CA TRP C 127 26.10 -46.07 -9.82
C TRP C 127 25.54 -45.76 -8.42
N GLN C 128 25.23 -46.78 -7.63
CA GLN C 128 24.70 -46.50 -6.29
C GLN C 128 25.81 -45.97 -5.40
N ARG C 129 27.00 -46.49 -5.64
CA ARG C 129 28.18 -46.12 -4.89
C ARG C 129 28.45 -44.62 -5.00
N TYR C 130 28.29 -44.06 -6.20
CA TYR C 130 28.54 -42.64 -6.37
C TYR C 130 27.31 -41.73 -6.30
N ALA C 131 26.12 -42.34 -6.19
CA ALA C 131 24.89 -41.56 -6.04
C ALA C 131 24.90 -41.18 -4.54
N LEU C 132 25.60 -41.99 -3.76
CA LEU C 132 25.77 -41.77 -2.32
C LEU C 132 26.64 -40.54 -2.13
N SER C 133 27.63 -40.39 -3.00
CA SER C 133 28.55 -39.27 -2.95
C SER C 133 27.87 -37.99 -3.44
N VAL C 134 27.16 -38.11 -4.56
CA VAL C 134 26.45 -36.97 -5.13
C VAL C 134 25.32 -36.52 -4.20
N VAL C 135 24.54 -37.47 -3.66
CA VAL C 135 23.46 -37.12 -2.73
C VAL C 135 23.85 -37.52 -1.30
N PRO C 136 24.54 -36.63 -0.57
CA PRO C 136 24.94 -37.00 0.80
C PRO C 136 23.75 -37.39 1.68
N ARG C 137 24.02 -38.11 2.76
CA ARG C 137 22.97 -38.55 3.68
C ARG C 137 22.12 -37.39 4.20
N GLY C 138 20.84 -37.65 4.43
CA GLY C 138 19.96 -36.63 4.98
C GLY C 138 20.17 -36.43 6.48
N LYS C 139 19.94 -35.20 6.96
CA LYS C 139 20.12 -34.84 8.37
C LYS C 139 19.22 -35.66 9.29
N THR C 140 17.98 -35.84 8.86
CA THR C 140 16.96 -36.58 9.61
C THR C 140 16.61 -37.87 8.85
N ASP C 141 15.95 -38.82 9.52
CA ASP C 141 15.58 -40.08 8.87
C ASP C 141 14.66 -39.87 7.68
N GLU C 142 13.80 -38.86 7.78
CA GLU C 142 12.88 -38.55 6.69
C GLU C 142 13.62 -37.91 5.51
N ALA C 143 14.59 -37.05 5.82
CA ALA C 143 15.37 -36.41 4.78
C ALA C 143 16.22 -37.46 4.05
N GLU C 144 16.54 -38.54 4.77
CA GLU C 144 17.33 -39.61 4.19
C GLU C 144 16.41 -40.49 3.36
N GLU C 145 15.12 -40.41 3.63
CA GLU C 145 14.14 -41.15 2.86
C GLU C 145 14.12 -40.48 1.48
N TRP C 146 13.90 -39.17 1.48
CA TRP C 146 13.89 -38.39 0.24
C TRP C 146 15.22 -38.50 -0.47
N ALA C 147 16.31 -38.47 0.27
CA ALA C 147 17.62 -38.59 -0.35
C ALA C 147 17.64 -39.93 -1.09
N SER C 148 17.05 -40.97 -0.49
CA SER C 148 17.00 -42.29 -1.10
C SER C 148 16.28 -42.30 -2.44
N TYR C 149 15.13 -41.64 -2.49
CA TYR C 149 14.36 -41.55 -3.71
C TYR C 149 15.20 -40.81 -4.76
N GLY C 150 15.75 -39.67 -4.35
CA GLY C 150 16.58 -38.88 -5.23
C GLY C 150 17.78 -39.66 -5.76
N ARG C 151 18.20 -40.71 -5.06
CA ARG C 151 19.36 -41.49 -5.51
C ARG C 151 18.92 -42.58 -6.46
N LEU C 152 17.68 -43.03 -6.31
CA LEU C 152 17.13 -44.04 -7.19
C LEU C 152 16.90 -43.35 -8.52
N LEU C 153 16.29 -42.17 -8.46
CA LEU C 153 16.02 -41.36 -9.63
C LEU C 153 17.30 -40.98 -10.36
N LEU C 154 18.30 -40.54 -9.62
CA LEU C 154 19.59 -40.14 -10.19
C LEU C 154 20.26 -41.27 -10.94
N ARG C 155 20.50 -42.38 -10.25
CA ARG C 155 21.21 -43.47 -10.88
C ARG C 155 20.49 -44.10 -12.06
N GLU C 156 19.17 -44.20 -11.99
CA GLU C 156 18.44 -44.77 -13.10
C GLU C 156 18.37 -43.87 -14.34
N THR C 157 18.32 -42.56 -14.10
CA THR C 157 18.26 -41.57 -15.18
C THR C 157 19.66 -41.40 -15.77
N ALA C 158 20.68 -41.57 -14.94
CA ALA C 158 22.05 -41.43 -15.41
C ALA C 158 22.48 -42.69 -16.14
N LYS C 159 22.01 -43.84 -15.70
CA LYS C 159 22.36 -45.11 -16.35
C LYS C 159 21.77 -45.13 -17.76
N LYS C 160 20.55 -44.63 -17.89
CA LYS C 160 19.89 -44.59 -19.18
C LYS C 160 20.56 -43.59 -20.11
N LEU C 161 20.85 -42.39 -19.59
CA LEU C 161 21.52 -41.34 -20.38
C LEU C 161 22.84 -41.84 -20.95
N ALA C 162 23.60 -42.56 -20.13
CA ALA C 162 24.88 -43.09 -20.58
C ALA C 162 24.63 -44.18 -21.63
N LEU C 163 23.53 -44.92 -21.48
CA LEU C 163 23.21 -45.96 -22.46
C LEU C 163 22.89 -45.29 -23.79
N ILE C 164 21.96 -44.37 -23.77
CA ILE C 164 21.57 -43.68 -24.98
C ILE C 164 22.69 -42.74 -25.45
N GLY C 165 23.90 -43.03 -25.01
CA GLY C 165 25.07 -42.24 -25.40
C GLY C 165 25.16 -40.78 -25.00
N THR C 166 24.27 -40.30 -24.14
CA THR C 166 24.30 -38.88 -23.71
C THR C 166 24.53 -38.72 -22.20
N PRO C 167 25.72 -39.12 -21.71
CA PRO C 167 26.06 -39.02 -20.29
C PRO C 167 26.30 -37.57 -19.86
N SER C 168 25.28 -36.74 -20.02
CA SER C 168 25.37 -35.32 -19.70
C SER C 168 24.73 -34.90 -18.37
N MET C 169 25.41 -34.03 -17.63
CA MET C 169 24.88 -33.52 -16.36
C MET C 169 23.80 -32.50 -16.65
N ARG C 170 23.87 -31.90 -17.84
CA ARG C 170 22.89 -30.92 -18.26
C ARG C 170 21.61 -31.70 -18.58
N GLU C 171 21.78 -32.77 -19.34
CA GLU C 171 20.66 -33.63 -19.70
C GLU C 171 20.07 -34.22 -18.42
N LEU C 172 20.93 -34.82 -17.61
CA LEU C 172 20.50 -35.41 -16.34
C LEU C 172 19.72 -34.39 -15.51
N PHE C 173 20.30 -33.22 -15.32
CA PHE C 173 19.65 -32.18 -14.56
C PHE C 173 18.33 -31.79 -15.22
N HIS C 174 18.31 -31.75 -16.54
CA HIS C 174 17.08 -31.37 -17.20
C HIS C 174 16.02 -32.40 -16.93
N TRP C 175 16.35 -33.66 -17.16
CA TRP C 175 15.38 -34.72 -16.95
C TRP C 175 14.83 -34.87 -15.56
N THR C 176 15.72 -34.77 -14.58
CA THR C 176 15.34 -34.93 -13.17
C THR C 176 14.76 -33.69 -12.48
N THR C 177 14.94 -32.52 -13.09
CA THR C 177 14.48 -31.27 -12.50
C THR C 177 13.56 -30.39 -13.36
N ILE C 178 13.82 -30.39 -14.67
CA ILE C 178 13.06 -29.56 -15.59
C ILE C 178 11.95 -30.25 -16.36
N ALA C 179 12.25 -31.35 -17.05
CA ALA C 179 11.24 -32.07 -17.83
C ALA C 179 9.98 -32.24 -17.00
N THR C 180 8.83 -32.27 -17.65
CA THR C 180 7.58 -32.42 -16.90
C THR C 180 7.53 -33.78 -16.18
N PHE C 181 6.56 -33.91 -15.28
CA PHE C 181 6.38 -35.14 -14.52
C PHE C 181 6.20 -36.33 -15.44
N ASP C 182 5.15 -36.29 -16.26
CA ASP C 182 4.85 -37.36 -17.19
C ASP C 182 6.02 -37.64 -18.10
N ASP C 183 6.65 -36.59 -18.63
CA ASP C 183 7.79 -36.79 -19.50
C ASP C 183 8.91 -37.56 -18.82
N LEU C 184 9.14 -37.25 -17.54
CA LEU C 184 10.16 -37.93 -16.77
C LEU C 184 9.76 -39.39 -16.69
N ARG C 185 8.59 -39.62 -16.13
CA ARG C 185 8.03 -40.96 -16.00
C ARG C 185 8.31 -41.76 -17.27
N GLY C 186 7.89 -41.21 -18.41
CA GLY C 186 8.10 -41.86 -19.69
C GLY C 186 9.56 -42.13 -20.01
N PHE C 187 10.45 -41.21 -19.62
CA PHE C 187 11.86 -41.41 -19.87
C PHE C 187 12.37 -42.55 -18.98
N LEU C 188 11.62 -42.82 -17.91
CA LEU C 188 11.98 -43.87 -16.94
C LEU C 188 11.52 -45.29 -17.28
N GLU C 189 10.77 -45.43 -18.37
CA GLU C 189 10.32 -46.76 -18.78
C GLU C 189 11.57 -47.49 -19.27
N GLY C 190 11.67 -48.77 -18.94
CA GLY C 190 12.83 -49.53 -19.36
C GLY C 190 14.00 -49.43 -18.39
N THR C 191 13.79 -48.72 -17.28
CA THR C 191 14.82 -48.56 -16.24
C THR C 191 14.24 -49.17 -14.98
N LEU C 192 15.09 -49.42 -13.99
CA LEU C 192 14.63 -50.02 -12.73
C LEU C 192 13.70 -49.10 -11.96
N ALA C 193 13.66 -47.83 -12.36
CA ALA C 193 12.82 -46.85 -11.69
C ALA C 193 11.41 -46.80 -12.28
N GLU C 194 11.25 -47.40 -13.45
CA GLU C 194 9.97 -47.42 -14.18
C GLU C 194 8.64 -47.48 -13.41
N SER C 195 8.45 -48.52 -12.60
CA SER C 195 7.19 -48.64 -11.88
C SER C 195 7.25 -48.22 -10.43
N LEU C 196 8.44 -47.96 -9.90
CA LEU C 196 8.55 -47.56 -8.49
C LEU C 196 7.99 -46.16 -8.25
N PHE C 197 8.16 -45.29 -9.25
CA PHE C 197 7.72 -43.90 -9.20
C PHE C 197 6.37 -43.65 -9.85
N ALA C 198 5.61 -44.71 -10.08
CA ALA C 198 4.30 -44.57 -10.71
C ALA C 198 3.34 -45.60 -10.17
N GLY C 199 2.04 -45.30 -10.23
CA GLY C 199 1.05 -46.24 -9.75
C GLY C 199 0.22 -45.84 -8.57
N SER C 200 0.66 -44.83 -7.82
CA SER C 200 -0.09 -44.38 -6.67
C SER C 200 0.28 -42.95 -6.32
N ASN C 201 -0.31 -42.42 -5.27
CA ASN C 201 -0.02 -41.07 -4.83
C ASN C 201 1.29 -41.08 -4.07
N GLU C 202 1.62 -42.23 -3.47
CA GLU C 202 2.86 -42.37 -2.70
C GLU C 202 4.06 -42.42 -3.66
N ALA C 203 3.85 -43.06 -4.80
CA ALA C 203 4.89 -43.14 -5.81
C ALA C 203 5.17 -41.74 -6.34
N SER C 204 4.12 -40.96 -6.59
CA SER C 204 4.27 -39.61 -7.10
C SER C 204 4.95 -38.71 -6.09
N LYS C 205 4.50 -38.80 -4.84
CA LYS C 205 5.04 -38.03 -3.74
C LYS C 205 6.53 -38.33 -3.61
N ALA C 206 6.87 -39.61 -3.78
CA ALA C 206 8.25 -40.05 -3.69
C ALA C 206 9.07 -39.47 -4.83
N LEU C 207 8.56 -39.55 -6.05
CA LEU C 207 9.28 -39.03 -7.21
C LEU C 207 9.46 -37.52 -7.08
N THR C 208 8.44 -36.86 -6.52
CA THR C 208 8.47 -35.41 -6.31
C THR C 208 9.56 -35.01 -5.33
N SER C 209 9.81 -35.88 -4.35
CA SER C 209 10.83 -35.65 -3.35
C SER C 209 12.19 -35.82 -3.98
N ALA C 210 12.31 -36.86 -4.80
CA ALA C 210 13.54 -37.17 -5.52
C ALA C 210 13.93 -35.96 -6.36
N ARG C 211 12.93 -35.35 -6.99
CA ARG C 211 13.13 -34.19 -7.84
C ARG C 211 13.70 -33.02 -7.04
N PHE C 212 13.06 -32.76 -5.90
CA PHE C 212 13.49 -31.67 -5.03
C PHE C 212 14.92 -31.86 -4.54
N VAL C 213 15.24 -33.07 -4.12
CA VAL C 213 16.60 -33.35 -3.63
C VAL C 213 17.63 -33.03 -4.70
N LEU C 214 17.42 -33.62 -5.87
CA LEU C 214 18.29 -33.44 -7.01
C LEU C 214 18.38 -31.98 -7.40
N SER C 215 17.25 -31.26 -7.30
CA SER C 215 17.25 -29.84 -7.64
C SER C 215 18.18 -29.08 -6.70
N ASP C 216 18.45 -29.64 -5.52
CA ASP C 216 19.32 -29.02 -4.54
C ASP C 216 20.77 -29.41 -4.66
N LYS C 217 21.02 -30.66 -5.04
CA LYS C 217 22.38 -31.16 -5.16
C LYS C 217 23.08 -30.96 -6.50
N LEU C 218 22.32 -31.06 -7.57
CA LEU C 218 22.88 -30.96 -8.91
C LEU C 218 23.26 -29.63 -9.55
N PRO C 219 22.61 -28.51 -9.17
CA PRO C 219 22.97 -27.22 -9.79
C PRO C 219 24.46 -26.98 -10.03
N GLU C 220 25.28 -27.13 -9.00
CA GLU C 220 26.70 -26.89 -9.19
C GLU C 220 27.46 -27.96 -9.97
N HIS C 221 26.86 -29.14 -10.14
CA HIS C 221 27.53 -30.19 -10.90
C HIS C 221 27.42 -29.83 -12.39
N VAL C 222 26.28 -29.25 -12.74
CA VAL C 222 26.01 -28.82 -14.10
C VAL C 222 26.94 -27.67 -14.46
N THR C 223 27.02 -26.66 -13.59
CA THR C 223 27.88 -25.51 -13.86
C THR C 223 29.35 -25.90 -13.89
N MET C 224 29.68 -27.02 -13.27
CA MET C 224 31.08 -27.47 -13.26
C MET C 224 31.52 -27.74 -14.68
N PRO C 225 32.76 -27.31 -15.02
CA PRO C 225 33.33 -27.51 -16.33
C PRO C 225 33.46 -29.01 -16.58
N ASP C 226 32.73 -29.52 -17.56
CA ASP C 226 32.76 -30.94 -17.88
C ASP C 226 34.09 -31.43 -18.48
N GLY C 227 34.37 -32.71 -18.29
CA GLY C 227 35.60 -33.28 -18.79
C GLY C 227 35.76 -34.76 -18.53
N ASP C 228 37.00 -35.22 -18.61
CA ASP C 228 37.34 -36.63 -18.42
C ASP C 228 38.19 -36.90 -17.17
N PHE C 229 38.39 -35.90 -16.31
CA PHE C 229 39.18 -36.15 -15.11
C PHE C 229 38.43 -37.13 -14.23
N SER C 230 39.14 -38.15 -13.78
CA SER C 230 38.55 -39.17 -12.93
C SER C 230 39.38 -39.19 -11.66
N ILE C 231 38.72 -39.04 -10.54
CA ILE C 231 39.42 -39.04 -9.26
C ILE C 231 39.97 -40.44 -8.99
N ARG C 232 39.26 -41.46 -9.47
CA ARG C 232 39.70 -42.85 -9.30
C ARG C 232 41.01 -43.05 -10.04
N SER C 233 41.05 -42.66 -11.32
CA SER C 233 42.26 -42.80 -12.13
C SER C 233 43.41 -41.99 -11.54
N TRP C 234 43.09 -40.81 -11.03
CA TRP C 234 44.09 -39.95 -10.42
C TRP C 234 44.71 -40.67 -9.22
N LEU C 235 43.87 -41.32 -8.44
CA LEU C 235 44.34 -42.04 -7.26
C LEU C 235 45.31 -43.15 -7.66
N GLU C 236 45.04 -43.77 -8.80
CA GLU C 236 45.85 -44.87 -9.31
C GLU C 236 47.13 -44.46 -10.01
N ASP C 237 47.21 -43.20 -10.41
CA ASP C 237 48.40 -42.70 -11.09
C ASP C 237 49.40 -42.17 -10.07
N PRO C 238 50.50 -42.89 -9.87
CA PRO C 238 51.53 -42.49 -8.91
C PRO C 238 52.07 -41.07 -9.17
N ASN C 239 52.11 -40.69 -10.44
CA ASN C 239 52.60 -39.37 -10.80
C ASN C 239 51.50 -38.36 -11.03
N GLY C 240 50.34 -38.60 -10.44
CA GLY C 240 49.21 -37.68 -10.58
C GLY C 240 49.32 -36.35 -9.84
N GLY C 241 50.16 -36.32 -8.81
CA GLY C 241 50.34 -35.10 -8.04
C GLY C 241 49.38 -34.99 -6.86
N ASN C 242 49.02 -33.75 -6.53
CA ASN C 242 48.12 -33.52 -5.42
C ASN C 242 46.86 -32.81 -5.90
N LEU C 243 45.75 -33.06 -5.21
CA LEU C 243 44.48 -32.44 -5.58
C LEU C 243 44.07 -31.35 -4.58
N PHE C 244 43.71 -30.20 -5.12
CA PHE C 244 43.28 -29.08 -4.30
C PHE C 244 41.86 -28.72 -4.70
N ILE C 245 40.93 -28.96 -3.77
CA ILE C 245 39.54 -28.64 -3.98
C ILE C 245 39.43 -27.29 -3.30
N THR C 246 39.41 -26.23 -4.10
CA THR C 246 39.35 -24.88 -3.55
C THR C 246 38.03 -24.20 -3.86
N TRP C 247 37.79 -23.09 -3.18
CA TRP C 247 36.59 -22.29 -3.39
C TRP C 247 36.61 -21.01 -2.55
N ARG C 248 35.91 -19.99 -3.01
CA ARG C 248 35.85 -18.73 -2.29
C ARG C 248 34.89 -18.89 -1.12
N GLU C 249 35.26 -18.35 0.04
CA GLU C 249 34.43 -18.46 1.23
C GLU C 249 33.02 -17.91 1.10
N ASP C 250 32.81 -16.91 0.26
CA ASP C 250 31.48 -16.35 0.11
C ASP C 250 30.57 -17.32 -0.65
N MET C 251 31.14 -18.43 -1.09
CA MET C 251 30.38 -19.44 -1.84
C MET C 251 30.29 -20.81 -1.14
N GLY C 252 30.62 -20.84 0.14
CA GLY C 252 30.56 -22.10 0.87
C GLY C 252 29.23 -22.83 0.82
N PRO C 253 28.10 -22.13 1.02
CA PRO C 253 26.82 -22.84 0.97
C PRO C 253 26.48 -23.38 -0.42
N ALA C 254 26.69 -22.57 -1.45
CA ALA C 254 26.42 -22.99 -2.82
C ALA C 254 27.22 -24.22 -3.23
N LEU C 255 28.49 -24.28 -2.82
CA LEU C 255 29.37 -25.39 -3.17
C LEU C 255 29.43 -26.57 -2.20
N ARG C 256 28.79 -26.45 -1.04
CA ARG C 256 28.82 -27.52 -0.04
C ARG C 256 28.49 -28.89 -0.65
N PRO C 257 27.46 -29.00 -1.52
CA PRO C 257 27.09 -30.27 -2.15
C PRO C 257 28.17 -30.89 -3.00
N LEU C 258 28.75 -30.09 -3.91
CA LEU C 258 29.82 -30.55 -4.80
C LEU C 258 31.08 -30.94 -4.04
N ILE C 259 31.58 -30.03 -3.22
CA ILE C 259 32.77 -30.31 -2.43
C ILE C 259 32.58 -31.56 -1.58
N SER C 260 31.38 -31.73 -1.05
CA SER C 260 31.08 -32.89 -0.23
C SER C 260 31.14 -34.12 -1.10
N ALA C 261 30.70 -33.98 -2.35
CA ALA C 261 30.68 -35.11 -3.28
C ALA C 261 32.09 -35.54 -3.59
N TRP C 262 32.98 -34.57 -3.80
CA TRP C 262 34.36 -34.90 -4.12
C TRP C 262 35.03 -35.59 -2.95
N VAL C 263 34.79 -35.09 -1.75
CA VAL C 263 35.41 -35.70 -0.57
C VAL C 263 34.89 -37.12 -0.40
N ASP C 264 33.62 -37.34 -0.70
CA ASP C 264 33.07 -38.66 -0.57
C ASP C 264 33.61 -39.56 -1.66
N VAL C 265 33.77 -39.03 -2.87
CA VAL C 265 34.32 -39.82 -3.99
C VAL C 265 35.71 -40.34 -3.60
N VAL C 266 36.49 -39.50 -2.92
CA VAL C 266 37.82 -39.90 -2.49
C VAL C 266 37.69 -41.01 -1.46
N CYS C 267 36.75 -40.83 -0.55
CA CYS C 267 36.51 -41.81 0.51
C CYS C 267 36.15 -43.22 0.03
N THR C 268 35.30 -43.35 -0.99
CA THR C 268 34.94 -44.70 -1.44
C THR C 268 36.01 -45.25 -2.34
N SER C 269 36.48 -44.38 -3.23
CA SER C 269 37.48 -44.74 -4.23
C SER C 269 38.77 -45.34 -3.73
N ILE C 270 39.27 -44.93 -2.57
CA ILE C 270 40.52 -45.53 -2.10
C ILE C 270 40.28 -46.96 -1.62
N LEU C 271 39.02 -47.34 -1.49
CA LEU C 271 38.68 -48.69 -1.05
C LEU C 271 38.78 -49.65 -2.23
N SER C 272 38.93 -49.09 -3.43
CA SER C 272 39.02 -49.88 -4.66
C SER C 272 40.44 -49.99 -5.20
N LEU C 273 41.36 -49.27 -4.56
CA LEU C 273 42.76 -49.27 -4.95
C LEU C 273 43.50 -50.53 -4.57
N PRO C 274 44.26 -51.09 -5.51
CA PRO C 274 45.04 -52.30 -5.25
C PRO C 274 46.06 -52.02 -4.15
N GLU C 275 46.06 -52.85 -3.12
CA GLU C 275 46.97 -52.69 -1.99
C GLU C 275 48.37 -52.26 -2.46
N GLU C 276 48.91 -51.25 -1.79
CA GLU C 276 50.22 -50.74 -2.14
C GLU C 276 50.85 -50.16 -0.89
N PRO C 277 51.61 -50.98 -0.15
CA PRO C 277 52.29 -50.59 1.09
C PRO C 277 53.15 -49.33 0.98
N LYS C 278 53.54 -48.98 -0.25
CA LYS C 278 54.38 -47.80 -0.49
C LYS C 278 53.58 -46.50 -0.57
N ARG C 279 52.32 -46.61 -1.00
CA ARG C 279 51.44 -45.46 -1.14
C ARG C 279 51.03 -44.82 0.18
N ARG C 280 50.95 -43.49 0.18
CA ARG C 280 50.55 -42.71 1.35
C ARG C 280 49.71 -41.55 0.85
N LEU C 281 48.41 -41.56 1.13
CA LEU C 281 47.51 -40.51 0.68
C LEU C 281 46.88 -39.73 1.84
N TRP C 282 46.99 -38.42 1.83
CA TRP C 282 46.39 -37.60 2.88
C TRP C 282 45.13 -36.93 2.39
N LEU C 283 44.13 -36.90 3.24
CA LEU C 283 42.86 -36.26 2.92
C LEU C 283 42.74 -35.16 3.96
N PHE C 284 42.91 -33.92 3.55
CA PHE C 284 42.80 -32.78 4.47
C PHE C 284 41.39 -32.22 4.36
N ILE C 285 40.56 -32.54 5.35
CA ILE C 285 39.18 -32.06 5.37
C ILE C 285 39.19 -30.87 6.29
N ASP C 286 39.47 -29.70 5.75
CA ASP C 286 39.52 -28.50 6.56
C ASP C 286 38.63 -28.58 7.80
N GLU C 287 37.34 -28.28 7.64
CA GLU C 287 36.38 -28.34 8.72
C GLU C 287 35.38 -29.44 8.43
N LEU C 288 35.54 -30.54 9.13
CA LEU C 288 34.68 -31.68 8.93
C LEU C 288 33.19 -31.37 9.00
N ALA C 289 32.79 -30.53 9.94
CA ALA C 289 31.38 -30.20 10.10
C ALA C 289 30.83 -29.23 9.06
N SER C 290 31.69 -28.68 8.21
CA SER C 290 31.27 -27.74 7.18
C SER C 290 30.83 -28.44 5.91
N LEU C 291 31.02 -29.75 5.87
CA LEU C 291 30.62 -30.53 4.71
C LEU C 291 29.25 -31.13 5.03
N GLU C 292 28.68 -31.85 4.08
CA GLU C 292 27.39 -32.44 4.34
C GLU C 292 27.69 -33.75 5.05
N LYS C 293 26.65 -34.50 5.38
CA LYS C 293 26.83 -35.78 6.06
C LYS C 293 27.39 -36.77 5.05
N LEU C 294 28.67 -37.12 5.20
CA LEU C 294 29.29 -38.02 4.24
C LEU C 294 28.95 -39.50 4.47
N ALA C 295 28.45 -40.12 3.42
CA ALA C 295 28.06 -41.52 3.43
C ALA C 295 29.25 -42.48 3.51
N SER C 296 30.36 -42.11 2.87
CA SER C 296 31.56 -42.95 2.83
C SER C 296 32.71 -42.63 3.77
N LEU C 297 32.69 -41.44 4.38
CA LEU C 297 33.76 -41.03 5.30
C LEU C 297 34.08 -42.09 6.36
N ALA C 298 33.05 -42.53 7.10
CA ALA C 298 33.25 -43.51 8.15
C ALA C 298 34.01 -44.77 7.75
N ASP C 299 33.66 -45.35 6.60
CA ASP C 299 34.34 -46.56 6.11
C ASP C 299 35.78 -46.27 5.68
N ALA C 300 36.01 -45.05 5.21
CA ALA C 300 37.34 -44.64 4.78
C ALA C 300 38.25 -44.62 6.00
N LEU C 301 37.72 -44.13 7.12
CA LEU C 301 38.47 -44.01 8.36
C LEU C 301 38.74 -45.35 8.99
N THR C 302 37.91 -46.31 8.65
CA THR C 302 38.00 -47.64 9.23
C THR C 302 38.63 -48.71 8.35
N LYS C 303 38.60 -48.51 7.04
CA LYS C 303 39.14 -49.49 6.12
C LYS C 303 40.17 -48.96 5.14
N GLY C 304 40.66 -47.74 5.36
CA GLY C 304 41.61 -47.17 4.41
C GLY C 304 43.08 -47.34 4.75
N ARG C 305 43.38 -48.34 5.58
CA ARG C 305 44.77 -48.59 5.98
C ARG C 305 45.56 -49.20 4.85
N LYS C 306 44.99 -50.24 4.25
CA LYS C 306 45.63 -50.96 3.13
C LYS C 306 45.95 -50.03 1.97
N ALA C 307 45.07 -49.05 1.76
CA ALA C 307 45.21 -48.06 0.69
C ALA C 307 46.22 -46.97 1.06
N GLY C 308 46.46 -46.77 2.36
CA GLY C 308 47.41 -45.76 2.79
C GLY C 308 46.76 -44.40 3.02
N LEU C 309 45.45 -44.41 3.31
CA LEU C 309 44.68 -43.19 3.55
C LEU C 309 44.94 -42.59 4.94
N ARG C 310 45.20 -41.29 4.99
CA ARG C 310 45.44 -40.63 6.26
C ARG C 310 44.54 -39.43 6.28
N VAL C 311 43.58 -39.40 7.21
CA VAL C 311 42.67 -38.26 7.26
C VAL C 311 42.97 -37.28 8.38
N VAL C 312 43.00 -35.99 8.02
CA VAL C 312 43.23 -34.92 8.97
C VAL C 312 41.99 -34.09 8.84
N ALA C 313 41.24 -33.97 9.94
CA ALA C 313 40.02 -33.20 9.97
C ALA C 313 40.01 -32.22 11.12
N GLY C 314 39.35 -31.08 10.90
CA GLY C 314 39.26 -30.07 11.95
C GLY C 314 37.85 -29.94 12.48
N LEU C 315 37.73 -29.64 13.77
CA LEU C 315 36.44 -29.49 14.43
C LEU C 315 36.53 -28.31 15.41
N GLN C 316 35.39 -27.82 15.85
CA GLN C 316 35.41 -26.70 16.81
C GLN C 316 34.54 -27.05 18.00
N SER C 317 33.23 -26.89 17.84
CA SER C 317 32.31 -27.22 18.92
C SER C 317 31.80 -28.61 18.66
N THR C 318 31.58 -29.35 19.74
CA THR C 318 31.08 -30.71 19.65
C THR C 318 29.73 -30.74 18.97
N SER C 319 28.91 -29.74 19.26
CA SER C 319 27.56 -29.62 18.70
C SER C 319 27.48 -29.49 17.19
N GLN C 320 28.56 -29.04 16.56
CA GLN C 320 28.61 -28.87 15.12
C GLN C 320 28.49 -30.18 14.35
N LEU C 321 29.33 -31.13 14.71
CA LEU C 321 29.32 -32.42 14.05
C LEU C 321 28.05 -33.15 14.49
N ASP C 322 27.69 -32.97 15.76
CA ASP C 322 26.50 -33.59 16.33
C ASP C 322 25.26 -33.19 15.57
N ASP C 323 25.20 -31.93 15.13
CA ASP C 323 24.04 -31.47 14.39
C ASP C 323 24.02 -31.98 12.96
N VAL C 324 25.20 -32.23 12.39
CA VAL C 324 25.28 -32.73 11.02
C VAL C 324 25.03 -34.25 10.95
N TYR C 325 25.73 -35.01 11.79
CA TYR C 325 25.61 -36.47 11.79
C TYR C 325 24.69 -37.02 12.86
N GLY C 326 24.32 -36.19 13.83
CA GLY C 326 23.51 -36.67 14.91
C GLY C 326 24.47 -37.11 16.01
N VAL C 327 24.02 -37.10 17.25
CA VAL C 327 24.90 -37.49 18.33
C VAL C 327 25.57 -38.88 18.20
N LYS C 328 24.79 -39.90 17.86
CA LYS C 328 25.32 -41.27 17.74
C LYS C 328 26.37 -41.42 16.66
N GLU C 329 26.02 -41.05 15.42
CA GLU C 329 26.96 -41.16 14.30
C GLU C 329 28.16 -40.22 14.42
N ALA C 330 27.97 -39.04 15.04
CA ALA C 330 29.05 -38.10 15.23
C ALA C 330 30.06 -38.74 16.18
N GLN C 331 29.56 -39.36 17.25
CA GLN C 331 30.42 -40.03 18.20
C GLN C 331 31.25 -41.09 17.48
N THR C 332 30.58 -41.92 16.67
CA THR C 332 31.29 -42.97 15.94
C THR C 332 32.37 -42.33 15.06
N LEU C 333 32.01 -41.27 14.35
CA LEU C 333 32.94 -40.58 13.45
C LEU C 333 34.17 -40.04 14.19
N ARG C 334 33.97 -39.30 15.28
CA ARG C 334 35.09 -38.77 16.04
C ARG C 334 35.94 -39.90 16.61
N ALA C 335 35.29 -41.03 16.90
CA ALA C 335 35.99 -42.19 17.45
C ALA C 335 36.93 -42.84 16.44
N SER C 336 36.71 -42.59 15.15
CA SER C 336 37.54 -43.17 14.09
C SER C 336 38.89 -42.49 13.93
N PHE C 337 39.03 -41.29 14.50
CA PHE C 337 40.28 -40.55 14.51
C PHE C 337 40.92 -40.90 15.84
N ARG C 338 42.07 -41.57 15.79
CA ARG C 338 42.80 -42.01 16.99
C ARG C 338 43.75 -40.98 17.62
N SER C 339 44.20 -39.99 16.83
CA SER C 339 45.08 -38.95 17.33
C SER C 339 44.30 -37.66 17.50
N LEU C 340 44.57 -36.94 18.59
CA LEU C 340 43.88 -35.71 18.90
C LEU C 340 44.79 -34.51 19.18
N VAL C 341 44.32 -33.34 18.78
CA VAL C 341 45.03 -32.09 19.00
C VAL C 341 43.98 -31.07 19.45
N VAL C 342 44.17 -30.52 20.65
CA VAL C 342 43.26 -29.52 21.22
C VAL C 342 43.97 -28.16 21.27
N LEU C 343 43.51 -27.23 20.43
CA LEU C 343 44.11 -25.90 20.31
C LEU C 343 43.61 -24.73 21.16
N GLY C 344 42.57 -24.95 21.96
CA GLY C 344 42.08 -23.83 22.75
C GLY C 344 40.72 -23.40 22.26
N GLY C 345 39.81 -23.20 23.21
CA GLY C 345 38.45 -22.81 22.89
C GLY C 345 37.94 -21.61 23.64
N SER C 346 36.64 -21.36 23.50
CA SER C 346 35.98 -20.23 24.12
C SER C 346 35.47 -20.54 25.53
N ARG C 347 35.46 -19.51 26.38
CA ARG C 347 34.93 -19.68 27.74
C ARG C 347 33.42 -19.93 27.61
N THR C 348 32.85 -19.43 26.52
CA THR C 348 31.43 -19.55 26.25
C THR C 348 31.03 -20.97 25.85
N ASP C 349 32.02 -21.86 25.74
CA ASP C 349 31.73 -23.23 25.33
C ASP C 349 32.22 -24.26 26.35
N PRO C 350 31.63 -24.25 27.55
CA PRO C 350 32.00 -25.18 28.63
C PRO C 350 31.82 -26.66 28.33
N LYS C 351 30.82 -26.98 27.51
CA LYS C 351 30.52 -28.36 27.13
C LYS C 351 31.60 -29.00 26.26
N THR C 352 32.02 -28.29 25.21
CA THR C 352 33.05 -28.82 24.31
C THR C 352 34.38 -28.85 25.04
N ASN C 353 34.57 -27.89 25.93
CA ASN C 353 35.79 -27.79 26.72
C ASN C 353 35.88 -28.97 27.65
N GLU C 354 34.73 -29.40 28.15
CA GLU C 354 34.64 -30.55 29.04
C GLU C 354 34.88 -31.84 28.25
N ASP C 355 34.36 -31.88 27.02
CA ASP C 355 34.52 -33.04 26.16
C ASP C 355 35.97 -33.21 25.77
N MET C 356 36.65 -32.09 25.51
CA MET C 356 38.07 -32.13 25.15
C MET C 356 38.92 -32.51 26.36
N SER C 357 38.55 -31.96 27.51
CA SER C 357 39.21 -32.23 28.78
C SER C 357 39.06 -33.72 29.08
N LEU C 358 37.86 -34.25 28.82
CA LEU C 358 37.54 -35.65 29.05
C LEU C 358 38.30 -36.56 28.08
N SER C 359 38.53 -36.08 26.86
CA SER C 359 39.27 -36.82 25.85
C SER C 359 40.76 -36.85 26.16
N LEU C 360 41.29 -35.78 26.73
CA LEU C 360 42.71 -35.73 27.08
C LEU C 360 42.95 -36.73 28.20
N GLY C 361 41.89 -37.07 28.94
CA GLY C 361 41.99 -38.06 29.99
C GLY C 361 42.19 -37.61 31.41
N GLU C 362 41.99 -38.55 32.32
CA GLU C 362 42.18 -38.34 33.75
C GLU C 362 43.35 -39.21 34.15
N HIS C 363 43.84 -39.01 35.36
CA HIS C 363 44.92 -39.85 35.87
C HIS C 363 44.65 -40.09 37.34
N GLU C 364 45.27 -41.12 37.91
CA GLU C 364 45.09 -41.39 39.32
C GLU C 364 46.47 -41.15 39.87
N VAL C 365 46.55 -40.28 40.86
CA VAL C 365 47.83 -39.90 41.41
C VAL C 365 47.92 -39.95 42.93
N GLU C 366 49.11 -40.28 43.45
CA GLU C 366 49.36 -40.35 44.89
C GLU C 366 50.08 -39.07 45.30
N ARG C 367 49.53 -38.36 46.29
CA ARG C 367 50.10 -37.08 46.70
C ARG C 367 50.31 -36.85 48.20
N ASP C 368 51.45 -36.23 48.52
CA ASP C 368 51.82 -35.93 49.90
C ASP C 368 51.10 -34.68 50.41
N ARG C 369 50.29 -34.85 51.44
CA ARG C 369 49.56 -33.72 52.02
C ARG C 369 50.29 -33.23 53.29
N TYR C 370 51.35 -32.46 53.09
CA TYR C 370 52.16 -31.91 54.19
C TYR C 370 51.37 -31.13 55.23
N SER C 371 51.65 -31.40 56.49
CA SER C 371 50.99 -30.73 57.60
C SER C 371 51.91 -29.71 58.28
N ALA C 383 50.13 -36.99 55.09
CA ALA C 383 50.54 -38.28 54.58
C ALA C 383 50.05 -38.50 53.14
N LEU C 384 49.98 -39.76 52.73
CA LEU C 384 49.54 -40.10 51.37
C LEU C 384 48.06 -39.87 51.14
N GLU C 385 47.70 -39.72 49.87
CA GLU C 385 46.33 -39.47 49.43
C GLU C 385 46.20 -39.82 47.95
N ARG C 386 45.31 -40.77 47.63
CA ARG C 386 45.09 -41.19 46.23
C ARG C 386 44.00 -40.32 45.60
N VAL C 387 44.33 -39.68 44.47
CA VAL C 387 43.40 -38.77 43.80
C VAL C 387 43.22 -38.97 42.28
N ARG C 388 41.99 -38.95 41.82
CA ARG C 388 41.75 -39.08 40.40
C ARG C 388 41.40 -37.68 39.94
N GLU C 389 42.01 -37.23 38.86
CA GLU C 389 41.76 -35.89 38.37
C GLU C 389 42.01 -35.75 36.88
N ARG C 390 41.62 -34.61 36.30
CA ARG C 390 41.83 -34.39 34.88
C ARG C 390 43.25 -33.94 34.67
N VAL C 391 43.92 -34.57 33.72
CA VAL C 391 45.28 -34.17 33.39
C VAL C 391 45.18 -32.71 32.91
N VAL C 392 44.13 -32.43 32.14
CA VAL C 392 43.88 -31.09 31.60
C VAL C 392 42.44 -30.70 31.92
N MET C 393 42.28 -29.66 32.74
CA MET C 393 40.96 -29.14 33.13
C MET C 393 40.30 -28.42 31.99
N PRO C 394 38.95 -28.32 32.04
CA PRO C 394 38.18 -27.62 31.01
C PRO C 394 38.64 -26.16 30.93
N ALA C 395 38.89 -25.57 32.11
CA ALA C 395 39.35 -24.19 32.24
C ALA C 395 40.73 -23.99 31.60
N GLU C 396 41.57 -25.01 31.68
CA GLU C 396 42.90 -24.92 31.08
C GLU C 396 42.82 -24.84 29.57
N ILE C 397 41.77 -25.43 29.02
CA ILE C 397 41.59 -25.41 27.58
C ILE C 397 40.99 -24.09 27.13
N ALA C 398 40.06 -23.56 27.92
CA ALA C 398 39.40 -22.30 27.62
C ALA C 398 40.33 -21.11 27.80
N ASN C 399 41.42 -21.32 28.52
CA ASN C 399 42.39 -20.25 28.76
C ASN C 399 43.70 -20.40 27.99
N LEU C 400 43.75 -21.36 27.07
CA LEU C 400 44.95 -21.59 26.26
C LEU C 400 45.25 -20.44 25.31
N PRO C 401 46.52 -20.01 25.24
CA PRO C 401 46.89 -18.93 24.35
C PRO C 401 46.90 -19.48 22.94
N ASP C 402 46.86 -18.62 21.94
CA ASP C 402 46.90 -19.12 20.56
C ASP C 402 48.29 -19.68 20.30
N LEU C 403 48.36 -20.60 19.35
CA LEU C 403 49.62 -21.24 18.99
C LEU C 403 50.18 -22.14 20.09
N THR C 404 49.25 -22.71 20.88
CA THR C 404 49.59 -23.64 21.94
C THR C 404 48.59 -24.77 21.78
N ALA C 405 49.06 -26.02 21.87
CA ALA C 405 48.16 -27.14 21.69
C ALA C 405 48.54 -28.36 22.51
N TYR C 406 47.55 -29.13 22.91
CA TYR C 406 47.82 -30.36 23.62
C TYR C 406 47.82 -31.40 22.53
N VAL C 407 48.91 -32.17 22.44
CA VAL C 407 49.00 -33.21 21.43
C VAL C 407 48.85 -34.58 22.10
N GLY C 408 47.95 -35.40 21.57
CA GLY C 408 47.72 -36.74 22.11
C GLY C 408 47.63 -37.76 20.99
N PHE C 409 48.75 -38.42 20.69
CA PHE C 409 48.83 -39.42 19.62
C PHE C 409 48.16 -40.75 19.95
N ALA C 410 47.78 -41.47 18.91
CA ALA C 410 47.13 -42.76 19.06
C ALA C 410 47.99 -43.70 19.89
N GLY C 411 47.36 -44.68 20.52
CA GLY C 411 48.09 -45.65 21.29
C GLY C 411 48.58 -45.21 22.65
N ASN C 412 49.57 -45.96 23.15
CA ASN C 412 50.13 -45.69 24.47
C ASN C 412 51.23 -44.64 24.47
N ARG C 413 50.84 -43.37 24.53
CA ARG C 413 51.80 -42.28 24.58
C ARG C 413 51.21 -41.18 25.43
N PRO C 414 52.08 -40.41 26.12
CA PRO C 414 51.59 -39.33 26.96
C PRO C 414 51.19 -38.17 26.05
N ILE C 415 50.53 -37.18 26.63
CA ILE C 415 50.10 -36.01 25.88
C ILE C 415 51.11 -34.96 26.26
N ALA C 416 51.11 -33.84 25.53
CA ALA C 416 52.03 -32.77 25.83
C ALA C 416 51.50 -31.44 25.31
N LYS C 417 51.80 -30.37 26.03
CA LYS C 417 51.40 -29.03 25.64
C LYS C 417 52.58 -28.48 24.82
N VAL C 418 52.33 -28.18 23.56
CA VAL C 418 53.39 -27.70 22.69
C VAL C 418 53.07 -26.39 21.97
N PRO C 419 54.10 -25.57 21.72
CA PRO C 419 53.97 -24.28 21.03
C PRO C 419 54.00 -24.43 19.52
N LEU C 420 53.12 -23.70 18.84
CA LEU C 420 53.08 -23.73 17.39
C LEU C 420 53.89 -22.55 16.85
N GLU C 421 54.84 -22.86 15.99
CA GLU C 421 55.73 -21.87 15.40
C GLU C 421 55.16 -21.44 14.04
N ILE C 422 54.92 -20.15 13.87
CA ILE C 422 54.36 -19.63 12.62
C ILE C 422 55.40 -19.50 11.51
N LYS C 423 55.56 -20.55 10.71
CA LYS C 423 56.51 -20.53 9.60
C LYS C 423 55.89 -19.72 8.46
N GLN C 424 56.73 -19.11 7.63
CA GLN C 424 56.21 -18.34 6.49
C GLN C 424 56.40 -19.12 5.22
N PHE C 425 55.36 -19.16 4.40
CA PHE C 425 55.43 -19.86 3.14
C PHE C 425 55.23 -18.90 1.98
N ALA C 426 56.09 -19.02 0.97
CA ALA C 426 56.03 -18.16 -0.20
C ALA C 426 54.89 -18.56 -1.14
N ASN C 427 54.19 -17.55 -1.67
CA ASN C 427 53.07 -17.78 -2.58
C ASN C 427 53.57 -18.22 -3.95
N ARG C 428 53.57 -19.52 -4.19
CA ARG C 428 54.03 -20.07 -5.45
C ARG C 428 52.94 -20.14 -6.52
N GLN C 429 51.71 -19.76 -6.19
CA GLN C 429 50.63 -19.82 -7.18
C GLN C 429 49.45 -18.92 -6.83
N PRO C 430 48.75 -18.38 -7.85
CA PRO C 430 47.60 -17.52 -7.57
C PRO C 430 46.51 -18.42 -6.98
N ALA C 431 46.03 -18.08 -5.79
CA ALA C 431 45.04 -18.89 -5.09
C ALA C 431 43.77 -19.13 -5.89
N PHE C 432 43.38 -18.13 -6.68
CA PHE C 432 42.16 -18.20 -7.45
C PHE C 432 42.45 -17.54 -8.80
N VAL C 433 41.86 -18.06 -9.88
CA VAL C 433 42.07 -17.52 -11.21
C VAL C 433 40.77 -17.48 -12.04
N GLU C 434 40.44 -16.29 -12.51
CA GLU C 434 39.25 -15.99 -13.33
C GLU C 434 38.07 -15.55 -12.48
N SER D 3 47.07 -16.62 51.43
CA SER D 3 47.35 -15.15 51.35
C SER D 3 47.34 -14.62 49.90
N VAL D 4 46.25 -14.91 49.19
CA VAL D 4 46.03 -14.46 47.81
C VAL D 4 44.52 -14.56 47.55
N GLY D 5 43.99 -13.61 46.79
CA GLY D 5 42.57 -13.62 46.49
C GLY D 5 41.78 -12.46 47.10
N GLN D 6 42.46 -11.62 47.85
CA GLN D 6 41.88 -10.43 48.50
C GLN D 6 40.45 -10.07 48.07
N GLY D 7 40.33 -8.96 47.34
CA GLY D 7 39.05 -8.49 46.85
C GLY D 7 38.86 -8.96 45.42
N GLU D 8 39.64 -9.95 45.03
CA GLU D 8 39.56 -10.53 43.69
C GLU D 8 38.55 -11.67 43.79
N PHE D 9 38.99 -12.73 44.45
CA PHE D 9 38.21 -13.94 44.64
C PHE D 9 37.21 -13.82 45.81
N GLY D 10 35.97 -14.23 45.57
CA GLY D 10 34.93 -14.16 46.57
C GLY D 10 34.91 -15.28 47.60
N GLY D 11 35.69 -16.33 47.33
CA GLY D 11 35.76 -17.46 48.24
C GLY D 11 36.85 -17.19 49.25
N ALA D 12 37.30 -18.24 49.94
CA ALA D 12 38.35 -18.06 50.93
C ALA D 12 39.68 -17.77 50.25
N PRO D 13 40.53 -16.91 50.84
CA PRO D 13 41.82 -16.59 50.23
C PRO D 13 42.68 -17.85 50.26
N PHE D 14 43.60 -17.97 49.31
CA PHE D 14 44.44 -19.16 49.25
C PHE D 14 45.94 -18.86 49.23
N LYS D 15 46.72 -19.87 49.59
CA LYS D 15 48.17 -19.74 49.62
C LYS D 15 48.78 -19.77 48.22
N ARG D 16 48.33 -20.71 47.40
CA ARG D 16 48.87 -20.81 46.04
C ARG D 16 47.84 -21.19 44.97
N PHE D 17 47.99 -20.59 43.78
CA PHE D 17 47.10 -20.88 42.65
C PHE D 17 47.76 -21.86 41.70
N LEU D 18 47.17 -23.05 41.58
CA LEU D 18 47.72 -24.10 40.71
C LEU D 18 47.39 -23.98 39.21
N ARG D 19 46.10 -24.04 38.88
CA ARG D 19 45.67 -23.95 37.48
C ARG D 19 44.18 -23.59 37.36
N GLY D 20 43.73 -23.30 36.15
CA GLY D 20 42.35 -22.94 35.91
C GLY D 20 42.14 -21.49 35.53
N THR D 21 41.00 -20.92 35.94
CA THR D 21 40.70 -19.53 35.63
C THR D 21 41.23 -18.63 36.74
N ARG D 22 41.92 -17.57 36.32
CA ARG D 22 42.47 -16.60 37.24
C ARG D 22 41.50 -15.45 37.36
N ILE D 23 41.27 -14.99 38.59
CA ILE D 23 40.41 -13.83 38.77
C ILE D 23 41.33 -12.75 39.35
N VAL D 24 41.31 -11.60 38.70
CA VAL D 24 42.14 -10.48 39.08
C VAL D 24 41.22 -9.31 39.44
N SER D 25 41.79 -8.22 39.94
CA SER D 25 41.00 -7.04 40.30
C SER D 25 40.70 -6.26 39.04
N GLY D 26 39.62 -5.48 39.07
CA GLY D 26 39.30 -4.69 37.90
C GLY D 26 40.53 -3.89 37.54
N GLY D 27 41.13 -3.26 38.54
CA GLY D 27 42.31 -2.46 38.30
C GLY D 27 43.46 -3.19 37.62
N LYS D 28 43.82 -4.37 38.12
CA LYS D 28 44.92 -5.14 37.55
C LYS D 28 44.64 -5.60 36.12
N LEU D 29 43.39 -5.96 35.85
CA LEU D 29 43.00 -6.41 34.53
C LEU D 29 43.17 -5.24 33.56
N LYS D 30 42.78 -4.05 34.01
CA LYS D 30 42.88 -2.84 33.19
C LYS D 30 44.35 -2.60 32.84
N ARG D 31 45.22 -2.90 33.79
CA ARG D 31 46.68 -2.74 33.62
C ARG D 31 47.23 -3.75 32.62
N MET D 32 46.79 -5.00 32.76
CA MET D 32 47.24 -6.08 31.90
C MET D 32 46.77 -5.95 30.44
N THR D 33 45.52 -5.53 30.24
CA THR D 33 44.99 -5.40 28.87
C THR D 33 45.31 -4.06 28.21
N ARG D 34 45.78 -3.09 28.99
CA ARG D 34 46.14 -1.78 28.46
C ARG D 34 47.20 -2.01 27.39
N GLU D 35 47.00 -1.41 26.22
CA GLU D 35 47.92 -1.59 25.12
C GLU D 35 48.29 -0.23 24.52
N LYS D 36 49.42 -0.20 23.82
CA LYS D 36 49.90 1.03 23.17
C LYS D 36 48.85 1.53 22.17
N ALA D 37 48.50 0.68 21.22
CA ALA D 37 47.52 1.03 20.21
C ALA D 37 46.23 1.58 20.83
N LYS D 38 45.46 2.30 20.01
CA LYS D 38 44.19 2.87 20.46
C LYS D 38 43.24 1.70 20.69
N GLN D 39 42.58 1.71 21.85
CA GLN D 39 41.67 0.65 22.18
C GLN D 39 40.25 1.09 22.49
N VAL D 40 39.38 0.09 22.53
CA VAL D 40 37.97 0.26 22.83
C VAL D 40 37.83 -0.22 24.28
N THR D 41 36.80 0.19 25.01
CA THR D 41 36.66 -0.29 26.37
C THR D 41 35.39 -1.09 26.62
N VAL D 42 35.49 -2.02 27.54
CA VAL D 42 34.40 -2.90 27.91
C VAL D 42 34.31 -2.78 29.42
N ALA D 43 33.23 -2.17 29.90
CA ALA D 43 33.04 -1.98 31.34
C ALA D 43 34.20 -1.24 31.96
N GLY D 44 34.86 -0.41 31.15
CA GLY D 44 35.98 0.36 31.66
C GLY D 44 37.32 -0.32 31.44
N VAL D 45 37.29 -1.60 31.06
CA VAL D 45 38.53 -2.32 30.81
C VAL D 45 38.89 -2.24 29.33
N PRO D 46 40.12 -1.79 29.02
CA PRO D 46 40.49 -1.71 27.60
C PRO D 46 40.54 -3.11 26.99
N MET D 47 39.87 -3.30 25.85
CA MET D 47 39.84 -4.60 25.21
C MET D 47 41.07 -4.90 24.38
N PRO D 48 41.71 -6.06 24.63
CA PRO D 48 42.90 -6.42 23.85
C PRO D 48 42.56 -6.36 22.38
N ARG D 49 43.48 -5.83 21.60
CA ARG D 49 43.26 -5.67 20.17
C ARG D 49 42.97 -6.98 19.43
N ASP D 50 43.72 -8.02 19.75
CA ASP D 50 43.52 -9.31 19.09
C ASP D 50 42.19 -9.97 19.43
N ALA D 51 41.58 -9.55 20.53
CA ALA D 51 40.31 -10.10 20.97
C ALA D 51 39.13 -9.58 20.17
N GLU D 52 39.25 -8.35 19.71
CA GLU D 52 38.18 -7.71 18.93
C GLU D 52 37.56 -8.55 17.81
N PRO D 53 38.36 -9.11 16.90
CA PRO D 53 37.73 -9.90 15.83
C PRO D 53 37.28 -11.29 16.28
N ARG D 54 37.38 -11.57 17.58
CA ARG D 54 36.95 -12.86 18.15
C ARG D 54 35.56 -12.71 18.79
N HIS D 55 35.01 -11.50 18.68
CA HIS D 55 33.68 -11.20 19.16
C HIS D 55 33.49 -11.18 20.67
N LEU D 56 32.39 -10.54 21.07
CA LEU D 56 32.03 -10.37 22.46
C LEU D 56 30.58 -10.73 22.75
N LEU D 57 30.39 -11.56 23.77
CA LEU D 57 29.07 -11.96 24.19
C LEU D 57 28.79 -11.33 25.53
N VAL D 58 27.73 -10.52 25.59
CA VAL D 58 27.36 -9.87 26.84
C VAL D 58 26.10 -10.54 27.34
N ASN D 59 26.25 -11.25 28.45
CA ASN D 59 25.13 -11.96 29.04
C ASN D 59 24.67 -11.32 30.35
N GLY D 60 23.37 -11.10 30.49
CA GLY D 60 22.87 -10.51 31.71
C GLY D 60 21.39 -10.24 31.63
N ALA D 61 20.75 -10.06 32.78
CA ALA D 61 19.31 -9.80 32.86
C ALA D 61 18.99 -8.39 32.34
N THR D 62 17.74 -7.95 32.54
CA THR D 62 17.33 -6.63 32.07
C THR D 62 17.64 -5.53 33.08
N GLY D 63 18.21 -4.44 32.59
CA GLY D 63 18.55 -3.34 33.47
C GLY D 63 19.81 -3.56 34.29
N THR D 64 20.64 -4.51 33.87
CA THR D 64 21.86 -4.82 34.60
C THR D 64 23.05 -3.99 34.12
N GLY D 65 22.86 -3.25 33.02
CA GLY D 65 23.94 -2.43 32.50
C GLY D 65 24.38 -2.73 31.09
N LYS D 66 23.61 -3.50 30.35
CA LYS D 66 23.98 -3.82 28.97
C LYS D 66 24.03 -2.55 28.15
N SER D 67 23.07 -1.66 28.37
CA SER D 67 23.02 -0.41 27.62
C SER D 67 24.24 0.46 27.91
N VAL D 68 24.63 0.55 29.18
CA VAL D 68 25.79 1.36 29.51
C VAL D 68 27.04 0.79 28.84
N LEU D 69 27.14 -0.54 28.87
CA LEU D 69 28.27 -1.24 28.29
C LEU D 69 28.36 -1.09 26.78
N LEU D 70 27.26 -1.34 26.08
CA LEU D 70 27.22 -1.21 24.62
C LEU D 70 27.53 0.21 24.17
N ARG D 71 26.96 1.17 24.90
CA ARG D 71 27.12 2.60 24.63
C ARG D 71 28.58 3.00 24.75
N GLU D 72 29.23 2.59 25.83
CA GLU D 72 30.63 2.88 26.03
C GLU D 72 31.48 2.22 24.97
N LEU D 73 31.10 1.01 24.60
CA LEU D 73 31.82 0.25 23.59
C LEU D 73 31.72 0.97 22.25
N ALA D 74 30.50 1.34 21.86
CA ALA D 74 30.29 2.05 20.60
C ALA D 74 31.01 3.40 20.57
N TYR D 75 30.89 4.15 21.66
CA TYR D 75 31.53 5.45 21.78
C TYR D 75 33.04 5.38 21.59
N THR D 76 33.71 4.55 22.38
CA THR D 76 35.17 4.40 22.27
C THR D 76 35.58 3.83 20.92
N GLY D 77 34.67 3.11 20.27
CA GLY D 77 34.98 2.55 18.97
C GLY D 77 34.92 3.66 17.94
N LEU D 78 33.93 4.53 18.07
CA LEU D 78 33.74 5.66 17.16
C LEU D 78 34.87 6.64 17.30
N LEU D 79 35.33 6.85 18.54
CA LEU D 79 36.44 7.76 18.82
C LEU D 79 37.69 7.31 18.05
N ARG D 80 37.75 6.02 17.78
CA ARG D 80 38.88 5.44 17.07
C ARG D 80 38.65 5.50 15.57
N GLY D 81 37.44 5.90 15.17
CA GLY D 81 37.10 6.00 13.76
C GLY D 81 36.61 4.71 13.16
N ASP D 82 36.19 3.77 14.01
CA ASP D 82 35.70 2.47 13.53
C ASP D 82 34.33 2.66 12.88
N ARG D 83 33.95 1.75 11.99
CA ARG D 83 32.63 1.83 11.37
C ARG D 83 31.76 0.76 12.03
N MET D 84 30.46 0.95 12.01
CA MET D 84 29.59 0.00 12.65
C MET D 84 28.15 -0.07 12.18
N VAL D 85 27.59 -1.27 12.34
CA VAL D 85 26.22 -1.56 12.00
C VAL D 85 25.60 -1.82 13.34
N ILE D 86 24.57 -1.05 13.69
CA ILE D 86 23.95 -1.22 14.97
C ILE D 86 22.47 -1.59 14.90
N VAL D 87 22.13 -2.74 15.47
CA VAL D 87 20.74 -3.18 15.52
C VAL D 87 20.34 -2.37 16.73
N ASP D 88 19.59 -1.31 16.46
CA ASP D 88 19.21 -0.36 17.49
C ASP D 88 17.74 -0.20 17.84
N PRO D 89 17.28 -0.86 18.90
CA PRO D 89 15.89 -0.78 19.34
C PRO D 89 15.55 0.64 19.77
N ASN D 90 14.45 1.16 19.25
CA ASN D 90 13.99 2.51 19.58
C ASN D 90 14.89 3.67 19.14
N GLY D 91 15.94 3.36 18.38
CA GLY D 91 16.83 4.41 17.93
C GLY D 91 17.61 5.07 19.05
N ASP D 92 17.77 4.38 20.17
CA ASP D 92 18.52 4.95 21.28
C ASP D 92 19.95 5.28 20.86
N MET D 93 20.63 4.34 20.20
CA MET D 93 22.01 4.55 19.76
C MET D 93 22.12 5.63 18.68
N LEU D 94 21.11 5.68 17.82
CA LEU D 94 21.04 6.67 16.75
C LEU D 94 21.04 8.05 17.41
N SER D 95 20.08 8.25 18.31
CA SER D 95 19.93 9.53 18.98
C SER D 95 21.19 10.02 19.71
N LYS D 96 22.06 9.11 20.11
CA LYS D 96 23.28 9.50 20.83
C LYS D 96 24.52 9.63 19.94
N PHE D 97 24.65 8.72 18.98
CA PHE D 97 25.83 8.70 18.11
C PHE D 97 25.59 8.94 16.62
N GLY D 98 24.35 9.23 16.25
CA GLY D 98 24.07 9.46 14.84
C GLY D 98 24.68 10.73 14.29
N ARG D 99 25.35 10.60 13.14
CA ARG D 99 25.93 11.74 12.48
C ARG D 99 25.13 11.92 11.21
N ASP D 100 25.41 12.99 10.49
CA ASP D 100 24.67 13.30 9.27
C ASP D 100 24.99 12.37 8.11
N LYS D 101 26.23 11.90 8.05
CA LYS D 101 26.66 11.01 6.97
C LYS D 101 26.14 9.57 7.16
N ASP D 102 25.65 9.28 8.37
CA ASP D 102 25.16 7.95 8.71
C ASP D 102 23.85 7.51 8.07
N ILE D 103 23.70 6.20 7.97
CA ILE D 103 22.54 5.57 7.35
C ILE D 103 21.51 5.05 8.35
N ILE D 104 20.25 5.09 7.96
CA ILE D 104 19.15 4.60 8.78
C ILE D 104 18.31 3.66 7.96
N LEU D 105 18.04 2.48 8.52
CA LEU D 105 17.19 1.49 7.87
C LEU D 105 16.04 1.22 8.82
N ASN D 106 14.85 1.61 8.38
CA ASN D 106 13.62 1.49 9.16
C ASN D 106 12.49 1.87 8.21
N PRO D 107 11.64 0.90 7.82
CA PRO D 107 10.55 1.24 6.91
C PRO D 107 9.60 2.35 7.35
N TYR D 108 9.56 2.64 8.65
CA TYR D 108 8.67 3.68 9.15
C TYR D 108 9.32 4.97 9.61
N ASP D 109 10.58 5.18 9.23
CA ASP D 109 11.29 6.39 9.61
C ASP D 109 11.51 7.17 8.33
N GLN D 110 11.16 8.44 8.37
CA GLN D 110 11.28 9.34 7.22
C GLN D 110 12.71 9.41 6.64
N ARG D 111 13.71 9.22 7.50
CA ARG D 111 15.11 9.30 7.09
C ARG D 111 15.69 8.00 6.50
N THR D 112 14.92 6.93 6.55
CA THR D 112 15.38 5.63 6.07
C THR D 112 15.82 5.70 4.62
N LYS D 113 16.74 4.81 4.25
CA LYS D 113 17.21 4.73 2.88
C LYS D 113 16.26 3.78 2.17
N GLY D 114 16.23 3.85 0.85
CA GLY D 114 15.37 2.97 0.09
C GLY D 114 16.13 1.69 -0.13
N TRP D 115 15.45 0.55 -0.11
CA TRP D 115 16.16 -0.71 -0.27
C TRP D 115 15.23 -1.87 -0.60
N SER D 116 15.82 -2.88 -1.23
CA SER D 116 15.14 -4.10 -1.61
C SER D 116 16.33 -5.05 -1.71
N PHE D 117 16.10 -6.33 -1.49
CA PHE D 117 17.19 -7.31 -1.54
C PHE D 117 17.82 -7.43 -2.93
N PHE D 118 17.11 -6.94 -3.95
CA PHE D 118 17.62 -6.96 -5.32
C PHE D 118 18.91 -6.15 -5.40
N ASN D 119 18.98 -5.04 -4.67
CA ASN D 119 20.15 -4.16 -4.67
C ASN D 119 21.44 -4.85 -4.24
N GLU D 120 21.34 -6.07 -3.71
CA GLU D 120 22.52 -6.79 -3.23
C GLU D 120 22.96 -7.89 -4.18
N ILE D 121 22.20 -8.11 -5.24
CA ILE D 121 22.52 -9.15 -6.23
C ILE D 121 23.54 -8.65 -7.25
N ARG D 122 24.70 -9.31 -7.30
CA ARG D 122 25.75 -8.95 -8.25
C ARG D 122 26.05 -10.11 -9.19
N ASN D 123 26.07 -11.31 -8.65
CA ASN D 123 26.35 -12.51 -9.43
C ASN D 123 25.19 -13.48 -9.30
N ASP D 124 25.22 -14.56 -10.06
CA ASP D 124 24.12 -15.52 -10.02
C ASP D 124 24.01 -16.25 -8.68
N TYR D 125 25.14 -16.56 -8.06
CA TYR D 125 25.11 -17.30 -6.80
C TYR D 125 24.60 -16.45 -5.64
N ASP D 126 24.33 -15.17 -5.90
CA ASP D 126 23.82 -14.26 -4.89
C ASP D 126 22.32 -14.43 -4.69
N TRP D 127 21.66 -15.10 -5.62
CA TRP D 127 20.22 -15.30 -5.48
C TRP D 127 19.89 -16.22 -4.31
N GLN D 128 20.59 -17.34 -4.20
CA GLN D 128 20.34 -18.25 -3.10
C GLN D 128 20.93 -17.64 -1.83
N ARG D 129 22.06 -16.97 -1.99
CA ARG D 129 22.76 -16.34 -0.89
C ARG D 129 21.87 -15.40 -0.08
N TYR D 130 21.14 -14.53 -0.78
CA TYR D 130 20.27 -13.58 -0.12
C TYR D 130 18.83 -14.05 0.07
N ALA D 131 18.49 -15.21 -0.47
CA ALA D 131 17.14 -15.72 -0.26
C ALA D 131 17.26 -16.30 1.13
N LEU D 132 18.49 -16.64 1.49
CA LEU D 132 18.79 -17.20 2.79
C LEU D 132 18.65 -16.09 3.84
N SER D 133 18.82 -14.83 3.43
CA SER D 133 18.71 -13.68 4.34
C SER D 133 17.25 -13.26 4.51
N VAL D 134 16.50 -13.31 3.41
CA VAL D 134 15.08 -12.96 3.37
C VAL D 134 14.20 -14.02 4.03
N VAL D 135 14.59 -15.27 3.89
CA VAL D 135 13.85 -16.36 4.51
C VAL D 135 14.84 -17.08 5.45
N PRO D 136 14.88 -16.66 6.72
CA PRO D 136 15.79 -17.27 7.70
C PRO D 136 15.50 -18.74 7.94
N ARG D 137 16.40 -19.42 8.64
CA ARG D 137 16.25 -20.84 8.94
C ARG D 137 15.04 -21.16 9.82
N GLY D 138 14.35 -22.26 9.49
CA GLY D 138 13.18 -22.67 10.24
C GLY D 138 13.55 -23.16 11.61
N LYS D 139 12.63 -23.01 12.57
CA LYS D 139 12.89 -23.44 13.95
C LYS D 139 13.04 -24.95 14.04
N THR D 140 12.16 -25.65 13.31
CA THR D 140 12.17 -27.11 13.29
C THR D 140 12.64 -27.57 11.91
N ASP D 141 12.94 -28.86 11.78
CA ASP D 141 13.40 -29.38 10.50
C ASP D 141 12.28 -29.32 9.47
N GLU D 142 11.04 -29.43 9.94
CA GLU D 142 9.90 -29.38 9.03
C GLU D 142 9.67 -27.98 8.48
N ALA D 143 9.85 -26.98 9.34
CA ALA D 143 9.70 -25.57 8.96
C ALA D 143 10.81 -25.11 8.01
N GLU D 144 11.98 -25.72 8.16
CA GLU D 144 13.12 -25.40 7.30
C GLU D 144 12.85 -26.05 5.94
N GLU D 145 12.08 -27.14 5.94
CA GLU D 145 11.72 -27.83 4.71
C GLU D 145 10.88 -26.83 3.93
N TRP D 146 9.88 -26.27 4.59
CA TRP D 146 8.98 -25.27 4.00
C TRP D 146 9.76 -24.04 3.57
N ALA D 147 10.67 -23.59 4.43
CA ALA D 147 11.47 -22.43 4.14
C ALA D 147 12.30 -22.66 2.88
N SER D 148 12.75 -23.90 2.66
CA SER D 148 13.54 -24.24 1.48
C SER D 148 12.73 -24.05 0.21
N TYR D 149 11.46 -24.43 0.29
CA TYR D 149 10.53 -24.29 -0.82
C TYR D 149 10.29 -22.79 -1.06
N GLY D 150 10.16 -22.04 0.05
CA GLY D 150 9.96 -20.62 -0.03
C GLY D 150 11.12 -19.95 -0.76
N ARG D 151 12.36 -20.36 -0.44
CA ARG D 151 13.52 -19.77 -1.10
C ARG D 151 13.59 -20.16 -2.56
N LEU D 152 13.15 -21.36 -2.89
CA LEU D 152 13.18 -21.81 -4.28
C LEU D 152 12.23 -20.93 -5.07
N LEU D 153 11.01 -20.76 -4.56
CA LEU D 153 10.03 -19.92 -5.22
C LEU D 153 10.52 -18.48 -5.25
N LEU D 154 11.04 -18.02 -4.11
CA LEU D 154 11.54 -16.65 -4.00
C LEU D 154 12.64 -16.32 -4.99
N ARG D 155 13.67 -17.17 -5.02
CA ARG D 155 14.81 -16.88 -5.90
C ARG D 155 14.49 -17.07 -7.37
N GLU D 156 13.63 -18.02 -7.68
CA GLU D 156 13.27 -18.27 -9.06
C GLU D 156 12.31 -17.22 -9.62
N THR D 157 11.36 -16.77 -8.81
CA THR D 157 10.41 -15.75 -9.21
C THR D 157 11.16 -14.44 -9.32
N ALA D 158 12.04 -14.17 -8.35
CA ALA D 158 12.81 -12.94 -8.36
C ALA D 158 13.72 -12.90 -9.59
N LYS D 159 14.41 -14.01 -9.87
CA LYS D 159 15.30 -14.06 -11.02
C LYS D 159 14.60 -13.67 -12.31
N LYS D 160 13.36 -14.14 -12.48
CA LYS D 160 12.60 -13.82 -13.68
C LYS D 160 12.22 -12.35 -13.71
N LEU D 161 11.59 -11.87 -12.64
CA LEU D 161 11.18 -10.47 -12.56
C LEU D 161 12.35 -9.55 -12.88
N ALA D 162 13.54 -9.95 -12.47
CA ALA D 162 14.75 -9.16 -12.73
C ALA D 162 15.05 -9.14 -14.22
N LEU D 163 14.73 -10.25 -14.88
CA LEU D 163 14.94 -10.39 -16.32
C LEU D 163 13.93 -9.57 -17.11
N ILE D 164 12.65 -9.85 -16.90
CA ILE D 164 11.63 -9.11 -17.62
C ILE D 164 11.64 -7.62 -17.25
N GLY D 165 12.73 -7.18 -16.61
CA GLY D 165 12.91 -5.79 -16.20
C GLY D 165 12.06 -5.19 -15.10
N THR D 166 11.28 -6.01 -14.40
CA THR D 166 10.43 -5.49 -13.33
C THR D 166 10.81 -6.01 -11.94
N PRO D 167 12.07 -5.77 -11.51
CA PRO D 167 12.48 -6.24 -10.17
C PRO D 167 11.84 -5.46 -9.01
N SER D 168 10.55 -5.65 -8.80
CA SER D 168 9.84 -4.97 -7.73
C SER D 168 9.29 -5.93 -6.67
N MET D 169 9.42 -5.55 -5.41
CA MET D 169 8.95 -6.38 -4.32
C MET D 169 7.42 -6.54 -4.38
N ARG D 170 6.74 -5.52 -4.86
CA ARG D 170 5.28 -5.54 -4.95
C ARG D 170 4.85 -6.61 -5.95
N GLU D 171 5.61 -6.74 -7.03
CA GLU D 171 5.34 -7.72 -8.07
C GLU D 171 5.70 -9.09 -7.54
N LEU D 172 6.88 -9.19 -6.95
CA LEU D 172 7.35 -10.43 -6.37
C LEU D 172 6.34 -10.93 -5.34
N PHE D 173 5.89 -10.05 -4.44
CA PHE D 173 4.93 -10.43 -3.42
C PHE D 173 3.60 -10.87 -4.02
N HIS D 174 3.26 -10.31 -5.18
CA HIS D 174 2.00 -10.64 -5.83
C HIS D 174 2.04 -12.03 -6.41
N TRP D 175 3.09 -12.30 -7.16
CA TRP D 175 3.27 -13.61 -7.78
C TRP D 175 3.34 -14.76 -6.78
N THR D 176 4.22 -14.63 -5.78
CA THR D 176 4.41 -15.66 -4.78
C THR D 176 3.31 -15.78 -3.74
N THR D 177 2.44 -14.77 -3.64
CA THR D 177 1.38 -14.79 -2.62
C THR D 177 -0.03 -14.50 -3.10
N ILE D 178 -0.16 -13.59 -4.05
CA ILE D 178 -1.47 -13.21 -4.52
C ILE D 178 -1.93 -13.94 -5.77
N ALA D 179 -1.07 -14.00 -6.79
CA ALA D 179 -1.43 -14.66 -8.05
C ALA D 179 -2.01 -16.05 -7.84
N THR D 180 -2.96 -16.45 -8.68
CA THR D 180 -3.56 -17.78 -8.52
C THR D 180 -2.46 -18.82 -8.74
N PHE D 181 -2.69 -20.02 -8.21
CA PHE D 181 -1.73 -21.10 -8.36
C PHE D 181 -1.39 -21.37 -9.82
N ASP D 182 -2.42 -21.42 -10.67
CA ASP D 182 -2.22 -21.67 -12.10
C ASP D 182 -1.41 -20.56 -12.75
N ASP D 183 -1.73 -19.31 -12.41
CA ASP D 183 -1.01 -18.18 -12.98
C ASP D 183 0.44 -18.16 -12.54
N LEU D 184 0.69 -18.49 -11.27
CA LEU D 184 2.07 -18.52 -10.78
C LEU D 184 2.79 -19.62 -11.53
N ARG D 185 2.18 -20.80 -11.58
CA ARG D 185 2.77 -21.92 -12.28
C ARG D 185 3.17 -21.44 -13.65
N GLY D 186 2.23 -20.80 -14.33
CA GLY D 186 2.50 -20.28 -15.66
C GLY D 186 3.71 -19.36 -15.66
N PHE D 187 3.76 -18.44 -14.71
CA PHE D 187 4.86 -17.49 -14.61
C PHE D 187 6.20 -18.19 -14.39
N LEU D 188 6.18 -19.27 -13.60
CA LEU D 188 7.41 -20.01 -13.31
C LEU D 188 7.97 -20.75 -14.52
N GLU D 189 7.17 -20.88 -15.57
CA GLU D 189 7.62 -21.55 -16.79
C GLU D 189 8.85 -20.82 -17.32
N GLY D 190 9.92 -21.57 -17.58
CA GLY D 190 11.14 -20.95 -18.07
C GLY D 190 12.18 -20.84 -16.98
N THR D 191 11.76 -21.02 -15.72
CA THR D 191 12.67 -20.96 -14.57
C THR D 191 12.95 -22.37 -14.05
N LEU D 192 13.96 -22.49 -13.19
CA LEU D 192 14.34 -23.78 -12.62
C LEU D 192 13.22 -24.42 -11.76
N ALA D 193 12.26 -23.60 -11.35
CA ALA D 193 11.14 -24.06 -10.53
C ALA D 193 9.94 -24.50 -11.36
N GLU D 194 10.06 -24.31 -12.67
CA GLU D 194 9.02 -24.66 -13.64
C GLU D 194 8.30 -25.96 -13.38
N SER D 195 9.05 -27.03 -13.16
CA SER D 195 8.42 -28.32 -12.92
C SER D 195 8.41 -28.79 -11.49
N LEU D 196 9.36 -28.36 -10.68
CA LEU D 196 9.43 -28.80 -9.28
C LEU D 196 8.14 -28.59 -8.53
N PHE D 197 7.43 -27.52 -8.85
CA PHE D 197 6.18 -27.20 -8.17
C PHE D 197 4.93 -27.65 -8.93
N ALA D 198 5.08 -28.67 -9.77
CA ALA D 198 3.95 -29.18 -10.53
C ALA D 198 4.05 -30.68 -10.84
N GLY D 199 2.90 -31.31 -11.11
CA GLY D 199 2.88 -32.71 -11.47
C GLY D 199 2.45 -33.74 -10.44
N SER D 200 2.25 -33.32 -9.20
CA SER D 200 1.84 -34.23 -8.15
C SER D 200 1.27 -33.41 -7.01
N ASN D 201 0.61 -34.05 -6.05
CA ASN D 201 0.04 -33.35 -4.90
C ASN D 201 1.17 -32.85 -4.00
N GLU D 202 2.26 -33.61 -3.93
CA GLU D 202 3.40 -33.23 -3.09
C GLU D 202 3.98 -31.95 -3.65
N ALA D 203 4.04 -31.84 -4.97
CA ALA D 203 4.54 -30.65 -5.66
C ALA D 203 3.63 -29.45 -5.33
N SER D 204 2.32 -29.69 -5.32
CA SER D 204 1.35 -28.65 -4.98
C SER D 204 1.45 -28.30 -3.50
N LYS D 205 1.66 -29.31 -2.66
CA LYS D 205 1.81 -29.11 -1.23
C LYS D 205 3.05 -28.24 -0.99
N ALA D 206 4.14 -28.61 -1.65
CA ALA D 206 5.41 -27.91 -1.54
C ALA D 206 5.22 -26.46 -1.94
N LEU D 207 4.50 -26.24 -3.02
CA LEU D 207 4.27 -24.87 -3.51
C LEU D 207 3.46 -24.11 -2.45
N THR D 208 2.43 -24.76 -1.91
CA THR D 208 1.57 -24.15 -0.88
C THR D 208 2.38 -23.69 0.33
N SER D 209 3.33 -24.52 0.75
CA SER D 209 4.19 -24.19 1.88
C SER D 209 5.08 -23.01 1.57
N ALA D 210 5.51 -22.92 0.32
CA ALA D 210 6.35 -21.82 -0.12
C ALA D 210 5.59 -20.49 -0.07
N ARG D 211 4.31 -20.52 -0.45
CA ARG D 211 3.48 -19.33 -0.45
C ARG D 211 3.32 -18.84 0.97
N PHE D 212 2.94 -19.74 1.87
CA PHE D 212 2.76 -19.43 3.29
C PHE D 212 4.01 -18.81 3.90
N VAL D 213 5.17 -19.39 3.65
CA VAL D 213 6.41 -18.84 4.18
C VAL D 213 6.65 -17.42 3.70
N LEU D 214 6.57 -17.22 2.39
CA LEU D 214 6.82 -15.92 1.79
C LEU D 214 5.77 -14.90 2.22
N SER D 215 4.54 -15.34 2.47
CA SER D 215 3.48 -14.43 2.89
C SER D 215 3.80 -13.92 4.30
N ASP D 216 4.61 -14.66 5.03
CA ASP D 216 4.99 -14.30 6.38
C ASP D 216 6.16 -13.35 6.40
N LYS D 217 7.16 -13.67 5.60
CA LYS D 217 8.42 -12.90 5.51
C LYS D 217 8.45 -11.62 4.70
N LEU D 218 7.81 -11.64 3.52
CA LEU D 218 7.80 -10.51 2.59
C LEU D 218 7.00 -9.22 2.86
N PRO D 219 5.89 -9.28 3.60
CA PRO D 219 5.13 -8.06 3.86
C PRO D 219 5.90 -6.78 4.13
N GLU D 220 6.82 -6.79 5.08
CA GLU D 220 7.57 -5.56 5.38
C GLU D 220 8.60 -5.22 4.31
N HIS D 221 8.93 -6.19 3.46
CA HIS D 221 9.89 -5.96 2.39
C HIS D 221 9.21 -5.12 1.32
N VAL D 222 7.90 -5.30 1.19
CA VAL D 222 7.11 -4.56 0.20
C VAL D 222 6.86 -3.13 0.67
N THR D 223 6.40 -2.97 1.91
CA THR D 223 6.12 -1.65 2.45
C THR D 223 7.38 -0.83 2.62
N MET D 224 8.53 -1.49 2.64
CA MET D 224 9.77 -0.73 2.80
C MET D 224 9.92 0.20 1.61
N PRO D 225 10.28 1.45 1.90
CA PRO D 225 10.48 2.45 0.86
C PRO D 225 11.55 1.91 -0.07
N ASP D 226 11.25 1.83 -1.35
CA ASP D 226 12.24 1.33 -2.28
C ASP D 226 13.24 2.44 -2.64
N GLY D 227 14.46 2.01 -2.94
CA GLY D 227 15.52 2.92 -3.28
C GLY D 227 16.64 2.11 -3.88
N ASP D 228 17.81 2.73 -4.03
CA ASP D 228 18.94 2.03 -4.63
C ASP D 228 20.02 1.68 -3.62
N PHE D 229 19.76 1.91 -2.35
CA PHE D 229 20.75 1.61 -1.32
C PHE D 229 21.13 0.12 -1.30
N SER D 230 22.41 -0.14 -1.12
CA SER D 230 22.93 -1.50 -1.10
C SER D 230 23.89 -1.59 0.05
N ILE D 231 23.61 -2.50 0.97
CA ILE D 231 24.47 -2.70 2.12
C ILE D 231 25.86 -3.11 1.63
N ARG D 232 25.92 -3.90 0.56
CA ARG D 232 27.19 -4.35 0.03
C ARG D 232 28.05 -3.15 -0.36
N SER D 233 27.50 -2.28 -1.21
CA SER D 233 28.21 -1.08 -1.66
C SER D 233 28.57 -0.21 -0.46
N TRP D 234 27.68 -0.19 0.53
CA TRP D 234 27.91 0.58 1.74
C TRP D 234 29.16 0.05 2.46
N LEU D 235 29.25 -1.27 2.54
CA LEU D 235 30.38 -1.94 3.20
C LEU D 235 31.70 -1.66 2.49
N GLU D 236 31.61 -1.40 1.18
CA GLU D 236 32.79 -1.12 0.37
C GLU D 236 33.18 0.36 0.40
N ASP D 237 32.23 1.24 0.63
CA ASP D 237 32.54 2.67 0.69
C ASP D 237 33.17 3.02 2.02
N PRO D 238 34.46 3.43 2.03
CA PRO D 238 35.18 3.79 3.26
C PRO D 238 34.56 4.97 4.00
N ASN D 239 33.91 5.87 3.26
CA ASN D 239 33.30 7.05 3.84
C ASN D 239 31.79 6.90 3.88
N GLY D 240 31.33 5.65 3.96
CA GLY D 240 29.90 5.37 4.01
C GLY D 240 29.27 5.68 5.34
N GLY D 241 30.10 5.75 6.38
CA GLY D 241 29.59 6.05 7.70
C GLY D 241 29.10 4.82 8.43
N ASN D 242 28.21 5.01 9.39
CA ASN D 242 27.68 3.90 10.16
C ASN D 242 26.23 3.67 9.76
N LEU D 243 25.73 2.47 10.03
CA LEU D 243 24.37 2.10 9.69
C LEU D 243 23.57 1.80 10.95
N PHE D 244 22.37 2.37 11.06
CA PHE D 244 21.51 2.12 12.22
C PHE D 244 20.23 1.44 11.78
N ILE D 245 20.04 0.22 12.26
CA ILE D 245 18.83 -0.52 11.94
C ILE D 245 17.96 -0.27 13.17
N THR D 246 17.01 0.65 13.03
CA THR D 246 16.14 1.00 14.14
C THR D 246 14.69 0.58 13.95
N TRP D 247 13.93 0.63 15.04
CA TRP D 247 12.53 0.28 15.03
C TRP D 247 11.87 0.48 16.39
N ARG D 248 10.57 0.73 16.39
CA ARG D 248 9.85 0.92 17.63
C ARG D 248 9.56 -0.46 18.21
N GLU D 249 9.75 -0.59 19.51
CA GLU D 249 9.53 -1.85 20.17
C GLU D 249 8.17 -2.49 20.00
N ASP D 250 7.12 -1.70 19.83
CA ASP D 250 5.80 -2.31 19.68
C ASP D 250 5.62 -2.92 18.30
N MET D 251 6.66 -2.81 17.48
CA MET D 251 6.64 -3.36 16.12
C MET D 251 7.76 -4.38 15.97
N GLY D 252 8.16 -4.96 17.08
CA GLY D 252 9.23 -5.94 17.05
C GLY D 252 8.83 -7.16 16.25
N PRO D 253 7.77 -7.87 16.67
CA PRO D 253 7.34 -9.06 15.94
C PRO D 253 7.12 -8.86 14.44
N ALA D 254 6.56 -7.71 14.07
CA ALA D 254 6.29 -7.42 12.66
C ALA D 254 7.54 -7.24 11.82
N LEU D 255 8.55 -6.59 12.38
CA LEU D 255 9.80 -6.34 11.67
C LEU D 255 10.90 -7.37 11.93
N ARG D 256 10.63 -8.39 12.75
CA ARG D 256 11.66 -9.39 13.04
C ARG D 256 12.26 -9.96 11.76
N PRO D 257 11.42 -10.36 10.78
CA PRO D 257 12.03 -10.91 9.57
C PRO D 257 12.87 -9.93 8.76
N LEU D 258 12.43 -8.69 8.66
CA LEU D 258 13.16 -7.70 7.89
C LEU D 258 14.46 -7.35 8.57
N ILE D 259 14.41 -7.10 9.86
CA ILE D 259 15.60 -6.77 10.61
C ILE D 259 16.59 -7.95 10.60
N SER D 260 16.08 -9.17 10.61
CA SER D 260 16.93 -10.37 10.56
C SER D 260 17.61 -10.42 9.19
N ALA D 261 16.84 -10.10 8.15
CA ALA D 261 17.35 -10.09 6.80
C ALA D 261 18.54 -9.15 6.72
N TRP D 262 18.36 -7.93 7.22
CA TRP D 262 19.43 -6.94 7.19
C TRP D 262 20.68 -7.41 7.91
N VAL D 263 20.52 -7.95 9.11
CA VAL D 263 21.64 -8.44 9.90
C VAL D 263 22.34 -9.53 9.13
N ASP D 264 21.57 -10.43 8.54
CA ASP D 264 22.14 -11.54 7.78
C ASP D 264 22.83 -11.05 6.51
N VAL D 265 22.27 -10.01 5.90
CA VAL D 265 22.86 -9.43 4.70
C VAL D 265 24.27 -8.99 5.04
N VAL D 266 24.41 -8.34 6.19
CA VAL D 266 25.72 -7.87 6.63
C VAL D 266 26.64 -9.05 6.81
N CYS D 267 26.11 -10.14 7.39
CA CYS D 267 26.90 -11.34 7.66
C CYS D 267 27.49 -12.07 6.44
N THR D 268 26.72 -12.24 5.37
CA THR D 268 27.26 -12.89 4.17
C THR D 268 28.11 -11.91 3.39
N SER D 269 27.59 -10.70 3.25
CA SER D 269 28.26 -9.67 2.49
C SER D 269 29.69 -9.40 2.87
N ILE D 270 29.99 -9.34 4.17
CA ILE D 270 31.36 -9.07 4.60
C ILE D 270 32.36 -10.15 4.15
N LEU D 271 31.84 -11.31 3.78
CA LEU D 271 32.66 -12.43 3.32
C LEU D 271 33.15 -12.25 1.88
N SER D 272 32.62 -11.24 1.21
CA SER D 272 33.01 -10.96 -0.16
C SER D 272 33.86 -9.69 -0.25
N LEU D 273 34.09 -9.04 0.88
CA LEU D 273 34.90 -7.82 0.90
C LEU D 273 36.38 -8.12 0.68
N PRO D 274 37.01 -7.36 -0.22
CA PRO D 274 38.45 -7.55 -0.50
C PRO D 274 39.24 -7.41 0.80
N GLU D 275 40.24 -8.24 0.99
CA GLU D 275 41.01 -8.14 2.23
C GLU D 275 41.58 -6.74 2.41
N GLU D 276 41.31 -6.19 3.58
CA GLU D 276 41.78 -4.86 3.94
C GLU D 276 42.16 -4.96 5.42
N PRO D 277 43.47 -5.11 5.71
CA PRO D 277 43.99 -5.23 7.08
C PRO D 277 43.62 -4.04 7.98
N LYS D 278 43.40 -2.89 7.37
CA LYS D 278 43.07 -1.67 8.11
C LYS D 278 41.59 -1.55 8.51
N ARG D 279 40.71 -2.29 7.83
CA ARG D 279 39.27 -2.23 8.12
C ARG D 279 38.82 -2.85 9.43
N ARG D 280 37.85 -2.18 10.06
CA ARG D 280 37.25 -2.60 11.32
C ARG D 280 35.76 -2.29 11.32
N LEU D 281 34.95 -3.33 11.14
CA LEU D 281 33.50 -3.19 11.14
C LEU D 281 32.86 -3.91 12.32
N TRP D 282 32.10 -3.17 13.12
CA TRP D 282 31.43 -3.73 14.29
C TRP D 282 29.98 -4.06 13.99
N LEU D 283 29.55 -5.25 14.40
CA LEU D 283 28.17 -5.62 14.20
C LEU D 283 27.62 -5.68 15.62
N PHE D 284 26.77 -4.72 15.95
CA PHE D 284 26.16 -4.63 17.26
C PHE D 284 24.77 -5.25 17.18
N ILE D 285 24.65 -6.52 17.55
CA ILE D 285 23.36 -7.19 17.51
C ILE D 285 22.80 -7.02 18.89
N ASP D 286 21.86 -6.10 19.05
CA ASP D 286 21.30 -5.88 20.36
C ASP D 286 21.06 -7.22 21.07
N GLU D 287 19.91 -7.83 20.88
CA GLU D 287 19.61 -9.11 21.53
C GLU D 287 19.55 -10.21 20.47
N LEU D 288 20.60 -11.02 20.40
CA LEU D 288 20.70 -12.07 19.40
C LEU D 288 19.48 -13.01 19.30
N ALA D 289 18.93 -13.42 20.43
CA ALA D 289 17.79 -14.34 20.43
C ALA D 289 16.47 -13.67 20.04
N SER D 290 16.50 -12.39 19.70
CA SER D 290 15.30 -11.68 19.29
C SER D 290 15.19 -11.65 17.77
N LEU D 291 16.29 -11.98 17.09
CA LEU D 291 16.32 -12.04 15.64
C LEU D 291 15.95 -13.46 15.32
N GLU D 292 15.60 -13.71 14.06
CA GLU D 292 15.24 -15.06 13.68
C GLU D 292 16.50 -15.89 13.61
N LYS D 293 16.36 -17.15 13.21
CA LYS D 293 17.51 -18.05 13.10
C LYS D 293 18.32 -17.65 11.86
N LEU D 294 19.34 -16.81 12.08
CA LEU D 294 20.18 -16.32 11.00
C LEU D 294 20.99 -17.44 10.39
N ALA D 295 21.04 -17.44 9.06
CA ALA D 295 21.76 -18.45 8.30
C ALA D 295 23.24 -18.19 8.11
N SER D 296 23.65 -16.92 8.18
CA SER D 296 25.05 -16.56 7.94
C SER D 296 25.83 -16.08 9.15
N LEU D 297 25.15 -15.92 10.28
CA LEU D 297 25.85 -15.41 11.44
C LEU D 297 27.02 -16.30 11.80
N ALA D 298 26.76 -17.61 11.82
CA ALA D 298 27.80 -18.58 12.16
C ALA D 298 29.08 -18.39 11.35
N ASP D 299 28.96 -18.34 10.02
CA ASP D 299 30.12 -18.15 9.15
C ASP D 299 30.77 -16.79 9.37
N ALA D 300 29.97 -15.75 9.50
CA ALA D 300 30.50 -14.42 9.71
C ALA D 300 31.30 -14.37 11.02
N LEU D 301 30.92 -15.22 11.98
CA LEU D 301 31.60 -15.25 13.27
C LEU D 301 32.89 -16.03 13.20
N THR D 302 32.99 -16.88 12.18
CA THR D 302 34.13 -17.75 11.96
C THR D 302 35.10 -17.31 10.86
N LYS D 303 34.60 -16.57 9.87
CA LYS D 303 35.43 -16.16 8.76
C LYS D 303 35.41 -14.67 8.48
N GLY D 304 35.13 -13.87 9.51
CA GLY D 304 35.07 -12.43 9.32
C GLY D 304 36.32 -11.71 9.74
N ARG D 305 37.34 -12.45 10.15
CA ARG D 305 38.59 -11.85 10.59
C ARG D 305 39.25 -11.03 9.47
N LYS D 306 39.37 -11.61 8.27
CA LYS D 306 39.97 -10.92 7.12
C LYS D 306 39.24 -9.62 6.81
N ALA D 307 37.91 -9.70 6.80
CA ALA D 307 37.04 -8.55 6.52
C ALA D 307 37.07 -7.55 7.68
N GLY D 308 37.52 -8.01 8.84
CA GLY D 308 37.62 -7.14 9.98
C GLY D 308 36.32 -7.03 10.76
N LEU D 309 35.49 -8.06 10.71
CA LEU D 309 34.21 -8.05 11.42
C LEU D 309 34.39 -8.31 12.92
N ARG D 310 33.65 -7.55 13.72
CA ARG D 310 33.66 -7.67 15.18
C ARG D 310 32.20 -7.68 15.62
N VAL D 311 31.73 -8.82 16.12
CA VAL D 311 30.33 -8.91 16.56
C VAL D 311 30.19 -8.85 18.07
N VAL D 312 29.25 -8.03 18.51
CA VAL D 312 28.94 -7.84 19.92
C VAL D 312 27.47 -8.18 20.04
N ALA D 313 27.16 -9.21 20.83
CA ALA D 313 25.77 -9.60 20.96
C ALA D 313 25.38 -9.74 22.41
N GLY D 314 24.09 -9.49 22.67
CA GLY D 314 23.54 -9.61 24.00
C GLY D 314 22.75 -10.91 24.14
N LEU D 315 22.70 -11.42 25.35
CA LEU D 315 22.00 -12.65 25.63
C LEU D 315 21.44 -12.58 27.03
N GLN D 316 20.38 -13.33 27.31
CA GLN D 316 19.79 -13.33 28.66
C GLN D 316 19.72 -14.75 29.20
N SER D 317 18.66 -15.47 28.88
CA SER D 317 18.52 -16.84 29.35
C SER D 317 19.00 -17.82 28.30
N THR D 318 19.75 -18.82 28.76
CA THR D 318 20.29 -19.84 27.87
C THR D 318 19.19 -20.48 27.03
N SER D 319 18.00 -20.58 27.60
CA SER D 319 16.86 -21.20 26.92
C SER D 319 16.30 -20.39 25.75
N GLN D 320 16.66 -19.13 25.68
CA GLN D 320 16.21 -18.26 24.60
C GLN D 320 16.86 -18.61 23.27
N LEU D 321 18.18 -18.54 23.21
CA LEU D 321 18.90 -18.86 21.98
C LEU D 321 18.69 -20.34 21.64
N ASP D 322 18.59 -21.18 22.67
CA ASP D 322 18.38 -22.61 22.51
C ASP D 322 17.07 -22.89 21.77
N ASP D 323 16.06 -22.07 22.04
CA ASP D 323 14.75 -22.25 21.42
C ASP D 323 14.69 -21.70 20.00
N VAL D 324 15.53 -20.72 19.70
CA VAL D 324 15.54 -20.16 18.38
C VAL D 324 16.38 -21.05 17.45
N TYR D 325 17.61 -21.36 17.86
CA TYR D 325 18.51 -22.18 17.06
C TYR D 325 18.55 -23.67 17.34
N GLY D 326 18.08 -24.07 18.52
CA GLY D 326 18.13 -25.46 18.88
C GLY D 326 19.32 -25.53 19.80
N VAL D 327 19.33 -26.49 20.72
CA VAL D 327 20.42 -26.59 21.68
C VAL D 327 21.80 -26.75 21.06
N LYS D 328 21.90 -27.57 20.02
CA LYS D 328 23.19 -27.80 19.38
C LYS D 328 23.72 -26.57 18.64
N GLU D 329 22.91 -26.00 17.77
CA GLU D 329 23.32 -24.82 17.01
C GLU D 329 23.50 -23.60 17.90
N ALA D 330 22.79 -23.56 19.02
CA ALA D 330 22.94 -22.44 19.93
C ALA D 330 24.30 -22.60 20.65
N GLN D 331 24.70 -23.82 20.93
CA GLN D 331 25.97 -24.05 21.60
C GLN D 331 27.11 -23.58 20.70
N THR D 332 26.98 -23.90 19.42
CA THR D 332 27.97 -23.55 18.41
C THR D 332 28.06 -22.05 18.19
N LEU D 333 26.92 -21.39 18.22
CA LEU D 333 26.87 -19.95 18.00
C LEU D 333 27.53 -19.26 19.17
N ARG D 334 27.10 -19.60 20.39
CA ARG D 334 27.66 -19.01 21.60
C ARG D 334 29.17 -19.24 21.67
N ALA D 335 29.61 -20.45 21.27
CA ALA D 335 31.02 -20.82 21.30
C ALA D 335 31.89 -19.96 20.38
N SER D 336 31.24 -19.27 19.43
CA SER D 336 31.94 -18.42 18.46
C SER D 336 32.27 -17.02 19.00
N PHE D 337 31.85 -16.73 20.23
CA PHE D 337 32.15 -15.46 20.86
C PHE D 337 33.20 -15.81 21.90
N ARG D 338 34.44 -15.44 21.62
CA ARG D 338 35.57 -15.73 22.49
C ARG D 338 35.65 -14.92 23.77
N SER D 339 35.10 -13.72 23.75
CA SER D 339 35.10 -12.86 24.94
C SER D 339 33.70 -12.83 25.58
N LEU D 340 33.66 -12.84 26.90
CA LEU D 340 32.41 -12.89 27.61
C LEU D 340 32.28 -11.93 28.78
N VAL D 341 31.12 -11.30 28.89
CA VAL D 341 30.84 -10.40 30.00
C VAL D 341 29.59 -10.94 30.66
N VAL D 342 29.62 -11.06 31.99
CA VAL D 342 28.47 -11.56 32.74
C VAL D 342 27.95 -10.47 33.67
N LEU D 343 26.76 -9.98 33.39
CA LEU D 343 26.16 -8.91 34.16
C LEU D 343 25.31 -9.33 35.35
N GLY D 344 25.07 -10.61 35.52
CA GLY D 344 24.25 -11.00 36.66
C GLY D 344 22.78 -11.14 36.31
N GLY D 345 22.20 -12.25 36.72
CA GLY D 345 20.82 -12.50 36.39
C GLY D 345 19.87 -12.64 37.56
N SER D 346 18.72 -13.25 37.28
CA SER D 346 17.65 -13.48 38.23
C SER D 346 17.83 -14.75 39.03
N ARG D 347 17.43 -14.74 40.31
CA ARG D 347 17.55 -15.93 41.15
C ARG D 347 16.59 -16.99 40.64
N THR D 348 15.56 -16.56 39.90
CA THR D 348 14.59 -17.48 39.34
C THR D 348 15.11 -18.20 38.09
N ASP D 349 16.40 -18.01 37.76
CA ASP D 349 16.99 -18.69 36.61
C ASP D 349 18.29 -19.37 36.99
N PRO D 350 18.23 -20.37 37.89
CA PRO D 350 19.44 -21.07 38.32
C PRO D 350 20.21 -21.79 37.20
N LYS D 351 19.50 -22.18 36.14
CA LYS D 351 20.17 -22.88 35.04
C LYS D 351 21.14 -22.02 34.27
N THR D 352 20.74 -20.80 33.97
CA THR D 352 21.63 -19.88 33.25
C THR D 352 22.72 -19.39 34.18
N ASN D 353 22.40 -19.25 35.46
CA ASN D 353 23.39 -18.83 36.44
C ASN D 353 24.50 -19.84 36.47
N GLU D 354 24.10 -21.10 36.39
CA GLU D 354 25.04 -22.22 36.39
C GLU D 354 25.87 -22.23 35.10
N ASP D 355 25.25 -21.94 33.97
CA ASP D 355 25.96 -21.91 32.70
C ASP D 355 26.99 -20.80 32.66
N MET D 356 26.65 -19.65 33.22
CA MET D 356 27.58 -18.53 33.27
C MET D 356 28.68 -18.83 34.27
N SER D 357 28.32 -19.42 35.41
CA SER D 357 29.31 -19.79 36.43
C SER D 357 30.33 -20.75 35.79
N LEU D 358 29.79 -21.75 35.10
CA LEU D 358 30.59 -22.75 34.43
C LEU D 358 31.50 -22.08 33.42
N SER D 359 30.95 -21.15 32.64
CA SER D 359 31.72 -20.43 31.62
C SER D 359 32.85 -19.62 32.20
N LEU D 360 32.62 -18.98 33.36
CA LEU D 360 33.66 -18.19 34.01
C LEU D 360 34.79 -19.14 34.40
N GLY D 361 34.43 -20.38 34.70
CA GLY D 361 35.42 -21.40 35.02
C GLY D 361 35.81 -21.66 36.46
N GLU D 362 36.45 -22.80 36.66
CA GLU D 362 36.93 -23.24 37.96
C GLU D 362 38.43 -23.06 38.01
N HIS D 363 38.96 -23.25 39.21
CA HIS D 363 40.38 -23.12 39.42
C HIS D 363 40.79 -24.17 40.46
N GLU D 364 42.06 -24.55 40.42
CA GLU D 364 42.57 -25.49 41.39
C GLU D 364 43.51 -24.66 42.24
N VAL D 365 43.37 -24.78 43.55
CA VAL D 365 44.18 -23.99 44.43
C VAL D 365 44.57 -24.68 45.74
N GLU D 366 45.69 -24.25 46.32
CA GLU D 366 46.18 -24.79 47.60
C GLU D 366 45.88 -23.82 48.74
N ARG D 367 45.24 -24.30 49.79
CA ARG D 367 44.87 -23.45 50.90
C ARG D 367 45.34 -24.03 52.22
N ASP D 368 45.49 -23.17 53.22
CA ASP D 368 45.92 -23.59 54.54
C ASP D 368 44.68 -23.80 55.40
N ARG D 369 44.58 -24.98 55.98
CA ARG D 369 43.48 -25.34 56.85
C ARG D 369 44.04 -25.31 58.28
N TYR D 370 44.04 -24.14 58.90
CA TYR D 370 44.58 -24.00 60.24
C TYR D 370 43.84 -24.73 61.36
N SER D 371 44.59 -25.06 62.42
CA SER D 371 44.06 -25.78 63.57
C SER D 371 44.89 -25.60 64.86
N LYS D 372 45.04 -26.72 65.57
CA LYS D 372 45.76 -26.91 66.84
C LYS D 372 44.79 -26.92 68.03
N ASN D 373 45.03 -27.83 68.97
CA ASN D 373 44.16 -27.95 70.14
C ASN D 373 44.64 -27.13 71.33
N THR D 374 43.90 -27.24 72.43
CA THR D 374 44.21 -26.52 73.66
C THR D 374 43.61 -27.23 74.86
N ARG D 382 48.79 -25.89 60.75
CA ARG D 382 48.81 -25.54 59.33
C ARG D 382 48.90 -26.74 58.38
N ALA D 383 47.77 -27.13 57.77
CA ALA D 383 47.74 -28.23 56.83
C ALA D 383 47.35 -27.71 55.45
N LEU D 384 48.11 -28.06 54.42
CA LEU D 384 47.81 -27.62 53.06
C LEU D 384 46.82 -28.55 52.38
N GLU D 385 45.82 -27.97 51.72
CA GLU D 385 44.80 -28.75 51.04
C GLU D 385 44.62 -28.28 49.60
N ARG D 386 44.45 -29.23 48.68
CA ARG D 386 44.23 -28.90 47.28
C ARG D 386 42.72 -28.86 47.12
N VAL D 387 42.23 -27.83 46.44
CA VAL D 387 40.79 -27.69 46.23
C VAL D 387 40.44 -27.05 44.90
N ARG D 388 39.46 -27.64 44.23
CA ARG D 388 38.97 -27.15 42.95
C ARG D 388 37.63 -26.49 43.22
N GLU D 389 37.40 -25.31 42.65
CA GLU D 389 36.15 -24.62 42.89
C GLU D 389 35.83 -23.64 41.81
N ARG D 390 34.60 -23.12 41.83
CA ARG D 390 34.19 -22.15 40.84
C ARG D 390 34.76 -20.81 41.24
N VAL D 391 35.39 -20.12 40.30
CA VAL D 391 35.93 -18.81 40.59
C VAL D 391 34.74 -17.91 40.95
N VAL D 392 33.61 -18.13 40.27
CA VAL D 392 32.38 -17.36 40.50
C VAL D 392 31.20 -18.31 40.63
N MET D 393 30.57 -18.33 41.80
CA MET D 393 29.43 -19.19 42.05
C MET D 393 28.17 -18.69 41.34
N PRO D 394 27.22 -19.60 41.09
CA PRO D 394 25.98 -19.17 40.44
C PRO D 394 25.29 -18.10 41.29
N ALA D 395 25.31 -18.29 42.61
CA ALA D 395 24.70 -17.35 43.55
C ALA D 395 25.35 -15.97 43.48
N GLU D 396 26.66 -15.93 43.23
CA GLU D 396 27.35 -14.64 43.15
C GLU D 396 26.86 -13.89 41.93
N ILE D 397 26.49 -14.64 40.90
CA ILE D 397 25.98 -14.03 39.67
C ILE D 397 24.54 -13.53 39.87
N ALA D 398 23.73 -14.32 40.57
CA ALA D 398 22.34 -13.94 40.82
C ALA D 398 22.25 -12.74 41.76
N ASN D 399 23.19 -12.64 42.69
CA ASN D 399 23.23 -11.55 43.66
C ASN D 399 24.14 -10.40 43.25
N LEU D 400 24.47 -10.33 41.96
CA LEU D 400 25.33 -9.27 41.46
C LEU D 400 24.58 -7.95 41.42
N PRO D 401 25.15 -6.89 42.00
CA PRO D 401 24.44 -5.60 41.96
C PRO D 401 24.49 -5.09 40.52
N ASP D 402 23.55 -4.21 40.17
CA ASP D 402 23.51 -3.69 38.81
C ASP D 402 24.74 -2.85 38.55
N LEU D 403 25.07 -2.69 37.26
CA LEU D 403 26.25 -1.92 36.87
C LEU D 403 27.53 -2.55 37.40
N THR D 404 27.53 -3.87 37.47
CA THR D 404 28.67 -4.66 37.92
C THR D 404 28.79 -5.79 36.90
N ALA D 405 30.01 -6.11 36.49
CA ALA D 405 30.20 -7.16 35.49
C ALA D 405 31.51 -7.93 35.60
N TYR D 406 31.45 -9.22 35.28
CA TYR D 406 32.65 -10.03 35.28
C TYR D 406 33.11 -9.97 33.82
N VAL D 407 34.33 -9.49 33.62
CA VAL D 407 34.87 -9.37 32.28
C VAL D 407 35.87 -10.48 32.03
N GLY D 408 35.59 -11.31 31.03
CA GLY D 408 36.46 -12.41 30.70
C GLY D 408 36.82 -12.32 29.23
N PHE D 409 38.01 -11.81 28.95
CA PHE D 409 38.47 -11.68 27.58
C PHE D 409 39.02 -12.99 27.02
N ALA D 410 39.01 -13.08 25.70
CA ALA D 410 39.50 -14.26 24.99
C ALA D 410 40.94 -14.57 25.36
N GLY D 411 41.39 -15.77 25.03
CA GLY D 411 42.76 -16.13 25.32
C GLY D 411 43.13 -16.31 26.78
N ASN D 412 44.43 -16.27 27.01
CA ASN D 412 44.97 -16.47 28.33
C ASN D 412 44.97 -15.21 29.21
N ARG D 413 43.80 -14.84 29.74
CA ARG D 413 43.69 -13.67 30.61
C ARG D 413 42.79 -13.99 31.77
N PRO D 414 43.02 -13.34 32.91
CA PRO D 414 42.18 -13.60 34.08
C PRO D 414 40.87 -12.84 33.89
N ILE D 415 39.88 -13.12 34.73
CA ILE D 415 38.63 -12.42 34.64
C ILE D 415 38.71 -11.41 35.76
N ALA D 416 37.75 -10.50 35.81
CA ALA D 416 37.74 -9.49 36.86
C ALA D 416 36.32 -9.00 37.06
N LYS D 417 35.99 -8.62 38.28
CA LYS D 417 34.68 -8.10 38.60
C LYS D 417 34.87 -6.59 38.47
N VAL D 418 34.20 -5.99 37.50
CA VAL D 418 34.33 -4.57 37.23
C VAL D 418 33.00 -3.81 37.26
N PRO D 419 33.01 -2.59 37.80
CA PRO D 419 31.80 -1.76 37.88
C PRO D 419 31.65 -0.92 36.61
N LEU D 420 30.41 -0.74 36.18
CA LEU D 420 30.12 0.04 34.98
C LEU D 420 29.81 1.48 35.39
N GLU D 421 30.44 2.43 34.71
CA GLU D 421 30.21 3.84 35.00
C GLU D 421 29.11 4.36 34.07
N ILE D 422 28.10 4.99 34.64
CA ILE D 422 26.98 5.52 33.87
C ILE D 422 27.35 6.83 33.20
N LYS D 423 27.98 6.75 32.03
CA LYS D 423 28.38 7.95 31.28
C LYS D 423 27.15 8.55 30.61
N GLN D 424 27.06 9.89 30.67
CA GLN D 424 25.94 10.62 30.08
C GLN D 424 26.22 11.02 28.64
N PHE D 425 25.26 10.76 27.76
CA PHE D 425 25.42 11.10 26.36
C PHE D 425 24.30 12.02 25.91
N ALA D 426 24.67 13.12 25.28
CA ALA D 426 23.70 14.09 24.78
C ALA D 426 22.99 13.55 23.54
N ASN D 427 21.72 13.88 23.41
CA ASN D 427 20.93 13.46 22.27
C ASN D 427 21.29 14.34 21.08
N ARG D 428 22.12 13.81 20.18
CA ARG D 428 22.55 14.54 19.00
C ARG D 428 21.59 14.42 17.83
N GLN D 429 20.61 13.53 17.92
CA GLN D 429 19.64 13.35 16.84
C GLN D 429 18.33 12.80 17.37
N PRO D 430 17.23 13.00 16.62
CA PRO D 430 15.96 12.46 17.10
C PRO D 430 15.99 10.96 16.84
N ALA D 431 15.50 10.16 17.78
CA ALA D 431 15.50 8.71 17.63
C ALA D 431 14.58 8.22 16.52
N PHE D 432 13.36 8.74 16.49
CA PHE D 432 12.38 8.32 15.47
C PHE D 432 11.77 9.54 14.80
N VAL D 433 11.71 9.51 13.47
CA VAL D 433 11.13 10.60 12.67
C VAL D 433 10.10 10.09 11.65
N GLU D 434 8.91 10.68 11.68
CA GLU D 434 7.81 10.33 10.79
C GLU D 434 6.96 9.27 11.47
N ASN E 2 31.24 -19.65 66.10
CA ASN E 2 30.08 -19.83 65.17
C ASN E 2 28.90 -19.02 65.64
N SER E 3 29.05 -17.71 65.61
CA SER E 3 28.01 -16.78 66.05
C SER E 3 27.02 -16.39 64.95
N VAL E 4 27.32 -16.73 63.70
CA VAL E 4 26.43 -16.35 62.59
C VAL E 4 25.46 -17.45 62.20
N GLY E 5 24.24 -17.05 61.90
CA GLY E 5 23.24 -18.00 61.47
C GLY E 5 22.07 -18.32 62.36
N GLN E 6 22.09 -17.90 63.62
CA GLN E 6 20.99 -18.18 64.55
C GLN E 6 19.72 -17.38 64.26
N GLY E 7 18.62 -18.09 64.06
CA GLY E 7 17.36 -17.42 63.77
C GLY E 7 17.29 -16.86 62.36
N GLU E 8 18.28 -17.20 61.56
CA GLU E 8 18.32 -16.76 60.18
C GLU E 8 18.50 -18.03 59.34
N PHE E 9 19.69 -18.59 59.42
CA PHE E 9 20.03 -19.82 58.70
C PHE E 9 19.45 -21.01 59.44
N GLY E 10 18.82 -21.92 58.69
CA GLY E 10 18.22 -23.09 59.29
C GLY E 10 19.22 -24.15 59.65
N GLY E 11 20.37 -24.11 59.00
CA GLY E 11 21.42 -25.07 59.26
C GLY E 11 22.30 -24.74 60.46
N ALA E 12 23.51 -25.27 60.47
CA ALA E 12 24.43 -25.04 61.58
C ALA E 12 25.02 -23.63 61.53
N PRO E 13 25.13 -22.98 62.70
CA PRO E 13 25.71 -21.62 62.74
C PRO E 13 27.13 -21.69 62.24
N PHE E 14 27.61 -20.61 61.64
CA PHE E 14 28.98 -20.59 61.16
C PHE E 14 29.76 -19.40 61.70
N LYS E 15 31.06 -19.46 61.51
CA LYS E 15 32.00 -18.44 61.96
C LYS E 15 32.10 -17.34 60.91
N ARG E 16 32.24 -17.72 59.65
CA ARG E 16 32.37 -16.71 58.60
C ARG E 16 31.62 -17.00 57.29
N PHE E 17 31.00 -15.97 56.73
CA PHE E 17 30.28 -16.09 55.46
C PHE E 17 31.25 -15.66 54.36
N LEU E 18 31.48 -16.54 53.40
CA LEU E 18 32.39 -16.26 52.28
C LEU E 18 31.71 -15.65 51.04
N ARG E 19 30.79 -16.40 50.44
CA ARG E 19 30.09 -15.92 49.26
C ARG E 19 28.77 -16.65 49.00
N GLY E 20 27.98 -16.11 48.10
CA GLY E 20 26.71 -16.72 47.78
C GLY E 20 25.48 -15.95 48.26
N THR E 21 24.43 -16.70 48.57
CA THR E 21 23.17 -16.13 49.02
C THR E 21 23.18 -15.93 50.53
N ARG E 22 22.91 -14.70 50.94
CA ARG E 22 22.87 -14.42 52.36
C ARG E 22 21.43 -14.53 52.81
N ILE E 23 21.21 -15.09 53.99
CA ILE E 23 19.87 -15.18 54.53
C ILE E 23 19.90 -14.43 55.84
N VAL E 24 18.90 -13.59 56.04
CA VAL E 24 18.84 -12.76 57.21
C VAL E 24 17.48 -13.01 57.87
N SER E 25 17.21 -12.32 58.98
CA SER E 25 15.93 -12.48 59.68
C SER E 25 14.88 -11.62 59.02
N GLY E 26 13.61 -11.98 59.18
CA GLY E 26 12.55 -11.18 58.60
C GLY E 26 12.67 -9.71 58.98
N GLY E 27 12.96 -9.46 60.24
CA GLY E 27 13.10 -8.10 60.72
C GLY E 27 14.26 -7.35 60.08
N LYS E 28 15.43 -7.97 60.02
CA LYS E 28 16.59 -7.31 59.44
C LYS E 28 16.38 -7.02 57.95
N LEU E 29 15.58 -7.85 57.28
CA LEU E 29 15.32 -7.65 55.86
C LEU E 29 14.36 -6.48 55.68
N LYS E 30 13.40 -6.36 56.59
CA LYS E 30 12.42 -5.27 56.52
C LYS E 30 13.04 -3.90 56.78
N ARG E 31 14.23 -3.88 57.35
CA ARG E 31 14.89 -2.63 57.65
C ARG E 31 15.95 -2.32 56.62
N MET E 32 16.38 -3.37 55.94
CA MET E 32 17.38 -3.28 54.90
C MET E 32 16.71 -2.74 53.64
N THR E 33 15.48 -3.18 53.40
CA THR E 33 14.73 -2.79 52.20
C THR E 33 13.89 -1.53 52.35
N ARG E 34 13.77 -1.05 53.57
CA ARG E 34 13.02 0.15 53.86
C ARG E 34 13.64 1.32 53.12
N GLU E 35 12.81 2.12 52.45
CA GLU E 35 13.29 3.26 51.70
C GLU E 35 12.54 4.52 52.09
N LYS E 36 13.09 5.65 51.67
CA LYS E 36 12.51 6.96 51.96
C LYS E 36 11.20 7.18 51.21
N ALA E 37 11.13 6.66 49.99
CA ALA E 37 9.93 6.80 49.16
C ALA E 37 8.80 5.86 49.63
N LYS E 38 7.58 6.14 49.16
CA LYS E 38 6.42 5.30 49.51
C LYS E 38 6.64 3.94 48.85
N GLN E 39 6.51 2.89 49.65
CA GLN E 39 6.72 1.54 49.20
C GLN E 39 5.51 0.64 49.33
N VAL E 40 5.60 -0.47 48.62
CA VAL E 40 4.58 -1.51 48.57
C VAL E 40 5.13 -2.63 49.47
N THR E 41 4.30 -3.52 49.99
CA THR E 41 4.86 -4.59 50.82
C THR E 41 4.55 -6.01 50.37
N VAL E 42 5.56 -6.86 50.44
CA VAL E 42 5.45 -8.26 50.07
C VAL E 42 5.70 -9.06 51.32
N ALA E 43 4.65 -9.68 51.85
CA ALA E 43 4.77 -10.46 53.07
C ALA E 43 5.27 -9.58 54.21
N GLY E 44 4.82 -8.32 54.22
CA GLY E 44 5.21 -7.41 55.28
C GLY E 44 6.56 -6.77 55.08
N VAL E 45 7.29 -7.21 54.05
CA VAL E 45 8.60 -6.64 53.80
C VAL E 45 8.46 -5.56 52.72
N PRO E 46 8.94 -4.34 53.02
CA PRO E 46 8.85 -3.28 52.02
C PRO E 46 9.68 -3.64 50.79
N MET E 47 9.08 -3.53 49.62
CA MET E 47 9.73 -3.86 48.36
C MET E 47 10.59 -2.74 47.78
N PRO E 48 11.87 -3.05 47.50
CA PRO E 48 12.75 -2.03 46.92
C PRO E 48 12.09 -1.45 45.68
N ARG E 49 12.13 -0.13 45.55
CA ARG E 49 11.52 0.54 44.43
C ARG E 49 12.07 0.04 43.09
N ASP E 50 13.37 -0.14 43.01
CA ASP E 50 13.98 -0.58 41.76
C ASP E 50 13.59 -2.01 41.36
N ALA E 51 13.10 -2.79 42.33
CA ALA E 51 12.72 -4.17 42.09
C ALA E 51 11.32 -4.33 41.47
N GLU E 52 10.48 -3.32 41.67
CA GLU E 52 9.09 -3.34 41.16
C GLU E 52 8.96 -3.60 39.68
N PRO E 53 9.64 -2.80 38.83
CA PRO E 53 9.53 -3.02 37.39
C PRO E 53 10.24 -4.28 36.89
N ARG E 54 10.88 -5.00 37.80
CA ARG E 54 11.59 -6.25 37.48
C ARG E 54 10.75 -7.50 37.80
N HIS E 55 9.51 -7.27 38.21
CA HIS E 55 8.52 -8.29 38.46
C HIS E 55 8.72 -9.24 39.64
N LEU E 56 7.62 -9.85 40.06
CA LEU E 56 7.60 -10.75 41.21
C LEU E 56 6.94 -12.08 40.93
N LEU E 57 7.64 -13.16 41.28
CA LEU E 57 7.09 -14.48 41.08
C LEU E 57 6.78 -15.12 42.44
N VAL E 58 5.50 -15.38 42.69
CA VAL E 58 5.07 -16.00 43.94
C VAL E 58 4.75 -17.46 43.72
N ASN E 59 5.64 -18.31 44.21
CA ASN E 59 5.49 -19.75 44.08
C ASN E 59 5.09 -20.39 45.40
N GLY E 60 4.05 -21.21 45.37
CA GLY E 60 3.59 -21.87 46.58
C GLY E 60 2.41 -22.78 46.34
N ALA E 61 2.17 -23.70 47.26
CA ALA E 61 1.06 -24.63 47.13
C ALA E 61 -0.25 -23.89 47.27
N THR E 62 -1.34 -24.64 47.44
CA THR E 62 -2.67 -24.07 47.60
C THR E 62 -3.00 -23.88 49.09
N GLY E 63 -3.35 -22.65 49.46
CA GLY E 63 -3.68 -22.33 50.83
C GLY E 63 -2.46 -21.99 51.67
N THR E 64 -1.35 -21.68 51.00
CA THR E 64 -0.12 -21.33 51.71
C THR E 64 -0.05 -19.84 52.05
N GLY E 65 -1.02 -19.06 51.56
CA GLY E 65 -1.05 -17.63 51.83
C GLY E 65 -0.81 -16.73 50.63
N LYS E 66 -0.96 -17.28 49.43
CA LYS E 66 -0.77 -16.51 48.21
C LYS E 66 -1.78 -15.40 48.17
N SER E 67 -3.02 -15.71 48.52
CA SER E 67 -4.08 -14.71 48.52
C SER E 67 -3.80 -13.61 49.50
N VAL E 68 -3.31 -13.98 50.68
CA VAL E 68 -2.98 -13.00 51.70
C VAL E 68 -1.90 -12.07 51.18
N LEU E 69 -0.91 -12.64 50.48
CA LEU E 69 0.19 -11.87 49.93
C LEU E 69 -0.27 -10.94 48.80
N LEU E 70 -0.97 -11.48 47.81
CA LEU E 70 -1.46 -10.70 46.68
C LEU E 70 -2.39 -9.61 47.16
N ARG E 71 -3.16 -9.94 48.17
CA ARG E 71 -4.12 -9.02 48.76
C ARG E 71 -3.42 -7.81 49.36
N GLU E 72 -2.38 -8.05 50.15
CA GLU E 72 -1.60 -7.00 50.80
C GLU E 72 -0.83 -6.18 49.78
N LEU E 73 -0.28 -6.86 48.79
CA LEU E 73 0.47 -6.19 47.74
C LEU E 73 -0.45 -5.19 47.04
N ALA E 74 -1.62 -5.67 46.62
CA ALA E 74 -2.59 -4.84 45.92
C ALA E 74 -2.99 -3.67 46.80
N TYR E 75 -3.31 -3.95 48.07
CA TYR E 75 -3.70 -2.91 49.01
C TYR E 75 -2.68 -1.78 49.12
N THR E 76 -1.44 -2.13 49.48
CA THR E 76 -0.38 -1.14 49.64
C THR E 76 -0.05 -0.42 48.33
N GLY E 77 -0.40 -1.05 47.22
CA GLY E 77 -0.14 -0.43 45.92
C GLY E 77 -1.22 0.59 45.63
N LEU E 78 -2.44 0.29 46.04
CA LEU E 78 -3.56 1.19 45.83
C LEU E 78 -3.45 2.41 46.75
N LEU E 79 -3.01 2.19 47.99
CA LEU E 79 -2.83 3.27 48.97
C LEU E 79 -1.84 4.27 48.41
N ARG E 80 -0.96 3.79 47.54
CA ARG E 80 0.05 4.64 46.96
C ARG E 80 -0.48 5.29 45.69
N GLY E 81 -1.68 4.91 45.28
CA GLY E 81 -2.26 5.50 44.09
C GLY E 81 -1.88 4.85 42.77
N ASP E 82 -1.37 3.62 42.83
CA ASP E 82 -0.98 2.87 41.63
C ASP E 82 -2.19 2.30 40.91
N ARG E 83 -2.06 2.13 39.59
CA ARG E 83 -3.12 1.53 38.78
C ARG E 83 -2.81 0.06 38.58
N MET E 84 -3.84 -0.74 38.35
CA MET E 84 -3.56 -2.15 38.13
C MET E 84 -4.66 -2.91 37.42
N VAL E 85 -4.23 -3.96 36.74
CA VAL E 85 -5.11 -4.87 36.03
C VAL E 85 -5.02 -6.13 36.86
N ILE E 86 -6.18 -6.67 37.23
CA ILE E 86 -6.18 -7.86 38.05
C ILE E 86 -6.95 -9.05 37.50
N VAL E 87 -6.24 -10.15 37.28
CA VAL E 87 -6.83 -11.40 36.82
C VAL E 87 -7.38 -11.84 38.17
N ASP E 88 -8.69 -11.76 38.31
CA ASP E 88 -9.34 -12.02 39.57
C ASP E 88 -10.36 -13.17 39.60
N PRO E 89 -9.89 -14.39 39.91
CA PRO E 89 -10.78 -15.56 39.97
C PRO E 89 -11.83 -15.35 41.06
N ASN E 90 -13.10 -15.51 40.70
CA ASN E 90 -14.20 -15.35 41.64
C ASN E 90 -14.44 -13.92 42.12
N GLY E 91 -13.79 -12.96 41.50
CA GLY E 91 -13.97 -11.58 41.91
C GLY E 91 -13.63 -11.28 43.35
N ASP E 92 -12.70 -12.03 43.93
CA ASP E 92 -12.31 -11.81 45.32
C ASP E 92 -11.64 -10.45 45.52
N MET E 93 -10.76 -10.08 44.59
CA MET E 93 -10.06 -8.81 44.68
C MET E 93 -11.01 -7.67 44.43
N LEU E 94 -11.98 -7.88 43.56
CA LEU E 94 -12.98 -6.88 43.23
C LEU E 94 -13.86 -6.56 44.43
N SER E 95 -14.30 -7.61 45.13
CA SER E 95 -15.17 -7.43 46.29
C SER E 95 -14.48 -6.69 47.43
N LYS E 96 -13.15 -6.77 47.49
CA LYS E 96 -12.43 -6.09 48.56
C LYS E 96 -11.85 -4.72 48.16
N PHE E 97 -11.46 -4.58 46.91
CA PHE E 97 -10.83 -3.34 46.43
C PHE E 97 -11.52 -2.58 45.29
N GLY E 98 -12.65 -3.06 44.83
CA GLY E 98 -13.33 -2.36 43.75
C GLY E 98 -13.94 -1.04 44.14
N ARG E 99 -13.77 -0.04 43.29
CA ARG E 99 -14.36 1.27 43.53
C ARG E 99 -15.34 1.50 42.40
N ASP E 100 -16.03 2.64 42.44
CA ASP E 100 -17.04 2.96 41.44
C ASP E 100 -16.49 3.25 40.05
N LYS E 101 -15.35 3.94 40.02
CA LYS E 101 -14.72 4.30 38.76
C LYS E 101 -14.02 3.13 38.08
N ASP E 102 -13.88 2.02 38.79
CA ASP E 102 -13.19 0.86 38.26
C ASP E 102 -13.96 0.08 37.20
N ILE E 103 -13.20 -0.60 36.34
CA ILE E 103 -13.74 -1.37 35.23
C ILE E 103 -13.81 -2.86 35.55
N ILE E 104 -14.73 -3.55 34.89
CA ILE E 104 -14.91 -4.99 35.08
C ILE E 104 -15.05 -5.66 33.72
N LEU E 105 -14.27 -6.70 33.48
CA LEU E 105 -14.35 -7.46 32.24
C LEU E 105 -14.77 -8.89 32.57
N ASN E 106 -16.02 -9.21 32.26
CA ASN E 106 -16.57 -10.54 32.53
C ASN E 106 -17.79 -10.67 31.66
N PRO E 107 -17.79 -11.58 30.68
CA PRO E 107 -18.97 -11.69 29.83
C PRO E 107 -20.30 -11.99 30.52
N TYR E 108 -20.28 -12.44 31.77
CA TYR E 108 -21.50 -12.79 32.50
C TYR E 108 -21.86 -11.90 33.70
N ASP E 109 -21.21 -10.76 33.83
CA ASP E 109 -21.49 -9.86 34.94
C ASP E 109 -22.19 -8.61 34.41
N GLN E 110 -23.36 -8.30 34.98
CA GLN E 110 -24.14 -7.14 34.53
C GLN E 110 -23.34 -5.85 34.48
N ARG E 111 -22.26 -5.76 35.25
CA ARG E 111 -21.44 -4.57 35.31
C ARG E 111 -20.30 -4.47 34.29
N THR E 112 -20.06 -5.55 33.53
CA THR E 112 -18.99 -5.56 32.53
C THR E 112 -19.04 -4.38 31.60
N LYS E 113 -17.96 -4.21 30.86
CA LYS E 113 -17.89 -3.17 29.85
C LYS E 113 -18.10 -3.97 28.56
N GLY E 114 -18.55 -3.31 27.51
CA GLY E 114 -18.73 -3.99 26.24
C GLY E 114 -17.38 -3.97 25.55
N TRP E 115 -16.97 -5.10 24.98
CA TRP E 115 -15.67 -5.18 24.33
C TRP E 115 -15.63 -6.17 23.17
N SER E 116 -14.71 -5.92 22.25
CA SER E 116 -14.47 -6.73 21.07
C SER E 116 -13.02 -6.37 20.76
N PHE E 117 -12.23 -7.31 20.23
CA PHE E 117 -10.85 -6.97 19.95
C PHE E 117 -10.72 -5.88 18.89
N PHE E 118 -11.80 -5.66 18.13
CA PHE E 118 -11.78 -4.64 17.09
C PHE E 118 -11.48 -3.27 17.69
N ASN E 119 -11.90 -3.08 18.95
CA ASN E 119 -11.71 -1.83 19.67
C ASN E 119 -10.26 -1.49 19.97
N GLU E 120 -9.35 -2.43 19.74
CA GLU E 120 -7.93 -2.20 20.03
C GLU E 120 -7.14 -1.87 18.78
N ILE E 121 -7.75 -2.10 17.60
CA ILE E 121 -7.09 -1.82 16.34
C ILE E 121 -6.99 -0.31 16.05
N ARG E 122 -5.77 0.19 15.89
CA ARG E 122 -5.53 1.61 15.58
C ARG E 122 -4.79 1.71 14.25
N ASN E 123 -3.76 0.89 14.08
CA ASN E 123 -2.97 0.88 12.84
C ASN E 123 -3.14 -0.45 12.13
N ASP E 124 -2.52 -0.61 10.97
CA ASP E 124 -2.68 -1.86 10.26
C ASP E 124 -1.89 -3.01 10.85
N TYR E 125 -0.78 -2.71 11.50
CA TYR E 125 0.01 -3.77 12.09
C TYR E 125 -0.66 -4.30 13.35
N ASP E 126 -1.76 -3.68 13.75
CA ASP E 126 -2.49 -4.09 14.94
C ASP E 126 -3.31 -5.34 14.75
N TRP E 127 -3.63 -5.66 13.50
CA TRP E 127 -4.43 -6.84 13.20
C TRP E 127 -3.70 -8.12 13.61
N GLN E 128 -2.44 -8.27 13.19
CA GLN E 128 -1.71 -9.46 13.58
C GLN E 128 -1.39 -9.37 15.08
N ARG E 129 -0.96 -8.20 15.50
CA ARG E 129 -0.62 -7.95 16.90
C ARG E 129 -1.70 -8.44 17.87
N TYR E 130 -2.96 -8.18 17.56
CA TYR E 130 -4.05 -8.62 18.44
C TYR E 130 -4.64 -9.98 18.07
N ALA E 131 -4.28 -10.50 16.90
CA ALA E 131 -4.76 -11.81 16.50
C ALA E 131 -3.93 -12.79 17.32
N LEU E 132 -2.74 -12.32 17.71
CA LEU E 132 -1.80 -13.09 18.50
C LEU E 132 -2.33 -13.18 19.93
N SER E 133 -3.17 -12.23 20.30
CA SER E 133 -3.77 -12.19 21.64
C SER E 133 -5.01 -13.10 21.62
N VAL E 134 -5.80 -12.98 20.56
CA VAL E 134 -7.01 -13.75 20.43
C VAL E 134 -6.72 -15.23 20.25
N VAL E 135 -5.66 -15.53 19.50
CA VAL E 135 -5.28 -16.93 19.27
C VAL E 135 -3.88 -17.12 19.87
N PRO E 136 -3.80 -17.49 21.15
CA PRO E 136 -2.51 -17.69 21.81
C PRO E 136 -1.64 -18.73 21.14
N ARG E 137 -0.40 -18.86 21.61
CA ARG E 137 0.52 -19.83 21.02
C ARG E 137 0.09 -21.28 21.27
N GLY E 138 0.34 -22.13 20.28
CA GLY E 138 0.01 -23.53 20.39
C GLY E 138 0.98 -24.27 21.29
N LYS E 139 0.49 -25.30 21.97
CA LYS E 139 1.29 -26.08 22.90
C LYS E 139 2.47 -26.74 22.19
N THR E 140 2.21 -27.28 21.00
CA THR E 140 3.23 -27.94 20.20
C THR E 140 3.48 -27.16 18.92
N ASP E 141 4.56 -27.50 18.22
CA ASP E 141 4.91 -26.83 16.99
C ASP E 141 3.83 -27.00 15.94
N GLU E 142 3.23 -28.18 15.94
CA GLU E 142 2.17 -28.48 14.99
C GLU E 142 0.92 -27.67 15.33
N ALA E 143 0.61 -27.56 16.62
CA ALA E 143 -0.55 -26.80 17.08
C ALA E 143 -0.36 -25.32 16.78
N GLU E 144 0.89 -24.87 16.78
CA GLU E 144 1.18 -23.48 16.48
C GLU E 144 1.06 -23.26 14.97
N GLU E 145 1.26 -24.32 14.19
CA GLU E 145 1.12 -24.20 12.75
C GLU E 145 -0.36 -23.91 12.48
N TRP E 146 -1.24 -24.63 13.15
CA TRP E 146 -2.68 -24.44 13.01
C TRP E 146 -3.12 -23.08 13.53
N ALA E 147 -2.57 -22.69 14.67
CA ALA E 147 -2.92 -21.42 15.27
C ALA E 147 -2.51 -20.31 14.33
N SER E 148 -1.43 -20.54 13.60
CA SER E 148 -0.91 -19.58 12.65
C SER E 148 -1.91 -19.37 11.52
N TYR E 149 -2.54 -20.46 11.09
CA TYR E 149 -3.55 -20.44 10.03
C TYR E 149 -4.82 -19.79 10.55
N GLY E 150 -5.07 -19.95 11.85
CA GLY E 150 -6.24 -19.36 12.45
C GLY E 150 -6.11 -17.85 12.52
N ARG E 151 -4.90 -17.35 12.71
CA ARG E 151 -4.67 -15.91 12.79
C ARG E 151 -4.80 -15.28 11.41
N LEU E 152 -4.32 -15.98 10.39
CA LEU E 152 -4.43 -15.49 9.04
C LEU E 152 -5.91 -15.35 8.71
N LEU E 153 -6.68 -16.38 8.98
CA LEU E 153 -8.10 -16.34 8.69
C LEU E 153 -8.76 -15.26 9.52
N LEU E 154 -8.46 -15.24 10.82
CA LEU E 154 -9.04 -14.25 11.71
C LEU E 154 -8.77 -12.83 11.28
N ARG E 155 -7.50 -12.51 11.03
CA ARG E 155 -7.14 -11.15 10.66
C ARG E 155 -7.60 -10.72 9.26
N GLU E 156 -7.62 -11.65 8.32
CA GLU E 156 -8.06 -11.33 6.97
C GLU E 156 -9.58 -11.12 6.93
N THR E 157 -10.31 -12.01 7.60
CA THR E 157 -11.78 -11.90 7.66
C THR E 157 -12.18 -10.68 8.48
N ALA E 158 -11.44 -10.38 9.53
CA ALA E 158 -11.75 -9.24 10.39
C ALA E 158 -11.49 -7.91 9.68
N LYS E 159 -10.38 -7.85 8.93
CA LYS E 159 -10.03 -6.64 8.20
C LYS E 159 -11.15 -6.27 7.25
N LYS E 160 -11.66 -7.28 6.56
CA LYS E 160 -12.74 -7.09 5.61
C LYS E 160 -14.05 -6.70 6.26
N LEU E 161 -14.44 -7.38 7.33
CA LEU E 161 -15.68 -7.04 8.02
C LEU E 161 -15.61 -5.60 8.48
N ALA E 162 -14.42 -5.16 8.87
CA ALA E 162 -14.21 -3.79 9.33
C ALA E 162 -14.43 -2.79 8.18
N LEU E 163 -13.98 -3.16 6.98
CA LEU E 163 -14.15 -2.31 5.80
C LEU E 163 -15.61 -2.29 5.35
N ILE E 164 -16.18 -3.47 5.19
CA ILE E 164 -17.56 -3.60 4.77
C ILE E 164 -18.49 -3.13 5.89
N GLY E 165 -18.01 -2.20 6.70
CA GLY E 165 -18.81 -1.65 7.78
C GLY E 165 -19.47 -2.55 8.82
N THR E 166 -19.22 -3.86 8.82
CA THR E 166 -19.86 -4.74 9.83
C THR E 166 -18.92 -5.45 10.80
N PRO E 167 -18.09 -4.70 11.54
CA PRO E 167 -17.14 -5.29 12.49
C PRO E 167 -17.75 -5.93 13.73
N SER E 168 -18.50 -7.01 13.55
CA SER E 168 -19.11 -7.67 14.69
C SER E 168 -18.47 -9.05 14.91
N MET E 169 -18.43 -9.49 16.16
CA MET E 169 -17.87 -10.79 16.49
C MET E 169 -18.82 -11.89 16.04
N ARG E 170 -20.11 -11.58 15.99
CA ARG E 170 -21.10 -12.53 15.54
C ARG E 170 -20.87 -12.81 14.07
N GLU E 171 -20.58 -11.78 13.29
CA GLU E 171 -20.32 -11.90 11.85
C GLU E 171 -19.04 -12.69 11.64
N LEU E 172 -17.97 -12.24 12.31
CA LEU E 172 -16.67 -12.88 12.22
C LEU E 172 -16.77 -14.36 12.58
N PHE E 173 -17.50 -14.67 13.64
CA PHE E 173 -17.67 -16.05 14.06
C PHE E 173 -18.44 -16.82 13.00
N HIS E 174 -19.40 -16.15 12.36
CA HIS E 174 -20.18 -16.82 11.35
C HIS E 174 -19.32 -17.21 10.16
N TRP E 175 -18.63 -16.23 9.59
CA TRP E 175 -17.81 -16.48 8.42
C TRP E 175 -16.73 -17.52 8.58
N THR E 176 -15.99 -17.41 9.68
CA THR E 176 -14.87 -18.30 9.98
C THR E 176 -15.24 -19.66 10.54
N THR E 177 -16.49 -19.82 10.98
CA THR E 177 -16.95 -21.07 11.60
C THR E 177 -18.25 -21.67 11.09
N ILE E 178 -19.21 -20.84 10.72
CA ILE E 178 -20.52 -21.30 10.27
C ILE E 178 -20.75 -21.38 8.75
N ALA E 179 -20.29 -20.37 8.02
CA ALA E 179 -20.47 -20.33 6.58
C ALA E 179 -19.87 -21.59 5.96
N THR E 180 -20.36 -22.02 4.79
CA THR E 180 -19.79 -23.21 4.18
C THR E 180 -18.38 -22.87 3.69
N PHE E 181 -17.64 -23.90 3.32
CA PHE E 181 -16.29 -23.72 2.85
C PHE E 181 -16.21 -22.78 1.64
N ASP E 182 -17.03 -23.03 0.63
CA ASP E 182 -17.02 -22.22 -0.58
C ASP E 182 -17.42 -20.80 -0.30
N ASP E 183 -18.42 -20.63 0.56
CA ASP E 183 -18.87 -19.28 0.91
C ASP E 183 -17.77 -18.50 1.62
N LEU E 184 -17.01 -19.19 2.46
CA LEU E 184 -15.92 -18.55 3.18
C LEU E 184 -14.85 -18.16 2.19
N ARG E 185 -14.49 -19.10 1.32
CA ARG E 185 -13.48 -18.86 0.30
C ARG E 185 -13.90 -17.71 -0.61
N GLY E 186 -15.22 -17.57 -0.80
CA GLY E 186 -15.74 -16.50 -1.64
C GLY E 186 -15.58 -15.19 -0.90
N PHE E 187 -15.89 -15.21 0.39
CA PHE E 187 -15.77 -14.03 1.22
C PHE E 187 -14.34 -13.54 1.25
N LEU E 188 -13.40 -14.48 1.28
CA LEU E 188 -11.98 -14.16 1.34
C LEU E 188 -11.35 -13.61 0.08
N GLU E 189 -12.12 -13.54 -1.00
CA GLU E 189 -11.58 -13.00 -2.24
C GLU E 189 -11.40 -11.51 -2.04
N GLY E 190 -10.27 -10.99 -2.51
CA GLY E 190 -9.99 -9.57 -2.35
C GLY E 190 -9.13 -9.34 -1.12
N THR E 191 -8.91 -10.41 -0.36
CA THR E 191 -8.09 -10.37 0.83
C THR E 191 -6.78 -11.12 0.56
N LEU E 192 -5.77 -10.88 1.40
CA LEU E 192 -4.47 -11.53 1.24
C LEU E 192 -4.57 -13.05 1.39
N ALA E 193 -5.65 -13.51 2.00
CA ALA E 193 -5.87 -14.93 2.25
C ALA E 193 -6.65 -15.65 1.16
N GLU E 194 -7.03 -14.94 0.10
CA GLU E 194 -7.79 -15.57 -0.96
C GLU E 194 -7.03 -16.71 -1.64
N SER E 195 -5.75 -16.50 -1.92
CA SER E 195 -4.95 -17.51 -2.59
C SER E 195 -4.15 -18.42 -1.67
N LEU E 196 -3.88 -17.97 -0.46
CA LEU E 196 -3.14 -18.81 0.47
C LEU E 196 -3.99 -20.00 0.94
N PHE E 197 -5.30 -19.87 0.92
CA PHE E 197 -6.18 -20.94 1.37
C PHE E 197 -6.86 -21.69 0.23
N ALA E 198 -6.32 -21.52 -0.97
CA ALA E 198 -6.89 -22.18 -2.13
C ALA E 198 -5.81 -22.69 -3.05
N GLY E 199 -6.19 -23.61 -3.94
CA GLY E 199 -5.23 -24.13 -4.89
C GLY E 199 -4.56 -25.47 -4.64
N SER E 200 -4.85 -26.11 -3.51
CA SER E 200 -4.26 -27.42 -3.24
C SER E 200 -4.94 -28.06 -2.05
N ASN E 201 -4.73 -29.37 -1.90
CA ASN E 201 -5.32 -30.09 -0.77
C ASN E 201 -4.71 -29.54 0.52
N GLU E 202 -3.43 -29.19 0.44
CA GLU E 202 -2.74 -28.65 1.59
C GLU E 202 -3.35 -27.30 2.03
N ALA E 203 -3.67 -26.45 1.07
CA ALA E 203 -4.28 -25.17 1.39
C ALA E 203 -5.63 -25.40 2.07
N SER E 204 -6.40 -26.37 1.58
CA SER E 204 -7.71 -26.68 2.13
C SER E 204 -7.60 -27.20 3.53
N LYS E 205 -6.52 -27.96 3.77
CA LYS E 205 -6.27 -28.52 5.08
C LYS E 205 -5.96 -27.37 6.01
N ALA E 206 -5.12 -26.45 5.53
CA ALA E 206 -4.75 -25.28 6.32
C ALA E 206 -6.01 -24.49 6.69
N LEU E 207 -6.92 -24.34 5.74
CA LEU E 207 -8.16 -23.60 5.97
C LEU E 207 -9.00 -24.32 7.02
N THR E 208 -9.13 -25.63 6.88
CA THR E 208 -9.88 -26.45 7.83
C THR E 208 -9.33 -26.27 9.24
N SER E 209 -8.01 -26.35 9.37
CA SER E 209 -7.33 -26.18 10.66
C SER E 209 -7.64 -24.83 11.29
N ALA E 210 -7.68 -23.80 10.46
CA ALA E 210 -7.97 -22.43 10.87
C ALA E 210 -9.36 -22.35 11.47
N ARG E 211 -10.33 -22.93 10.78
CA ARG E 211 -11.73 -22.94 11.22
C ARG E 211 -11.84 -23.54 12.60
N PHE E 212 -11.20 -24.69 12.76
CA PHE E 212 -11.21 -25.38 14.04
C PHE E 212 -10.59 -24.55 15.15
N VAL E 213 -9.46 -23.92 14.88
CA VAL E 213 -8.77 -23.08 15.86
C VAL E 213 -9.67 -21.93 16.32
N LEU E 214 -10.34 -21.30 15.37
CA LEU E 214 -11.23 -20.20 15.67
C LEU E 214 -12.54 -20.60 16.35
N SER E 215 -13.02 -21.81 16.08
CA SER E 215 -14.26 -22.31 16.69
C SER E 215 -14.02 -22.57 18.18
N ASP E 216 -12.75 -22.77 18.53
CA ASP E 216 -12.38 -23.03 19.91
C ASP E 216 -12.10 -21.76 20.69
N LYS E 217 -11.53 -20.74 20.04
CA LYS E 217 -11.18 -19.50 20.70
C LYS E 217 -12.27 -18.43 20.73
N LEU E 218 -12.99 -18.29 19.62
CA LEU E 218 -14.01 -17.26 19.50
C LEU E 218 -15.36 -17.34 20.22
N PRO E 219 -15.85 -18.53 20.59
CA PRO E 219 -17.15 -18.57 21.27
C PRO E 219 -17.42 -17.49 22.33
N GLU E 220 -16.55 -17.39 23.34
CA GLU E 220 -16.74 -16.42 24.39
C GLU E 220 -16.57 -14.98 23.96
N HIS E 221 -15.93 -14.76 22.80
CA HIS E 221 -15.75 -13.41 22.31
C HIS E 221 -17.09 -12.92 21.78
N VAL E 222 -17.85 -13.86 21.24
CA VAL E 222 -19.16 -13.57 20.69
C VAL E 222 -20.12 -13.31 21.84
N THR E 223 -20.08 -14.17 22.84
CA THR E 223 -20.95 -14.06 24.01
C THR E 223 -20.71 -12.76 24.75
N MET E 224 -19.48 -12.28 24.71
CA MET E 224 -19.13 -11.05 25.40
C MET E 224 -20.01 -9.91 24.93
N PRO E 225 -20.56 -9.13 25.87
CA PRO E 225 -21.43 -7.99 25.55
C PRO E 225 -20.60 -7.03 24.70
N ASP E 226 -21.11 -6.63 23.54
CA ASP E 226 -20.33 -5.71 22.73
C ASP E 226 -20.36 -4.31 23.32
N GLY E 227 -19.42 -3.48 22.89
CA GLY E 227 -19.35 -2.13 23.41
C GLY E 227 -18.17 -1.40 22.83
N ASP E 228 -17.86 -0.25 23.40
CA ASP E 228 -16.76 0.57 22.93
C ASP E 228 -15.53 0.58 23.79
N PHE E 229 -15.56 -0.11 24.92
CA PHE E 229 -14.41 -0.13 25.80
C PHE E 229 -13.15 -0.62 25.09
N SER E 230 -12.06 0.14 25.26
CA SER E 230 -10.77 -0.21 24.68
C SER E 230 -9.74 -0.26 25.78
N ILE E 231 -9.03 -1.38 25.92
CA ILE E 231 -8.02 -1.51 26.96
C ILE E 231 -6.87 -0.58 26.67
N ARG E 232 -6.62 -0.30 25.39
CA ARG E 232 -5.55 0.59 25.00
C ARG E 232 -5.84 2.00 25.47
N SER E 233 -7.07 2.44 25.24
CA SER E 233 -7.50 3.77 25.65
C SER E 233 -7.56 3.86 27.18
N TRP E 234 -7.98 2.78 27.82
CA TRP E 234 -8.07 2.74 29.26
C TRP E 234 -6.68 2.93 29.84
N LEU E 235 -5.69 2.30 29.22
CA LEU E 235 -4.32 2.39 29.69
C LEU E 235 -3.82 3.81 29.58
N GLU E 236 -4.36 4.54 28.60
CA GLU E 236 -3.95 5.91 28.36
C GLU E 236 -4.66 6.92 29.26
N ASP E 237 -5.84 6.55 29.77
CA ASP E 237 -6.57 7.45 30.65
C ASP E 237 -6.03 7.38 32.08
N PRO E 238 -5.48 8.50 32.58
CA PRO E 238 -4.91 8.59 33.93
C PRO E 238 -5.94 8.35 35.02
N ASN E 239 -7.20 8.68 34.73
CA ASN E 239 -8.27 8.52 35.68
C ASN E 239 -9.19 7.35 35.36
N GLY E 240 -8.69 6.43 34.54
CA GLY E 240 -9.48 5.27 34.17
C GLY E 240 -9.77 4.29 35.29
N GLY E 241 -8.97 4.34 36.36
CA GLY E 241 -9.19 3.45 37.47
C GLY E 241 -8.48 2.13 37.27
N ASN E 242 -9.01 1.07 37.87
CA ASN E 242 -8.38 -0.25 37.75
C ASN E 242 -9.28 -1.20 37.02
N LEU E 243 -8.68 -2.24 36.44
CA LEU E 243 -9.44 -3.20 35.69
C LEU E 243 -9.44 -4.54 36.39
N PHE E 244 -10.64 -5.09 36.56
CA PHE E 244 -10.78 -6.40 37.19
C PHE E 244 -11.33 -7.39 36.20
N ILE E 245 -10.53 -8.40 35.87
CA ILE E 245 -10.96 -9.45 34.97
C ILE E 245 -11.37 -10.59 35.89
N THR E 246 -12.68 -10.75 36.08
CA THR E 246 -13.23 -11.77 36.97
C THR E 246 -13.96 -12.91 36.22
N TRP E 247 -14.30 -13.95 36.96
CA TRP E 247 -15.03 -15.09 36.43
C TRP E 247 -15.23 -16.19 37.50
N ARG E 248 -16.32 -16.94 37.37
CA ARG E 248 -16.63 -18.03 38.29
C ARG E 248 -15.66 -19.15 37.97
N GLU E 249 -15.12 -19.81 38.99
CA GLU E 249 -14.17 -20.87 38.77
C GLU E 249 -14.73 -22.08 38.04
N ASP E 250 -16.05 -22.24 38.01
CA ASP E 250 -16.64 -23.38 37.32
C ASP E 250 -16.66 -23.14 35.82
N MET E 251 -16.22 -21.97 35.40
CA MET E 251 -16.18 -21.58 33.99
C MET E 251 -14.76 -21.26 33.54
N GLY E 252 -13.78 -21.72 34.30
CA GLY E 252 -12.41 -21.44 33.95
C GLY E 252 -12.04 -21.86 32.55
N PRO E 253 -12.18 -23.17 32.23
CA PRO E 253 -11.86 -23.70 30.90
C PRO E 253 -12.56 -23.01 29.75
N ALA E 254 -13.82 -22.66 29.94
CA ALA E 254 -14.57 -21.99 28.91
C ALA E 254 -13.98 -20.59 28.61
N LEU E 255 -13.62 -19.87 29.66
CA LEU E 255 -13.07 -18.52 29.53
C LEU E 255 -11.56 -18.43 29.46
N ARG E 256 -10.87 -19.57 29.44
CA ARG E 256 -9.41 -19.55 29.39
C ARG E 256 -8.91 -18.74 28.22
N PRO E 257 -9.45 -18.96 27.01
CA PRO E 257 -8.96 -18.17 25.89
C PRO E 257 -9.27 -16.67 25.91
N LEU E 258 -10.46 -16.30 26.40
CA LEU E 258 -10.82 -14.89 26.45
C LEU E 258 -9.95 -14.15 27.46
N ILE E 259 -9.87 -14.70 28.67
CA ILE E 259 -9.07 -14.10 29.71
C ILE E 259 -7.64 -13.97 29.25
N SER E 260 -7.17 -14.99 28.54
CA SER E 260 -5.80 -14.98 28.04
C SER E 260 -5.66 -13.83 27.05
N ALA E 261 -6.70 -13.60 26.27
CA ALA E 261 -6.68 -12.55 25.28
C ALA E 261 -6.53 -11.21 25.95
N TRP E 262 -7.30 -10.96 27.00
CA TRP E 262 -7.23 -9.68 27.70
C TRP E 262 -5.86 -9.48 28.35
N VAL E 263 -5.35 -10.52 29.00
CA VAL E 263 -4.06 -10.44 29.62
C VAL E 263 -3.04 -10.10 28.55
N ASP E 264 -3.12 -10.78 27.41
CA ASP E 264 -2.18 -10.52 26.33
C ASP E 264 -2.35 -9.13 25.71
N VAL E 265 -3.58 -8.64 25.66
CA VAL E 265 -3.79 -7.32 25.09
C VAL E 265 -3.07 -6.29 25.95
N VAL E 266 -3.15 -6.46 27.26
CA VAL E 266 -2.47 -5.54 28.15
C VAL E 266 -0.97 -5.66 27.91
N CYS E 267 -0.50 -6.89 27.71
CA CYS E 267 0.93 -7.11 27.49
C CYS E 267 1.53 -6.45 26.24
N THR E 268 0.80 -6.35 25.14
CA THR E 268 1.38 -5.70 23.96
C THR E 268 1.10 -4.22 24.04
N SER E 269 -0.13 -3.90 24.41
CA SER E 269 -0.57 -2.51 24.46
C SER E 269 0.32 -1.59 25.26
N ILE E 270 0.75 -1.99 26.44
CA ILE E 270 1.59 -1.10 27.22
C ILE E 270 2.90 -0.78 26.49
N LEU E 271 3.20 -1.51 25.42
CA LEU E 271 4.42 -1.28 24.64
C LEU E 271 4.26 -0.09 23.70
N SER E 272 3.03 0.41 23.59
CA SER E 272 2.72 1.54 22.72
C SER E 272 2.48 2.81 23.51
N LEU E 273 2.38 2.68 24.83
CA LEU E 273 2.14 3.85 25.66
C LEU E 273 3.30 4.82 25.60
N PRO E 274 2.99 6.12 25.46
CA PRO E 274 4.04 7.14 25.40
C PRO E 274 4.82 7.15 26.72
N GLU E 275 6.14 7.32 26.66
CA GLU E 275 6.93 7.29 27.89
C GLU E 275 6.42 8.25 28.95
N GLU E 276 6.23 7.70 30.14
CA GLU E 276 5.77 8.47 31.28
C GLU E 276 6.46 7.92 32.53
N PRO E 277 7.54 8.58 32.96
CA PRO E 277 8.33 8.18 34.13
C PRO E 277 7.51 8.00 35.39
N LYS E 278 6.38 8.68 35.46
CA LYS E 278 5.49 8.62 36.62
C LYS E 278 4.53 7.43 36.63
N ARG E 279 4.27 6.84 35.48
CA ARG E 279 3.34 5.71 35.40
C ARG E 279 3.79 4.44 36.09
N ARG E 280 2.85 3.84 36.81
CA ARG E 280 3.06 2.60 37.55
C ARG E 280 1.82 1.73 37.40
N LEU E 281 1.89 0.74 36.51
CA LEU E 281 0.79 -0.16 36.25
C LEU E 281 1.15 -1.59 36.65
N TRP E 282 0.33 -2.20 37.51
CA TRP E 282 0.57 -3.58 37.94
C TRP E 282 -0.30 -4.54 37.17
N LEU E 283 0.27 -5.68 36.82
CA LEU E 283 -0.48 -6.73 36.15
C LEU E 283 -0.43 -7.88 37.15
N PHE E 284 -1.58 -8.20 37.73
CA PHE E 284 -1.67 -9.30 38.67
C PHE E 284 -2.24 -10.49 37.92
N ILE E 285 -1.35 -11.40 37.55
CA ILE E 285 -1.76 -12.61 36.85
C ILE E 285 -1.91 -13.66 37.95
N ASP E 286 -3.12 -13.84 38.44
CA ASP E 286 -3.33 -14.81 39.50
C ASP E 286 -2.42 -16.04 39.36
N GLU E 287 -2.82 -16.97 38.49
CA GLU E 287 -2.05 -18.19 38.28
C GLU E 287 -1.62 -18.21 36.81
N LEU E 288 -0.36 -17.85 36.59
CA LEU E 288 0.20 -17.78 35.26
C LEU E 288 0.01 -19.02 34.39
N ALA E 289 0.19 -20.20 34.97
CA ALA E 289 0.05 -21.43 34.20
C ALA E 289 -1.40 -21.83 33.95
N SER E 290 -2.35 -20.99 34.34
CA SER E 290 -3.75 -21.29 34.13
C SER E 290 -4.23 -20.59 32.88
N LEU E 291 -3.41 -19.69 32.36
CA LEU E 291 -3.73 -18.94 31.14
C LEU E 291 -3.10 -19.70 29.98
N GLU E 292 -3.53 -19.40 28.77
CA GLU E 292 -2.97 -20.08 27.61
C GLU E 292 -1.52 -19.62 27.48
N LYS E 293 -0.84 -20.09 26.46
CA LYS E 293 0.55 -19.70 26.24
C LYS E 293 0.56 -18.30 25.62
N LEU E 294 0.71 -17.29 26.48
CA LEU E 294 0.68 -15.89 26.05
C LEU E 294 1.79 -15.51 25.12
N ALA E 295 1.42 -14.88 24.02
CA ALA E 295 2.34 -14.45 22.98
C ALA E 295 3.18 -13.25 23.32
N SER E 296 2.63 -12.33 24.11
CA SER E 296 3.35 -11.10 24.41
C SER E 296 3.87 -10.97 25.82
N LEU E 297 3.56 -11.91 26.68
CA LEU E 297 3.99 -11.83 28.07
C LEU E 297 5.49 -11.60 28.19
N ALA E 298 6.24 -12.38 27.43
CA ALA E 298 7.70 -12.31 27.46
C ALA E 298 8.24 -10.92 27.21
N ASP E 299 7.84 -10.31 26.09
CA ASP E 299 8.29 -8.96 25.79
C ASP E 299 7.83 -7.95 26.83
N ALA E 300 6.65 -8.13 27.37
CA ALA E 300 6.14 -7.20 28.37
C ALA E 300 7.00 -7.28 29.63
N LEU E 301 7.46 -8.49 29.96
CA LEU E 301 8.26 -8.67 31.17
C LEU E 301 9.65 -8.17 30.94
N THR E 302 9.97 -7.92 29.68
CA THR E 302 11.28 -7.50 29.26
C THR E 302 11.42 -6.05 28.80
N LYS E 303 10.37 -5.52 28.18
CA LYS E 303 10.38 -4.17 27.65
C LYS E 303 9.33 -3.24 28.23
N GLY E 304 8.79 -3.59 29.39
CA GLY E 304 7.76 -2.76 29.99
C GLY E 304 8.22 -1.79 31.06
N ARG E 305 9.53 -1.62 31.23
CA ARG E 305 10.03 -0.72 32.27
C ARG E 305 9.67 0.73 31.97
N LYS E 306 9.85 1.15 30.73
CA LYS E 306 9.53 2.53 30.34
C LYS E 306 8.05 2.81 30.54
N ALA E 307 7.21 1.80 30.29
CA ALA E 307 5.76 1.92 30.43
C ALA E 307 5.38 1.82 31.90
N GLY E 308 6.32 1.37 32.72
CA GLY E 308 6.07 1.24 34.15
C GLY E 308 5.32 -0.01 34.53
N LEU E 309 5.42 -1.07 33.72
CA LEU E 309 4.72 -2.32 34.01
C LEU E 309 5.39 -3.09 35.15
N ARG E 310 4.57 -3.65 36.01
CA ARG E 310 5.01 -4.44 37.16
C ARG E 310 4.11 -5.67 37.18
N VAL E 311 4.65 -6.84 36.84
CA VAL E 311 3.85 -8.07 36.83
C VAL E 311 4.10 -8.92 38.04
N VAL E 312 3.01 -9.43 38.61
CA VAL E 312 3.09 -10.31 39.76
C VAL E 312 2.36 -11.54 39.30
N ALA E 313 3.03 -12.69 39.30
CA ALA E 313 2.40 -13.92 38.84
C ALA E 313 2.58 -15.02 39.83
N GLY E 314 1.58 -15.89 39.93
CA GLY E 314 1.66 -17.00 40.85
C GLY E 314 1.98 -18.27 40.10
N LEU E 315 2.68 -19.18 40.77
CA LEU E 315 3.03 -20.46 40.17
C LEU E 315 3.01 -21.51 41.25
N GLN E 316 2.89 -22.77 40.86
CA GLN E 316 2.86 -23.87 41.82
C GLN E 316 3.92 -24.91 41.49
N SER E 317 3.64 -25.80 40.54
CA SER E 317 4.64 -26.81 40.17
C SER E 317 5.37 -26.36 38.94
N THR E 318 6.66 -26.62 38.91
CA THR E 318 7.48 -26.24 37.77
C THR E 318 6.85 -26.84 36.52
N SER E 319 6.39 -28.09 36.63
CA SER E 319 5.80 -28.81 35.52
C SER E 319 4.57 -28.16 34.91
N GLN E 320 3.90 -27.30 35.66
CA GLN E 320 2.70 -26.62 35.13
C GLN E 320 3.03 -25.68 33.98
N LEU E 321 3.97 -24.77 34.22
CA LEU E 321 4.36 -23.81 33.22
C LEU E 321 5.14 -24.52 32.12
N ASP E 322 5.87 -25.56 32.51
CA ASP E 322 6.66 -26.35 31.57
C ASP E 322 5.74 -27.03 30.53
N ASP E 323 4.56 -27.44 30.96
CA ASP E 323 3.65 -28.09 30.04
C ASP E 323 2.95 -27.09 29.13
N VAL E 324 2.70 -25.89 29.65
CA VAL E 324 2.04 -24.84 28.88
C VAL E 324 2.98 -24.19 27.85
N TYR E 325 4.16 -23.78 28.31
CA TYR E 325 5.12 -23.13 27.42
C TYR E 325 6.22 -24.01 26.85
N GLY E 326 6.44 -25.17 27.45
CA GLY E 326 7.51 -26.04 27.01
C GLY E 326 8.66 -25.65 27.92
N VAL E 327 9.54 -26.60 28.22
CA VAL E 327 10.66 -26.36 29.12
C VAL E 327 11.53 -25.13 28.83
N LYS E 328 11.94 -24.97 27.59
CA LYS E 328 12.80 -23.86 27.22
C LYS E 328 12.16 -22.51 27.47
N GLU E 329 10.97 -22.30 26.90
CA GLU E 329 10.27 -21.02 27.07
C GLU E 329 9.78 -20.76 28.49
N ALA E 330 9.48 -21.84 29.23
CA ALA E 330 9.02 -21.69 30.60
C ALA E 330 10.19 -21.21 31.43
N GLN E 331 11.39 -21.64 31.05
CA GLN E 331 12.60 -21.21 31.74
C GLN E 331 12.85 -19.72 31.52
N THR E 332 12.76 -19.30 30.26
CA THR E 332 12.94 -17.91 29.88
C THR E 332 11.92 -17.02 30.59
N LEU E 333 10.69 -17.51 30.65
CA LEU E 333 9.60 -16.77 31.29
C LEU E 333 9.85 -16.62 32.79
N ARG E 334 10.09 -17.72 33.50
CA ARG E 334 10.33 -17.63 34.93
C ARG E 334 11.53 -16.75 35.21
N ALA E 335 12.52 -16.82 34.32
CA ALA E 335 13.76 -16.03 34.47
C ALA E 335 13.53 -14.53 34.40
N SER E 336 12.38 -14.14 33.86
CA SER E 336 12.00 -12.74 33.69
C SER E 336 11.45 -12.07 34.94
N PHE E 337 11.20 -12.86 35.97
CA PHE E 337 10.72 -12.33 37.24
C PHE E 337 11.95 -12.35 38.14
N ARG E 338 12.50 -11.16 38.43
CA ARG E 338 13.70 -11.01 39.25
C ARG E 338 13.51 -11.19 40.74
N SER E 339 12.29 -11.03 41.24
CA SER E 339 12.02 -11.21 42.66
C SER E 339 11.21 -12.48 42.87
N LEU E 340 11.58 -13.25 43.89
CA LEU E 340 10.92 -14.51 44.18
C LEU E 340 10.46 -14.69 45.60
N VAL E 341 9.26 -15.24 45.73
CA VAL E 341 8.68 -15.54 47.03
C VAL E 341 8.32 -17.03 47.00
N VAL E 342 8.84 -17.79 47.96
CA VAL E 342 8.55 -19.22 48.03
C VAL E 342 7.73 -19.50 49.28
N LEU E 343 6.50 -19.96 49.07
CA LEU E 343 5.59 -20.24 50.16
C LEU E 343 5.56 -21.68 50.63
N GLY E 344 6.40 -22.53 50.09
CA GLY E 344 6.34 -23.90 50.57
C GLY E 344 5.31 -24.73 49.85
N GLY E 345 5.75 -25.91 49.40
CA GLY E 345 4.88 -26.79 48.67
C GLY E 345 4.61 -28.11 49.34
N SER E 346 4.26 -29.09 48.52
CA SER E 346 3.94 -30.40 48.99
C SER E 346 5.14 -31.33 49.05
N ARG E 347 5.13 -32.28 50.00
CA ARG E 347 6.22 -33.24 50.10
C ARG E 347 6.12 -34.17 48.90
N THR E 348 4.94 -34.17 48.26
CA THR E 348 4.71 -35.01 47.09
C THR E 348 5.24 -34.36 45.81
N ASP E 349 5.92 -33.22 45.94
CA ASP E 349 6.50 -32.56 44.78
C ASP E 349 7.98 -32.23 45.02
N PRO E 350 8.80 -33.27 45.22
CA PRO E 350 10.23 -33.07 45.46
C PRO E 350 10.99 -32.27 44.41
N LYS E 351 10.55 -32.35 43.15
CA LYS E 351 11.20 -31.64 42.04
C LYS E 351 11.06 -30.13 42.13
N THR E 352 9.85 -29.65 42.40
CA THR E 352 9.64 -28.22 42.51
C THR E 352 10.35 -27.69 43.75
N ASN E 353 10.39 -28.48 44.82
CA ASN E 353 11.04 -28.05 46.06
C ASN E 353 12.54 -27.93 45.81
N GLU E 354 13.05 -28.78 44.93
CA GLU E 354 14.47 -28.73 44.61
C GLU E 354 14.72 -27.52 43.71
N ASP E 355 13.79 -27.22 42.81
CA ASP E 355 13.96 -26.08 41.92
C ASP E 355 13.94 -24.79 42.72
N MET E 356 13.00 -24.67 43.65
CA MET E 356 12.90 -23.48 44.50
C MET E 356 14.07 -23.38 45.46
N SER E 357 14.59 -24.51 45.92
CA SER E 357 15.73 -24.53 46.82
C SER E 357 16.94 -24.04 46.03
N LEU E 358 17.09 -24.53 44.81
CA LEU E 358 18.16 -24.12 43.92
C LEU E 358 18.06 -22.61 43.65
N SER E 359 16.84 -22.11 43.48
CA SER E 359 16.60 -20.70 43.21
C SER E 359 16.99 -19.84 44.41
N LEU E 360 16.62 -20.27 45.61
CA LEU E 360 17.00 -19.53 46.80
C LEU E 360 18.54 -19.50 46.89
N GLY E 361 19.19 -20.49 46.28
CA GLY E 361 20.65 -20.50 46.25
C GLY E 361 21.50 -21.14 47.34
N GLU E 362 22.80 -21.23 47.06
CA GLU E 362 23.76 -21.81 47.98
C GLU E 362 24.69 -20.73 48.53
N HIS E 363 25.40 -21.04 49.60
CA HIS E 363 26.36 -20.10 50.14
C HIS E 363 27.60 -20.88 50.52
N GLU E 364 28.73 -20.17 50.58
CA GLU E 364 29.98 -20.78 50.96
C GLU E 364 30.26 -20.17 52.33
N VAL E 365 30.51 -21.03 53.30
CA VAL E 365 30.68 -20.62 54.67
C VAL E 365 31.86 -21.29 55.39
N GLU E 366 32.39 -20.65 56.42
CA GLU E 366 33.47 -21.24 57.19
C GLU E 366 32.89 -21.54 58.56
N ARG E 367 33.19 -22.72 59.07
CA ARG E 367 32.68 -23.17 60.35
C ARG E 367 33.73 -23.92 61.15
N ASP E 368 33.64 -23.78 62.46
CA ASP E 368 34.57 -24.44 63.36
C ASP E 368 34.03 -25.80 63.78
N ARG E 369 34.82 -26.84 63.54
CA ARG E 369 34.42 -28.17 63.93
C ARG E 369 35.17 -28.50 65.22
N TYR E 370 34.48 -28.37 66.34
CA TYR E 370 35.08 -28.63 67.63
C TYR E 370 35.32 -30.10 67.96
N SER E 371 36.36 -30.32 68.77
CA SER E 371 36.77 -31.64 69.21
C SER E 371 37.14 -31.62 70.70
N LYS E 372 37.09 -32.77 71.38
CA LYS E 372 37.42 -32.84 72.81
C LYS E 372 38.32 -34.03 73.17
N THR E 380 41.50 -30.43 74.03
CA THR E 380 40.30 -30.03 73.32
C THR E 380 40.63 -29.10 72.14
N GLY E 381 40.49 -29.63 70.92
CA GLY E 381 40.81 -28.87 69.73
C GLY E 381 39.68 -28.22 68.96
N ARG E 382 40.03 -27.66 67.80
CA ARG E 382 39.09 -26.97 66.93
C ARG E 382 39.71 -26.78 65.54
N ALA E 383 38.90 -26.98 64.50
CA ALA E 383 39.39 -26.84 63.13
C ALA E 383 38.44 -26.06 62.23
N LEU E 384 39.01 -25.35 61.27
CA LEU E 384 38.22 -24.53 60.34
C LEU E 384 37.87 -25.32 59.08
N GLU E 385 36.58 -25.36 58.76
CA GLU E 385 36.11 -26.08 57.58
C GLU E 385 35.42 -25.13 56.60
N ARG E 386 35.63 -25.32 55.30
CA ARG E 386 35.01 -24.50 54.28
C ARG E 386 33.90 -25.34 53.65
N VAL E 387 32.66 -24.88 53.74
CA VAL E 387 31.55 -25.65 53.19
C VAL E 387 30.54 -24.87 52.33
N ARG E 388 30.07 -25.53 51.27
CA ARG E 388 29.07 -24.96 50.37
C ARG E 388 27.78 -25.66 50.78
N GLU E 389 26.68 -24.94 50.88
CA GLU E 389 25.41 -25.57 51.27
C GLU E 389 24.23 -24.77 50.79
N ARG E 390 23.07 -25.40 50.77
CA ARG E 390 21.84 -24.74 50.36
C ARG E 390 21.39 -23.89 51.52
N VAL E 391 21.04 -22.65 51.24
CA VAL E 391 20.54 -21.77 52.29
C VAL E 391 19.19 -22.33 52.74
N VAL E 392 18.37 -22.78 51.78
CA VAL E 392 17.07 -23.35 52.09
C VAL E 392 16.97 -24.72 51.44
N MET E 393 16.98 -25.78 52.26
CA MET E 393 16.88 -27.14 51.77
C MET E 393 15.49 -27.40 51.20
N PRO E 394 15.39 -28.32 50.23
CA PRO E 394 14.10 -28.67 49.62
C PRO E 394 13.10 -29.09 50.72
N ALA E 395 13.58 -29.84 51.72
CA ALA E 395 12.74 -30.28 52.85
C ALA E 395 12.24 -29.10 53.71
N GLU E 396 13.01 -28.02 53.79
CA GLU E 396 12.61 -26.85 54.58
C GLU E 396 11.41 -26.17 53.90
N ILE E 397 11.36 -26.29 52.57
CA ILE E 397 10.27 -25.71 51.79
C ILE E 397 9.01 -26.59 51.88
N ALA E 398 9.20 -27.90 51.89
CA ALA E 398 8.09 -28.84 51.98
C ALA E 398 7.45 -28.81 53.36
N ASN E 399 8.22 -28.44 54.39
CA ASN E 399 7.72 -28.40 55.76
C ASN E 399 7.42 -26.97 56.23
N LEU E 400 7.34 -26.02 55.31
CA LEU E 400 7.05 -24.65 55.70
C LEU E 400 5.62 -24.58 56.24
N PRO E 401 5.44 -23.91 57.39
CA PRO E 401 4.08 -23.80 57.93
C PRO E 401 3.34 -22.76 57.08
N ASP E 402 2.01 -22.82 57.06
CA ASP E 402 1.26 -21.84 56.26
C ASP E 402 1.52 -20.41 56.70
N LEU E 403 1.33 -19.49 55.76
CA LEU E 403 1.53 -18.08 56.01
C LEU E 403 2.97 -17.76 56.41
N THR E 404 3.90 -18.51 55.83
CA THR E 404 5.33 -18.29 56.05
C THR E 404 5.92 -18.37 54.63
N ALA E 405 6.87 -17.49 54.32
CA ALA E 405 7.48 -17.44 53.00
C ALA E 405 8.92 -16.96 53.00
N TYR E 406 9.63 -17.32 51.95
CA TYR E 406 11.01 -16.86 51.80
C TYR E 406 10.91 -15.75 50.80
N VAL E 407 11.44 -14.58 51.17
CA VAL E 407 11.40 -13.43 50.30
C VAL E 407 12.78 -13.17 49.73
N GLY E 408 12.90 -13.32 48.41
CA GLY E 408 14.15 -13.08 47.72
C GLY E 408 13.90 -12.02 46.66
N PHE E 409 14.25 -10.77 46.99
CA PHE E 409 14.07 -9.64 46.08
C PHE E 409 15.22 -9.56 45.08
N ALA E 410 14.97 -8.91 43.94
CA ALA E 410 15.98 -8.78 42.91
C ALA E 410 17.22 -8.09 43.44
N GLY E 411 18.32 -8.29 42.73
CA GLY E 411 19.58 -7.67 43.10
C GLY E 411 20.38 -8.33 44.19
N ASN E 412 21.25 -7.52 44.80
CA ASN E 412 22.12 -7.95 45.87
C ASN E 412 21.45 -7.79 47.24
N ARG E 413 20.46 -8.63 47.52
CA ARG E 413 19.76 -8.57 48.82
C ARG E 413 19.68 -9.97 49.40
N PRO E 414 19.73 -10.09 50.73
CA PRO E 414 19.65 -11.43 51.31
C PRO E 414 18.20 -11.87 51.24
N ILE E 415 17.95 -13.15 51.49
CA ILE E 415 16.58 -13.66 51.49
C ILE E 415 16.23 -13.74 52.97
N ALA E 416 14.96 -13.96 53.29
CA ALA E 416 14.55 -14.07 54.68
C ALA E 416 13.26 -14.83 54.79
N LYS E 417 13.11 -15.58 55.87
CA LYS E 417 11.88 -16.33 56.12
C LYS E 417 10.99 -15.36 56.86
N VAL E 418 9.84 -15.04 56.28
CA VAL E 418 8.92 -14.08 56.86
C VAL E 418 7.51 -14.67 57.01
N PRO E 419 6.80 -14.30 58.10
CA PRO E 419 5.44 -14.78 58.34
C PRO E 419 4.44 -13.76 57.76
N LEU E 420 3.38 -14.28 57.15
CA LEU E 420 2.36 -13.44 56.55
C LEU E 420 1.26 -13.15 57.57
N GLU E 421 0.83 -11.90 57.62
CA GLU E 421 -0.23 -11.48 58.53
C GLU E 421 -1.56 -11.54 57.78
N ILE E 422 -2.56 -12.18 58.38
CA ILE E 422 -3.87 -12.26 57.73
C ILE E 422 -4.69 -11.00 58.00
N LYS E 423 -4.45 -9.95 57.22
CA LYS E 423 -5.20 -8.71 57.40
C LYS E 423 -6.62 -8.93 56.90
N GLN E 424 -7.58 -8.31 57.56
CA GLN E 424 -8.99 -8.45 57.19
C GLN E 424 -9.41 -7.28 56.32
N PHE E 425 -10.14 -7.59 55.27
CA PHE E 425 -10.63 -6.57 54.36
C PHE E 425 -12.14 -6.65 54.24
N ALA E 426 -12.79 -5.50 54.38
CA ALA E 426 -14.23 -5.44 54.29
C ALA E 426 -14.67 -5.57 52.85
N ASN E 427 -15.74 -6.32 52.62
CA ASN E 427 -16.24 -6.47 51.27
C ASN E 427 -16.96 -5.21 50.89
N ARG E 428 -16.31 -4.42 50.04
CA ARG E 428 -16.91 -3.17 49.61
C ARG E 428 -17.65 -3.25 48.28
N GLN E 429 -17.78 -4.44 47.73
CA GLN E 429 -18.48 -4.60 46.46
C GLN E 429 -18.87 -6.06 46.23
N PRO E 430 -20.02 -6.28 45.57
CA PRO E 430 -20.39 -7.69 45.34
C PRO E 430 -19.42 -8.28 44.32
N ALA E 431 -18.94 -9.49 44.57
CA ALA E 431 -17.99 -10.12 43.67
C ALA E 431 -18.58 -10.37 42.30
N PHE E 432 -19.81 -10.87 42.27
CA PHE E 432 -20.50 -11.14 41.02
C PHE E 432 -21.91 -10.62 41.00
N VAL E 433 -22.25 -9.99 39.89
CA VAL E 433 -23.59 -9.48 39.67
C VAL E 433 -24.09 -10.14 38.41
N GLU E 434 -24.61 -11.35 38.54
CA GLU E 434 -25.12 -12.11 37.41
C GLU E 434 -26.45 -11.47 37.02
N GLY E 435 -27.33 -11.38 38.03
CA GLY E 435 -28.66 -10.79 37.89
C GLY E 435 -29.26 -10.49 36.53
N ASN F 2 24.36 -38.02 71.61
CA ASN F 2 23.47 -38.54 70.53
C ASN F 2 22.21 -39.17 71.13
N SER F 3 21.38 -38.32 71.73
CA SER F 3 20.14 -38.74 72.38
C SER F 3 18.86 -38.49 71.57
N VAL F 4 18.96 -38.48 70.24
CA VAL F 4 17.79 -38.25 69.41
C VAL F 4 17.79 -39.23 68.24
N GLY F 5 16.60 -39.53 67.72
CA GLY F 5 16.51 -40.46 66.59
C GLY F 5 16.48 -41.92 66.97
N GLN F 6 15.82 -42.19 68.10
CA GLN F 6 15.69 -43.54 68.61
C GLN F 6 14.19 -43.78 68.77
N GLY F 7 13.69 -44.82 68.12
CA GLY F 7 12.27 -45.13 68.20
C GLY F 7 11.53 -44.17 67.27
N GLU F 8 12.29 -43.63 66.32
CA GLU F 8 11.74 -42.69 65.35
C GLU F 8 12.53 -42.87 64.07
N PHE F 9 13.78 -42.41 64.09
CA PHE F 9 14.70 -42.48 62.97
C PHE F 9 15.36 -43.86 62.84
N GLY F 10 15.38 -44.38 61.61
CA GLY F 10 15.98 -45.69 61.38
C GLY F 10 17.49 -45.67 61.26
N GLY F 11 18.07 -44.48 61.05
CA GLY F 11 19.50 -44.40 60.94
C GLY F 11 20.18 -44.23 62.28
N ALA F 12 21.43 -43.81 62.27
CA ALA F 12 22.18 -43.61 63.51
C ALA F 12 21.57 -42.47 64.35
N PRO F 13 21.51 -42.66 65.69
CA PRO F 13 20.95 -41.62 66.56
C PRO F 13 21.84 -40.40 66.45
N PHE F 14 21.33 -39.22 66.78
CA PHE F 14 22.15 -38.03 66.68
C PHE F 14 22.00 -37.09 67.86
N LYS F 15 22.94 -36.17 67.99
CA LYS F 15 22.92 -35.21 69.09
C LYS F 15 21.89 -34.11 68.90
N ARG F 16 21.92 -33.45 67.74
CA ARG F 16 21.02 -32.35 67.44
C ARG F 16 20.47 -32.35 66.01
N PHE F 17 19.19 -32.01 65.88
CA PHE F 17 18.56 -31.92 64.57
C PHE F 17 18.60 -30.45 64.14
N LEU F 18 19.17 -30.19 62.99
CA LEU F 18 19.27 -28.81 62.50
C LEU F 18 18.07 -28.32 61.68
N ARG F 19 17.79 -29.00 60.56
CA ARG F 19 16.68 -28.63 59.66
C ARG F 19 16.27 -29.80 58.76
N GLY F 20 15.14 -29.62 58.07
CA GLY F 20 14.66 -30.64 57.16
C GLY F 20 13.41 -31.33 57.66
N THR F 21 13.23 -32.58 57.27
CA THR F 21 12.07 -33.34 57.71
C THR F 21 12.31 -33.97 59.08
N ARG F 22 11.35 -33.79 59.97
CA ARG F 22 11.43 -34.37 61.30
C ARG F 22 10.68 -35.69 61.25
N ILE F 23 11.19 -36.69 61.96
CA ILE F 23 10.50 -37.96 62.03
C ILE F 23 10.31 -38.24 63.50
N VAL F 24 9.06 -38.54 63.84
CA VAL F 24 8.67 -38.82 65.20
C VAL F 24 8.06 -40.21 65.29
N SER F 25 7.76 -40.65 66.51
CA SER F 25 7.16 -41.95 66.72
C SER F 25 5.68 -41.81 66.41
N GLY F 26 5.05 -42.90 66.01
CA GLY F 26 3.63 -42.85 65.70
C GLY F 26 2.84 -42.25 66.85
N GLY F 27 3.17 -42.66 68.07
CA GLY F 27 2.48 -42.16 69.25
C GLY F 27 2.59 -40.66 69.43
N LYS F 28 3.79 -40.11 69.26
CA LYS F 28 3.96 -38.67 69.43
C LYS F 28 3.28 -37.88 68.34
N LEU F 29 3.21 -38.43 67.12
CA LEU F 29 2.54 -37.73 66.02
C LEU F 29 1.05 -37.67 66.31
N LYS F 30 0.52 -38.79 66.81
CA LYS F 30 -0.90 -38.87 67.14
C LYS F 30 -1.24 -37.83 68.21
N ARG F 31 -0.25 -37.49 69.02
CA ARG F 31 -0.43 -36.51 70.09
C ARG F 31 -0.40 -35.09 69.51
N MET F 32 0.45 -34.88 68.51
CA MET F 32 0.60 -33.58 67.86
C MET F 32 -0.56 -33.21 66.96
N THR F 33 -1.10 -34.20 66.27
CA THR F 33 -2.19 -33.93 65.36
C THR F 33 -3.56 -34.00 65.99
N ARG F 34 -3.67 -34.58 67.19
CA ARG F 34 -4.96 -34.67 67.88
C ARG F 34 -5.49 -33.26 68.02
N GLU F 35 -6.78 -33.11 67.79
CA GLU F 35 -7.39 -31.79 67.84
C GLU F 35 -8.71 -31.86 68.61
N LYS F 36 -9.16 -30.68 69.04
CA LYS F 36 -10.40 -30.53 69.78
C LYS F 36 -11.55 -31.13 68.95
N ALA F 37 -11.75 -30.55 67.77
CA ALA F 37 -12.82 -30.95 66.86
C ALA F 37 -12.81 -32.43 66.49
N LYS F 38 -13.94 -32.90 65.96
CA LYS F 38 -14.07 -34.28 65.55
C LYS F 38 -13.20 -34.48 64.32
N GLN F 39 -12.25 -35.42 64.40
CA GLN F 39 -11.36 -35.67 63.29
C GLN F 39 -11.59 -37.01 62.63
N VAL F 40 -10.84 -37.24 61.56
CA VAL F 40 -10.87 -38.47 60.77
C VAL F 40 -9.47 -39.04 61.00
N THR F 41 -9.28 -40.35 60.82
CA THR F 41 -7.97 -40.92 61.06
C THR F 41 -7.33 -41.61 59.86
N VAL F 42 -6.02 -41.44 59.75
CA VAL F 42 -5.21 -42.00 58.69
C VAL F 42 -4.18 -42.91 59.37
N ALA F 43 -4.32 -44.21 59.18
CA ALA F 43 -3.40 -45.17 59.81
C ALA F 43 -3.39 -44.97 61.33
N GLY F 44 -4.56 -44.71 61.90
CA GLY F 44 -4.65 -44.51 63.33
C GLY F 44 -4.39 -43.08 63.76
N VAL F 45 -3.61 -42.36 62.96
CA VAL F 45 -3.26 -40.98 63.28
C VAL F 45 -4.37 -40.03 62.89
N PRO F 46 -4.82 -39.17 63.82
CA PRO F 46 -5.89 -38.20 63.58
C PRO F 46 -5.41 -37.15 62.60
N MET F 47 -6.16 -36.99 61.50
CA MET F 47 -5.77 -36.05 60.47
C MET F 47 -6.07 -34.60 60.82
N PRO F 48 -5.06 -33.71 60.75
CA PRO F 48 -5.26 -32.29 61.06
C PRO F 48 -6.41 -31.76 60.21
N ARG F 49 -7.35 -31.08 60.85
CA ARG F 49 -8.51 -30.53 60.16
C ARG F 49 -8.17 -29.70 58.92
N ASP F 50 -7.12 -28.91 59.03
CA ASP F 50 -6.72 -28.06 57.92
C ASP F 50 -6.15 -28.85 56.75
N ALA F 51 -5.65 -30.04 57.04
CA ALA F 51 -5.05 -30.88 56.01
C ALA F 51 -6.08 -31.59 55.11
N GLU F 52 -7.27 -31.83 55.65
CA GLU F 52 -8.32 -32.53 54.92
C GLU F 52 -8.60 -32.00 53.52
N PRO F 53 -8.91 -30.70 53.37
CA PRO F 53 -9.20 -30.14 52.06
C PRO F 53 -7.98 -29.97 51.14
N ARG F 54 -6.81 -30.38 51.61
CA ARG F 54 -5.58 -30.27 50.81
C ARG F 54 -5.19 -31.63 50.23
N HIS F 55 -6.08 -32.60 50.43
CA HIS F 55 -5.97 -33.94 49.89
C HIS F 55 -4.91 -34.92 50.41
N LEU F 56 -5.18 -36.20 50.18
CA LEU F 56 -4.34 -37.28 50.63
C LEU F 56 -4.00 -38.27 49.54
N LEU F 57 -2.72 -38.55 49.41
CA LEU F 57 -2.23 -39.46 48.42
C LEU F 57 -1.62 -40.64 49.13
N VAL F 58 -2.18 -41.82 48.90
CA VAL F 58 -1.69 -43.04 49.54
C VAL F 58 -0.94 -43.87 48.53
N ASN F 59 0.38 -43.92 48.66
CA ASN F 59 1.21 -44.69 47.75
C ASN F 59 1.67 -46.00 48.38
N GLY F 60 1.53 -47.10 47.65
CA GLY F 60 1.97 -48.36 48.18
C GLY F 60 1.68 -49.50 47.24
N ALA F 61 2.34 -50.64 47.48
CA ALA F 61 2.15 -51.82 46.66
C ALA F 61 0.81 -52.47 46.98
N THR F 62 0.52 -53.59 46.33
CA THR F 62 -0.75 -54.30 46.53
C THR F 62 -0.71 -55.15 47.80
N GLY F 63 -1.73 -54.99 48.63
CA GLY F 63 -1.80 -55.76 49.85
C GLY F 63 -0.94 -55.22 50.98
N THR F 64 -0.58 -53.94 50.89
CA THR F 64 0.24 -53.33 51.92
C THR F 64 -0.61 -52.61 52.97
N GLY F 65 -1.93 -52.65 52.79
CA GLY F 65 -2.82 -52.01 53.74
C GLY F 65 -3.63 -50.84 53.24
N LYS F 66 -3.72 -50.64 51.93
CA LYS F 66 -4.50 -49.52 51.41
C LYS F 66 -5.99 -49.66 51.72
N SER F 67 -6.48 -50.90 51.64
CA SER F 67 -7.89 -51.19 51.90
C SER F 67 -8.18 -50.85 53.35
N VAL F 68 -7.29 -51.29 54.23
CA VAL F 68 -7.41 -51.05 55.65
C VAL F 68 -7.45 -49.55 55.91
N LEU F 69 -6.57 -48.82 55.23
CA LEU F 69 -6.45 -47.36 55.38
C LEU F 69 -7.65 -46.58 54.86
N LEU F 70 -8.04 -46.83 53.62
CA LEU F 70 -9.18 -46.11 53.07
C LEU F 70 -10.45 -46.50 53.83
N ARG F 71 -10.54 -47.75 54.24
CA ARG F 71 -11.68 -48.30 54.98
C ARG F 71 -11.88 -47.57 56.32
N GLU F 72 -10.77 -47.29 57.00
CA GLU F 72 -10.76 -46.61 58.29
C GLU F 72 -11.01 -45.11 58.11
N LEU F 73 -10.53 -44.58 56.99
CA LEU F 73 -10.69 -43.18 56.66
C LEU F 73 -12.19 -42.91 56.43
N ALA F 74 -12.81 -43.78 55.64
CA ALA F 74 -14.23 -43.68 55.33
C ALA F 74 -15.12 -43.87 56.57
N TYR F 75 -14.81 -44.87 57.39
CA TYR F 75 -15.58 -45.12 58.60
C TYR F 75 -15.55 -43.91 59.53
N THR F 76 -14.35 -43.45 59.88
CA THR F 76 -14.20 -42.30 60.77
C THR F 76 -14.80 -41.04 60.16
N GLY F 77 -14.88 -41.02 58.83
CA GLY F 77 -15.46 -39.87 58.16
C GLY F 77 -16.97 -39.91 58.30
N LEU F 78 -17.54 -41.11 58.12
CA LEU F 78 -18.98 -41.34 58.24
C LEU F 78 -19.49 -41.10 59.67
N LEU F 79 -18.71 -41.50 60.66
CA LEU F 79 -19.06 -41.29 62.06
C LEU F 79 -19.29 -39.81 62.29
N ARG F 80 -18.44 -39.00 61.65
CA ARG F 80 -18.53 -37.55 61.78
C ARG F 80 -19.68 -36.98 60.96
N GLY F 81 -20.30 -37.84 60.15
CA GLY F 81 -21.42 -37.41 59.33
C GLY F 81 -21.06 -36.80 57.98
N ASP F 82 -19.81 -37.00 57.54
CA ASP F 82 -19.36 -36.47 56.28
C ASP F 82 -20.02 -37.24 55.15
N ARG F 83 -20.16 -36.59 53.99
CA ARG F 83 -20.75 -37.25 52.83
C ARG F 83 -19.58 -37.65 51.96
N MET F 84 -19.81 -38.56 51.02
CA MET F 84 -18.72 -39.00 50.18
C MET F 84 -19.08 -39.76 48.93
N VAL F 85 -18.21 -39.65 47.94
CA VAL F 85 -18.38 -40.34 46.67
C VAL F 85 -17.22 -41.32 46.69
N ILE F 86 -17.54 -42.60 46.53
CA ILE F 86 -16.53 -43.63 46.56
C ILE F 86 -16.44 -44.43 45.28
N VAL F 87 -15.26 -44.40 44.66
CA VAL F 87 -15.03 -45.19 43.46
C VAL F 87 -14.72 -46.53 44.13
N ASP F 88 -15.71 -47.41 44.08
CA ASP F 88 -15.63 -48.68 44.76
C ASP F 88 -15.58 -49.98 43.99
N PRO F 89 -14.36 -50.48 43.71
CA PRO F 89 -14.17 -51.74 42.97
C PRO F 89 -14.78 -52.94 43.72
N ASN F 90 -15.55 -53.75 43.00
CA ASN F 90 -16.19 -54.92 43.61
C ASN F 90 -17.20 -54.60 44.69
N GLY F 91 -17.53 -53.32 44.84
CA GLY F 91 -18.50 -52.94 45.85
C GLY F 91 -18.11 -53.33 47.26
N ASP F 92 -16.82 -53.36 47.57
CA ASP F 92 -16.35 -53.69 48.91
C ASP F 92 -16.79 -52.63 49.94
N MET F 93 -16.60 -51.36 49.59
CA MET F 93 -16.98 -50.27 50.49
C MET F 93 -18.50 -50.22 50.68
N LEU F 94 -19.23 -50.60 49.64
CA LEU F 94 -20.69 -50.62 49.69
C LEU F 94 -21.21 -51.69 50.64
N SER F 95 -20.59 -52.87 50.59
CA SER F 95 -20.99 -53.98 51.44
C SER F 95 -20.83 -53.65 52.88
N LYS F 96 -19.81 -52.89 53.22
CA LYS F 96 -19.56 -52.56 54.61
C LYS F 96 -20.08 -51.23 55.12
N PHE F 97 -20.28 -50.25 54.22
CA PHE F 97 -20.76 -48.94 54.65
C PHE F 97 -22.03 -48.45 53.95
N GLY F 98 -22.58 -49.27 53.07
CA GLY F 98 -23.78 -48.89 52.35
C GLY F 98 -25.06 -48.83 53.18
N ARG F 99 -25.70 -47.66 53.19
CA ARG F 99 -26.96 -47.47 53.92
C ARG F 99 -28.09 -47.48 52.91
N ASP F 100 -29.32 -47.43 53.40
CA ASP F 100 -30.46 -47.50 52.51
C ASP F 100 -30.73 -46.24 51.69
N LYS F 101 -30.39 -45.08 52.25
CA LYS F 101 -30.58 -43.79 51.56
C LYS F 101 -29.46 -43.51 50.55
N ASP F 102 -28.40 -44.30 50.59
CA ASP F 102 -27.24 -44.14 49.72
C ASP F 102 -27.46 -44.51 48.27
N ILE F 103 -26.68 -43.88 47.40
CA ILE F 103 -26.79 -44.08 45.94
C ILE F 103 -25.76 -45.04 45.38
N ILE F 104 -26.12 -45.69 44.28
CA ILE F 104 -25.24 -46.65 43.59
C ILE F 104 -25.23 -46.41 42.08
N LEU F 105 -24.04 -46.32 41.50
CA LEU F 105 -23.89 -46.13 40.07
C LEU F 105 -23.09 -47.29 39.51
N ASN F 106 -23.77 -48.14 38.75
CA ASN F 106 -23.17 -49.33 38.13
C ASN F 106 -24.19 -49.78 37.07
N PRO F 107 -23.84 -49.68 35.78
CA PRO F 107 -24.84 -50.11 34.79
C PRO F 107 -25.34 -51.54 34.88
N TYR F 108 -24.70 -52.37 35.70
CA TYR F 108 -25.08 -53.77 35.82
C TYR F 108 -25.58 -54.21 37.20
N ASP F 109 -25.92 -53.24 38.05
CA ASP F 109 -26.41 -53.54 39.37
C ASP F 109 -27.88 -53.15 39.36
N GLN F 110 -28.73 -54.03 39.87
CA GLN F 110 -30.17 -53.79 39.87
C GLN F 110 -30.53 -52.58 40.72
N ARG F 111 -29.67 -52.25 41.68
CA ARG F 111 -29.90 -51.12 42.56
C ARG F 111 -29.41 -49.75 42.06
N THR F 112 -28.84 -49.71 40.86
CA THR F 112 -28.34 -48.47 40.28
C THR F 112 -29.41 -47.44 40.00
N LYS F 113 -29.01 -46.18 39.99
CA LYS F 113 -29.93 -45.11 39.67
C LYS F 113 -29.81 -44.98 38.15
N GLY F 114 -30.83 -44.42 37.51
CA GLY F 114 -30.75 -44.23 36.08
C GLY F 114 -30.05 -42.91 35.85
N TRP F 115 -29.16 -42.86 34.86
CA TRP F 115 -28.43 -41.63 34.58
C TRP F 115 -28.02 -41.53 33.11
N SER F 116 -27.66 -40.31 32.72
CA SER F 116 -27.20 -39.95 31.39
C SER F 116 -26.64 -38.55 31.64
N PHE F 117 -25.58 -38.16 30.94
CA PHE F 117 -24.99 -36.85 31.19
C PHE F 117 -25.94 -35.69 30.94
N PHE F 118 -27.04 -35.95 30.21
CA PHE F 118 -28.05 -34.93 29.91
C PHE F 118 -28.67 -34.38 31.19
N ASN F 119 -28.62 -35.19 32.25
CA ASN F 119 -29.18 -34.80 33.53
C ASN F 119 -28.36 -33.78 34.29
N GLU F 120 -27.12 -33.54 33.83
CA GLU F 120 -26.25 -32.58 34.52
C GLU F 120 -26.22 -31.23 33.82
N ILE F 121 -26.86 -31.13 32.66
CA ILE F 121 -26.89 -29.87 31.90
C ILE F 121 -27.91 -28.88 32.46
N ARG F 122 -27.42 -27.72 32.87
CA ARG F 122 -28.27 -26.65 33.42
C ARG F 122 -28.18 -25.42 32.53
N ASN F 123 -26.95 -25.04 32.19
CA ASN F 123 -26.70 -23.87 31.35
C ASN F 123 -26.02 -24.28 30.06
N ASP F 124 -25.86 -23.34 29.13
CA ASP F 124 -25.25 -23.69 27.86
C ASP F 124 -23.78 -24.03 28.00
N TYR F 125 -23.11 -23.42 28.96
CA TYR F 125 -21.68 -23.68 29.16
C TYR F 125 -21.44 -25.07 29.73
N ASP F 126 -22.52 -25.75 30.09
CA ASP F 126 -22.45 -27.10 30.65
C ASP F 126 -22.23 -28.18 29.59
N TRP F 127 -22.57 -27.89 28.34
CA TRP F 127 -22.39 -28.86 27.27
C TRP F 127 -20.92 -29.23 27.08
N GLN F 128 -20.03 -28.24 26.95
CA GLN F 128 -18.59 -28.54 26.79
C GLN F 128 -18.04 -29.08 28.10
N ARG F 129 -18.46 -28.45 29.19
CA ARG F 129 -18.05 -28.83 30.53
C ARG F 129 -18.19 -30.33 30.74
N TYR F 130 -19.34 -30.87 30.38
CA TYR F 130 -19.58 -32.31 30.55
C TYR F 130 -19.19 -33.18 29.37
N ALA F 131 -18.86 -32.57 28.24
CA ALA F 131 -18.40 -33.36 27.08
C ALA F 131 -16.96 -33.71 27.44
N LEU F 132 -16.38 -32.88 28.30
CA LEU F 132 -15.01 -33.04 28.80
C LEU F 132 -14.94 -34.24 29.75
N SER F 133 -16.06 -34.54 30.41
CA SER F 133 -16.14 -35.65 31.36
C SER F 133 -16.39 -36.95 30.60
N VAL F 134 -17.25 -36.85 29.59
CA VAL F 134 -17.61 -38.00 28.78
C VAL F 134 -16.43 -38.47 27.93
N VAL F 135 -15.66 -37.52 27.40
CA VAL F 135 -14.49 -37.83 26.59
C VAL F 135 -13.25 -37.29 27.31
N PRO F 136 -12.58 -38.13 28.12
CA PRO F 136 -11.39 -37.67 28.84
C PRO F 136 -10.22 -37.32 27.94
N ARG F 137 -9.27 -36.58 28.47
CA ARG F 137 -8.10 -36.14 27.72
C ARG F 137 -7.36 -37.29 27.09
N GLY F 138 -6.86 -37.07 25.88
CA GLY F 138 -6.13 -38.10 25.17
C GLY F 138 -4.75 -38.31 25.74
N LYS F 139 -4.22 -39.52 25.58
CA LYS F 139 -2.90 -39.83 26.11
C LYS F 139 -1.83 -38.98 25.47
N THR F 140 -1.92 -38.83 24.16
CA THR F 140 -0.97 -38.04 23.40
C THR F 140 -1.61 -36.77 22.86
N ASP F 141 -0.80 -35.83 22.40
CA ASP F 141 -1.32 -34.59 21.85
C ASP F 141 -2.23 -34.95 20.66
N GLU F 142 -1.80 -35.91 19.85
CA GLU F 142 -2.58 -36.29 18.70
C GLU F 142 -3.93 -36.85 19.09
N ALA F 143 -3.95 -37.74 20.07
CA ALA F 143 -5.19 -38.35 20.55
C ALA F 143 -6.11 -37.34 21.21
N GLU F 144 -5.54 -36.30 21.79
CA GLU F 144 -6.34 -35.28 22.42
C GLU F 144 -6.93 -34.41 21.30
N GLU F 145 -6.34 -34.46 20.11
CA GLU F 145 -6.87 -33.68 19.00
C GLU F 145 -8.15 -34.38 18.56
N TRP F 146 -8.07 -35.71 18.40
CA TRP F 146 -9.22 -36.50 17.99
C TRP F 146 -10.33 -36.37 19.02
N ALA F 147 -9.96 -36.40 20.30
CA ALA F 147 -10.94 -36.25 21.38
C ALA F 147 -11.68 -34.92 21.27
N SER F 148 -10.95 -33.85 20.92
CA SER F 148 -11.52 -32.51 20.75
C SER F 148 -12.62 -32.54 19.70
N TYR F 149 -12.37 -33.29 18.63
CA TYR F 149 -13.35 -33.46 17.57
C TYR F 149 -14.51 -34.25 18.15
N GLY F 150 -14.20 -35.29 18.91
CA GLY F 150 -15.23 -36.09 19.53
C GLY F 150 -16.15 -35.23 20.38
N ARG F 151 -15.58 -34.30 21.14
CA ARG F 151 -16.38 -33.43 22.00
C ARG F 151 -17.22 -32.44 21.21
N LEU F 152 -16.66 -31.92 20.13
CA LEU F 152 -17.39 -30.98 19.30
C LEU F 152 -18.61 -31.71 18.72
N LEU F 153 -18.40 -32.91 18.19
CA LEU F 153 -19.46 -33.73 17.61
C LEU F 153 -20.49 -34.07 18.68
N LEU F 154 -20.01 -34.49 19.84
CA LEU F 154 -20.86 -34.87 20.98
C LEU F 154 -21.74 -33.75 21.53
N ARG F 155 -21.16 -32.61 21.85
CA ARG F 155 -21.92 -31.52 22.43
C ARG F 155 -22.91 -30.89 21.45
N GLU F 156 -22.55 -30.85 20.17
CA GLU F 156 -23.42 -30.26 19.18
C GLU F 156 -24.54 -31.23 18.84
N THR F 157 -24.24 -32.53 18.79
CA THR F 157 -25.24 -33.55 18.50
C THR F 157 -26.22 -33.65 19.65
N ALA F 158 -25.70 -33.67 20.87
CA ALA F 158 -26.54 -33.76 22.04
C ALA F 158 -27.35 -32.49 22.23
N LYS F 159 -26.72 -31.34 21.96
CA LYS F 159 -27.41 -30.08 22.12
C LYS F 159 -28.64 -30.09 21.22
N LYS F 160 -28.49 -30.59 20.01
CA LYS F 160 -29.62 -30.65 19.07
C LYS F 160 -30.67 -31.66 19.50
N LEU F 161 -30.26 -32.86 19.87
CA LEU F 161 -31.20 -33.88 20.31
C LEU F 161 -32.03 -33.34 21.45
N ALA F 162 -31.39 -32.63 22.37
CA ALA F 162 -32.09 -32.07 23.50
C ALA F 162 -33.16 -31.10 23.02
N LEU F 163 -32.81 -30.31 22.00
CA LEU F 163 -33.72 -29.32 21.42
C LEU F 163 -34.95 -29.92 20.76
N ILE F 164 -34.72 -30.88 19.87
CA ILE F 164 -35.83 -31.52 19.17
C ILE F 164 -36.62 -32.43 20.12
N GLY F 165 -36.30 -32.34 21.41
CA GLY F 165 -37.01 -33.12 22.42
C GLY F 165 -36.69 -34.59 22.56
N THR F 166 -35.58 -35.05 21.97
CA THR F 166 -35.19 -36.45 22.06
C THR F 166 -33.80 -36.61 22.65
N PRO F 167 -33.62 -36.21 23.92
CA PRO F 167 -32.32 -36.32 24.58
C PRO F 167 -32.00 -37.73 25.08
N SER F 168 -31.77 -38.66 24.15
CA SER F 168 -31.46 -40.03 24.54
C SER F 168 -30.05 -40.42 24.07
N MET F 169 -29.36 -41.20 24.90
CA MET F 169 -28.03 -41.66 24.55
C MET F 169 -28.08 -42.62 23.37
N ARG F 170 -29.15 -43.41 23.27
CA ARG F 170 -29.28 -44.34 22.16
C ARG F 170 -29.38 -43.56 20.86
N GLU F 171 -30.05 -42.41 20.89
CA GLU F 171 -30.18 -41.58 19.69
C GLU F 171 -28.84 -40.92 19.39
N LEU F 172 -28.17 -40.45 20.45
CA LEU F 172 -26.89 -39.79 20.30
C LEU F 172 -25.83 -40.79 19.79
N PHE F 173 -25.82 -42.01 20.34
CA PHE F 173 -24.88 -43.05 19.92
C PHE F 173 -25.14 -43.46 18.47
N HIS F 174 -26.40 -43.45 18.08
CA HIS F 174 -26.81 -43.80 16.73
C HIS F 174 -26.33 -42.74 15.74
N TRP F 175 -26.57 -41.47 16.04
CA TRP F 175 -26.15 -40.41 15.15
C TRP F 175 -24.64 -40.33 15.00
N THR F 176 -23.94 -40.21 16.12
CA THR F 176 -22.51 -40.06 16.10
C THR F 176 -21.73 -41.31 15.73
N THR F 177 -22.37 -42.47 15.75
CA THR F 177 -21.67 -43.73 15.47
C THR F 177 -22.23 -44.64 14.39
N ILE F 178 -23.56 -44.74 14.30
CA ILE F 178 -24.20 -45.62 13.34
C ILE F 178 -24.70 -44.99 12.03
N ALA F 179 -25.35 -43.83 12.11
CA ALA F 179 -25.87 -43.17 10.90
C ALA F 179 -24.75 -43.00 9.89
N THR F 180 -25.09 -42.95 8.61
CA THR F 180 -24.09 -42.77 7.55
C THR F 180 -23.46 -41.39 7.69
N PHE F 181 -22.33 -41.19 7.02
CA PHE F 181 -21.62 -39.92 7.06
C PHE F 181 -22.48 -38.76 6.57
N ASP F 182 -23.17 -38.96 5.46
CA ASP F 182 -24.03 -37.93 4.88
C ASP F 182 -25.24 -37.60 5.74
N ASP F 183 -25.77 -38.60 6.44
CA ASP F 183 -26.92 -38.37 7.31
C ASP F 183 -26.52 -37.61 8.56
N LEU F 184 -25.36 -37.97 9.11
CA LEU F 184 -24.86 -37.28 10.30
C LEU F 184 -24.65 -35.82 9.90
N ARG F 185 -23.91 -35.59 8.82
CA ARG F 185 -23.67 -34.21 8.39
C ARG F 185 -24.99 -33.48 8.16
N GLY F 186 -26.01 -34.21 7.73
CA GLY F 186 -27.29 -33.59 7.50
C GLY F 186 -27.89 -33.21 8.83
N PHE F 187 -27.79 -34.10 9.80
CA PHE F 187 -28.32 -33.84 11.13
C PHE F 187 -27.60 -32.66 11.76
N LEU F 188 -26.30 -32.54 11.49
CA LEU F 188 -25.51 -31.46 12.05
C LEU F 188 -25.87 -30.11 11.47
N GLU F 189 -26.71 -30.10 10.43
CA GLU F 189 -27.10 -28.83 9.84
C GLU F 189 -27.89 -28.05 10.86
N GLY F 190 -27.54 -26.78 11.03
CA GLY F 190 -28.23 -25.96 12.00
C GLY F 190 -27.49 -25.88 13.32
N THR F 191 -26.43 -26.66 13.48
CA THR F 191 -25.65 -26.63 14.71
C THR F 191 -24.30 -25.97 14.42
N LEU F 192 -23.54 -25.71 15.49
CA LEU F 192 -22.23 -25.09 15.37
C LEU F 192 -21.20 -25.96 14.64
N ALA F 193 -21.54 -27.23 14.44
CA ALA F 193 -20.65 -28.17 13.78
C ALA F 193 -21.05 -28.43 12.34
N GLU F 194 -22.00 -27.66 11.85
CA GLU F 194 -22.46 -27.87 10.48
C GLU F 194 -21.34 -27.81 9.45
N SER F 195 -20.62 -26.68 9.41
CA SER F 195 -19.55 -26.51 8.43
C SER F 195 -18.18 -26.95 8.88
N LEU F 196 -17.96 -27.10 10.18
CA LEU F 196 -16.65 -27.50 10.66
C LEU F 196 -16.27 -28.94 10.25
N PHE F 197 -17.28 -29.78 10.09
CA PHE F 197 -17.04 -31.16 9.70
C PHE F 197 -17.32 -31.45 8.23
N ALA F 198 -17.32 -30.40 7.41
CA ALA F 198 -17.56 -30.54 5.97
C ALA F 198 -16.77 -29.54 5.13
N GLY F 199 -16.59 -29.85 3.85
CA GLY F 199 -15.88 -28.92 2.98
C GLY F 199 -14.51 -29.33 2.49
N SER F 200 -13.89 -30.30 3.14
CA SER F 200 -12.56 -30.72 2.72
C SER F 200 -12.23 -32.10 3.25
N ASN F 201 -11.17 -32.71 2.72
CA ASN F 201 -10.77 -34.02 3.18
C ASN F 201 -10.39 -33.97 4.65
N GLU F 202 -9.82 -32.85 5.09
CA GLU F 202 -9.42 -32.72 6.48
C GLU F 202 -10.63 -32.66 7.40
N ALA F 203 -11.69 -32.00 6.95
CA ALA F 203 -12.91 -31.89 7.77
C ALA F 203 -13.53 -33.26 7.91
N SER F 204 -13.45 -34.07 6.85
CA SER F 204 -13.99 -35.42 6.82
C SER F 204 -13.17 -36.32 7.73
N LYS F 205 -11.85 -36.14 7.70
CA LYS F 205 -10.95 -36.94 8.51
C LYS F 205 -11.25 -36.63 9.97
N ALA F 206 -11.39 -35.33 10.27
CA ALA F 206 -11.73 -34.86 11.60
C ALA F 206 -13.04 -35.52 12.08
N LEU F 207 -14.05 -35.55 11.22
CA LEU F 207 -15.32 -36.18 11.58
C LEU F 207 -15.11 -37.68 11.85
N THR F 208 -14.31 -38.33 11.02
CA THR F 208 -14.04 -39.75 11.20
C THR F 208 -13.38 -39.95 12.55
N SER F 209 -12.42 -39.10 12.89
CA SER F 209 -11.76 -39.24 14.18
C SER F 209 -12.75 -39.10 15.32
N ALA F 210 -13.69 -38.16 15.18
CA ALA F 210 -14.70 -37.90 16.18
C ALA F 210 -15.57 -39.13 16.39
N ARG F 211 -15.96 -39.76 15.28
CA ARG F 211 -16.81 -40.95 15.30
C ARG F 211 -16.13 -42.07 16.09
N PHE F 212 -14.88 -42.37 15.74
CA PHE F 212 -14.11 -43.40 16.42
C PHE F 212 -13.98 -43.13 17.89
N VAL F 213 -13.70 -41.88 18.27
CA VAL F 213 -13.59 -41.56 19.68
C VAL F 213 -14.90 -41.82 20.43
N LEU F 214 -16.02 -41.39 19.86
CA LEU F 214 -17.29 -41.60 20.51
C LEU F 214 -17.71 -43.07 20.53
N SER F 215 -17.37 -43.81 19.49
CA SER F 215 -17.72 -45.22 19.46
C SER F 215 -17.01 -45.98 20.58
N ASP F 216 -15.98 -45.38 21.17
CA ASP F 216 -15.22 -45.98 22.26
C ASP F 216 -15.76 -45.61 23.61
N LYS F 217 -16.15 -44.35 23.76
CA LYS F 217 -16.63 -43.87 25.06
C LYS F 217 -18.10 -44.11 25.34
N LEU F 218 -18.96 -43.83 24.36
CA LEU F 218 -20.39 -43.96 24.51
C LEU F 218 -21.10 -45.28 24.80
N PRO F 219 -20.61 -46.43 24.26
CA PRO F 219 -21.25 -47.72 24.50
C PRO F 219 -21.84 -47.96 25.88
N GLU F 220 -21.04 -47.77 26.93
CA GLU F 220 -21.53 -48.00 28.28
C GLU F 220 -22.51 -46.95 28.79
N HIS F 221 -22.48 -45.75 28.19
CA HIS F 221 -23.40 -44.68 28.55
C HIS F 221 -24.80 -45.08 28.03
N VAL F 222 -24.79 -45.78 26.90
CA VAL F 222 -26.01 -46.23 26.25
C VAL F 222 -26.66 -47.41 26.99
N THR F 223 -25.85 -48.34 27.48
CA THR F 223 -26.41 -49.50 28.18
C THR F 223 -26.82 -49.09 29.59
N MET F 224 -26.26 -48.00 30.09
CA MET F 224 -26.60 -47.52 31.43
C MET F 224 -28.10 -47.29 31.51
N PRO F 225 -28.75 -47.84 32.55
CA PRO F 225 -30.20 -47.68 32.73
C PRO F 225 -30.55 -46.19 32.72
N ASP F 226 -31.51 -45.78 31.90
CA ASP F 226 -31.87 -44.37 31.87
C ASP F 226 -32.72 -43.97 33.07
N GLY F 227 -32.51 -42.76 33.56
CA GLY F 227 -33.25 -42.27 34.71
C GLY F 227 -33.08 -40.79 34.86
N ASP F 228 -33.50 -40.25 36.00
CA ASP F 228 -33.40 -38.82 36.23
C ASP F 228 -32.41 -38.40 37.29
N PHE F 229 -31.61 -39.32 37.80
CA PHE F 229 -30.62 -38.99 38.82
C PHE F 229 -29.57 -38.03 38.27
N SER F 230 -29.28 -36.99 39.05
CA SER F 230 -28.30 -35.97 38.69
C SER F 230 -27.28 -35.87 39.82
N ILE F 231 -26.01 -36.07 39.49
CA ILE F 231 -24.95 -36.00 40.48
C ILE F 231 -24.88 -34.58 41.05
N ARG F 232 -25.14 -33.58 40.21
CA ARG F 232 -25.11 -32.20 40.65
C ARG F 232 -26.16 -31.99 41.74
N SER F 233 -27.41 -32.31 41.42
CA SER F 233 -28.53 -32.17 42.34
C SER F 233 -28.25 -32.96 43.60
N TRP F 234 -27.69 -34.15 43.41
CA TRP F 234 -27.36 -35.00 44.54
C TRP F 234 -26.39 -34.26 45.44
N LEU F 235 -25.41 -33.58 44.83
CA LEU F 235 -24.42 -32.83 45.57
C LEU F 235 -25.05 -31.68 46.37
N GLU F 236 -26.17 -31.17 45.87
CA GLU F 236 -26.87 -30.07 46.52
C GLU F 236 -27.77 -30.54 47.65
N ASP F 237 -28.25 -31.77 47.55
CA ASP F 237 -29.14 -32.33 48.56
C ASP F 237 -28.37 -32.75 49.80
N PRO F 238 -28.63 -32.09 50.93
CA PRO F 238 -27.94 -32.39 52.19
C PRO F 238 -28.21 -33.81 52.71
N ASN F 239 -29.42 -34.29 52.49
CA ASN F 239 -29.83 -35.62 52.95
C ASN F 239 -29.72 -36.63 51.81
N GLY F 240 -28.84 -36.37 50.85
CA GLY F 240 -28.70 -37.27 49.73
C GLY F 240 -27.95 -38.54 50.04
N GLY F 241 -27.13 -38.50 51.09
CA GLY F 241 -26.36 -39.67 51.45
C GLY F 241 -25.03 -39.71 50.72
N ASN F 242 -24.55 -40.93 50.50
CA ASN F 242 -23.27 -41.13 49.82
C ASN F 242 -23.49 -41.82 48.46
N LEU F 243 -22.52 -41.67 47.57
CA LEU F 243 -22.62 -42.26 46.25
C LEU F 243 -21.53 -43.30 46.12
N PHE F 244 -21.92 -44.50 45.70
CA PHE F 244 -20.98 -45.59 45.50
C PHE F 244 -20.88 -45.94 44.02
N ILE F 245 -19.72 -45.71 43.43
CA ILE F 245 -19.53 -46.05 42.03
C ILE F 245 -18.85 -47.42 42.09
N THR F 246 -19.63 -48.47 41.86
CA THR F 246 -19.10 -49.82 41.91
C THR F 246 -18.98 -50.49 40.54
N TRP F 247 -18.27 -51.60 40.50
CA TRP F 247 -18.10 -52.38 39.29
C TRP F 247 -17.26 -53.61 39.56
N ARG F 248 -17.52 -54.66 38.79
CA ARG F 248 -16.79 -55.92 38.92
C ARG F 248 -15.42 -55.74 38.27
N GLU F 249 -14.40 -56.31 38.89
CA GLU F 249 -13.05 -56.17 38.39
C GLU F 249 -12.79 -56.73 36.99
N ASP F 250 -13.58 -57.72 36.56
CA ASP F 250 -13.38 -58.27 35.22
C ASP F 250 -14.02 -57.36 34.16
N MET F 251 -14.56 -56.22 34.59
CA MET F 251 -15.19 -55.25 33.69
C MET F 251 -14.54 -53.87 33.79
N GLY F 252 -13.33 -53.82 34.32
CA GLY F 252 -12.66 -52.55 34.46
C GLY F 252 -12.42 -51.86 33.14
N PRO F 253 -11.80 -52.51 32.16
CA PRO F 253 -11.55 -51.85 30.88
C PRO F 253 -12.81 -51.34 30.16
N ALA F 254 -13.88 -52.11 30.19
CA ALA F 254 -15.11 -51.71 29.52
C ALA F 254 -15.77 -50.51 30.18
N LEU F 255 -15.70 -50.43 31.52
CA LEU F 255 -16.30 -49.34 32.28
C LEU F 255 -15.36 -48.18 32.64
N ARG F 256 -14.11 -48.23 32.18
CA ARG F 256 -13.15 -47.17 32.50
C ARG F 256 -13.66 -45.82 32.04
N PRO F 257 -14.17 -45.72 30.80
CA PRO F 257 -14.66 -44.40 30.39
C PRO F 257 -15.86 -43.88 31.19
N LEU F 258 -16.82 -44.76 31.50
CA LEU F 258 -18.01 -44.36 32.24
C LEU F 258 -17.70 -43.93 33.66
N ILE F 259 -16.89 -44.70 34.35
CA ILE F 259 -16.54 -44.36 35.72
C ILE F 259 -15.66 -43.12 35.78
N SER F 260 -14.87 -42.90 34.73
CA SER F 260 -14.00 -41.72 34.66
C SER F 260 -14.93 -40.53 34.52
N ALA F 261 -15.96 -40.72 33.70
CA ALA F 261 -16.96 -39.70 33.44
C ALA F 261 -17.65 -39.27 34.73
N TRP F 262 -18.03 -40.23 35.57
CA TRP F 262 -18.69 -39.90 36.83
C TRP F 262 -17.75 -39.19 37.78
N VAL F 263 -16.52 -39.68 37.89
CA VAL F 263 -15.53 -39.06 38.77
C VAL F 263 -15.25 -37.64 38.31
N ASP F 264 -15.31 -37.44 37.01
CA ASP F 264 -15.04 -36.11 36.51
C ASP F 264 -16.25 -35.19 36.66
N VAL F 265 -17.44 -35.78 36.57
CA VAL F 265 -18.65 -35.00 36.73
C VAL F 265 -18.63 -34.46 38.13
N VAL F 266 -18.15 -35.25 39.07
CA VAL F 266 -18.07 -34.80 40.46
C VAL F 266 -17.05 -33.68 40.57
N CYS F 267 -15.93 -33.82 39.85
CA CYS F 267 -14.88 -32.82 39.91
C CYS F 267 -15.25 -31.44 39.42
N THR F 268 -16.01 -31.32 38.33
CA THR F 268 -16.40 -29.97 37.89
C THR F 268 -17.58 -29.54 38.69
N SER F 269 -18.57 -30.43 38.84
CA SER F 269 -19.79 -30.11 39.56
C SER F 269 -19.64 -29.42 40.91
N ILE F 270 -18.72 -29.92 41.74
CA ILE F 270 -18.50 -29.32 43.06
C ILE F 270 -18.04 -27.87 42.95
N LEU F 271 -17.57 -27.47 41.78
CA LEU F 271 -17.09 -26.10 41.58
C LEU F 271 -18.26 -25.14 41.46
N SER F 272 -19.46 -25.68 41.23
CA SER F 272 -20.66 -24.87 41.08
C SER F 272 -21.48 -24.77 42.36
N LEU F 273 -21.09 -25.53 43.38
CA LEU F 273 -21.78 -25.55 44.66
C LEU F 273 -21.67 -24.19 45.37
N PRO F 274 -22.81 -23.68 45.88
CA PRO F 274 -22.80 -22.38 46.58
C PRO F 274 -21.95 -22.55 47.83
N GLU F 275 -21.16 -21.54 48.17
CA GLU F 275 -20.30 -21.59 49.34
C GLU F 275 -21.03 -22.05 50.60
N GLU F 276 -20.49 -23.08 51.22
CA GLU F 276 -21.06 -23.63 52.44
C GLU F 276 -19.92 -24.12 53.33
N PRO F 277 -19.56 -23.32 54.35
CA PRO F 277 -18.49 -23.61 55.30
C PRO F 277 -18.67 -24.92 56.06
N LYS F 278 -19.91 -25.39 56.15
CA LYS F 278 -20.19 -26.62 56.87
C LYS F 278 -20.12 -27.90 56.03
N ARG F 279 -20.02 -27.76 54.71
CA ARG F 279 -19.97 -28.94 53.84
C ARG F 279 -18.60 -29.62 53.81
N ARG F 280 -18.63 -30.95 53.86
CA ARG F 280 -17.44 -31.79 53.82
C ARG F 280 -17.75 -32.99 52.91
N LEU F 281 -17.19 -33.00 51.70
CA LEU F 281 -17.44 -34.08 50.75
C LEU F 281 -16.14 -34.77 50.34
N TRP F 282 -16.09 -36.09 50.50
CA TRP F 282 -14.90 -36.84 50.13
C TRP F 282 -15.03 -37.51 48.78
N LEU F 283 -13.92 -37.52 48.05
CA LEU F 283 -13.86 -38.19 46.76
C LEU F 283 -12.81 -39.26 46.95
N PHE F 284 -13.27 -40.50 47.00
CA PHE F 284 -12.38 -41.63 47.17
C PHE F 284 -12.12 -42.24 45.82
N ILE F 285 -11.00 -41.91 45.24
CA ILE F 285 -10.64 -42.46 43.94
C ILE F 285 -9.72 -43.64 44.26
N ASP F 286 -10.27 -44.84 44.18
CA ASP F 286 -9.51 -46.04 44.46
C ASP F 286 -8.10 -45.89 43.90
N GLU F 287 -7.92 -46.27 42.65
CA GLU F 287 -6.62 -46.19 42.00
C GLU F 287 -6.64 -45.12 40.90
N LEU F 288 -6.04 -43.99 41.21
CA LEU F 288 -6.01 -42.84 40.32
C LEU F 288 -5.57 -43.13 38.89
N ALA F 289 -4.54 -43.95 38.74
CA ALA F 289 -4.03 -44.31 37.41
C ALA F 289 -4.87 -45.36 36.69
N SER F 290 -5.95 -45.80 37.30
CA SER F 290 -6.81 -46.80 36.68
C SER F 290 -7.95 -46.11 35.95
N LEU F 291 -8.10 -44.82 36.20
CA LEU F 291 -9.12 -44.03 35.55
C LEU F 291 -8.48 -43.41 34.31
N GLU F 292 -9.28 -42.83 33.43
CA GLU F 292 -8.75 -42.21 32.24
C GLU F 292 -8.08 -40.93 32.68
N LYS F 293 -7.56 -40.16 31.73
CA LYS F 293 -6.92 -38.89 32.03
C LYS F 293 -8.04 -37.86 32.27
N LEU F 294 -8.31 -37.56 33.53
CA LEU F 294 -9.38 -36.64 33.90
C LEU F 294 -9.09 -35.18 33.60
N ALA F 295 -10.07 -34.54 32.97
CA ALA F 295 -9.98 -33.12 32.59
C ALA F 295 -10.17 -32.14 33.76
N SER F 296 -11.02 -32.50 34.72
CA SER F 296 -11.33 -31.61 35.84
C SER F 296 -10.69 -31.95 37.18
N LEU F 297 -10.00 -33.06 37.27
CA LEU F 297 -9.40 -33.45 38.53
C LEU F 297 -8.46 -32.37 39.04
N ALA F 298 -7.62 -31.85 38.15
CA ALA F 298 -6.65 -30.81 38.50
C ALA F 298 -7.28 -29.58 39.13
N ASP F 299 -8.36 -29.07 38.53
CA ASP F 299 -9.02 -27.89 39.09
C ASP F 299 -9.71 -28.22 40.40
N ALA F 300 -10.26 -29.42 40.51
CA ALA F 300 -10.95 -29.81 41.73
C ALA F 300 -10.00 -29.91 42.91
N LEU F 301 -8.77 -30.37 42.65
CA LEU F 301 -7.77 -30.51 43.70
C LEU F 301 -7.20 -29.16 44.07
N THR F 302 -7.48 -28.17 43.24
CA THR F 302 -6.97 -26.83 43.42
C THR F 302 -7.98 -25.77 43.83
N LYS F 303 -9.25 -25.99 43.48
CA LYS F 303 -10.28 -25.02 43.79
C LYS F 303 -11.48 -25.60 44.54
N GLY F 304 -11.30 -26.75 45.18
CA GLY F 304 -12.40 -27.38 45.90
C GLY F 304 -12.55 -27.01 47.35
N ARG F 305 -11.61 -26.24 47.88
CA ARG F 305 -11.62 -25.83 49.28
C ARG F 305 -12.96 -25.25 49.71
N LYS F 306 -13.46 -24.27 48.96
CA LYS F 306 -14.73 -23.64 49.30
C LYS F 306 -15.94 -24.59 49.25
N ALA F 307 -15.94 -25.50 48.28
CA ALA F 307 -17.04 -26.46 48.16
C ALA F 307 -16.87 -27.54 49.21
N GLY F 308 -15.68 -27.58 49.83
CA GLY F 308 -15.38 -28.57 50.86
C GLY F 308 -14.99 -29.95 50.35
N LEU F 309 -14.37 -30.00 49.17
CA LEU F 309 -13.96 -31.27 48.57
C LEU F 309 -12.68 -31.78 49.21
N ARG F 310 -12.64 -33.09 49.46
CA ARG F 310 -11.46 -33.73 50.05
C ARG F 310 -11.24 -34.92 49.16
N VAL F 311 -10.05 -35.04 48.60
CA VAL F 311 -9.77 -36.16 47.71
C VAL F 311 -8.74 -37.13 48.29
N VAL F 312 -9.03 -38.42 48.15
CA VAL F 312 -8.14 -39.46 48.62
C VAL F 312 -7.93 -40.36 47.40
N ALA F 313 -6.68 -40.50 46.98
CA ALA F 313 -6.37 -41.36 45.83
C ALA F 313 -5.20 -42.27 46.15
N GLY F 314 -5.21 -43.44 45.52
CA GLY F 314 -4.15 -44.40 45.70
C GLY F 314 -3.25 -44.44 44.48
N LEU F 315 -1.97 -44.71 44.70
CA LEU F 315 -1.00 -44.77 43.63
C LEU F 315 -0.04 -45.89 43.91
N GLN F 316 0.51 -46.51 42.88
CA GLN F 316 1.45 -47.61 43.09
C GLN F 316 2.81 -47.21 42.55
N SER F 317 3.02 -47.34 41.25
CA SER F 317 4.28 -46.95 40.65
C SER F 317 4.14 -45.57 40.07
N THR F 318 5.22 -44.80 40.15
CA THR F 318 5.25 -43.44 39.62
C THR F 318 4.96 -43.47 38.13
N SER F 319 5.52 -44.46 37.44
CA SER F 319 5.34 -44.66 36.01
C SER F 319 3.89 -44.86 35.57
N GLN F 320 3.02 -45.32 36.47
CA GLN F 320 1.61 -45.54 36.11
C GLN F 320 0.93 -44.23 35.75
N LEU F 321 0.96 -43.29 36.69
CA LEU F 321 0.35 -41.99 36.49
C LEU F 321 1.08 -41.28 35.36
N ASP F 322 2.41 -41.36 35.36
CA ASP F 322 3.22 -40.75 34.32
C ASP F 322 2.77 -41.18 32.93
N ASP F 323 2.34 -42.43 32.80
CA ASP F 323 1.91 -42.91 31.50
C ASP F 323 0.51 -42.40 31.14
N VAL F 324 -0.36 -42.29 32.13
CA VAL F 324 -1.71 -41.82 31.90
C VAL F 324 -1.74 -40.32 31.60
N TYR F 325 -1.14 -39.53 32.49
CA TYR F 325 -1.12 -38.06 32.33
C TYR F 325 0.12 -37.48 31.64
N GLY F 326 1.20 -38.22 31.61
CA GLY F 326 2.41 -37.70 31.01
C GLY F 326 3.21 -37.19 32.18
N VAL F 327 4.53 -37.30 32.10
CA VAL F 327 5.41 -36.88 33.18
C VAL F 327 5.10 -35.53 33.82
N LYS F 328 4.95 -34.48 33.01
CA LYS F 328 4.67 -33.15 33.51
C LYS F 328 3.32 -33.02 34.20
N GLU F 329 2.26 -33.45 33.55
CA GLU F 329 0.95 -33.34 34.19
C GLU F 329 0.80 -34.25 35.38
N ALA F 330 1.52 -35.36 35.39
CA ALA F 330 1.46 -36.30 36.49
C ALA F 330 2.12 -35.66 37.70
N GLN F 331 3.20 -34.92 37.45
CA GLN F 331 3.91 -34.24 38.52
C GLN F 331 2.99 -33.18 39.12
N THR F 332 2.34 -32.41 38.26
CA THR F 332 1.42 -31.37 38.68
C THR F 332 0.27 -31.96 39.49
N LEU F 333 -0.25 -33.10 39.04
CA LEU F 333 -1.35 -33.76 39.71
C LEU F 333 -0.91 -34.19 41.10
N ARG F 334 0.12 -35.04 41.17
CA ARG F 334 0.63 -35.54 42.45
C ARG F 334 0.96 -34.45 43.45
N ALA F 335 1.48 -33.32 42.96
CA ALA F 335 1.86 -32.21 43.81
C ALA F 335 0.63 -31.54 44.42
N SER F 336 -0.55 -31.88 43.92
CA SER F 336 -1.78 -31.28 44.40
C SER F 336 -2.36 -31.96 45.63
N PHE F 337 -1.74 -33.05 46.07
CA PHE F 337 -2.15 -33.76 47.28
C PHE F 337 -1.07 -33.40 48.29
N ARG F 338 -1.41 -32.60 49.30
CA ARG F 338 -0.46 -32.14 50.29
C ARG F 338 -0.05 -33.15 51.36
N SER F 339 -0.90 -34.16 51.59
CA SER F 339 -0.62 -35.21 52.58
C SER F 339 -0.30 -36.52 51.88
N LEU F 340 0.76 -37.18 52.35
CA LEU F 340 1.20 -38.43 51.75
C LEU F 340 1.33 -39.56 52.77
N VAL F 341 0.99 -40.77 52.34
CA VAL F 341 1.12 -41.97 53.16
C VAL F 341 1.92 -42.96 52.31
N VAL F 342 3.05 -43.43 52.82
CA VAL F 342 3.87 -44.36 52.08
C VAL F 342 3.77 -45.72 52.73
N LEU F 343 3.11 -46.65 52.04
CA LEU F 343 2.90 -48.01 52.51
C LEU F 343 3.97 -49.03 52.13
N GLY F 344 4.99 -48.62 51.38
CA GLY F 344 6.03 -49.58 51.07
C GLY F 344 5.80 -50.30 49.75
N GLY F 345 6.88 -50.39 48.97
CA GLY F 345 6.78 -51.02 47.67
C GLY F 345 7.64 -52.25 47.45
N SER F 346 7.81 -52.60 46.19
CA SER F 346 8.58 -53.78 45.81
C SER F 346 10.06 -53.48 45.62
N ARG F 347 10.91 -54.45 45.94
CA ARG F 347 12.33 -54.25 45.75
C ARG F 347 12.60 -54.14 44.26
N THR F 348 11.64 -54.58 43.45
CA THR F 348 11.76 -54.51 42.00
C THR F 348 11.35 -53.16 41.38
N ASP F 349 11.08 -52.16 42.21
CA ASP F 349 10.74 -50.84 41.71
C ASP F 349 11.60 -49.82 42.43
N PRO F 350 12.92 -49.91 42.25
CA PRO F 350 13.86 -48.99 42.91
C PRO F 350 13.61 -47.52 42.60
N LYS F 351 13.03 -47.24 41.44
CA LYS F 351 12.75 -45.87 41.06
C LYS F 351 11.65 -45.23 41.90
N THR F 352 10.55 -45.95 42.12
CA THR F 352 9.47 -45.38 42.90
C THR F 352 9.86 -45.29 44.37
N ASN F 353 10.71 -46.20 44.83
CA ASN F 353 11.14 -46.16 46.22
C ASN F 353 11.98 -44.93 46.43
N GLU F 354 12.74 -44.54 45.40
CA GLU F 354 13.59 -43.35 45.44
C GLU F 354 12.70 -42.11 45.42
N ASP F 355 11.61 -42.18 44.66
CA ASP F 355 10.67 -41.06 44.57
C ASP F 355 9.97 -40.82 45.90
N MET F 356 9.57 -41.91 46.58
CA MET F 356 8.89 -41.80 47.87
C MET F 356 9.87 -41.41 48.97
N SER F 357 11.10 -41.88 48.86
CA SER F 357 12.14 -41.55 49.83
C SER F 357 12.44 -40.06 49.74
N LEU F 358 12.53 -39.57 48.52
CA LEU F 358 12.81 -38.17 48.26
C LEU F 358 11.65 -37.31 48.74
N SER F 359 10.43 -37.81 48.58
CA SER F 359 9.21 -37.11 49.00
C SER F 359 9.15 -37.02 50.53
N LEU F 360 9.51 -38.11 51.21
CA LEU F 360 9.50 -38.12 52.67
C LEU F 360 10.52 -37.05 53.08
N GLY F 361 11.62 -36.95 52.33
CA GLY F 361 12.60 -35.90 52.59
C GLY F 361 13.87 -36.20 53.36
N GLU F 362 14.79 -35.24 53.31
CA GLU F 362 16.07 -35.31 54.01
C GLU F 362 16.10 -34.40 55.23
N HIS F 363 17.11 -34.59 56.07
CA HIS F 363 17.27 -33.75 57.23
C HIS F 363 18.75 -33.49 57.41
N GLU F 364 19.09 -32.40 58.09
CA GLU F 364 20.48 -32.05 58.37
C GLU F 364 20.60 -32.35 59.85
N VAL F 365 21.68 -33.03 60.23
CA VAL F 365 21.83 -33.41 61.62
C VAL F 365 23.25 -33.34 62.17
N GLU F 366 23.38 -33.19 63.49
CA GLU F 366 24.68 -33.16 64.15
C GLU F 366 24.85 -34.45 64.95
N ARG F 367 25.96 -35.15 64.71
CA ARG F 367 26.23 -36.41 65.39
C ARG F 367 27.63 -36.47 65.99
N ASP F 368 27.76 -37.18 67.12
CA ASP F 368 29.04 -37.36 67.80
C ASP F 368 29.79 -38.51 67.17
N ARG F 369 30.97 -38.25 66.60
CA ARG F 369 31.78 -39.31 65.99
C ARG F 369 32.83 -39.73 67.02
N TYR F 370 32.45 -40.65 67.92
CA TYR F 370 33.37 -41.10 68.96
C TYR F 370 34.59 -41.87 68.49
N SER F 371 35.69 -41.68 69.23
CA SER F 371 36.97 -42.33 68.94
C SER F 371 37.52 -42.87 70.26
N LYS F 372 38.24 -44.00 70.22
CA LYS F 372 38.79 -44.57 71.45
C LYS F 372 40.20 -45.12 71.25
N ASN F 373 41.17 -44.56 71.97
CA ASN F 373 42.57 -44.99 71.89
C ASN F 373 43.01 -45.72 73.17
N ARG F 382 36.12 -37.49 70.70
CA ARG F 382 34.77 -36.97 70.51
C ARG F 382 34.76 -35.81 69.50
N ALA F 383 34.11 -36.00 68.36
CA ALA F 383 34.03 -34.96 67.33
C ALA F 383 32.62 -34.84 66.74
N LEU F 384 32.19 -33.59 66.53
CA LEU F 384 30.86 -33.33 65.98
C LEU F 384 30.91 -33.27 64.45
N GLU F 385 29.95 -33.92 63.81
CA GLU F 385 29.85 -33.97 62.35
C GLU F 385 28.46 -33.52 61.88
N ARG F 386 28.44 -32.70 60.84
CA ARG F 386 27.20 -32.22 60.26
C ARG F 386 26.91 -33.22 59.16
N VAL F 387 25.67 -33.71 59.08
CA VAL F 387 25.34 -34.68 58.05
C VAL F 387 23.92 -34.53 57.52
N ARG F 388 23.80 -34.62 56.20
CA ARG F 388 22.51 -34.54 55.52
C ARG F 388 22.19 -35.98 55.10
N GLU F 389 20.98 -36.44 55.39
CA GLU F 389 20.59 -37.80 55.04
C GLU F 389 19.09 -37.96 54.85
N ARG F 390 18.69 -39.04 54.19
CA ARG F 390 17.27 -39.30 54.00
C ARG F 390 16.71 -39.76 55.32
N VAL F 391 15.56 -39.23 55.69
CA VAL F 391 14.89 -39.65 56.91
C VAL F 391 14.44 -41.11 56.70
N VAL F 392 14.05 -41.44 55.49
CA VAL F 392 13.61 -42.78 55.11
C VAL F 392 14.31 -43.21 53.82
N MET F 393 15.21 -44.19 53.91
CA MET F 393 15.92 -44.69 52.72
C MET F 393 14.96 -45.41 51.75
N PRO F 394 15.33 -45.49 50.46
CA PRO F 394 14.43 -46.19 49.54
C PRO F 394 14.27 -47.64 49.99
N ALA F 395 15.36 -48.24 50.45
CA ALA F 395 15.38 -49.63 50.91
C ALA F 395 14.50 -49.86 52.15
N GLU F 396 14.33 -48.84 52.99
CA GLU F 396 13.47 -48.99 54.16
C GLU F 396 12.04 -49.12 53.67
N ILE F 397 11.74 -48.44 52.57
CA ILE F 397 10.40 -48.47 51.98
C ILE F 397 10.15 -49.84 51.34
N ALA F 398 11.16 -50.33 50.63
CA ALA F 398 11.06 -51.63 49.96
C ALA F 398 10.95 -52.76 50.96
N ASN F 399 11.52 -52.56 52.16
CA ASN F 399 11.51 -53.57 53.20
C ASN F 399 10.43 -53.41 54.28
N LEU F 400 9.50 -52.47 54.07
CA LEU F 400 8.44 -52.27 55.05
C LEU F 400 7.53 -53.51 55.13
N PRO F 401 7.14 -53.91 56.35
CA PRO F 401 6.27 -55.09 56.48
C PRO F 401 4.85 -54.57 56.23
N ASP F 402 3.94 -55.44 55.81
CA ASP F 402 2.55 -55.01 55.53
C ASP F 402 1.95 -54.32 56.74
N LEU F 403 0.94 -53.49 56.48
CA LEU F 403 0.25 -52.76 57.53
C LEU F 403 1.15 -51.81 58.32
N THR F 404 2.21 -51.34 57.68
CA THR F 404 3.11 -50.37 58.29
C THR F 404 3.24 -49.23 57.29
N ALA F 405 2.99 -48.00 57.73
CA ALA F 405 3.04 -46.87 56.81
C ALA F 405 3.73 -45.62 57.35
N TYR F 406 4.23 -44.79 56.44
CA TYR F 406 4.83 -43.55 56.87
C TYR F 406 3.73 -42.54 56.60
N VAL F 407 3.45 -41.68 57.57
CA VAL F 407 2.43 -40.68 57.39
C VAL F 407 3.05 -39.31 57.41
N GLY F 408 2.91 -38.61 56.29
CA GLY F 408 3.45 -37.27 56.16
C GLY F 408 2.34 -36.29 55.84
N PHE F 409 1.78 -35.68 56.87
CA PHE F 409 0.70 -34.72 56.68
C PHE F 409 1.19 -33.40 56.12
N ALA F 410 0.29 -32.70 55.46
CA ALA F 410 0.57 -31.40 54.85
C ALA F 410 1.13 -30.43 55.90
N GLY F 411 1.80 -29.38 55.42
CA GLY F 411 2.34 -28.38 56.31
C GLY F 411 3.52 -28.79 57.15
N ASN F 412 3.79 -28.03 58.20
CA ASN F 412 4.91 -28.29 59.08
C ASN F 412 4.61 -29.33 60.13
N ARG F 413 4.64 -30.60 59.72
CA ARG F 413 4.42 -31.71 60.63
C ARG F 413 5.51 -32.73 60.36
N PRO F 414 5.94 -33.47 61.40
CA PRO F 414 6.98 -34.48 61.19
C PRO F 414 6.28 -35.71 60.63
N ILE F 415 7.05 -36.65 60.09
CA ILE F 415 6.46 -37.88 59.57
C ILE F 415 6.56 -38.91 60.69
N ALA F 416 5.99 -40.09 60.47
CA ALA F 416 6.05 -41.13 61.48
C ALA F 416 5.72 -42.48 60.88
N LYS F 417 6.38 -43.51 61.37
CA LYS F 417 6.12 -44.88 60.92
C LYS F 417 5.01 -45.36 61.83
N VAL F 418 3.86 -45.69 61.26
CA VAL F 418 2.74 -46.14 62.05
C VAL F 418 2.18 -47.45 61.53
N PRO F 419 1.71 -48.32 62.44
CA PRO F 419 1.14 -49.61 62.07
C PRO F 419 -0.35 -49.49 61.83
N LEU F 420 -0.86 -50.26 60.88
CA LEU F 420 -2.27 -50.25 60.56
C LEU F 420 -2.97 -51.41 61.26
N GLU F 421 -4.10 -51.10 61.88
CA GLU F 421 -4.90 -52.09 62.59
C GLU F 421 -5.95 -52.63 61.62
N ILE F 422 -6.03 -53.95 61.48
CA ILE F 422 -7.02 -54.53 60.58
C ILE F 422 -8.38 -54.60 61.27
N LYS F 423 -9.10 -53.49 61.30
CA LYS F 423 -10.40 -53.46 61.93
C LYS F 423 -11.35 -54.33 61.10
N GLN F 424 -12.26 -55.01 61.79
CA GLN F 424 -13.21 -55.87 61.11
C GLN F 424 -14.53 -55.14 60.92
N PHE F 425 -15.09 -55.25 59.71
CA PHE F 425 -16.36 -54.61 59.42
C PHE F 425 -17.36 -55.61 58.92
N ALA F 426 -18.57 -55.51 59.46
CA ALA F 426 -19.65 -56.42 59.09
C ALA F 426 -20.20 -56.04 57.74
N ASN F 427 -20.59 -57.05 56.96
CA ASN F 427 -21.14 -56.81 55.63
C ASN F 427 -22.62 -56.48 55.79
N ARG F 428 -22.95 -55.20 55.79
CA ARG F 428 -24.32 -54.76 55.94
C ARG F 428 -25.11 -54.60 54.63
N GLN F 429 -24.52 -54.99 53.51
CA GLN F 429 -25.20 -54.86 52.22
C GLN F 429 -24.51 -55.74 51.17
N PRO F 430 -25.29 -56.31 50.24
CA PRO F 430 -24.65 -57.14 49.21
C PRO F 430 -23.84 -56.23 48.30
N ALA F 431 -22.62 -56.62 47.99
CA ALA F 431 -21.74 -55.83 47.15
C ALA F 431 -22.28 -55.63 45.76
N PHE F 432 -22.76 -56.71 45.17
CA PHE F 432 -23.26 -56.69 43.81
C PHE F 432 -24.57 -57.47 43.70
N VAL F 433 -25.59 -56.83 43.13
CA VAL F 433 -26.90 -57.43 42.93
C VAL F 433 -27.17 -57.46 41.44
N GLU F 434 -26.91 -58.60 40.81
CA GLU F 434 -27.11 -58.72 39.39
C GLU F 434 -28.58 -58.71 39.04
N GLY F 435 -28.88 -58.34 37.79
CA GLY F 435 -30.26 -58.28 37.36
C GLY F 435 -30.45 -57.40 36.14
N THR F 436 -31.72 -57.07 35.87
CA THR F 436 -32.09 -56.23 34.74
C THR F 436 -33.12 -55.19 35.22
N ASN G 2 -6.83 39.38 23.32
CA ASN G 2 -7.81 39.11 22.21
C ASN G 2 -9.09 38.46 22.72
N SER G 3 -10.01 39.29 23.21
CA SER G 3 -11.31 38.86 23.74
C SER G 3 -12.36 38.59 22.66
N VAL G 4 -12.71 39.64 21.90
CA VAL G 4 -13.72 39.54 20.85
C VAL G 4 -13.44 38.42 19.85
N GLY G 5 -14.50 37.85 19.29
CA GLY G 5 -14.36 36.77 18.33
C GLY G 5 -14.56 35.43 19.00
N GLN G 6 -15.67 35.31 19.73
CA GLN G 6 -16.01 34.07 20.45
C GLN G 6 -16.30 32.91 19.50
N GLY G 7 -17.37 32.18 19.80
CA GLY G 7 -17.78 31.07 18.96
C GLY G 7 -18.56 31.71 17.81
N GLU G 8 -18.10 32.91 17.45
CA GLU G 8 -18.70 33.68 16.37
C GLU G 8 -17.76 33.57 15.16
N PHE G 9 -16.64 34.29 15.23
CA PHE G 9 -15.68 34.29 14.15
C PHE G 9 -14.89 32.98 14.09
N GLY G 10 -14.66 32.50 12.86
CA GLY G 10 -13.93 31.26 12.67
C GLY G 10 -12.42 31.37 12.72
N GLY G 11 -11.86 32.54 12.45
CA GLY G 11 -10.42 32.71 12.48
C GLY G 11 -9.90 32.99 13.88
N ALA G 12 -8.77 33.67 13.97
CA ALA G 12 -8.17 34.00 15.25
C ALA G 12 -8.89 35.15 15.95
N PRO G 13 -9.13 35.01 17.27
CA PRO G 13 -9.82 36.06 18.02
C PRO G 13 -9.05 37.37 17.89
N PHE G 14 -9.73 38.48 18.18
CA PHE G 14 -9.12 39.80 18.06
C PHE G 14 -9.49 40.76 19.18
N LYS G 15 -8.71 41.83 19.29
CA LYS G 15 -8.94 42.83 20.32
C LYS G 15 -10.11 43.72 19.94
N ARG G 16 -10.00 44.39 18.80
CA ARG G 16 -11.02 45.33 18.31
C ARG G 16 -11.52 45.11 16.88
N PHE G 17 -12.82 45.29 16.68
CA PHE G 17 -13.41 45.17 15.33
C PHE G 17 -13.49 46.60 14.78
N LEU G 18 -12.76 46.89 13.71
CA LEU G 18 -12.74 48.23 13.12
C LEU G 18 -13.91 48.52 12.17
N ARG G 19 -14.00 47.74 11.09
CA ARG G 19 -15.05 47.94 10.10
C ARG G 19 -15.29 46.67 9.28
N GLY G 20 -16.34 46.69 8.47
CA GLY G 20 -16.63 45.55 7.63
C GLY G 20 -17.87 44.81 8.06
N THR G 21 -17.89 43.51 7.78
CA THR G 21 -19.02 42.67 8.15
C THR G 21 -18.85 42.11 9.55
N ARG G 22 -19.88 42.28 10.37
CA ARG G 22 -19.83 41.75 11.73
C ARG G 22 -20.38 40.34 11.76
N ILE G 23 -19.71 39.48 12.49
CA ILE G 23 -20.15 38.10 12.62
C ILE G 23 -20.56 37.98 14.09
N VAL G 24 -21.75 37.44 14.32
CA VAL G 24 -22.31 37.28 15.65
C VAL G 24 -22.75 35.83 15.88
N SER G 25 -23.09 35.50 17.12
CA SER G 25 -23.54 34.15 17.41
C SER G 25 -24.98 34.04 16.92
N GLY G 26 -25.39 32.84 16.54
CA GLY G 26 -26.75 32.65 16.08
C GLY G 26 -27.70 33.21 17.10
N GLY G 27 -27.38 32.98 18.37
CA GLY G 27 -28.24 33.44 19.45
C GLY G 27 -28.35 34.94 19.56
N LYS G 28 -27.22 35.63 19.48
CA LYS G 28 -27.23 37.08 19.58
C LYS G 28 -27.95 37.69 18.40
N LEU G 29 -27.86 37.04 17.23
CA LEU G 29 -28.54 37.55 16.04
C LEU G 29 -30.04 37.39 16.23
N LYS G 30 -30.46 36.26 16.80
CA LYS G 30 -31.87 36.00 17.04
C LYS G 30 -32.43 37.06 17.98
N ARG G 31 -31.57 37.59 18.83
CA ARG G 31 -31.99 38.63 19.76
C ARG G 31 -32.08 39.97 19.04
N MET G 32 -31.10 40.24 18.17
CA MET G 32 -31.04 41.49 17.42
C MET G 32 -32.15 41.68 16.39
N THR G 33 -32.56 40.60 15.74
CA THR G 33 -33.61 40.68 14.73
C THR G 33 -35.02 40.45 15.29
N ARG G 34 -35.11 40.04 16.55
CA ARG G 34 -36.40 39.82 17.18
C ARG G 34 -37.16 41.14 17.18
N GLU G 35 -38.46 41.05 16.88
CA GLU G 35 -39.32 42.22 16.79
C GLU G 35 -40.68 41.97 17.45
N LYS G 36 -41.32 43.04 17.89
CA LYS G 36 -42.63 42.97 18.56
C LYS G 36 -43.70 42.37 17.66
N ALA G 37 -43.67 42.77 16.39
CA ALA G 37 -44.64 42.29 15.41
C ALA G 37 -44.45 40.83 15.10
N LYS G 38 -45.52 40.17 14.65
CA LYS G 38 -45.43 38.76 14.31
C LYS G 38 -44.39 38.65 13.21
N GLN G 39 -43.49 37.68 13.31
CA GLN G 39 -42.46 37.51 12.31
C GLN G 39 -42.42 36.13 11.67
N VAL G 40 -41.57 36.02 10.66
CA VAL G 40 -41.37 34.81 9.90
C VAL G 40 -39.93 34.43 10.27
N THR G 41 -39.53 33.17 10.16
CA THR G 41 -38.16 32.82 10.53
C THR G 41 -37.33 32.15 9.43
N VAL G 42 -36.04 32.47 9.41
CA VAL G 42 -35.10 31.91 8.44
C VAL G 42 -34.05 31.12 9.20
N ALA G 43 -34.11 29.80 9.11
CA ALA G 43 -33.16 28.96 9.84
C ALA G 43 -33.26 29.31 11.34
N GLY G 44 -34.48 29.48 11.83
CA GLY G 44 -34.68 29.80 13.23
C GLY G 44 -34.52 31.25 13.65
N VAL G 45 -33.89 32.05 12.80
CA VAL G 45 -33.68 33.47 13.10
C VAL G 45 -34.88 34.26 12.58
N PRO G 46 -35.53 35.05 13.46
CA PRO G 46 -36.68 35.84 13.05
C PRO G 46 -36.27 36.93 12.06
N MET G 47 -36.91 36.92 10.90
CA MET G 47 -36.63 37.87 9.82
C MET G 47 -37.16 39.27 10.06
N PRO G 48 -36.27 40.29 10.04
CA PRO G 48 -36.67 41.69 10.25
C PRO G 48 -37.82 42.02 9.31
N ARG G 49 -38.87 42.59 9.86
CA ARG G 49 -40.04 42.93 9.07
C ARG G 49 -39.70 43.73 7.81
N ASP G 50 -38.79 44.70 7.91
CA ASP G 50 -38.47 45.52 6.76
C ASP G 50 -37.64 44.79 5.67
N ALA G 51 -37.05 43.65 6.02
CA ALA G 51 -36.24 42.91 5.07
C ALA G 51 -37.09 42.02 4.17
N GLU G 52 -38.27 41.65 4.65
CA GLU G 52 -39.17 40.76 3.92
C GLU G 52 -39.42 41.15 2.46
N PRO G 53 -39.78 42.42 2.20
CA PRO G 53 -40.05 42.84 0.82
C PRO G 53 -38.79 43.12 0.00
N ARG G 54 -37.62 42.87 0.59
CA ARG G 54 -36.35 43.08 -0.09
C ARG G 54 -35.83 41.73 -0.59
N HIS G 55 -36.64 40.70 -0.39
CA HIS G 55 -36.37 39.34 -0.87
C HIS G 55 -35.19 38.61 -0.26
N LEU G 56 -35.28 37.27 -0.33
CA LEU G 56 -34.25 36.41 0.22
C LEU G 56 -33.71 35.43 -0.80
N LEU G 57 -32.38 35.31 -0.81
CA LEU G 57 -31.70 34.41 -1.71
C LEU G 57 -31.04 33.31 -0.87
N VAL G 58 -31.46 32.07 -1.08
CA VAL G 58 -30.92 30.94 -0.35
C VAL G 58 -30.00 30.13 -1.26
N ASN G 59 -28.70 30.23 -1.04
CA ASN G 59 -27.74 29.52 -1.87
C ASN G 59 -27.16 28.32 -1.13
N GLY G 60 -26.92 27.23 -1.85
CA GLY G 60 -26.36 26.05 -1.22
C GLY G 60 -26.49 24.81 -2.07
N ALA G 61 -25.71 23.78 -1.74
CA ALA G 61 -25.73 22.53 -2.48
C ALA G 61 -27.03 21.77 -2.26
N THR G 62 -27.08 20.53 -2.77
CA THR G 62 -28.27 19.71 -2.64
C THR G 62 -28.28 18.92 -1.33
N GLY G 63 -29.40 18.98 -0.62
CA GLY G 63 -29.51 18.28 0.65
C GLY G 63 -28.78 18.95 1.80
N THR G 64 -28.49 20.24 1.64
CA THR G 64 -27.81 21.01 2.68
C THR G 64 -28.83 21.62 3.65
N GLY G 65 -30.11 21.39 3.35
CA GLY G 65 -31.18 21.89 4.20
C GLY G 65 -32.02 23.03 3.64
N LYS G 66 -32.08 23.17 2.32
CA LYS G 66 -32.90 24.23 1.73
C LYS G 66 -34.36 23.90 1.96
N SER G 67 -34.70 22.63 1.78
CA SER G 67 -36.07 22.18 1.98
C SER G 67 -36.52 22.55 3.38
N VAL G 68 -35.69 22.22 4.37
CA VAL G 68 -36.01 22.55 5.75
C VAL G 68 -36.21 24.05 5.93
N LEU G 69 -35.27 24.84 5.41
CA LEU G 69 -35.33 26.29 5.50
C LEU G 69 -36.58 26.85 4.84
N LEU G 70 -36.87 26.39 3.62
CA LEU G 70 -38.03 26.86 2.87
C LEU G 70 -39.33 26.43 3.54
N ARG G 71 -39.34 25.19 4.03
CA ARG G 71 -40.53 24.65 4.68
C ARG G 71 -40.86 25.42 5.96
N GLU G 72 -39.82 25.85 6.67
CA GLU G 72 -39.98 26.61 7.90
C GLU G 72 -40.42 28.04 7.61
N LEU G 73 -39.87 28.61 6.54
CA LEU G 73 -40.21 29.97 6.14
C LEU G 73 -41.66 30.03 5.68
N ALA G 74 -42.08 29.02 4.93
CA ALA G 74 -43.45 28.97 4.44
C ALA G 74 -44.40 28.72 5.62
N TYR G 75 -44.02 27.79 6.49
CA TYR G 75 -44.83 27.46 7.65
C TYR G 75 -45.09 28.70 8.51
N THR G 76 -44.01 29.31 8.99
CA THR G 76 -44.13 30.48 9.84
C THR G 76 -44.89 31.62 9.19
N GLY G 77 -44.86 31.70 7.87
CA GLY G 77 -45.57 32.75 7.16
C GLY G 77 -47.05 32.46 7.12
N LEU G 78 -47.39 31.19 6.94
CA LEU G 78 -48.79 30.78 6.92
C LEU G 78 -49.44 31.02 8.28
N LEU G 79 -48.72 30.70 9.36
CA LEU G 79 -49.22 30.89 10.73
C LEU G 79 -49.55 32.37 10.96
N ARG G 80 -48.91 33.24 10.18
CA ARG G 80 -49.13 34.68 10.29
C ARG G 80 -50.28 35.13 9.38
N GLY G 81 -50.84 34.19 8.61
CA GLY G 81 -51.94 34.52 7.72
C GLY G 81 -51.55 34.99 6.32
N ASP G 82 -50.24 35.00 6.03
CA ASP G 82 -49.73 35.44 4.73
C ASP G 82 -50.20 34.56 3.58
N ARG G 83 -50.23 35.13 2.37
CA ARG G 83 -50.62 34.39 1.17
C ARG G 83 -49.36 34.10 0.41
N MET G 84 -49.42 33.14 -0.50
CA MET G 84 -48.22 32.80 -1.24
C MET G 84 -48.42 31.86 -2.43
N VAL G 85 -47.52 32.01 -3.40
CA VAL G 85 -47.46 31.20 -4.60
C VAL G 85 -46.21 30.35 -4.42
N ILE G 86 -46.36 29.03 -4.48
CA ILE G 86 -45.20 28.16 -4.31
C ILE G 86 -44.89 27.35 -5.54
N VAL G 87 -43.66 27.51 -6.03
CA VAL G 87 -43.20 26.73 -7.18
C VAL G 87 -42.81 25.47 -6.41
N ASP G 88 -43.68 24.47 -6.50
CA ASP G 88 -43.56 23.24 -5.74
C ASP G 88 -43.23 21.93 -6.44
N PRO G 89 -41.94 21.58 -6.54
CA PRO G 89 -41.55 20.34 -7.20
C PRO G 89 -42.07 19.12 -6.45
N ASN G 90 -42.74 18.23 -7.19
CA ASN G 90 -43.28 17.00 -6.63
C ASN G 90 -44.48 17.18 -5.71
N GLY G 91 -44.89 18.42 -5.49
CA GLY G 91 -46.03 18.66 -4.63
C GLY G 91 -45.70 18.48 -3.15
N ASP G 92 -44.40 18.60 -2.82
CA ASP G 92 -43.93 18.47 -1.44
C ASP G 92 -44.58 19.48 -0.50
N MET G 93 -44.56 20.76 -0.86
CA MET G 93 -45.16 21.79 -0.02
C MET G 93 -46.67 21.66 0.01
N LEU G 94 -47.24 21.18 -1.10
CA LEU G 94 -48.68 20.99 -1.18
C LEU G 94 -49.11 19.98 -0.13
N SER G 95 -48.44 18.83 -0.14
CA SER G 95 -48.76 17.75 0.80
C SER G 95 -48.65 18.14 2.27
N LYS G 96 -47.77 19.10 2.60
CA LYS G 96 -47.58 19.51 3.98
C LYS G 96 -48.46 20.67 4.39
N PHE G 97 -48.66 21.63 3.49
CA PHE G 97 -49.45 22.80 3.83
C PHE G 97 -50.72 23.03 3.00
N GLY G 98 -50.98 22.14 2.06
CA GLY G 98 -52.16 22.30 1.25
C GLY G 98 -53.44 22.27 2.06
N ARG G 99 -54.29 23.27 1.83
CA ARG G 99 -55.58 23.36 2.49
C ARG G 99 -56.61 23.06 1.40
N ASP G 100 -57.89 23.04 1.77
CA ASP G 100 -58.95 22.75 0.83
C ASP G 100 -59.27 23.94 -0.06
N LYS G 101 -59.09 25.15 0.46
CA LYS G 101 -59.35 26.36 -0.31
C LYS G 101 -58.21 26.74 -1.26
N ASP G 102 -57.06 26.11 -1.08
CA ASP G 102 -55.91 26.42 -1.92
C ASP G 102 -56.03 25.96 -3.38
N ILE G 103 -55.25 26.61 -4.23
CA ILE G 103 -55.25 26.33 -5.65
C ILE G 103 -54.07 25.46 -6.09
N ILE G 104 -54.29 24.68 -7.13
CA ILE G 104 -53.25 23.82 -7.67
C ILE G 104 -53.14 24.04 -9.18
N LEU G 105 -51.92 24.28 -9.66
CA LEU G 105 -51.68 24.44 -11.08
C LEU G 105 -50.72 23.32 -11.50
N ASN G 106 -51.22 22.43 -12.35
CA ASN G 106 -50.42 21.31 -12.82
C ASN G 106 -51.22 20.63 -13.93
N PRO G 107 -50.84 20.82 -15.19
CA PRO G 107 -51.62 20.16 -16.25
C PRO G 107 -51.95 18.69 -16.02
N TYR G 108 -51.19 18.02 -15.16
CA TYR G 108 -51.40 16.59 -14.93
C TYR G 108 -52.00 16.15 -13.60
N ASP G 109 -52.50 17.09 -12.80
CA ASP G 109 -53.11 16.72 -11.53
C ASP G 109 -54.62 16.88 -11.62
N GLN G 110 -55.34 15.87 -11.18
CA GLN G 110 -56.80 15.87 -11.25
C GLN G 110 -57.44 17.01 -10.48
N ARG G 111 -56.67 17.67 -9.62
CA ARG G 111 -57.18 18.77 -8.80
C ARG G 111 -56.94 20.16 -9.40
N THR G 112 -56.07 20.22 -10.41
CA THR G 112 -55.71 21.47 -11.07
C THR G 112 -56.87 22.31 -11.54
N LYS G 113 -56.62 23.61 -11.62
CA LYS G 113 -57.63 24.52 -12.10
C LYS G 113 -57.39 24.60 -13.61
N GLY G 114 -58.43 24.98 -14.35
CA GLY G 114 -58.28 25.10 -15.80
C GLY G 114 -57.74 26.50 -16.06
N TRP G 115 -56.85 26.64 -17.03
CA TRP G 115 -56.29 27.96 -17.30
C TRP G 115 -55.67 28.07 -18.68
N SER G 116 -55.62 29.29 -19.19
CA SER G 116 -55.03 29.61 -20.48
C SER G 116 -54.65 31.07 -20.25
N PHE G 117 -53.65 31.57 -20.95
CA PHE G 117 -53.24 32.94 -20.70
C PHE G 117 -54.31 33.97 -21.08
N PHE G 118 -55.35 33.54 -21.78
CA PHE G 118 -56.41 34.46 -22.18
C PHE G 118 -57.09 35.03 -20.94
N ASN G 119 -57.23 34.20 -19.91
CA ASN G 119 -57.88 34.58 -18.65
C ASN G 119 -57.19 35.72 -17.91
N GLU G 120 -56.00 36.09 -18.35
CA GLU G 120 -55.27 37.16 -17.69
C GLU G 120 -55.37 38.47 -18.46
N ILE G 121 -55.97 38.40 -19.65
CA ILE G 121 -56.12 39.58 -20.50
C ILE G 121 -57.29 40.46 -20.07
N ARG G 122 -56.99 41.70 -19.71
CA ARG G 122 -58.01 42.64 -19.28
C ARG G 122 -58.07 43.78 -20.30
N ASN G 123 -56.93 44.42 -20.55
CA ASN G 123 -56.87 45.52 -21.50
C ASN G 123 -56.18 45.05 -22.78
N ASP G 124 -55.74 46.01 -23.60
CA ASP G 124 -55.07 45.66 -24.84
C ASP G 124 -53.57 45.53 -24.60
N TYR G 125 -53.04 46.33 -23.67
CA TYR G 125 -51.61 46.29 -23.38
C TYR G 125 -51.24 44.95 -22.74
N ASP G 126 -52.25 44.19 -22.32
CA ASP G 126 -52.05 42.88 -21.68
C ASP G 126 -51.63 41.78 -22.64
N TRP G 127 -51.89 41.94 -23.93
CA TRP G 127 -51.49 40.91 -24.89
C TRP G 127 -49.97 40.75 -24.99
N GLN G 128 -49.23 41.85 -25.10
CA GLN G 128 -47.77 41.76 -25.18
C GLN G 128 -47.22 41.41 -23.79
N ARG G 129 -47.82 42.03 -22.79
CA ARG G 129 -47.45 41.82 -21.40
C ARG G 129 -47.42 40.36 -21.00
N TYR G 130 -48.42 39.58 -21.44
CA TYR G 130 -48.45 38.16 -21.11
C TYR G 130 -47.89 37.26 -22.20
N ALA G 131 -47.54 37.85 -23.35
CA ALA G 131 -46.94 37.08 -24.44
C ALA G 131 -45.50 36.96 -24.00
N LEU G 132 -45.09 37.95 -23.19
CA LEU G 132 -43.75 38.03 -22.61
C LEU G 132 -43.56 36.92 -21.54
N SER G 133 -44.68 36.51 -20.95
CA SER G 133 -44.70 35.45 -19.94
C SER G 133 -44.66 34.10 -20.62
N VAL G 134 -45.50 33.99 -21.65
CA VAL G 134 -45.64 32.76 -22.44
C VAL G 134 -44.38 32.46 -23.24
N VAL G 135 -43.73 33.52 -23.72
CA VAL G 135 -42.50 33.40 -24.48
C VAL G 135 -41.40 34.15 -23.72
N PRO G 136 -40.72 33.46 -22.79
CA PRO G 136 -39.64 34.10 -22.02
C PRO G 136 -38.47 34.59 -22.86
N ARG G 137 -37.55 35.34 -22.26
CA ARG G 137 -36.39 35.86 -22.98
C ARG G 137 -35.45 34.77 -23.50
N GLY G 138 -34.91 35.00 -24.69
CA GLY G 138 -34.00 34.04 -25.30
C GLY G 138 -32.64 34.10 -24.63
N LYS G 139 -31.95 32.96 -24.57
CA LYS G 139 -30.65 32.91 -23.93
C LYS G 139 -29.71 33.91 -24.58
N THR G 140 -29.67 33.91 -25.90
CA THR G 140 -28.79 34.81 -26.66
C THR G 140 -29.57 35.97 -27.28
N ASP G 141 -28.85 36.90 -27.90
CA ASP G 141 -29.51 38.01 -28.54
C ASP G 141 -30.25 37.55 -29.79
N GLU G 142 -29.70 36.55 -30.47
CA GLU G 142 -30.39 36.05 -31.65
C GLU G 142 -31.64 35.29 -31.24
N ALA G 143 -31.52 34.50 -30.18
CA ALA G 143 -32.65 33.71 -29.69
C ALA G 143 -33.76 34.65 -29.24
N GLU G 144 -33.38 35.81 -28.71
CA GLU G 144 -34.37 36.78 -28.26
C GLU G 144 -35.02 37.44 -29.48
N GLU G 145 -34.28 37.52 -30.58
CA GLU G 145 -34.81 38.08 -31.81
C GLU G 145 -35.97 37.18 -32.25
N TRP G 146 -35.70 35.87 -32.30
CA TRP G 146 -36.69 34.88 -32.70
C TRP G 146 -37.90 34.93 -31.77
N ALA G 147 -37.61 35.04 -30.46
CA ALA G 147 -38.66 35.10 -29.44
C ALA G 147 -39.55 36.32 -29.69
N SER G 148 -38.97 37.39 -30.22
CA SER G 148 -39.76 38.59 -30.53
C SER G 148 -40.77 38.28 -31.61
N TYR G 149 -40.34 37.54 -32.61
CA TYR G 149 -41.21 37.18 -33.71
C TYR G 149 -42.29 36.25 -33.19
N GLY G 150 -41.91 35.34 -32.30
CA GLY G 150 -42.87 34.42 -31.72
C GLY G 150 -43.95 35.17 -30.97
N ARG G 151 -43.58 36.22 -30.25
CA ARG G 151 -44.55 36.99 -29.50
C ARG G 151 -45.48 37.76 -30.41
N LEU G 152 -44.93 38.35 -31.47
CA LEU G 152 -45.76 39.09 -32.42
C LEU G 152 -46.81 38.14 -32.96
N LEU G 153 -46.37 36.98 -33.44
CA LEU G 153 -47.28 35.99 -33.99
C LEU G 153 -48.29 35.57 -32.94
N LEU G 154 -47.81 35.33 -31.73
CA LEU G 154 -48.65 34.90 -30.61
C LEU G 154 -49.74 35.90 -30.25
N ARG G 155 -49.32 37.12 -29.92
CA ARG G 155 -50.28 38.13 -29.53
C ARG G 155 -51.29 38.46 -30.64
N GLU G 156 -50.85 38.52 -31.90
CA GLU G 156 -51.76 38.85 -33.00
C GLU G 156 -52.71 37.70 -33.34
N THR G 157 -52.21 36.48 -33.31
CA THR G 157 -53.06 35.33 -33.60
C THR G 157 -54.05 35.12 -32.46
N ALA G 158 -53.64 35.50 -31.26
CA ALA G 158 -54.48 35.34 -30.08
C ALA G 158 -55.52 36.45 -30.05
N LYS G 159 -55.07 37.69 -30.25
CA LYS G 159 -55.99 38.82 -30.27
C LYS G 159 -57.15 38.50 -31.22
N LYS G 160 -56.83 37.98 -32.40
CA LYS G 160 -57.82 37.65 -33.40
C LYS G 160 -58.75 36.53 -32.95
N LEU G 161 -58.17 35.41 -32.54
CA LEU G 161 -58.98 34.28 -32.11
C LEU G 161 -59.96 34.70 -31.01
N ALA G 162 -59.57 35.68 -30.21
CA ALA G 162 -60.44 36.19 -29.14
C ALA G 162 -61.63 36.91 -29.76
N LEU G 163 -61.35 37.73 -30.77
CA LEU G 163 -62.38 38.50 -31.46
C LEU G 163 -63.36 37.60 -32.14
N ILE G 164 -62.86 36.66 -32.93
CA ILE G 164 -63.72 35.73 -33.66
C ILE G 164 -64.55 34.83 -32.74
N GLY G 165 -64.30 34.94 -31.44
CA GLY G 165 -65.04 34.16 -30.47
C GLY G 165 -64.53 32.77 -30.12
N THR G 166 -63.35 32.37 -30.61
CA THR G 166 -62.81 31.04 -30.25
C THR G 166 -61.41 31.18 -29.65
N PRO G 167 -61.33 31.67 -28.40
CA PRO G 167 -60.08 31.88 -27.66
C PRO G 167 -59.54 30.57 -27.09
N SER G 168 -59.24 29.63 -27.96
CA SER G 168 -58.73 28.35 -27.53
C SER G 168 -57.25 28.17 -27.89
N MET G 169 -56.50 27.56 -26.98
CA MET G 169 -55.09 27.33 -27.21
C MET G 169 -54.87 26.29 -28.29
N ARG G 170 -55.86 25.42 -28.46
CA ARG G 170 -55.79 24.38 -29.48
C ARG G 170 -55.79 25.04 -30.85
N GLU G 171 -56.64 26.05 -31.01
CA GLU G 171 -56.73 26.78 -32.26
C GLU G 171 -55.46 27.60 -32.42
N LEU G 172 -55.07 28.28 -31.34
CA LEU G 172 -53.86 29.09 -31.40
C LEU G 172 -52.66 28.23 -31.80
N PHE G 173 -52.50 27.09 -31.15
CA PHE G 173 -51.38 26.20 -31.47
C PHE G 173 -51.48 25.66 -32.91
N HIS G 174 -52.70 25.47 -33.39
CA HIS G 174 -52.87 24.97 -34.74
C HIS G 174 -52.48 26.04 -35.75
N TRP G 175 -53.02 27.24 -35.56
CA TRP G 175 -52.70 28.30 -36.49
C TRP G 175 -51.20 28.57 -36.51
N THR G 176 -50.63 28.90 -35.36
CA THR G 176 -49.22 29.21 -35.25
C THR G 176 -48.27 28.05 -35.56
N THR G 177 -48.76 26.81 -35.51
CA THR G 177 -47.89 25.65 -35.72
C THR G 177 -48.24 24.61 -36.79
N ILE G 178 -49.53 24.31 -36.93
CA ILE G 178 -49.96 23.29 -37.89
C ILE G 178 -50.48 23.82 -39.21
N ALA G 179 -51.11 24.98 -39.19
CA ALA G 179 -51.63 25.58 -40.42
C ALA G 179 -50.50 25.80 -41.41
N THR G 180 -50.80 25.67 -42.71
CA THR G 180 -49.78 25.88 -43.72
C THR G 180 -49.36 27.33 -43.69
N PHE G 181 -48.17 27.60 -44.21
CA PHE G 181 -47.63 28.95 -44.26
C PHE G 181 -48.61 29.94 -44.88
N ASP G 182 -49.14 29.59 -46.04
CA ASP G 182 -50.09 30.46 -46.74
C ASP G 182 -51.37 30.69 -45.95
N ASP G 183 -51.90 29.63 -45.34
CA ASP G 183 -53.12 29.76 -44.55
C ASP G 183 -52.91 30.65 -43.31
N LEU G 184 -51.74 30.54 -42.69
CA LEU G 184 -51.43 31.36 -41.52
C LEU G 184 -51.38 32.80 -42.00
N ARG G 185 -50.65 33.03 -43.08
CA ARG G 185 -50.55 34.36 -43.67
C ARG G 185 -51.94 34.96 -43.95
N GLY G 186 -52.84 34.11 -44.44
CA GLY G 186 -54.20 34.54 -44.74
C GLY G 186 -54.90 34.90 -43.46
N PHE G 187 -54.84 33.98 -42.51
CA PHE G 187 -55.44 34.16 -41.20
C PHE G 187 -54.98 35.48 -40.57
N LEU G 188 -53.72 35.82 -40.78
CA LEU G 188 -53.11 37.03 -40.23
C LEU G 188 -53.55 38.34 -40.88
N GLU G 189 -54.27 38.25 -42.00
CA GLU G 189 -54.75 39.44 -42.70
C GLU G 189 -55.69 40.22 -41.80
N GLY G 190 -55.45 41.52 -41.66
CA GLY G 190 -56.29 42.35 -40.79
C GLY G 190 -55.68 42.62 -39.45
N THR G 191 -54.62 41.90 -39.11
CA THR G 191 -53.93 42.05 -37.85
C THR G 191 -52.69 42.91 -38.09
N LEU G 192 -52.03 43.35 -37.02
CA LEU G 192 -50.84 44.17 -37.14
C LEU G 192 -49.68 43.38 -37.75
N ALA G 193 -49.79 42.07 -37.73
CA ALA G 193 -48.76 41.16 -38.24
C ALA G 193 -48.87 40.81 -39.73
N GLU G 194 -49.98 41.18 -40.35
CA GLU G 194 -50.20 40.88 -41.75
C GLU G 194 -49.02 41.23 -42.66
N SER G 195 -48.59 42.47 -42.59
CA SER G 195 -47.50 42.93 -43.43
C SER G 195 -46.10 42.71 -42.83
N LEU G 196 -45.99 42.64 -41.52
CA LEU G 196 -44.69 42.44 -40.89
C LEU G 196 -44.09 41.08 -41.28
N PHE G 197 -44.97 40.10 -41.47
CA PHE G 197 -44.56 38.73 -41.82
C PHE G 197 -44.62 38.43 -43.32
N ALA G 198 -44.72 39.44 -44.14
CA ALA G 198 -44.80 39.20 -45.59
C ALA G 198 -44.06 40.27 -46.40
N GLY G 199 -43.72 39.95 -47.64
CA GLY G 199 -43.04 40.92 -48.47
C GLY G 199 -41.55 40.75 -48.74
N SER G 200 -40.96 39.67 -48.24
CA SER G 200 -39.55 39.40 -48.48
C SER G 200 -39.16 38.13 -47.80
N ASN G 201 -37.98 37.63 -48.16
CA ASN G 201 -37.49 36.39 -47.59
C ASN G 201 -37.20 36.59 -46.09
N GLU G 202 -36.81 37.80 -45.71
CA GLU G 202 -36.52 38.07 -44.33
C GLU G 202 -37.77 38.01 -43.46
N ALA G 203 -38.87 38.53 -43.99
CA ALA G 203 -40.16 38.53 -43.28
C ALA G 203 -40.69 37.10 -43.18
N SER G 204 -40.38 36.31 -44.20
CA SER G 204 -40.78 34.93 -44.29
C SER G 204 -39.94 34.10 -43.33
N LYS G 205 -38.66 34.47 -43.20
CA LYS G 205 -37.71 33.80 -42.32
C LYS G 205 -38.13 34.08 -40.89
N ALA G 206 -38.46 35.35 -40.65
CA ALA G 206 -38.90 35.82 -39.35
C ALA G 206 -40.15 35.04 -38.90
N LEU G 207 -41.07 34.82 -39.83
CA LEU G 207 -42.32 34.10 -39.56
C LEU G 207 -42.02 32.64 -39.21
N THR G 208 -41.06 32.03 -39.91
CA THR G 208 -40.72 30.64 -39.65
C THR G 208 -40.10 30.51 -38.27
N SER G 209 -39.34 31.51 -37.87
CA SER G 209 -38.73 31.52 -36.56
C SER G 209 -39.81 31.58 -35.50
N ALA G 210 -40.80 32.42 -35.74
CA ALA G 210 -41.92 32.58 -34.83
C ALA G 210 -42.64 31.26 -34.61
N ARG G 211 -42.90 30.55 -35.70
CA ARG G 211 -43.58 29.27 -35.62
C ARG G 211 -42.78 28.30 -34.76
N PHE G 212 -41.48 28.22 -35.01
CA PHE G 212 -40.63 27.32 -34.23
C PHE G 212 -40.66 27.63 -32.75
N VAL G 213 -40.55 28.91 -32.40
CA VAL G 213 -40.58 29.37 -31.01
C VAL G 213 -41.85 28.93 -30.30
N LEU G 214 -42.98 29.13 -30.97
CA LEU G 214 -44.28 28.79 -30.44
C LEU G 214 -44.50 27.29 -30.35
N SER G 215 -43.98 26.53 -31.31
CA SER G 215 -44.15 25.07 -31.29
C SER G 215 -43.40 24.50 -30.10
N ASP G 216 -42.44 25.29 -29.62
CA ASP G 216 -41.58 24.92 -28.51
C ASP G 216 -42.19 25.27 -27.15
N LYS G 217 -42.83 26.43 -27.07
CA LYS G 217 -43.42 26.91 -25.83
C LYS G 217 -44.88 26.53 -25.56
N LEU G 218 -45.69 26.45 -26.62
CA LEU G 218 -47.11 26.19 -26.50
C LEU G 218 -47.65 24.79 -26.14
N PRO G 219 -47.00 23.72 -26.63
CA PRO G 219 -47.48 22.35 -26.34
C PRO G 219 -48.19 22.12 -25.01
N GLU G 220 -47.53 22.48 -23.92
CA GLU G 220 -48.08 22.29 -22.59
C GLU G 220 -49.27 23.21 -22.27
N HIS G 221 -49.31 24.38 -22.89
CA HIS G 221 -50.42 25.32 -22.69
C HIS G 221 -51.69 24.72 -23.30
N VAL G 222 -51.48 23.90 -24.32
CA VAL G 222 -52.55 23.22 -25.05
C VAL G 222 -53.06 22.03 -24.25
N THR G 223 -52.14 21.27 -23.64
CA THR G 223 -52.52 20.11 -22.85
C THR G 223 -53.10 20.50 -21.50
N MET G 224 -52.89 21.74 -21.10
CA MET G 224 -53.43 22.22 -19.83
C MET G 224 -54.95 22.30 -19.90
N PRO G 225 -55.63 21.67 -18.93
CA PRO G 225 -57.09 21.68 -18.87
C PRO G 225 -57.59 23.10 -18.94
N ASP G 226 -58.54 23.33 -19.85
CA ASP G 226 -59.10 24.65 -20.03
C ASP G 226 -60.02 24.96 -18.85
N GLY G 227 -60.09 26.24 -18.49
CA GLY G 227 -60.91 26.65 -17.38
C GLY G 227 -60.92 28.15 -17.34
N ASP G 228 -61.54 28.72 -16.31
CA ASP G 228 -61.64 30.17 -16.18
C ASP G 228 -60.73 30.77 -15.13
N PHE G 229 -59.91 29.94 -14.49
CA PHE G 229 -59.02 30.45 -13.46
C PHE G 229 -58.13 31.59 -13.96
N SER G 230 -58.00 32.62 -13.14
CA SER G 230 -57.20 33.77 -13.47
C SER G 230 -56.31 34.15 -12.31
N ILE G 231 -55.00 33.99 -12.50
CA ILE G 231 -54.03 34.31 -11.47
C ILE G 231 -54.18 35.77 -11.06
N ARG G 232 -54.60 36.62 -12.00
CA ARG G 232 -54.77 38.03 -11.71
C ARG G 232 -55.93 38.21 -10.76
N SER G 233 -57.01 37.47 -11.02
CA SER G 233 -58.20 37.53 -10.18
C SER G 233 -57.89 36.94 -8.80
N TRP G 234 -57.20 35.81 -8.80
CA TRP G 234 -56.79 35.13 -7.59
C TRP G 234 -56.02 36.07 -6.68
N LEU G 235 -55.10 36.83 -7.26
CA LEU G 235 -54.27 37.78 -6.52
C LEU G 235 -55.11 38.89 -5.89
N GLU G 236 -56.22 39.21 -6.55
CA GLU G 236 -57.11 40.27 -6.09
C GLU G 236 -58.01 39.81 -4.96
N ASP G 237 -58.27 38.50 -4.92
CA ASP G 237 -59.15 37.89 -3.93
C ASP G 237 -58.43 37.61 -2.61
N PRO G 238 -58.80 38.33 -1.53
CA PRO G 238 -58.18 38.13 -0.22
C PRO G 238 -58.39 36.72 0.37
N ASN G 239 -59.51 36.12 0.02
CA ASN G 239 -59.86 34.77 0.48
C ASN G 239 -59.49 33.74 -0.58
N GLY G 240 -58.55 34.09 -1.45
CA GLY G 240 -58.16 33.16 -2.51
C GLY G 240 -57.39 31.97 -2.00
N GLY G 241 -56.63 32.18 -0.92
CA GLY G 241 -55.83 31.13 -0.35
C GLY G 241 -54.42 31.17 -0.90
N ASN G 242 -53.88 30.01 -1.23
CA ASN G 242 -52.54 29.94 -1.78
C ASN G 242 -52.57 29.18 -3.09
N LEU G 243 -51.50 29.35 -3.85
CA LEU G 243 -51.38 28.72 -5.15
C LEU G 243 -50.12 27.86 -5.18
N PHE G 244 -50.29 26.60 -5.52
CA PHE G 244 -49.18 25.67 -5.59
C PHE G 244 -49.01 25.24 -7.02
N ILE G 245 -47.84 25.58 -7.58
CA ILE G 245 -47.50 25.22 -8.94
C ILE G 245 -46.66 23.97 -8.77
N THR G 246 -47.26 22.80 -8.96
CA THR G 246 -46.52 21.55 -8.77
C THR G 246 -46.32 20.79 -10.07
N TRP G 247 -45.44 19.78 -10.03
CA TRP G 247 -45.16 18.95 -11.21
C TRP G 247 -44.21 17.83 -10.85
N ARG G 248 -44.26 16.75 -11.61
CA ARG G 248 -43.38 15.61 -11.37
C ARG G 248 -42.01 15.94 -11.95
N GLU G 249 -40.96 15.63 -11.20
CA GLU G 249 -39.60 15.93 -11.64
C GLU G 249 -39.14 15.28 -12.94
N ASP G 250 -39.80 14.21 -13.37
CA ASP G 250 -39.38 13.59 -14.62
C ASP G 250 -39.99 14.36 -15.81
N MET G 251 -40.77 15.38 -15.48
CA MET G 251 -41.44 16.26 -16.45
C MET G 251 -40.90 17.69 -16.35
N GLY G 252 -39.73 17.84 -15.73
CA GLY G 252 -39.15 19.14 -15.57
C GLY G 252 -38.95 19.86 -16.88
N PRO G 253 -38.11 19.33 -17.78
CA PRO G 253 -37.83 19.93 -19.08
C PRO G 253 -39.06 20.29 -19.91
N ALA G 254 -40.05 19.41 -19.93
CA ALA G 254 -41.27 19.64 -20.69
C ALA G 254 -42.13 20.77 -20.13
N LEU G 255 -42.20 20.87 -18.80
CA LEU G 255 -43.01 21.89 -18.15
C LEU G 255 -42.31 23.19 -17.80
N ARG G 256 -41.03 23.30 -18.17
CA ARG G 256 -40.26 24.51 -17.86
C ARG G 256 -40.90 25.76 -18.43
N PRO G 257 -41.33 25.74 -19.73
CA PRO G 257 -41.97 26.96 -20.25
C PRO G 257 -43.33 27.34 -19.60
N LEU G 258 -44.16 26.34 -19.26
CA LEU G 258 -45.44 26.62 -18.62
C LEU G 258 -45.24 27.16 -17.20
N ILE G 259 -44.33 26.54 -16.46
CA ILE G 259 -44.06 26.96 -15.09
C ILE G 259 -43.43 28.34 -15.03
N SER G 260 -42.58 28.63 -16.01
CA SER G 260 -41.94 29.93 -16.09
C SER G 260 -43.00 30.97 -16.39
N ALA G 261 -44.01 30.57 -17.18
CA ALA G 261 -45.11 31.45 -17.54
C ALA G 261 -45.87 31.82 -16.28
N TRP G 262 -46.29 30.82 -15.52
CA TRP G 262 -47.03 31.05 -14.28
C TRP G 262 -46.28 31.97 -13.33
N VAL G 263 -45.00 31.69 -13.14
CA VAL G 263 -44.17 32.51 -12.26
C VAL G 263 -44.12 33.93 -12.78
N ASP G 264 -44.00 34.07 -14.09
CA ASP G 264 -43.90 35.39 -14.68
C ASP G 264 -45.22 36.13 -14.74
N VAL G 265 -46.32 35.39 -14.88
CA VAL G 265 -47.64 36.01 -14.88
C VAL G 265 -47.80 36.66 -13.50
N VAL G 266 -47.41 35.94 -12.46
CA VAL G 266 -47.48 36.44 -11.09
C VAL G 266 -46.59 37.67 -10.97
N CYS G 267 -45.39 37.61 -11.53
CA CYS G 267 -44.47 38.74 -11.46
C CYS G 267 -44.96 40.05 -12.08
N THR G 268 -45.70 40.00 -13.18
CA THR G 268 -46.20 41.26 -13.76
C THR G 268 -47.48 41.65 -13.07
N SER G 269 -48.38 40.69 -12.93
CA SER G 269 -49.66 40.95 -12.32
C SER G 269 -49.65 41.70 -11.01
N ILE G 270 -48.73 41.39 -10.09
CA ILE G 270 -48.74 42.09 -8.81
C ILE G 270 -48.44 43.58 -8.98
N LEU G 271 -47.92 43.95 -10.15
CA LEU G 271 -47.61 45.34 -10.41
C LEU G 271 -48.89 46.12 -10.69
N SER G 272 -49.97 45.41 -10.96
CA SER G 272 -51.28 46.02 -11.26
C SER G 272 -52.21 46.08 -10.05
N LEU G 273 -51.85 45.37 -8.98
CA LEU G 273 -52.69 45.34 -7.80
C LEU G 273 -52.75 46.70 -7.11
N PRO G 274 -53.98 47.14 -6.75
CA PRO G 274 -54.18 48.42 -6.08
C PRO G 274 -53.44 48.39 -4.74
N GLU G 275 -52.74 49.47 -4.41
CA GLU G 275 -51.98 49.48 -3.17
C GLU G 275 -52.77 49.08 -1.94
N GLU G 276 -52.21 48.13 -1.19
CA GLU G 276 -52.81 47.62 0.04
C GLU G 276 -51.67 47.35 1.00
N PRO G 277 -51.43 48.30 1.92
CA PRO G 277 -50.35 48.19 2.91
C PRO G 277 -50.42 46.91 3.73
N LYS G 278 -51.63 46.35 3.85
CA LYS G 278 -51.84 45.13 4.62
C LYS G 278 -51.43 43.84 3.90
N ARG G 279 -51.43 43.86 2.57
CA ARG G 279 -51.10 42.67 1.78
C ARG G 279 -49.66 42.18 1.87
N ARG G 280 -49.52 40.87 2.00
CA ARG G 280 -48.22 40.19 2.07
C ARG G 280 -48.28 38.93 1.22
N LEU G 281 -47.64 38.95 0.06
CA LEU G 281 -47.64 37.82 -0.85
C LEU G 281 -46.22 37.32 -1.05
N TRP G 282 -46.04 36.01 -0.89
CA TRP G 282 -44.74 35.36 -1.04
C TRP G 282 -44.64 34.61 -2.35
N LEU G 283 -43.50 34.74 -2.99
CA LEU G 283 -43.28 34.00 -4.21
C LEU G 283 -42.10 33.10 -3.88
N PHE G 284 -42.38 31.81 -3.80
CA PHE G 284 -41.37 30.84 -3.49
C PHE G 284 -41.00 30.14 -4.78
N ILE G 285 -39.85 30.54 -5.31
CA ILE G 285 -39.30 29.97 -6.53
C ILE G 285 -38.27 28.98 -6.04
N ASP G 286 -38.60 27.70 -6.20
CA ASP G 286 -37.73 26.62 -5.78
C ASP G 286 -36.31 26.93 -6.26
N GLU G 287 -36.03 26.63 -7.52
CA GLU G 287 -34.72 26.91 -8.11
C GLU G 287 -34.89 27.96 -9.19
N LEU G 288 -34.41 29.15 -8.90
CA LEU G 288 -34.51 30.24 -9.82
C LEU G 288 -33.96 29.90 -11.22
N ALA G 289 -32.78 29.27 -11.25
CA ALA G 289 -32.12 28.90 -12.49
C ALA G 289 -32.74 27.72 -13.23
N SER G 290 -33.74 27.08 -12.63
CA SER G 290 -34.40 25.96 -13.30
C SER G 290 -35.53 26.50 -14.16
N LEU G 291 -35.93 27.74 -13.92
CA LEU G 291 -36.97 28.36 -14.71
C LEU G 291 -36.30 29.04 -15.89
N GLU G 292 -37.10 29.42 -16.88
CA GLU G 292 -36.60 30.10 -18.07
C GLU G 292 -36.16 31.51 -17.69
N LYS G 293 -35.57 32.23 -18.65
CA LYS G 293 -35.12 33.60 -18.40
C LYS G 293 -36.36 34.47 -18.29
N LEU G 294 -36.78 34.76 -17.05
CA LEU G 294 -37.99 35.53 -16.81
C LEU G 294 -37.93 37.00 -17.21
N ALA G 295 -38.98 37.46 -17.88
CA ALA G 295 -39.06 38.84 -18.34
C ALA G 295 -39.47 39.84 -17.26
N SER G 296 -40.36 39.43 -16.35
CA SER G 296 -40.85 40.33 -15.33
C SER G 296 -40.28 40.16 -13.94
N LEU G 297 -39.46 39.14 -13.73
CA LEU G 297 -38.89 38.91 -12.40
C LEU G 297 -38.16 40.15 -11.91
N ALA G 298 -37.23 40.64 -12.73
CA ALA G 298 -36.44 41.82 -12.37
C ALA G 298 -37.26 42.97 -11.81
N ASP G 299 -38.29 43.38 -12.54
CA ASP G 299 -39.10 44.48 -12.07
C ASP G 299 -39.90 44.10 -10.83
N ALA G 300 -40.36 42.85 -10.78
CA ALA G 300 -41.13 42.42 -9.63
C ALA G 300 -40.27 42.50 -8.38
N LEU G 301 -38.97 42.26 -8.51
CA LEU G 301 -38.06 42.29 -7.35
C LEU G 301 -37.72 43.72 -6.98
N THR G 302 -38.03 44.64 -7.89
CA THR G 302 -37.70 46.05 -7.73
C THR G 302 -38.89 46.99 -7.50
N LYS G 303 -40.08 46.57 -7.90
CA LYS G 303 -41.24 47.43 -7.77
C LYS G 303 -42.42 46.78 -7.08
N GLY G 304 -42.18 45.64 -6.43
CA GLY G 304 -43.27 44.96 -5.77
C GLY G 304 -43.52 45.29 -4.31
N ARG G 305 -42.77 46.26 -3.77
CA ARG G 305 -42.92 46.64 -2.37
C ARG G 305 -44.36 47.04 -2.05
N LYS G 306 -44.91 47.97 -2.81
CA LYS G 306 -46.27 48.40 -2.56
C LYS G 306 -47.28 47.28 -2.70
N ALA G 307 -46.99 46.31 -3.56
CA ALA G 307 -47.89 45.18 -3.77
C ALA G 307 -47.69 44.17 -2.64
N GLY G 308 -46.66 44.41 -1.83
CA GLY G 308 -46.35 43.52 -0.71
C GLY G 308 -45.76 42.19 -1.18
N LEU G 309 -45.01 42.22 -2.27
CA LEU G 309 -44.41 41.02 -2.82
C LEU G 309 -43.11 40.69 -2.08
N ARG G 310 -42.91 39.41 -1.81
CA ARG G 310 -41.73 38.91 -1.12
C ARG G 310 -41.33 37.64 -1.84
N VAL G 311 -40.14 37.65 -2.44
CA VAL G 311 -39.65 36.49 -3.18
C VAL G 311 -38.52 35.80 -2.45
N VAL G 312 -38.58 34.46 -2.43
CA VAL G 312 -37.54 33.65 -1.82
C VAL G 312 -37.16 32.69 -2.93
N ALA G 313 -35.90 32.74 -3.36
CA ALA G 313 -35.47 31.86 -4.44
C ALA G 313 -34.21 31.09 -4.07
N GLY G 314 -34.10 29.88 -4.61
CA GLY G 314 -32.94 29.05 -4.35
C GLY G 314 -31.94 29.09 -5.50
N LEU G 315 -30.66 29.03 -5.16
CA LEU G 315 -29.58 29.07 -6.13
C LEU G 315 -28.53 28.07 -5.71
N GLN G 316 -27.76 27.53 -6.64
CA GLN G 316 -26.71 26.59 -6.29
C GLN G 316 -25.38 27.10 -6.80
N SER G 317 -25.08 26.89 -8.08
CA SER G 317 -23.83 27.40 -8.62
C SER G 317 -24.07 28.72 -9.36
N THR G 318 -23.20 29.70 -9.12
CA THR G 318 -23.32 30.99 -9.78
C THR G 318 -23.45 30.78 -11.29
N SER G 319 -22.70 29.81 -11.81
CA SER G 319 -22.70 29.50 -13.23
C SER G 319 -24.06 29.12 -13.79
N GLN G 320 -24.97 28.72 -12.92
CA GLN G 320 -26.30 28.32 -13.34
C GLN G 320 -27.12 29.50 -13.84
N LEU G 321 -27.32 30.47 -12.96
CA LEU G 321 -28.11 31.65 -13.28
C LEU G 321 -27.39 32.40 -14.39
N ASP G 322 -26.07 32.41 -14.32
CA ASP G 322 -25.22 33.07 -15.31
C ASP G 322 -25.48 32.53 -16.70
N ASP G 323 -25.69 31.23 -16.80
CA ASP G 323 -25.92 30.63 -18.10
C ASP G 323 -27.31 30.98 -18.61
N VAL G 324 -28.27 31.07 -17.70
CA VAL G 324 -29.64 31.38 -18.09
C VAL G 324 -29.87 32.84 -18.46
N TYR G 325 -29.50 33.74 -17.57
CA TYR G 325 -29.70 35.19 -17.77
C TYR G 325 -28.52 35.91 -18.41
N GLY G 326 -27.34 35.30 -18.38
CA GLY G 326 -26.16 35.94 -18.91
C GLY G 326 -25.48 36.54 -17.72
N VAL G 327 -24.16 36.69 -17.75
CA VAL G 327 -23.44 37.23 -16.61
C VAL G 327 -23.98 38.57 -16.09
N LYS G 328 -24.24 39.50 -16.99
CA LYS G 328 -24.72 40.82 -16.59
C LYS G 328 -26.10 40.82 -15.96
N GLU G 329 -27.06 40.22 -16.64
CA GLU G 329 -28.42 40.19 -16.10
C GLU G 329 -28.54 39.28 -14.88
N ALA G 330 -27.65 38.31 -14.74
CA ALA G 330 -27.70 37.41 -13.59
C ALA G 330 -27.22 38.20 -12.38
N GLN G 331 -26.21 39.05 -12.59
CA GLN G 331 -25.66 39.86 -11.50
C GLN G 331 -26.70 40.83 -11.00
N THR G 332 -27.45 41.41 -11.92
CA THR G 332 -28.48 42.38 -11.58
C THR G 332 -29.61 41.66 -10.85
N LEU G 333 -29.93 40.46 -11.30
CA LEU G 333 -31.00 39.68 -10.69
C LEU G 333 -30.64 39.27 -9.27
N ARG G 334 -29.43 38.75 -9.06
CA ARG G 334 -29.02 38.35 -7.72
C ARG G 334 -28.91 39.56 -6.79
N ALA G 335 -28.52 40.71 -7.34
CA ALA G 335 -28.37 41.92 -6.55
C ALA G 335 -29.70 42.47 -6.07
N SER G 336 -30.79 41.89 -6.58
CA SER G 336 -32.13 42.31 -6.20
C SER G 336 -32.65 41.63 -4.95
N PHE G 337 -31.91 40.67 -4.42
CA PHE G 337 -32.31 40.00 -3.20
C PHE G 337 -31.36 40.57 -2.16
N ARG G 338 -31.89 41.30 -1.18
CA ARG G 338 -31.06 41.94 -0.17
C ARG G 338 -30.55 41.05 0.97
N SER G 339 -31.28 39.98 1.27
CA SER G 339 -30.88 39.06 2.33
C SER G 339 -30.39 37.75 1.72
N LEU G 340 -29.32 37.22 2.28
CA LEU G 340 -28.75 35.99 1.77
C LEU G 340 -28.55 34.92 2.85
N VAL G 341 -28.71 33.66 2.45
CA VAL G 341 -28.49 32.53 3.33
C VAL G 341 -27.54 31.62 2.57
N VAL G 342 -26.35 31.37 3.12
CA VAL G 342 -25.37 30.52 2.48
C VAL G 342 -25.37 29.16 3.21
N LEU G 343 -25.83 28.12 2.53
CA LEU G 343 -25.92 26.79 3.12
C LEU G 343 -24.73 25.85 2.87
N GLY G 344 -23.65 26.37 2.29
CA GLY G 344 -22.50 25.51 2.08
C GLY G 344 -22.56 24.66 0.83
N GLY G 345 -21.46 24.68 0.07
CA GLY G 345 -21.41 23.94 -1.17
C GLY G 345 -20.43 22.81 -1.26
N SER G 346 -20.03 22.50 -2.48
CA SER G 346 -19.13 21.41 -2.76
C SER G 346 -17.71 21.90 -2.82
N ARG G 347 -16.76 21.01 -2.55
CA ARG G 347 -15.34 21.36 -2.63
C ARG G 347 -15.01 21.44 -4.12
N THR G 348 -15.83 20.81 -4.95
CA THR G 348 -15.67 20.79 -6.41
C THR G 348 -16.21 22.05 -7.09
N ASP G 349 -16.56 23.07 -6.29
CA ASP G 349 -17.04 24.33 -6.82
C ASP G 349 -16.35 25.47 -6.09
N PRO G 350 -15.01 25.55 -6.21
CA PRO G 350 -14.26 26.61 -5.56
C PRO G 350 -14.72 28.01 -5.93
N LYS G 351 -15.20 28.15 -7.16
CA LYS G 351 -15.65 29.45 -7.64
C LYS G 351 -16.91 29.96 -6.92
N THR G 352 -17.90 29.11 -6.70
CA THR G 352 -19.11 29.58 -6.03
C THR G 352 -18.85 29.78 -4.55
N ASN G 353 -17.89 29.05 -4.00
CA ASN G 353 -17.57 29.19 -2.58
C ASN G 353 -16.88 30.53 -2.39
N GLU G 354 -16.12 30.93 -3.39
CA GLU G 354 -15.42 32.20 -3.35
C GLU G 354 -16.45 33.33 -3.50
N ASP G 355 -17.45 33.11 -4.33
CA ASP G 355 -18.50 34.10 -4.55
C ASP G 355 -19.28 34.34 -3.27
N MET G 356 -19.66 33.24 -2.61
CA MET G 356 -20.41 33.29 -1.35
C MET G 356 -19.55 33.88 -0.25
N SER G 357 -18.28 33.51 -0.26
CA SER G 357 -17.33 34.02 0.72
C SER G 357 -17.24 35.54 0.58
N LEU G 358 -17.16 36.00 -0.66
CA LEU G 358 -17.05 37.42 -0.97
C LEU G 358 -18.33 38.14 -0.65
N SER G 359 -19.45 37.42 -0.75
CA SER G 359 -20.74 38.00 -0.46
C SER G 359 -20.85 38.22 1.03
N LEU G 360 -20.42 37.23 1.82
CA LEU G 360 -20.48 37.38 3.27
C LEU G 360 -19.64 38.60 3.64
N GLY G 361 -18.56 38.80 2.90
CA GLY G 361 -17.72 39.95 3.13
C GLY G 361 -16.51 39.78 4.03
N GLU G 362 -15.71 40.84 4.06
CA GLU G 362 -14.52 40.88 4.88
C GLU G 362 -14.72 41.85 6.05
N HIS G 363 -13.77 41.84 6.97
CA HIS G 363 -13.80 42.74 8.11
C HIS G 363 -12.38 43.20 8.36
N GLU G 364 -12.23 44.39 8.91
CA GLU G 364 -10.90 44.87 9.24
C GLU G 364 -10.90 44.75 10.76
N VAL G 365 -9.78 44.31 11.30
CA VAL G 365 -9.70 44.10 12.73
C VAL G 365 -8.31 44.37 13.32
N GLU G 366 -8.27 44.68 14.61
CA GLU G 366 -7.01 44.92 15.30
C GLU G 366 -6.78 43.70 16.17
N ARG G 367 -5.60 43.11 16.05
CA ARG G 367 -5.27 41.92 16.84
C ARG G 367 -3.91 42.04 17.49
N ASP G 368 -3.76 41.39 18.64
CA ASP G 368 -2.50 41.40 19.41
C ASP G 368 -1.60 40.24 18.99
N ARG G 369 -0.41 40.55 18.50
CA ARG G 369 0.52 39.50 18.10
C ARG G 369 1.56 39.27 19.19
N TYR G 370 1.35 38.21 19.98
CA TYR G 370 2.28 37.85 21.06
C TYR G 370 3.47 37.08 20.48
N ARG G 382 1.24 42.01 22.90
CA ARG G 382 2.65 42.20 22.57
C ARG G 382 2.84 43.30 21.50
N ALA G 383 1.94 43.34 20.52
CA ALA G 383 1.96 44.35 19.45
C ALA G 383 0.61 44.36 18.74
N LEU G 384 0.15 45.54 18.34
CA LEU G 384 -1.14 45.67 17.66
C LEU G 384 -0.98 45.66 16.15
N GLU G 385 -1.76 44.80 15.50
CA GLU G 385 -1.74 44.66 14.04
C GLU G 385 -3.13 44.88 13.43
N ARG G 386 -3.14 45.54 12.28
CA ARG G 386 -4.38 45.80 11.54
C ARG G 386 -4.45 44.68 10.52
N VAL G 387 -5.62 44.06 10.40
CA VAL G 387 -5.78 42.97 9.45
C VAL G 387 -7.17 42.87 8.83
N ARG G 388 -7.18 42.79 7.50
CA ARG G 388 -8.44 42.66 6.78
C ARG G 388 -8.50 41.19 6.40
N GLU G 389 -9.67 40.59 6.53
CA GLU G 389 -9.84 39.19 6.18
C GLU G 389 -11.30 38.82 5.95
N ARG G 390 -11.54 37.64 5.36
CA ARG G 390 -12.89 37.17 5.10
C ARG G 390 -13.51 36.67 6.39
N VAL G 391 -14.71 37.14 6.69
CA VAL G 391 -15.41 36.71 7.89
C VAL G 391 -15.64 35.20 7.74
N VAL G 392 -15.89 34.77 6.50
CA VAL G 392 -16.11 33.35 6.18
C VAL G 392 -15.29 32.92 4.96
N MET G 393 -14.29 32.07 5.20
CA MET G 393 -13.42 31.57 4.13
C MET G 393 -14.19 30.68 3.14
N PRO G 394 -13.70 30.61 1.88
CA PRO G 394 -14.40 29.76 0.91
C PRO G 394 -14.40 28.33 1.45
N ALA G 395 -13.27 27.92 2.02
CA ALA G 395 -13.09 26.58 2.59
C ALA G 395 -14.05 26.29 3.75
N GLU G 396 -14.49 27.33 4.46
CA GLU G 396 -15.41 27.14 5.57
C GLU G 396 -16.78 26.77 5.02
N ILE G 397 -17.11 27.36 3.88
CA ILE G 397 -18.39 27.10 3.22
C ILE G 397 -18.44 25.69 2.61
N ALA G 398 -17.34 25.26 2.01
CA ALA G 398 -17.26 23.92 1.40
C ALA G 398 -17.26 22.83 2.47
N ASN G 399 -16.81 23.19 3.67
CA ASN G 399 -16.76 22.25 4.78
C ASN G 399 -17.89 22.41 5.79
N LEU G 400 -18.94 23.14 5.39
CA LEU G 400 -20.09 23.35 6.27
C LEU G 400 -20.90 22.07 6.42
N PRO G 401 -21.25 21.68 7.66
CA PRO G 401 -22.02 20.45 7.82
C PRO G 401 -23.44 20.74 7.34
N ASP G 402 -24.18 19.71 6.97
CA ASP G 402 -25.54 19.95 6.51
C ASP G 402 -26.35 20.57 7.65
N LEU G 403 -27.46 21.21 7.31
CA LEU G 403 -28.33 21.85 8.29
C LEU G 403 -27.64 22.98 9.04
N THR G 404 -26.65 23.58 8.42
CA THR G 404 -25.93 24.70 9.01
C THR G 404 -25.91 25.78 7.93
N ALA G 405 -26.16 27.02 8.33
CA ALA G 405 -26.21 28.10 7.36
C ALA G 405 -25.79 29.44 7.93
N TYR G 406 -25.30 30.30 7.06
CA TYR G 406 -24.91 31.63 7.47
C TYR G 406 -26.07 32.49 7.01
N VAL G 407 -26.59 33.29 7.92
CA VAL G 407 -27.72 34.14 7.60
C VAL G 407 -27.26 35.58 7.59
N GLY G 408 -27.42 36.22 6.44
CA GLY G 408 -27.04 37.62 6.30
C GLY G 408 -28.22 38.44 5.82
N PHE G 409 -28.96 39.03 6.75
CA PHE G 409 -30.12 39.83 6.39
C PHE G 409 -29.71 41.17 5.80
N ALA G 410 -30.65 41.81 5.12
CA ALA G 410 -30.44 43.11 4.50
C ALA G 410 -30.10 44.17 5.51
N GLY G 411 -29.47 45.24 5.03
CA GLY G 411 -29.11 46.35 5.90
C GLY G 411 -27.91 46.16 6.80
N ASN G 412 -27.82 47.02 7.80
CA ASN G 412 -26.72 46.95 8.75
C ASN G 412 -26.96 45.91 9.82
N ARG G 413 -26.63 44.67 9.52
CA ARG G 413 -26.81 43.58 10.46
C ARG G 413 -25.67 42.57 10.37
N PRO G 414 -25.28 41.97 11.51
CA PRO G 414 -24.20 41.00 11.44
C PRO G 414 -24.72 39.70 10.87
N ILE G 415 -23.80 38.85 10.42
CA ILE G 415 -24.18 37.57 9.86
C ILE G 415 -23.99 36.61 11.02
N ALA G 416 -24.48 35.40 10.87
CA ALA G 416 -24.32 34.42 11.94
C ALA G 416 -24.47 33.01 11.40
N LYS G 417 -23.69 32.11 11.95
CA LYS G 417 -23.74 30.71 11.57
C LYS G 417 -24.83 30.12 12.46
N VAL G 418 -25.92 29.66 11.84
CA VAL G 418 -27.03 29.11 12.59
C VAL G 418 -27.37 27.71 12.09
N PRO G 419 -27.77 26.81 13.02
CA PRO G 419 -28.13 25.45 12.65
C PRO G 419 -29.61 25.37 12.31
N LEU G 420 -29.97 24.47 11.39
CA LEU G 420 -31.35 24.29 11.00
C LEU G 420 -31.91 23.08 11.72
N GLU G 421 -33.12 23.24 12.25
CA GLU G 421 -33.82 22.18 12.97
C GLU G 421 -34.80 21.54 12.00
N ILE G 422 -34.64 20.24 11.77
CA ILE G 422 -35.53 19.56 10.84
C ILE G 422 -36.90 19.27 11.47
N LYS G 423 -37.80 20.26 11.41
CA LYS G 423 -39.14 20.06 11.96
C LYS G 423 -39.84 19.04 11.09
N GLN G 424 -40.74 18.29 11.72
CA GLN G 424 -41.49 17.28 10.99
C GLN G 424 -42.88 17.81 10.67
N PHE G 425 -43.32 17.59 9.44
CA PHE G 425 -44.64 18.05 9.03
C PHE G 425 -45.51 16.91 8.54
N ALA G 426 -46.73 16.87 9.06
CA ALA G 426 -47.69 15.84 8.71
C ALA G 426 -48.22 16.05 7.30
N ASN G 427 -48.34 14.96 6.54
CA ASN G 427 -48.87 15.04 5.18
C ASN G 427 -50.38 15.24 5.21
N ARG G 428 -50.79 16.49 5.08
CA ARG G 428 -52.20 16.87 5.09
C ARG G 428 -52.88 16.61 3.75
N GLN G 429 -52.10 16.34 2.71
CA GLN G 429 -52.68 16.07 1.41
C GLN G 429 -51.81 15.30 0.44
N PRO G 430 -52.45 14.57 -0.49
CA PRO G 430 -51.66 13.81 -1.45
C PRO G 430 -50.94 14.80 -2.35
N ALA G 431 -49.64 14.58 -2.54
CA ALA G 431 -48.84 15.48 -3.36
C ALA G 431 -49.27 15.48 -4.82
N PHE G 432 -49.54 14.29 -5.36
CA PHE G 432 -49.92 14.17 -6.75
C PHE G 432 -51.11 13.24 -6.97
N VAL G 433 -52.15 13.76 -7.61
CA VAL G 433 -53.34 12.98 -7.93
C VAL G 433 -53.46 12.94 -9.45
N GLU G 434 -53.00 11.85 -10.06
CA GLU G 434 -53.06 11.71 -11.51
C GLU G 434 -54.48 11.62 -12.07
N GLY G 435 -54.74 12.43 -13.11
CA GLY G 435 -56.06 12.44 -13.73
C GLY G 435 -56.12 11.78 -15.09
N THR G 436 -57.30 11.28 -15.45
CA THR G 436 -57.53 10.62 -16.74
C THR G 436 -57.23 11.54 -17.93
N ASN H 2 3.90 23.71 17.89
CA ASN H 2 3.96 23.15 16.51
C ASN H 2 3.82 21.62 16.52
N SER H 3 2.90 21.13 17.35
CA SER H 3 2.66 19.70 17.49
C SER H 3 1.81 19.12 16.36
N VAL H 4 0.79 19.87 15.96
CA VAL H 4 -0.12 19.45 14.91
C VAL H 4 0.41 19.59 13.47
N GLY H 5 -0.07 18.71 12.60
CA GLY H 5 0.34 18.73 11.21
C GLY H 5 1.30 17.59 10.90
N GLN H 6 1.92 17.06 11.95
CA GLN H 6 2.88 15.96 11.82
C GLN H 6 2.42 14.84 10.90
N GLY H 7 3.01 14.78 9.71
CA GLY H 7 2.67 13.73 8.75
C GLY H 7 1.50 13.99 7.82
N GLU H 8 0.37 14.42 8.39
CA GLU H 8 -0.84 14.71 7.62
C GLU H 8 -0.56 15.85 6.63
N PHE H 9 -0.40 17.05 7.17
CA PHE H 9 -0.12 18.21 6.34
C PHE H 9 1.26 18.12 5.73
N GLY H 10 1.37 18.51 4.46
CA GLY H 10 2.64 18.47 3.76
C GLY H 10 3.53 19.67 3.96
N GLY H 11 3.01 20.73 4.59
CA GLY H 11 3.82 21.93 4.82
C GLY H 11 4.44 21.94 6.21
N ALA H 12 4.74 23.14 6.74
CA ALA H 12 5.33 23.22 8.08
C ALA H 12 4.30 22.94 9.16
N PRO H 13 4.68 22.17 10.19
CA PRO H 13 3.75 21.85 11.28
C PRO H 13 3.27 23.12 11.96
N PHE H 14 2.11 23.04 12.61
CA PHE H 14 1.56 24.22 13.28
C PHE H 14 1.09 23.98 14.71
N LYS H 15 0.94 25.09 15.45
CA LYS H 15 0.50 25.03 16.83
C LYS H 15 -1.01 24.81 16.89
N ARG H 16 -1.77 25.69 16.23
CA ARG H 16 -3.22 25.56 16.25
C ARG H 16 -3.90 25.70 14.88
N PHE H 17 -4.97 24.93 14.69
CA PHE H 17 -5.76 24.96 13.46
C PHE H 17 -6.96 25.86 13.72
N LEU H 18 -7.05 26.95 12.97
CA LEU H 18 -8.13 27.92 13.15
C LEU H 18 -9.40 27.56 12.39
N ARG H 19 -9.30 27.57 11.07
CA ARG H 19 -10.45 27.25 10.22
C ARG H 19 -10.05 26.76 8.85
N GLY H 20 -11.05 26.38 8.06
CA GLY H 20 -10.81 25.90 6.71
C GLY H 20 -10.85 24.39 6.59
N THR H 21 -10.07 23.87 5.66
CA THR H 21 -10.02 22.43 5.42
C THR H 21 -9.04 21.73 6.34
N ARG H 22 -9.52 20.66 6.97
CA ARG H 22 -8.68 19.86 7.87
C ARG H 22 -8.11 18.69 7.10
N ILE H 23 -6.84 18.39 7.29
CA ILE H 23 -6.27 17.23 6.62
C ILE H 23 -5.86 16.30 7.72
N VAL H 24 -6.24 15.04 7.55
CA VAL H 24 -5.98 13.98 8.51
C VAL H 24 -5.22 12.82 7.82
N SER H 25 -4.68 11.90 8.60
CA SER H 25 -3.96 10.77 8.02
C SER H 25 -4.99 9.80 7.45
N GLY H 26 -4.61 9.08 6.40
CA GLY H 26 -5.52 8.12 5.82
C GLY H 26 -6.14 7.29 6.93
N GLY H 27 -5.31 6.82 7.85
CA GLY H 27 -5.77 6.01 8.97
C GLY H 27 -6.83 6.65 9.83
N LYS H 28 -6.61 7.89 10.28
CA LYS H 28 -7.58 8.58 11.11
C LYS H 28 -8.90 8.82 10.39
N LEU H 29 -8.82 9.08 9.07
CA LEU H 29 -10.00 9.31 8.26
C LEU H 29 -10.81 8.02 8.23
N LYS H 30 -10.13 6.92 7.93
CA LYS H 30 -10.78 5.61 7.86
C LYS H 30 -11.54 5.34 9.17
N ARG H 31 -11.02 5.85 10.28
CA ARG H 31 -11.66 5.64 11.57
C ARG H 31 -12.88 6.54 11.70
N MET H 32 -12.79 7.74 11.13
CA MET H 32 -13.89 8.70 11.19
C MET H 32 -15.07 8.32 10.30
N THR H 33 -14.78 7.88 9.08
CA THR H 33 -15.84 7.52 8.16
C THR H 33 -16.39 6.11 8.42
N ARG H 34 -15.72 5.35 9.28
CA ARG H 34 -16.21 4.00 9.59
C ARG H 34 -17.61 4.13 10.21
N GLU H 35 -18.51 3.29 9.74
CA GLU H 35 -19.89 3.31 10.21
C GLU H 35 -20.40 1.90 10.43
N LYS H 36 -21.41 1.80 11.30
CA LYS H 36 -22.04 0.53 11.64
C LYS H 36 -22.62 -0.18 10.41
N ALA H 37 -23.27 0.59 9.54
CA ALA H 37 -23.89 0.03 8.34
C ALA H 37 -22.85 -0.48 7.32
N LYS H 38 -23.25 -1.42 6.47
CA LYS H 38 -22.36 -1.96 5.44
C LYS H 38 -21.95 -0.82 4.50
N GLN H 39 -20.65 -0.56 4.38
CA GLN H 39 -20.21 0.52 3.51
C GLN H 39 -19.48 0.04 2.28
N VAL H 40 -19.17 1.00 1.42
CA VAL H 40 -18.47 0.73 0.19
C VAL H 40 -17.17 1.48 0.43
N THR H 41 -16.12 1.23 -0.34
CA THR H 41 -14.88 1.95 -0.09
C THR H 41 -14.28 2.75 -1.26
N VAL H 42 -13.66 3.86 -0.90
CA VAL H 42 -13.01 4.78 -1.85
C VAL H 42 -11.53 4.84 -1.46
N ALA H 43 -10.66 4.28 -2.30
CA ALA H 43 -9.23 4.27 -2.03
C ALA H 43 -8.98 3.70 -0.64
N GLY H 44 -9.73 2.67 -0.29
CA GLY H 44 -9.57 2.03 1.00
C GLY H 44 -10.34 2.69 2.12
N VAL H 45 -10.81 3.91 1.90
CA VAL H 45 -11.57 4.62 2.93
C VAL H 45 -13.04 4.30 2.79
N PRO H 46 -13.71 3.88 3.88
CA PRO H 46 -15.13 3.56 3.80
C PRO H 46 -15.93 4.86 3.60
N MET H 47 -16.75 4.89 2.56
CA MET H 47 -17.53 6.07 2.23
C MET H 47 -18.75 6.30 3.11
N PRO H 48 -18.87 7.50 3.70
CA PRO H 48 -20.03 7.75 4.55
C PRO H 48 -21.30 7.39 3.81
N ARG H 49 -22.24 6.77 4.51
CA ARG H 49 -23.49 6.39 3.89
C ARG H 49 -24.20 7.59 3.27
N ASP H 50 -24.28 8.69 4.01
CA ASP H 50 -24.96 9.90 3.53
C ASP H 50 -24.30 10.59 2.33
N ALA H 51 -23.03 10.30 2.10
CA ALA H 51 -22.30 10.90 1.00
C ALA H 51 -22.53 10.17 -0.33
N GLU H 52 -22.95 8.91 -0.25
CA GLU H 52 -23.18 8.11 -1.45
C GLU H 52 -24.11 8.75 -2.48
N PRO H 53 -25.34 9.12 -2.08
CA PRO H 53 -26.27 9.73 -3.03
C PRO H 53 -25.93 11.18 -3.42
N ARG H 54 -24.74 11.63 -3.04
CA ARG H 54 -24.29 12.99 -3.33
C ARG H 54 -23.17 12.95 -4.39
N HIS H 55 -22.91 11.75 -4.88
CA HIS H 55 -21.95 11.50 -5.95
C HIS H 55 -20.49 11.73 -5.67
N LEU H 56 -19.67 11.10 -6.50
CA LEU H 56 -18.23 11.20 -6.35
C LEU H 56 -17.55 11.54 -7.64
N LEU H 57 -16.60 12.45 -7.54
CA LEU H 57 -15.86 12.90 -8.68
C LEU H 57 -14.39 12.52 -8.51
N VAL H 58 -13.92 11.61 -9.35
CA VAL H 58 -12.53 11.13 -9.30
C VAL H 58 -11.73 11.83 -10.37
N ASN H 59 -10.83 12.71 -9.95
CA ASN H 59 -10.00 13.45 -10.89
C ASN H 59 -8.54 13.00 -10.85
N GLY H 60 -7.94 12.88 -12.02
CA GLY H 60 -6.54 12.47 -12.08
C GLY H 60 -6.11 12.10 -13.48
N ALA H 61 -4.80 12.09 -13.72
CA ALA H 61 -4.24 11.73 -15.04
C ALA H 61 -4.42 10.26 -15.39
N THR H 62 -3.83 9.84 -16.51
CA THR H 62 -3.94 8.44 -16.96
C THR H 62 -2.97 7.49 -16.25
N GLY H 63 -3.50 6.38 -15.74
CA GLY H 63 -2.67 5.41 -15.06
C GLY H 63 -2.24 5.85 -13.67
N THR H 64 -3.10 6.63 -13.02
CA THR H 64 -2.80 7.11 -11.67
C THR H 64 -3.52 6.27 -10.61
N GLY H 65 -4.43 5.41 -11.05
CA GLY H 65 -5.15 4.58 -10.11
C GLY H 65 -6.66 4.69 -10.17
N LYS H 66 -7.18 5.33 -11.20
CA LYS H 66 -8.63 5.45 -11.33
C LYS H 66 -9.24 4.05 -11.47
N SER H 67 -8.65 3.26 -12.35
CA SER H 67 -9.13 1.91 -12.60
C SER H 67 -9.20 1.15 -11.30
N VAL H 68 -8.11 1.19 -10.54
CA VAL H 68 -8.05 0.50 -9.25
C VAL H 68 -9.16 1.02 -8.32
N LEU H 69 -9.32 2.34 -8.30
CA LEU H 69 -10.30 3.02 -7.47
C LEU H 69 -11.74 2.64 -7.86
N LEU H 70 -12.07 2.77 -9.14
CA LEU H 70 -13.42 2.45 -9.60
C LEU H 70 -13.71 0.97 -9.41
N ARG H 71 -12.72 0.12 -9.63
CA ARG H 71 -12.89 -1.32 -9.48
C ARG H 71 -13.21 -1.68 -8.02
N GLU H 72 -12.48 -1.10 -7.08
CA GLU H 72 -12.72 -1.38 -5.66
C GLU H 72 -14.09 -0.86 -5.21
N LEU H 73 -14.49 0.27 -5.78
CA LEU H 73 -15.77 0.88 -5.44
C LEU H 73 -16.89 -0.01 -5.96
N ALA H 74 -16.70 -0.53 -7.16
CA ALA H 74 -17.69 -1.43 -7.74
C ALA H 74 -17.76 -2.70 -6.90
N TYR H 75 -16.61 -3.36 -6.72
CA TYR H 75 -16.56 -4.60 -5.94
C TYR H 75 -17.28 -4.46 -4.59
N THR H 76 -16.83 -3.53 -3.75
CA THR H 76 -17.42 -3.34 -2.44
C THR H 76 -18.90 -3.00 -2.50
N GLY H 77 -19.33 -2.45 -3.63
CA GLY H 77 -20.73 -2.08 -3.80
C GLY H 77 -21.55 -3.31 -4.12
N LEU H 78 -20.99 -4.19 -4.95
CA LEU H 78 -21.67 -5.43 -5.33
C LEU H 78 -21.75 -6.35 -4.11
N LEU H 79 -20.70 -6.34 -3.27
CA LEU H 79 -20.66 -7.17 -2.07
C LEU H 79 -21.86 -6.81 -1.21
N ARG H 80 -22.22 -5.54 -1.21
CA ARG H 80 -23.34 -5.07 -0.42
C ARG H 80 -24.65 -5.33 -1.16
N GLY H 81 -24.55 -5.91 -2.36
CA GLY H 81 -25.73 -6.23 -3.16
C GLY H 81 -26.36 -5.06 -3.90
N ASP H 82 -25.56 -4.03 -4.17
CA ASP H 82 -26.03 -2.83 -4.86
C ASP H 82 -26.15 -3.11 -6.34
N ARG H 83 -27.07 -2.41 -7.00
CA ARG H 83 -27.25 -2.57 -8.43
C ARG H 83 -26.44 -1.48 -9.07
N MET H 84 -26.17 -1.60 -10.37
CA MET H 84 -25.41 -0.56 -11.03
C MET H 84 -25.32 -0.64 -12.53
N VAL H 85 -25.06 0.52 -13.13
CA VAL H 85 -24.90 0.67 -14.57
C VAL H 85 -23.45 1.08 -14.67
N ILE H 86 -22.71 0.45 -15.58
CA ILE H 86 -21.30 0.79 -15.72
C ILE H 86 -20.93 1.08 -17.15
N VAL H 87 -20.42 2.30 -17.38
CA VAL H 87 -19.97 2.70 -18.70
C VAL H 87 -18.60 2.03 -18.65
N ASP H 88 -18.52 0.89 -19.33
CA ASP H 88 -17.35 0.04 -19.30
C ASP H 88 -16.50 -0.10 -20.57
N PRO H 89 -15.46 0.74 -20.71
CA PRO H 89 -14.58 0.68 -21.88
C PRO H 89 -13.83 -0.66 -21.95
N ASN H 90 -13.88 -1.28 -23.12
CA ASN H 90 -13.23 -2.56 -23.37
C ASN H 90 -13.78 -3.71 -22.54
N GLY H 91 -14.90 -3.49 -21.86
CA GLY H 91 -15.48 -4.55 -21.06
C GLY H 91 -14.58 -5.06 -19.95
N ASP H 92 -13.83 -4.15 -19.34
CA ASP H 92 -12.93 -4.50 -18.25
C ASP H 92 -13.68 -4.88 -16.97
N MET H 93 -14.67 -4.10 -16.59
CA MET H 93 -15.46 -4.37 -15.39
C MET H 93 -16.34 -5.59 -15.60
N LEU H 94 -16.73 -5.82 -16.86
CA LEU H 94 -17.57 -6.95 -17.24
C LEU H 94 -16.84 -8.26 -17.01
N SER H 95 -15.61 -8.32 -17.50
CA SER H 95 -14.78 -9.51 -17.36
C SER H 95 -14.55 -9.86 -15.90
N LYS H 96 -14.43 -8.84 -15.04
CA LYS H 96 -14.17 -9.10 -13.62
C LYS H 96 -15.42 -9.30 -12.79
N PHE H 97 -16.47 -8.52 -13.06
CA PHE H 97 -17.67 -8.59 -12.24
C PHE H 97 -18.94 -9.06 -12.95
N GLY H 98 -18.80 -9.41 -14.22
CA GLY H 98 -19.95 -9.86 -14.99
C GLY H 98 -20.52 -11.20 -14.56
N ARG H 99 -21.80 -11.19 -14.17
CA ARG H 99 -22.50 -12.40 -13.76
C ARG H 99 -23.41 -12.82 -14.90
N ASP H 100 -23.99 -14.02 -14.77
CA ASP H 100 -24.85 -14.56 -15.80
C ASP H 100 -26.15 -13.79 -15.99
N LYS H 101 -26.73 -13.32 -14.89
CA LYS H 101 -27.98 -12.58 -14.96
C LYS H 101 -27.80 -11.12 -15.37
N ASP H 102 -26.54 -10.68 -15.45
CA ASP H 102 -26.28 -9.30 -15.83
C ASP H 102 -26.57 -9.02 -17.28
N ILE H 103 -26.76 -7.74 -17.59
CA ILE H 103 -27.08 -7.26 -18.94
C ILE H 103 -25.88 -6.60 -19.61
N ILE H 104 -25.84 -6.70 -20.94
CA ILE H 104 -24.77 -6.11 -21.72
C ILE H 104 -25.31 -5.32 -22.89
N LEU H 105 -24.90 -4.07 -22.99
CA LEU H 105 -25.31 -3.25 -24.11
C LEU H 105 -24.06 -2.91 -24.91
N ASN H 106 -24.06 -3.35 -26.16
CA ASN H 106 -22.93 -3.15 -27.07
C ASN H 106 -23.38 -3.65 -28.45
N PRO H 107 -23.55 -2.75 -29.41
CA PRO H 107 -23.98 -3.20 -30.73
C PRO H 107 -23.14 -4.28 -31.39
N TYR H 108 -21.91 -4.46 -30.92
CA TYR H 108 -21.01 -5.43 -31.52
C TYR H 108 -20.65 -6.66 -30.69
N ASP H 109 -21.35 -6.87 -29.59
CA ASP H 109 -21.07 -8.03 -28.75
C ASP H 109 -22.23 -9.02 -28.94
N GLN H 110 -21.88 -10.29 -29.13
CA GLN H 110 -22.85 -11.35 -29.33
C GLN H 110 -23.82 -11.50 -28.14
N ARG H 111 -23.40 -11.02 -26.98
CA ARG H 111 -24.21 -11.13 -25.77
C ARG H 111 -25.17 -9.96 -25.50
N THR H 112 -25.05 -8.91 -26.30
CA THR H 112 -25.90 -7.73 -26.13
C THR H 112 -27.38 -8.01 -26.15
N LYS H 113 -28.10 -7.14 -25.46
CA LYS H 113 -29.55 -7.21 -25.41
C LYS H 113 -30.03 -6.40 -26.61
N GLY H 114 -31.21 -6.70 -27.12
CA GLY H 114 -31.73 -5.96 -28.25
C GLY H 114 -32.38 -4.70 -27.70
N TRP H 115 -32.17 -3.58 -28.37
CA TRP H 115 -32.75 -2.31 -27.91
C TRP H 115 -32.87 -1.23 -28.97
N SER H 116 -33.86 -0.37 -28.78
CA SER H 116 -34.13 0.78 -29.65
C SER H 116 -34.77 1.74 -28.64
N PHE H 117 -34.69 3.04 -28.86
CA PHE H 117 -35.27 3.96 -27.89
C PHE H 117 -36.79 3.82 -27.77
N PHE H 118 -37.42 3.19 -28.75
CA PHE H 118 -38.85 3.01 -28.69
C PHE H 118 -39.24 2.24 -27.45
N ASN H 119 -38.35 1.36 -27.00
CA ASN H 119 -38.63 0.52 -25.83
C ASN H 119 -38.78 1.30 -24.53
N GLU H 120 -38.44 2.59 -24.56
CA GLU H 120 -38.53 3.38 -23.34
C GLU H 120 -39.78 4.24 -23.29
N ILE H 121 -40.52 4.29 -24.40
CA ILE H 121 -41.74 5.10 -24.49
C ILE H 121 -42.92 4.48 -23.75
N ARG H 122 -43.41 5.18 -22.73
CA ARG H 122 -44.56 4.72 -21.94
C ARG H 122 -45.73 5.70 -22.15
N ASN H 123 -45.42 6.98 -22.03
CA ASN H 123 -46.39 8.07 -22.21
C ASN H 123 -46.05 8.94 -23.41
N ASP H 124 -46.89 9.93 -23.69
CA ASP H 124 -46.61 10.79 -24.83
C ASP H 124 -45.51 11.80 -24.55
N TYR H 125 -45.34 12.15 -23.27
CA TYR H 125 -44.30 13.10 -22.91
C TYR H 125 -42.92 12.43 -22.94
N ASP H 126 -42.91 11.12 -23.17
CA ASP H 126 -41.65 10.39 -23.24
C ASP H 126 -40.96 10.56 -24.59
N TRP H 127 -41.69 10.98 -25.61
CA TRP H 127 -41.09 11.17 -26.92
C TRP H 127 -40.02 12.26 -26.91
N GLN H 128 -40.35 13.44 -26.40
CA GLN H 128 -39.35 14.50 -26.35
C GLN H 128 -38.27 14.10 -25.36
N ARG H 129 -38.73 13.55 -24.24
CA ARG H 129 -37.85 13.11 -23.16
C ARG H 129 -36.65 12.27 -23.63
N TYR H 130 -36.92 11.26 -24.44
CA TYR H 130 -35.88 10.39 -24.95
C TYR H 130 -35.27 10.86 -26.26
N ALA H 131 -35.89 11.85 -26.89
CA ALA H 131 -35.33 12.39 -28.13
C ALA H 131 -34.13 13.22 -27.63
N LEU H 132 -34.23 13.62 -26.38
CA LEU H 132 -33.20 14.41 -25.71
C LEU H 132 -32.01 13.52 -25.37
N SER H 133 -32.25 12.22 -25.36
CA SER H 133 -31.20 11.26 -25.06
C SER H 133 -30.52 10.85 -26.35
N VAL H 134 -31.33 10.64 -27.37
CA VAL H 134 -30.86 10.26 -28.69
C VAL H 134 -30.08 11.39 -29.35
N VAL H 135 -30.53 12.63 -29.15
CA VAL H 135 -29.87 13.79 -29.72
C VAL H 135 -29.42 14.68 -28.56
N PRO H 136 -28.22 14.43 -28.03
CA PRO H 136 -27.71 15.24 -26.91
C PRO H 136 -27.60 16.73 -27.21
N ARG H 137 -27.30 17.52 -26.17
CA ARG H 137 -27.18 18.97 -26.33
C ARG H 137 -26.02 19.37 -27.21
N GLY H 138 -26.26 20.38 -28.05
CA GLY H 138 -25.22 20.87 -28.94
C GLY H 138 -24.16 21.63 -28.20
N LYS H 139 -22.90 21.47 -28.61
CA LYS H 139 -21.78 22.16 -27.96
C LYS H 139 -21.95 23.68 -27.91
N THR H 140 -22.51 24.27 -28.98
CA THR H 140 -22.73 25.72 -29.08
C THR H 140 -24.23 25.98 -29.21
N ASP H 141 -24.63 27.23 -29.04
CA ASP H 141 -26.05 27.61 -29.17
C ASP H 141 -26.64 27.27 -30.54
N GLU H 142 -25.90 27.57 -31.59
CA GLU H 142 -26.38 27.28 -32.93
C GLU H 142 -26.51 25.77 -33.16
N ALA H 143 -25.55 25.00 -32.64
CA ALA H 143 -25.57 23.55 -32.79
C ALA H 143 -26.76 22.97 -32.04
N GLU H 144 -27.17 23.64 -30.96
CA GLU H 144 -28.31 23.18 -30.18
C GLU H 144 -29.61 23.54 -30.90
N GLU H 145 -29.54 24.58 -31.74
CA GLU H 145 -30.70 25.00 -32.53
C GLU H 145 -30.97 23.86 -33.50
N TRP H 146 -29.92 23.41 -34.17
CA TRP H 146 -30.03 22.32 -35.12
C TRP H 146 -30.47 21.04 -34.43
N ALA H 147 -29.96 20.81 -33.23
CA ALA H 147 -30.33 19.62 -32.49
C ALA H 147 -31.83 19.66 -32.19
N SER H 148 -32.35 20.84 -31.88
CA SER H 148 -33.77 21.01 -31.57
C SER H 148 -34.61 20.57 -32.75
N TYR H 149 -34.14 20.90 -33.95
CA TYR H 149 -34.82 20.53 -35.18
C TYR H 149 -34.75 19.02 -35.37
N GLY H 150 -33.57 18.46 -35.09
CA GLY H 150 -33.38 17.03 -35.23
C GLY H 150 -34.28 16.25 -34.28
N ARG H 151 -34.59 16.81 -33.12
CA ARG H 151 -35.45 16.12 -32.18
C ARG H 151 -36.89 16.25 -32.62
N LEU H 152 -37.26 17.39 -33.19
CA LEU H 152 -38.63 17.58 -33.66
C LEU H 152 -38.86 16.56 -34.77
N LEU H 153 -37.97 16.56 -35.74
CA LEU H 153 -38.04 15.61 -36.85
C LEU H 153 -38.05 14.19 -36.30
N LEU H 154 -37.18 13.91 -35.33
CA LEU H 154 -37.07 12.58 -34.72
C LEU H 154 -38.33 12.14 -34.00
N ARG H 155 -38.83 12.94 -33.07
CA ARG H 155 -40.02 12.52 -32.35
C ARG H 155 -41.31 12.49 -33.18
N GLU H 156 -41.41 13.34 -34.19
CA GLU H 156 -42.60 13.33 -35.02
C GLU H 156 -42.62 12.18 -36.00
N THR H 157 -41.44 11.84 -36.51
CA THR H 157 -41.32 10.74 -37.45
C THR H 157 -41.39 9.41 -36.72
N ALA H 158 -40.96 9.41 -35.45
CA ALA H 158 -41.01 8.19 -34.64
C ALA H 158 -42.43 7.96 -34.18
N LYS H 159 -43.11 9.00 -33.73
CA LYS H 159 -44.47 8.86 -33.28
C LYS H 159 -45.33 8.24 -34.37
N LYS H 160 -45.21 8.76 -35.59
CA LYS H 160 -46.01 8.25 -36.69
C LYS H 160 -45.70 6.79 -36.96
N LEU H 161 -44.40 6.46 -37.04
CA LEU H 161 -43.96 5.08 -37.28
C LEU H 161 -44.54 4.14 -36.24
N ALA H 162 -44.52 4.56 -34.97
CA ALA H 162 -45.09 3.73 -33.92
C ALA H 162 -46.59 3.55 -34.20
N LEU H 163 -47.24 4.61 -34.67
CA LEU H 163 -48.67 4.57 -34.98
C LEU H 163 -48.99 3.62 -36.12
N ILE H 164 -48.32 3.81 -37.25
CA ILE H 164 -48.59 2.97 -38.40
C ILE H 164 -48.09 1.54 -38.15
N GLY H 165 -47.75 1.27 -36.90
CA GLY H 165 -47.29 -0.06 -36.52
C GLY H 165 -45.90 -0.51 -36.94
N THR H 166 -45.07 0.38 -37.50
CA THR H 166 -43.71 -0.01 -37.90
C THR H 166 -42.62 0.75 -37.13
N PRO H 167 -42.56 0.58 -35.79
CA PRO H 167 -41.56 1.25 -34.94
C PRO H 167 -40.16 0.67 -35.20
N SER H 168 -39.69 0.85 -36.43
CA SER H 168 -38.39 0.34 -36.85
C SER H 168 -37.35 1.44 -37.01
N MET H 169 -36.15 1.18 -36.48
CA MET H 169 -35.04 2.12 -36.57
C MET H 169 -34.64 2.30 -38.03
N ARG H 170 -34.56 1.19 -38.74
CA ARG H 170 -34.21 1.18 -40.16
C ARG H 170 -35.09 2.15 -40.93
N GLU H 171 -36.37 2.11 -40.62
CA GLU H 171 -37.34 2.96 -41.29
C GLU H 171 -37.21 4.41 -40.82
N LEU H 172 -37.03 4.58 -39.51
CA LEU H 172 -36.86 5.91 -38.95
C LEU H 172 -35.66 6.56 -39.63
N PHE H 173 -34.56 5.80 -39.71
CA PHE H 173 -33.33 6.29 -40.33
C PHE H 173 -33.54 6.53 -41.82
N HIS H 174 -34.40 5.72 -42.44
CA HIS H 174 -34.67 5.91 -43.86
C HIS H 174 -35.46 7.18 -44.13
N TRP H 175 -36.50 7.41 -43.34
CA TRP H 175 -37.32 8.60 -43.54
C TRP H 175 -36.58 9.89 -43.20
N THR H 176 -35.94 9.90 -42.04
CA THR H 176 -35.23 11.09 -41.59
C THR H 176 -33.94 11.37 -42.35
N THR H 177 -33.37 10.36 -42.98
CA THR H 177 -32.09 10.53 -43.65
C THR H 177 -32.02 10.20 -45.14
N ILE H 178 -32.67 9.10 -45.51
CA ILE H 178 -32.64 8.62 -46.89
C ILE H 178 -33.74 9.11 -47.84
N ALA H 179 -35.00 9.10 -47.39
CA ALA H 179 -36.11 9.54 -48.25
C ALA H 179 -35.83 10.92 -48.83
N THR H 180 -36.46 11.24 -49.95
CA THR H 180 -36.26 12.54 -50.55
C THR H 180 -36.95 13.59 -49.73
N PHE H 181 -36.57 14.85 -49.93
CA PHE H 181 -37.17 15.93 -49.18
C PHE H 181 -38.67 15.91 -49.31
N ASP H 182 -39.15 15.88 -50.55
CA ASP H 182 -40.58 15.87 -50.80
C ASP H 182 -41.30 14.68 -50.19
N ASP H 183 -40.66 13.51 -50.26
CA ASP H 183 -41.26 12.29 -49.70
C ASP H 183 -41.34 12.42 -48.18
N LEU H 184 -40.31 12.98 -47.56
CA LEU H 184 -40.32 13.12 -46.10
C LEU H 184 -41.45 14.07 -45.73
N ARG H 185 -41.45 15.24 -46.39
CA ARG H 185 -42.47 16.26 -46.17
C ARG H 185 -43.86 15.63 -46.24
N GLY H 186 -44.04 14.69 -47.17
CA GLY H 186 -45.32 14.03 -47.30
C GLY H 186 -45.62 13.13 -46.12
N PHE H 187 -44.59 12.45 -45.64
CA PHE H 187 -44.72 11.55 -44.49
C PHE H 187 -45.05 12.35 -43.23
N LEU H 188 -44.51 13.57 -43.16
CA LEU H 188 -44.72 14.44 -42.01
C LEU H 188 -46.11 15.02 -41.95
N GLU H 189 -46.90 14.76 -43.00
CA GLU H 189 -48.28 15.25 -43.06
C GLU H 189 -49.09 14.48 -42.04
N GLY H 190 -49.79 15.21 -41.17
CA GLY H 190 -50.58 14.55 -40.15
C GLY H 190 -49.88 14.59 -38.80
N THR H 191 -48.62 15.00 -38.79
CA THR H 191 -47.82 15.10 -37.57
C THR H 191 -47.69 16.57 -37.17
N LEU H 192 -47.18 16.83 -35.98
CA LEU H 192 -47.01 18.19 -35.49
C LEU H 192 -45.90 18.95 -36.27
N ALA H 193 -45.18 18.20 -37.10
CA ALA H 193 -44.10 18.76 -37.90
C ALA H 193 -44.51 19.03 -39.36
N GLU H 194 -45.74 18.71 -39.71
CA GLU H 194 -46.22 18.91 -41.08
C GLU H 194 -45.88 20.28 -41.69
N SER H 195 -46.22 21.36 -40.99
CA SER H 195 -45.98 22.68 -41.53
C SER H 195 -44.75 23.40 -40.99
N LEU H 196 -44.22 22.96 -39.86
CA LEU H 196 -43.05 23.64 -39.31
C LEU H 196 -41.85 23.53 -40.25
N PHE H 197 -41.75 22.40 -40.94
CA PHE H 197 -40.66 22.17 -41.87
C PHE H 197 -41.00 22.46 -43.34
N ALA H 198 -41.99 23.33 -43.58
CA ALA H 198 -42.38 23.67 -44.96
C ALA H 198 -42.96 25.06 -45.08
N GLY H 199 -42.95 25.59 -46.31
CA GLY H 199 -43.49 26.90 -46.58
C GLY H 199 -42.54 28.06 -46.75
N SER H 200 -41.26 27.82 -46.56
CA SER H 200 -40.29 28.90 -46.71
C SER H 200 -38.89 28.34 -46.79
N ASN H 201 -37.92 29.19 -47.09
CA ASN H 201 -36.57 28.70 -47.17
C ASN H 201 -36.05 28.43 -45.78
N GLU H 202 -36.46 29.23 -44.80
CA GLU H 202 -35.99 29.01 -43.43
C GLU H 202 -36.50 27.67 -42.94
N ALA H 203 -37.74 27.33 -43.28
CA ALA H 203 -38.33 26.06 -42.87
C ALA H 203 -37.58 24.90 -43.49
N SER H 204 -37.12 25.10 -44.72
CA SER H 204 -36.37 24.08 -45.45
C SER H 204 -34.96 23.92 -44.90
N LYS H 205 -34.34 25.03 -44.53
CA LYS H 205 -33.00 24.98 -43.97
C LYS H 205 -33.11 24.24 -42.64
N ALA H 206 -34.16 24.57 -41.87
CA ALA H 206 -34.38 23.93 -40.59
C ALA H 206 -34.50 22.41 -40.74
N LEU H 207 -35.20 21.97 -41.78
CA LEU H 207 -35.38 20.54 -42.02
C LEU H 207 -34.05 19.88 -42.39
N THR H 208 -33.29 20.54 -43.25
CA THR H 208 -31.98 20.05 -43.66
C THR H 208 -31.06 19.89 -42.45
N SER H 209 -31.03 20.89 -41.58
CA SER H 209 -30.23 20.84 -40.37
C SER H 209 -30.63 19.62 -39.54
N ALA H 210 -31.94 19.35 -39.51
CA ALA H 210 -32.49 18.21 -38.76
C ALA H 210 -31.98 16.90 -39.34
N ARG H 211 -32.06 16.79 -40.66
CA ARG H 211 -31.62 15.59 -41.37
C ARG H 211 -30.15 15.32 -41.10
N PHE H 212 -29.33 16.37 -41.14
CA PHE H 212 -27.91 16.23 -40.88
C PHE H 212 -27.69 15.74 -39.45
N VAL H 213 -28.30 16.42 -38.48
CA VAL H 213 -28.15 16.01 -37.09
C VAL H 213 -28.47 14.54 -36.90
N LEU H 214 -29.59 14.09 -37.45
CA LEU H 214 -30.00 12.70 -37.32
C LEU H 214 -29.07 11.73 -38.05
N SER H 215 -28.50 12.15 -39.18
CA SER H 215 -27.60 11.27 -39.93
C SER H 215 -26.33 11.02 -39.12
N ASP H 216 -26.07 11.91 -38.17
CA ASP H 216 -24.89 11.78 -37.33
C ASP H 216 -25.11 10.96 -36.05
N LYS H 217 -26.32 11.02 -35.50
CA LYS H 217 -26.64 10.30 -34.27
C LYS H 217 -27.29 8.92 -34.44
N LEU H 218 -28.15 8.77 -35.44
CA LEU H 218 -28.87 7.52 -35.65
C LEU H 218 -28.15 6.29 -36.21
N PRO H 219 -27.13 6.46 -37.07
CA PRO H 219 -26.44 5.29 -37.61
C PRO H 219 -26.23 4.09 -36.68
N GLU H 220 -25.65 4.32 -35.52
CA GLU H 220 -25.39 3.22 -34.59
C GLU H 220 -26.64 2.71 -33.87
N HIS H 221 -27.72 3.47 -33.94
CA HIS H 221 -28.95 3.01 -33.29
C HIS H 221 -29.55 2.00 -34.24
N VAL H 222 -29.28 2.20 -35.53
CA VAL H 222 -29.78 1.31 -36.55
C VAL H 222 -29.01 0.01 -36.47
N THR H 223 -27.69 0.09 -36.44
CA THR H 223 -26.85 -1.10 -36.38
C THR H 223 -27.00 -1.90 -35.08
N MET H 224 -27.47 -1.26 -34.01
CA MET H 224 -27.67 -1.96 -32.74
C MET H 224 -28.73 -3.05 -32.93
N PRO H 225 -28.46 -4.25 -32.39
CA PRO H 225 -29.40 -5.35 -32.50
C PRO H 225 -30.71 -4.90 -31.86
N ASP H 226 -31.80 -4.97 -32.61
CA ASP H 226 -33.07 -4.55 -32.06
C ASP H 226 -33.61 -5.66 -31.17
N GLY H 227 -34.39 -5.29 -30.18
CA GLY H 227 -34.94 -6.27 -29.27
C GLY H 227 -35.99 -5.64 -28.39
N ASP H 228 -36.36 -6.36 -27.33
CA ASP H 228 -37.39 -5.87 -26.40
C ASP H 228 -36.84 -5.25 -25.12
N PHE H 229 -35.53 -5.33 -24.92
CA PHE H 229 -34.94 -4.79 -23.70
C PHE H 229 -35.27 -3.33 -23.46
N SER H 230 -35.64 -3.00 -22.22
CA SER H 230 -35.97 -1.63 -21.85
C SER H 230 -35.23 -1.27 -20.57
N ILE H 231 -34.45 -0.20 -20.62
CA ILE H 231 -33.68 0.23 -19.46
C ILE H 231 -34.61 0.66 -18.33
N ARG H 232 -35.80 1.13 -18.67
CA ARG H 232 -36.76 1.55 -17.66
C ARG H 232 -37.30 0.34 -16.91
N SER H 233 -37.70 -0.68 -17.66
CA SER H 233 -38.21 -1.92 -17.08
C SER H 233 -37.09 -2.51 -16.22
N TRP H 234 -35.90 -2.57 -16.81
CA TRP H 234 -34.73 -3.08 -16.13
C TRP H 234 -34.56 -2.40 -14.78
N LEU H 235 -34.69 -1.07 -14.75
CA LEU H 235 -34.55 -0.32 -13.51
C LEU H 235 -35.61 -0.70 -12.49
N GLU H 236 -36.77 -1.10 -12.96
CA GLU H 236 -37.86 -1.45 -12.05
C GLU H 236 -37.81 -2.91 -11.56
N ASP H 237 -37.02 -3.73 -12.24
CA ASP H 237 -36.86 -5.13 -11.89
C ASP H 237 -35.79 -5.30 -10.79
N PRO H 238 -36.20 -5.64 -9.56
CA PRO H 238 -35.25 -5.81 -8.44
C PRO H 238 -34.20 -6.87 -8.70
N ASN H 239 -34.54 -7.86 -9.54
CA ASN H 239 -33.62 -8.95 -9.85
C ASN H 239 -33.17 -8.85 -11.31
N GLY H 240 -33.04 -7.63 -11.80
CA GLY H 240 -32.62 -7.42 -13.17
C GLY H 240 -31.12 -7.53 -13.33
N GLY H 241 -30.42 -7.47 -12.19
CA GLY H 241 -28.97 -7.58 -12.22
C GLY H 241 -28.31 -6.25 -12.45
N ASN H 242 -27.16 -6.28 -13.14
CA ASN H 242 -26.40 -5.07 -13.44
C ASN H 242 -26.26 -4.89 -14.94
N LEU H 243 -26.00 -3.65 -15.34
CA LEU H 243 -25.87 -3.30 -16.74
C LEU H 243 -24.46 -2.86 -17.08
N PHE H 244 -23.90 -3.47 -18.11
CA PHE H 244 -22.57 -3.12 -18.55
C PHE H 244 -22.59 -2.58 -19.96
N ILE H 245 -22.44 -1.26 -20.06
CA ILE H 245 -22.40 -0.62 -21.37
C ILE H 245 -20.94 -0.73 -21.75
N THR H 246 -20.64 -1.63 -22.69
CA THR H 246 -19.27 -1.85 -23.12
C THR H 246 -19.03 -1.41 -24.55
N TRP H 247 -17.76 -1.39 -24.96
CA TRP H 247 -17.39 -1.01 -26.31
C TRP H 247 -15.87 -1.04 -26.55
N ARG H 248 -15.48 -1.31 -27.79
CA ARG H 248 -14.06 -1.36 -28.14
C ARG H 248 -13.59 0.07 -28.27
N GLU H 249 -12.41 0.36 -27.72
CA GLU H 249 -11.91 1.72 -27.78
C GLU H 249 -11.57 2.27 -29.15
N ASP H 250 -11.36 1.40 -30.13
CA ASP H 250 -11.07 1.89 -31.48
C ASP H 250 -12.36 2.40 -32.12
N MET H 251 -13.48 2.18 -31.43
CA MET H 251 -14.80 2.61 -31.90
C MET H 251 -15.41 3.64 -30.98
N GLY H 252 -14.58 4.27 -30.16
CA GLY H 252 -15.08 5.27 -29.24
C GLY H 252 -15.88 6.34 -29.93
N PRO H 253 -15.30 7.06 -30.91
CA PRO H 253 -16.01 8.12 -31.63
C PRO H 253 -17.35 7.73 -32.26
N ALA H 254 -17.36 6.60 -32.96
CA ALA H 254 -18.56 6.14 -33.63
C ALA H 254 -19.71 5.90 -32.67
N LEU H 255 -19.41 5.31 -31.51
CA LEU H 255 -20.43 5.00 -30.53
C LEU H 255 -20.67 6.06 -29.46
N ARG H 256 -20.03 7.21 -29.60
CA ARG H 256 -20.19 8.25 -28.59
C ARG H 256 -21.66 8.63 -28.42
N PRO H 257 -22.36 8.92 -29.54
CA PRO H 257 -23.77 9.28 -29.42
C PRO H 257 -24.67 8.16 -28.86
N LEU H 258 -24.37 6.91 -29.17
CA LEU H 258 -25.17 5.78 -28.67
C LEU H 258 -24.94 5.60 -27.17
N ILE H 259 -23.67 5.53 -26.77
CA ILE H 259 -23.33 5.37 -25.36
C ILE H 259 -23.91 6.51 -24.54
N SER H 260 -23.85 7.73 -25.07
CA SER H 260 -24.38 8.91 -24.39
C SER H 260 -25.90 8.77 -24.25
N ALA H 261 -26.51 8.15 -25.25
CA ALA H 261 -27.95 7.93 -25.23
C ALA H 261 -28.30 7.02 -24.06
N TRP H 262 -27.63 5.88 -23.95
CA TRP H 262 -27.91 4.96 -22.85
C TRP H 262 -27.68 5.60 -21.49
N VAL H 263 -26.57 6.30 -21.33
CA VAL H 263 -26.27 6.95 -20.05
C VAL H 263 -27.36 7.95 -19.71
N ASP H 264 -27.81 8.71 -20.72
CA ASP H 264 -28.84 9.70 -20.47
C ASP H 264 -30.19 9.08 -20.20
N VAL H 265 -30.46 7.97 -20.88
CA VAL H 265 -31.70 7.23 -20.69
C VAL H 265 -31.84 6.88 -19.22
N VAL H 266 -30.74 6.41 -18.63
CA VAL H 266 -30.74 6.05 -17.23
C VAL H 266 -30.97 7.29 -16.38
N CYS H 267 -30.41 8.41 -16.81
CA CYS H 267 -30.54 9.65 -16.04
C CYS H 267 -31.96 10.21 -15.94
N THR H 268 -32.76 10.14 -17.00
CA THR H 268 -34.13 10.63 -16.86
C THR H 268 -34.95 9.54 -16.23
N SER H 269 -34.76 8.32 -16.72
CA SER H 269 -35.50 7.17 -16.25
C SER H 269 -35.57 7.02 -14.73
N ILE H 270 -34.46 7.15 -14.00
CA ILE H 270 -34.54 6.98 -12.56
C ILE H 270 -35.44 8.03 -11.92
N LEU H 271 -35.74 9.10 -12.65
CA LEU H 271 -36.59 10.15 -12.13
C LEU H 271 -38.07 9.74 -12.11
N SER H 272 -38.37 8.61 -12.76
CA SER H 272 -39.75 8.09 -12.85
C SER H 272 -39.99 6.93 -11.90
N LEU H 273 -38.92 6.43 -11.30
CA LEU H 273 -39.02 5.31 -10.39
C LEU H 273 -39.80 5.63 -9.12
N PRO H 274 -40.71 4.71 -8.72
CA PRO H 274 -41.52 4.90 -7.51
C PRO H 274 -40.57 4.96 -6.32
N GLU H 275 -40.76 5.91 -5.42
CA GLU H 275 -39.85 6.05 -4.29
C GLU H 275 -39.68 4.75 -3.51
N GLU H 276 -38.43 4.30 -3.45
CA GLU H 276 -38.07 3.08 -2.75
C GLU H 276 -36.80 3.35 -1.93
N PRO H 277 -36.98 3.66 -0.64
CA PRO H 277 -35.87 3.96 0.28
C PRO H 277 -34.75 2.91 0.28
N LYS H 278 -35.10 1.66 -0.03
CA LYS H 278 -34.14 0.57 -0.05
C LYS H 278 -33.26 0.50 -1.29
N ARG H 279 -33.70 1.11 -2.39
CA ARG H 279 -32.93 1.06 -3.63
C ARG H 279 -31.62 1.87 -3.63
N ARG H 280 -30.59 1.26 -4.19
CA ARG H 280 -29.26 1.85 -4.30
C ARG H 280 -28.71 1.45 -5.67
N LEU H 281 -28.72 2.42 -6.59
CA LEU H 281 -28.27 2.24 -7.96
C LEU H 281 -27.03 3.11 -8.22
N TRP H 282 -26.00 2.51 -8.77
CA TRP H 282 -24.75 3.23 -9.07
C TRP H 282 -24.60 3.47 -10.55
N LEU H 283 -24.28 4.72 -10.90
CA LEU H 283 -24.07 5.08 -12.29
C LEU H 283 -22.58 5.35 -12.37
N PHE H 284 -21.86 4.44 -13.04
CA PHE H 284 -20.43 4.55 -13.21
C PHE H 284 -20.10 5.11 -14.56
N ILE H 285 -19.88 6.41 -14.62
CA ILE H 285 -19.53 7.05 -15.87
C ILE H 285 -18.01 7.03 -15.94
N ASP H 286 -17.47 6.21 -16.82
CA ASP H 286 -16.03 6.09 -16.95
C ASP H 286 -15.39 7.48 -16.99
N GLU H 287 -15.42 8.10 -18.17
CA GLU H 287 -14.86 9.44 -18.37
C GLU H 287 -16.01 10.36 -18.79
N LEU H 288 -16.46 11.22 -17.88
CA LEU H 288 -17.57 12.13 -18.14
C LEU H 288 -17.42 12.98 -19.40
N ALA H 289 -16.28 13.59 -19.58
CA ALA H 289 -16.03 14.45 -20.73
C ALA H 289 -15.89 13.67 -22.04
N SER H 290 -15.96 12.34 -21.96
CA SER H 290 -15.84 11.51 -23.16
C SER H 290 -17.21 11.27 -23.78
N LEU H 291 -18.25 11.52 -22.99
CA LEU H 291 -19.61 11.36 -23.46
C LEU H 291 -20.02 12.69 -24.04
N GLU H 292 -21.14 12.70 -24.74
CA GLU H 292 -21.62 13.93 -25.33
C GLU H 292 -22.13 14.84 -24.20
N LYS H 293 -22.70 15.98 -24.56
CA LYS H 293 -23.23 16.93 -23.56
C LYS H 293 -24.59 16.39 -23.18
N LEU H 294 -24.62 15.67 -22.07
CA LEU H 294 -25.84 15.02 -21.60
C LEU H 294 -26.89 16.00 -21.07
N ALA H 295 -28.12 15.80 -21.52
CA ALA H 295 -29.26 16.62 -21.18
C ALA H 295 -29.86 16.36 -19.80
N SER H 296 -29.83 15.10 -19.36
CA SER H 296 -30.42 14.72 -18.08
C SER H 296 -29.45 14.53 -16.92
N LEU H 297 -28.16 14.43 -17.21
CA LEU H 297 -27.16 14.22 -16.16
C LEU H 297 -27.37 15.17 -14.98
N ALA H 298 -27.33 16.46 -15.26
CA ALA H 298 -27.53 17.50 -14.24
C ALA H 298 -28.71 17.27 -13.32
N ASP H 299 -29.88 16.96 -13.88
CA ASP H 299 -31.08 16.72 -13.08
C ASP H 299 -30.92 15.48 -12.23
N ALA H 300 -30.42 14.42 -12.85
CA ALA H 300 -30.23 13.16 -12.18
C ALA H 300 -29.29 13.35 -11.00
N LEU H 301 -28.25 14.16 -11.20
CA LEU H 301 -27.27 14.43 -10.15
C LEU H 301 -27.86 15.26 -9.03
N THR H 302 -29.03 15.83 -9.26
CA THR H 302 -29.60 16.69 -8.25
C THR H 302 -30.98 16.26 -7.72
N LYS H 303 -31.61 15.31 -8.40
CA LYS H 303 -32.92 14.85 -7.99
C LYS H 303 -33.03 13.32 -7.88
N GLY H 304 -31.90 12.63 -7.98
CA GLY H 304 -31.93 11.19 -7.91
C GLY H 304 -31.82 10.59 -6.52
N ARG H 305 -31.86 11.43 -5.48
CA ARG H 305 -31.75 10.93 -4.10
C ARG H 305 -32.82 9.90 -3.81
N LYS H 306 -34.07 10.30 -4.03
CA LYS H 306 -35.22 9.44 -3.78
C LYS H 306 -35.16 8.14 -4.58
N ALA H 307 -34.61 8.20 -5.78
CA ALA H 307 -34.48 7.02 -6.63
C ALA H 307 -33.27 6.21 -6.15
N GLY H 308 -32.45 6.83 -5.31
CA GLY H 308 -31.27 6.18 -4.78
C GLY H 308 -30.11 6.15 -5.74
N LEU H 309 -30.08 7.11 -6.66
CA LEU H 309 -29.04 7.21 -7.67
C LEU H 309 -27.71 7.66 -7.04
N ARG H 310 -26.62 7.03 -7.46
CA ARG H 310 -25.27 7.34 -6.98
C ARG H 310 -24.34 7.37 -8.18
N VAL H 311 -23.85 8.55 -8.54
CA VAL H 311 -22.99 8.67 -9.70
C VAL H 311 -21.51 8.84 -9.35
N VAL H 312 -20.69 8.11 -10.08
CA VAL H 312 -19.23 8.14 -9.92
C VAL H 312 -18.72 8.51 -11.32
N ALA H 313 -18.04 9.65 -11.43
CA ALA H 313 -17.52 10.08 -12.72
C ALA H 313 -16.04 10.44 -12.64
N GLY H 314 -15.31 10.08 -13.70
CA GLY H 314 -13.90 10.38 -13.74
C GLY H 314 -13.68 11.57 -14.65
N LEU H 315 -12.69 12.39 -14.31
CA LEU H 315 -12.33 13.59 -15.08
C LEU H 315 -10.81 13.71 -15.09
N GLN H 316 -10.26 14.43 -16.06
CA GLN H 316 -8.83 14.65 -16.13
C GLN H 316 -8.54 16.14 -16.12
N SER H 317 -8.58 16.77 -17.29
CA SER H 317 -8.33 18.21 -17.36
C SER H 317 -9.62 19.00 -17.28
N THR H 318 -9.58 20.08 -16.51
CA THR H 318 -10.74 20.95 -16.34
C THR H 318 -11.30 21.35 -17.70
N SER H 319 -10.38 21.67 -18.61
CA SER H 319 -10.70 22.09 -19.96
C SER H 319 -11.51 21.08 -20.77
N GLN H 320 -11.41 19.81 -20.42
CA GLN H 320 -12.14 18.77 -21.15
C GLN H 320 -13.65 18.92 -20.99
N LEU H 321 -14.10 18.98 -19.74
CA LEU H 321 -15.52 19.14 -19.48
C LEU H 321 -15.99 20.53 -19.93
N ASP H 322 -15.11 21.52 -19.82
CA ASP H 322 -15.39 22.91 -20.23
C ASP H 322 -15.64 23.01 -21.74
N ASP H 323 -14.94 22.18 -22.51
CA ASP H 323 -15.10 22.22 -23.94
C ASP H 323 -16.42 21.55 -24.34
N VAL H 324 -16.76 20.47 -23.65
CA VAL H 324 -18.00 19.75 -23.94
C VAL H 324 -19.25 20.52 -23.51
N TYR H 325 -19.31 20.92 -22.23
CA TYR H 325 -20.47 21.65 -21.69
C TYR H 325 -20.39 23.17 -21.72
N GLY H 326 -19.19 23.69 -21.79
CA GLY H 326 -19.05 25.13 -21.78
C GLY H 326 -18.65 25.40 -20.35
N VAL H 327 -17.89 26.48 -20.14
CA VAL H 327 -17.41 26.78 -18.81
C VAL H 327 -18.47 26.88 -17.73
N LYS H 328 -19.59 27.53 -18.04
CA LYS H 328 -20.65 27.69 -17.05
C LYS H 328 -21.33 26.39 -16.67
N GLU H 329 -21.80 25.64 -17.65
CA GLU H 329 -22.47 24.39 -17.35
C GLU H 329 -21.53 23.36 -16.80
N ALA H 330 -20.27 23.41 -17.22
CA ALA H 330 -19.27 22.48 -16.72
C ALA H 330 -19.10 22.71 -15.22
N GLN H 331 -19.07 23.97 -14.81
CA GLN H 331 -18.91 24.35 -13.41
C GLN H 331 -20.06 23.80 -12.60
N THR H 332 -21.27 24.02 -13.08
CA THR H 332 -22.50 23.55 -12.45
C THR H 332 -22.52 22.01 -12.33
N LEU H 333 -22.11 21.35 -13.40
CA LEU H 333 -22.07 19.90 -13.41
C LEU H 333 -21.09 19.37 -12.34
N ARG H 334 -19.86 19.90 -12.32
CA ARG H 334 -18.88 19.45 -11.35
C ARG H 334 -19.35 19.73 -9.92
N ALA H 335 -19.99 20.87 -9.73
CA ALA H 335 -20.48 21.26 -8.41
C ALA H 335 -21.53 20.30 -7.86
N SER H 336 -22.02 19.40 -8.72
CA SER H 336 -23.04 18.41 -8.35
C SER H 336 -22.47 17.10 -7.78
N PHE H 337 -21.14 16.98 -7.83
CA PHE H 337 -20.45 15.84 -7.26
C PHE H 337 -19.91 16.41 -5.95
N ARG H 338 -20.46 15.99 -4.81
CA ARG H 338 -20.06 16.48 -3.50
C ARG H 338 -18.78 15.90 -2.90
N SER H 339 -18.39 14.72 -3.37
CA SER H 339 -17.18 14.05 -2.91
C SER H 339 -16.16 14.09 -4.02
N LEU H 340 -14.93 14.38 -3.65
CA LEU H 340 -13.86 14.49 -4.61
C LEU H 340 -12.65 13.63 -4.25
N VAL H 341 -12.04 13.04 -5.26
CA VAL H 341 -10.83 12.25 -5.07
C VAL H 341 -9.84 12.79 -6.10
N VAL H 342 -8.71 13.29 -5.60
CA VAL H 342 -7.67 13.86 -6.46
C VAL H 342 -6.53 12.87 -6.61
N LEU H 343 -6.28 12.42 -7.84
CA LEU H 343 -5.23 11.45 -8.10
C LEU H 343 -3.91 12.02 -8.61
N GLY H 344 -3.82 13.32 -8.73
CA GLY H 344 -2.55 13.87 -9.19
C GLY H 344 -2.41 13.82 -10.70
N GLY H 345 -2.09 14.96 -11.28
CA GLY H 345 -1.97 15.06 -12.71
C GLY H 345 -0.58 15.31 -13.25
N SER H 346 -0.55 15.86 -14.46
CA SER H 346 0.69 16.16 -15.17
C SER H 346 1.25 17.52 -14.81
N ARG H 347 2.57 17.65 -14.83
CA ARG H 347 3.17 18.94 -14.52
C ARG H 347 2.94 19.88 -15.69
N THR H 348 2.52 19.32 -16.82
CA THR H 348 2.27 20.12 -18.01
C THR H 348 0.85 20.70 -18.01
N ASP H 349 0.11 20.49 -16.92
CA ASP H 349 -1.24 21.05 -16.78
C ASP H 349 -1.34 21.79 -15.46
N PRO H 350 -0.65 22.95 -15.34
CA PRO H 350 -0.68 23.75 -14.12
C PRO H 350 -2.06 24.24 -13.73
N LYS H 351 -2.89 24.52 -14.73
CA LYS H 351 -4.23 25.01 -14.48
C LYS H 351 -5.12 24.04 -13.74
N THR H 352 -5.13 22.76 -14.15
CA THR H 352 -5.97 21.79 -13.45
C THR H 352 -5.44 21.51 -12.05
N ASN H 353 -4.12 21.49 -11.90
CA ASN H 353 -3.53 21.25 -10.60
C ASN H 353 -3.95 22.38 -9.65
N GLU H 354 -4.05 23.59 -10.19
CA GLU H 354 -4.47 24.76 -9.42
C GLU H 354 -5.95 24.62 -9.06
N ASP H 355 -6.75 24.10 -9.99
CA ASP H 355 -8.18 23.91 -9.77
C ASP H 355 -8.45 22.86 -8.69
N MET H 356 -7.65 21.79 -8.70
CA MET H 356 -7.77 20.72 -7.72
C MET H 356 -7.26 21.19 -6.36
N SER H 357 -6.17 21.94 -6.37
CA SER H 357 -5.59 22.49 -5.15
C SER H 357 -6.64 23.37 -4.49
N LEU H 358 -7.26 24.25 -5.30
CA LEU H 358 -8.31 25.16 -4.83
C LEU H 358 -9.47 24.37 -4.25
N SER H 359 -9.87 23.31 -4.95
CA SER H 359 -10.99 22.47 -4.52
C SER H 359 -10.69 21.75 -3.21
N LEU H 360 -9.43 21.36 -3.02
CA LEU H 360 -9.05 20.69 -1.78
C LEU H 360 -9.15 21.70 -0.64
N GLY H 361 -9.00 22.98 -0.98
CA GLY H 361 -9.13 24.04 0.01
C GLY H 361 -7.90 24.58 0.71
N GLU H 362 -8.15 25.65 1.46
CA GLU H 362 -7.12 26.32 2.23
C GLU H 362 -7.53 26.18 3.67
N HIS H 363 -6.61 26.54 4.57
CA HIS H 363 -6.90 26.52 5.98
C HIS H 363 -6.16 27.69 6.62
N GLU H 364 -6.67 28.16 7.76
CA GLU H 364 -6.01 29.25 8.47
C GLU H 364 -5.42 28.57 9.69
N VAL H 365 -4.16 28.89 9.95
CA VAL H 365 -3.44 28.25 11.04
C VAL H 365 -2.52 29.17 11.82
N GLU H 366 -2.31 28.83 13.10
CA GLU H 366 -1.41 29.59 13.98
C GLU H 366 -0.12 28.80 14.05
N ARG H 367 1.01 29.46 13.82
CA ARG H 367 2.30 28.79 13.86
C ARG H 367 3.36 29.59 14.59
N ASP H 368 4.21 28.89 15.35
CA ASP H 368 5.29 29.53 16.10
C ASP H 368 6.50 29.83 15.23
N ARG H 369 6.89 31.10 15.19
CA ARG H 369 8.06 31.51 14.40
C ARG H 369 9.21 31.72 15.37
N TYR H 370 9.91 30.62 15.67
CA TYR H 370 11.05 30.63 16.59
C TYR H 370 12.21 31.53 16.13
N SER H 371 12.83 32.20 17.10
CA SER H 371 13.94 33.09 16.80
C SER H 371 15.10 32.90 17.79
N ARG H 382 9.91 32.54 20.18
CA ARG H 382 8.84 32.07 19.31
C ARG H 382 7.61 32.98 19.35
N ALA H 383 7.37 33.67 18.24
CA ALA H 383 6.23 34.57 18.12
C ALA H 383 5.12 33.84 17.36
N LEU H 384 3.87 34.17 17.67
CA LEU H 384 2.74 33.56 17.01
C LEU H 384 2.36 34.31 15.73
N GLU H 385 2.12 33.56 14.66
CA GLU H 385 1.72 34.14 13.39
C GLU H 385 0.53 33.39 12.77
N ARG H 386 -0.46 34.14 12.31
CA ARG H 386 -1.64 33.55 11.68
C ARG H 386 -1.34 33.45 10.18
N VAL H 387 -1.58 32.29 9.60
CA VAL H 387 -1.31 32.09 8.18
C VAL H 387 -2.42 31.32 7.48
N ARG H 388 -2.72 31.75 6.26
CA ARG H 388 -3.73 31.10 5.45
C ARG H 388 -2.95 30.42 4.32
N GLU H 389 -3.21 29.14 4.07
CA GLU H 389 -2.48 28.44 3.01
C GLU H 389 -3.20 27.21 2.46
N ARG H 390 -2.75 26.72 1.30
CA ARG H 390 -3.35 25.55 0.67
C ARG H 390 -2.97 24.30 1.44
N VAL H 391 -3.96 23.48 1.71
CA VAL H 391 -3.72 22.23 2.41
C VAL H 391 -2.88 21.37 1.45
N VAL H 392 -3.16 21.49 0.16
CA VAL H 392 -2.44 20.74 -0.87
C VAL H 392 -2.06 21.66 -2.01
N MET H 393 -0.78 21.94 -2.15
CA MET H 393 -0.33 22.83 -3.21
C MET H 393 -0.50 22.16 -4.56
N PRO H 394 -0.49 22.96 -5.63
CA PRO H 394 -0.65 22.43 -6.98
C PRO H 394 0.51 21.47 -7.29
N ALA H 395 1.71 21.85 -6.83
CA ALA H 395 2.91 21.04 -7.05
C ALA H 395 2.84 19.69 -6.36
N GLU H 396 2.20 19.62 -5.19
CA GLU H 396 2.09 18.34 -4.50
C GLU H 396 1.18 17.39 -5.29
N ILE H 397 0.22 17.95 -6.03
CA ILE H 397 -0.70 17.15 -6.84
C ILE H 397 0.01 16.65 -8.10
N ALA H 398 0.85 17.52 -8.69
CA ALA H 398 1.63 17.20 -9.88
C ALA H 398 2.72 16.18 -9.56
N ASN H 399 3.24 16.21 -8.34
CA ASN H 399 4.29 15.29 -7.94
C ASN H 399 3.75 14.10 -7.13
N LEU H 400 2.45 13.83 -7.23
CA LEU H 400 1.89 12.70 -6.50
C LEU H 400 2.31 11.38 -7.16
N PRO H 401 2.78 10.42 -6.35
CA PRO H 401 3.18 9.15 -6.96
C PRO H 401 1.90 8.37 -7.29
N ASP H 402 1.94 7.54 -8.32
CA ASP H 402 0.74 6.76 -8.69
C ASP H 402 0.20 5.97 -7.51
N LEU H 403 -1.08 5.62 -7.57
CA LEU H 403 -1.75 4.87 -6.51
C LEU H 403 -1.80 5.62 -5.16
N THR H 404 -1.76 6.94 -5.22
CA THR H 404 -1.86 7.78 -4.04
C THR H 404 -2.97 8.75 -4.38
N ALA H 405 -3.81 9.06 -3.42
CA ALA H 405 -4.91 9.96 -3.71
C ALA H 405 -5.38 10.74 -2.51
N TYR H 406 -5.94 11.93 -2.76
CA TYR H 406 -6.51 12.74 -1.70
C TYR H 406 -7.99 12.41 -1.73
N VAL H 407 -8.55 12.12 -0.57
CA VAL H 407 -9.95 11.77 -0.49
C VAL H 407 -10.71 12.83 0.29
N GLY H 408 -11.60 13.53 -0.42
CA GLY H 408 -12.39 14.57 0.21
C GLY H 408 -13.86 14.27 0.13
N PHE H 409 -14.40 13.62 1.16
CA PHE H 409 -15.81 13.30 1.19
C PHE H 409 -16.67 14.53 1.41
N ALA H 410 -17.92 14.42 0.99
CA ALA H 410 -18.90 15.49 1.13
C ALA H 410 -19.09 15.88 2.60
N GLY H 411 -19.44 17.15 2.84
CA GLY H 411 -19.69 17.60 4.20
C GLY H 411 -18.51 18.03 5.03
N ASN H 412 -18.75 18.13 6.33
CA ASN H 412 -17.72 18.55 7.27
C ASN H 412 -16.80 17.38 7.62
N ARG H 413 -15.90 17.06 6.71
CA ARG H 413 -14.97 15.98 6.94
C ARG H 413 -13.61 16.41 6.45
N PRO H 414 -12.55 15.97 7.12
CA PRO H 414 -11.21 16.35 6.66
C PRO H 414 -10.86 15.54 5.42
N ILE H 415 -9.83 15.96 4.71
CA ILE H 415 -9.42 15.20 3.54
C ILE H 415 -8.21 14.41 4.02
N ALA H 416 -7.74 13.48 3.19
CA ALA H 416 -6.60 12.68 3.59
C ALA H 416 -5.87 12.14 2.38
N LYS H 417 -4.54 12.07 2.46
CA LYS H 417 -3.73 11.52 1.39
C LYS H 417 -3.77 10.03 1.70
N VAL H 418 -4.20 9.23 0.74
CA VAL H 418 -4.33 7.81 0.95
C VAL H 418 -3.75 7.01 -0.20
N PRO H 419 -3.24 5.80 0.09
CA PRO H 419 -2.64 4.94 -0.94
C PRO H 419 -3.67 3.92 -1.44
N LEU H 420 -3.64 3.65 -2.75
CA LEU H 420 -4.55 2.68 -3.36
C LEU H 420 -3.91 1.31 -3.47
N GLU H 421 -4.61 0.29 -2.97
CA GLU H 421 -4.11 -1.09 -3.05
C GLU H 421 -4.56 -1.70 -4.38
N ILE H 422 -3.65 -2.35 -5.10
CA ILE H 422 -4.02 -2.97 -6.38
C ILE H 422 -4.59 -4.37 -6.17
N LYS H 423 -5.87 -4.46 -5.81
CA LYS H 423 -6.52 -5.76 -5.60
C LYS H 423 -6.42 -6.53 -6.91
N GLN H 424 -6.33 -7.85 -6.80
CA GLN H 424 -6.25 -8.71 -7.97
C GLN H 424 -7.63 -9.29 -8.23
N PHE H 425 -8.11 -9.16 -9.46
CA PHE H 425 -9.43 -9.68 -9.81
C PHE H 425 -9.41 -10.71 -10.93
N ALA H 426 -9.97 -11.88 -10.64
CA ALA H 426 -10.04 -12.98 -11.59
C ALA H 426 -11.01 -12.66 -12.73
N ASN H 427 -10.62 -12.99 -13.95
CA ASN H 427 -11.47 -12.75 -15.13
C ASN H 427 -12.61 -13.75 -15.18
N ARG H 428 -13.74 -13.40 -14.59
CA ARG H 428 -14.90 -14.28 -14.57
C ARG H 428 -15.75 -14.32 -15.84
N GLN H 429 -15.35 -13.56 -16.86
CA GLN H 429 -16.08 -13.54 -18.14
C GLN H 429 -15.26 -12.92 -19.26
N PRO H 430 -15.52 -13.33 -20.50
CA PRO H 430 -14.75 -12.73 -21.59
C PRO H 430 -15.18 -11.27 -21.69
N ALA H 431 -14.22 -10.37 -21.90
CA ALA H 431 -14.54 -8.95 -22.00
C ALA H 431 -15.36 -8.64 -23.24
N PHE H 432 -14.98 -9.26 -24.36
CA PHE H 432 -15.69 -9.02 -25.60
C PHE H 432 -15.89 -10.30 -26.42
N VAL H 433 -17.13 -10.56 -26.80
CA VAL H 433 -17.46 -11.73 -27.61
C VAL H 433 -17.90 -11.17 -28.96
N GLU H 434 -16.92 -10.75 -29.75
CA GLU H 434 -17.20 -10.16 -31.05
C GLU H 434 -17.82 -11.13 -32.02
N GLY H 435 -17.76 -10.77 -33.30
CA GLY H 435 -18.32 -11.62 -34.34
C GLY H 435 -18.19 -10.96 -35.70
N ASN I 2 21.29 26.60 6.23
CA ASN I 2 20.70 26.51 4.85
C ASN I 2 21.68 25.87 3.88
N SER I 3 21.81 24.55 3.98
CA SER I 3 22.73 23.80 3.13
C SER I 3 22.01 22.96 2.06
N VAL I 4 20.81 23.37 1.68
CA VAL I 4 20.04 22.62 0.69
C VAL I 4 19.81 23.37 -0.61
N GLY I 5 19.93 22.65 -1.73
CA GLY I 5 19.73 23.24 -3.04
C GLY I 5 20.97 23.77 -3.76
N GLN I 6 22.07 23.91 -3.04
CA GLN I 6 23.34 24.42 -3.61
C GLN I 6 23.37 24.57 -5.14
N GLY I 7 24.05 23.66 -5.83
CA GLY I 7 24.12 23.71 -7.28
C GLY I 7 22.96 22.98 -7.94
N GLU I 8 21.79 23.09 -7.32
CA GLU I 8 20.60 22.45 -7.85
C GLU I 8 19.55 23.56 -8.00
N PHE I 9 19.12 24.12 -6.88
CA PHE I 9 18.14 25.19 -6.85
C PHE I 9 18.83 26.53 -7.21
N GLY I 10 18.23 27.31 -8.10
CA GLY I 10 18.81 28.56 -8.53
C GLY I 10 18.61 29.77 -7.62
N GLY I 11 17.74 29.61 -6.62
CA GLY I 11 17.48 30.67 -5.67
C GLY I 11 18.41 30.57 -4.47
N ALA I 12 18.01 31.15 -3.35
CA ALA I 12 18.83 31.11 -2.14
C ALA I 12 18.77 29.72 -1.52
N PRO I 13 19.90 29.25 -0.94
CA PRO I 13 19.93 27.92 -0.33
C PRO I 13 18.99 27.95 0.87
N PHE I 14 18.44 26.80 1.23
CA PHE I 14 17.51 26.76 2.35
C PHE I 14 17.82 25.64 3.32
N LYS I 15 17.31 25.77 4.53
CA LYS I 15 17.55 24.79 5.57
C LYS I 15 16.74 23.52 5.38
N ARG I 16 15.45 23.65 5.12
CA ARG I 16 14.61 22.46 4.97
C ARG I 16 13.57 22.54 3.86
N PHE I 17 13.46 21.47 3.07
CA PHE I 17 12.47 21.41 2.00
C PHE I 17 11.19 20.81 2.58
N LEU I 18 10.08 21.54 2.48
CA LEU I 18 8.80 21.07 3.03
C LEU I 18 7.95 20.28 2.05
N ARG I 19 7.61 20.90 0.92
CA ARG I 19 6.76 20.24 -0.07
C ARG I 19 6.83 20.92 -1.42
N GLY I 20 6.25 20.28 -2.43
CA GLY I 20 6.24 20.85 -3.76
C GLY I 20 7.23 20.17 -4.68
N THR I 21 7.66 20.90 -5.70
CA THR I 21 8.60 20.38 -6.67
C THR I 21 10.05 20.38 -6.17
N ARG I 22 10.68 19.21 -6.24
CA ARG I 22 12.06 19.06 -5.82
C ARG I 22 12.97 19.22 -7.02
N ILE I 23 14.07 19.94 -6.85
CA ILE I 23 15.03 20.07 -7.93
C ILE I 23 16.30 19.40 -7.44
N VAL I 24 16.97 18.71 -8.35
CA VAL I 24 18.14 17.94 -8.04
C VAL I 24 19.24 18.23 -9.09
N SER I 25 20.44 17.72 -8.86
CA SER I 25 21.53 17.92 -9.81
C SER I 25 21.32 16.94 -10.95
N GLY I 26 21.75 17.29 -12.15
CA GLY I 26 21.60 16.38 -13.28
C GLY I 26 22.18 15.03 -12.92
N GLY I 27 23.32 15.04 -12.25
CA GLY I 27 23.98 13.81 -11.84
C GLY I 27 23.14 12.96 -10.90
N LYS I 28 22.50 13.58 -9.93
CA LYS I 28 21.69 12.81 -9.00
C LYS I 28 20.46 12.20 -9.64
N LEU I 29 19.82 12.97 -10.54
CA LEU I 29 18.61 12.52 -11.25
C LEU I 29 18.95 11.28 -12.07
N LYS I 30 20.10 11.32 -12.74
CA LYS I 30 20.54 10.20 -13.56
C LYS I 30 20.73 8.96 -12.69
N ARG I 31 21.04 9.17 -11.42
CA ARG I 31 21.24 8.06 -10.48
C ARG I 31 19.88 7.51 -10.07
N MET I 32 18.94 8.42 -9.88
CA MET I 32 17.60 8.07 -9.46
C MET I 32 16.78 7.40 -10.53
N THR I 33 16.92 7.85 -11.78
CA THR I 33 16.16 7.26 -12.87
C THR I 33 16.80 6.00 -13.45
N ARG I 34 18.08 5.82 -13.17
CA ARG I 34 18.82 4.66 -13.65
C ARG I 34 18.10 3.38 -13.25
N GLU I 35 17.98 2.45 -14.19
CA GLU I 35 17.27 1.20 -13.94
C GLU I 35 18.01 0.01 -14.55
N LYS I 36 17.72 -1.18 -14.03
CA LYS I 36 18.34 -2.40 -14.52
C LYS I 36 18.00 -2.63 -15.98
N ALA I 37 16.71 -2.61 -16.32
CA ALA I 37 16.30 -2.84 -17.70
C ALA I 37 16.99 -1.86 -18.66
N LYS I 38 16.92 -2.14 -19.95
CA LYS I 38 17.51 -1.26 -20.96
C LYS I 38 16.65 0.00 -21.04
N GLN I 39 17.27 1.16 -20.93
CA GLN I 39 16.52 2.41 -21.00
C GLN I 39 16.87 3.30 -22.18
N VAL I 40 15.98 4.24 -22.42
CA VAL I 40 16.10 5.22 -23.48
C VAL I 40 16.61 6.45 -22.69
N THR I 41 17.21 7.43 -23.35
CA THR I 41 17.67 8.60 -22.61
C THR I 41 17.21 9.95 -23.14
N VAL I 42 16.82 10.82 -22.22
CA VAL I 42 16.38 12.17 -22.55
C VAL I 42 17.43 13.11 -22.00
N ALA I 43 18.12 13.84 -22.88
CA ALA I 43 19.15 14.76 -22.46
C ALA I 43 20.18 14.09 -21.56
N GLY I 44 20.44 12.81 -21.83
CA GLY I 44 21.41 12.06 -21.06
C GLY I 44 20.87 11.36 -19.83
N VAL I 45 19.71 11.80 -19.36
CA VAL I 45 19.11 11.18 -18.20
C VAL I 45 18.30 9.97 -18.67
N PRO I 46 18.54 8.80 -18.08
CA PRO I 46 17.79 7.62 -18.51
C PRO I 46 16.33 7.80 -18.11
N MET I 47 15.44 7.65 -19.08
CA MET I 47 14.02 7.80 -18.85
C MET I 47 13.42 6.60 -18.13
N PRO I 48 12.73 6.84 -16.99
CA PRO I 48 12.11 5.74 -16.26
C PRO I 48 11.22 4.92 -17.16
N ARG I 49 11.30 3.60 -17.04
CA ARG I 49 10.51 2.71 -17.87
C ARG I 49 9.02 3.04 -17.90
N ASP I 50 8.42 3.18 -16.72
CA ASP I 50 7.00 3.47 -16.62
C ASP I 50 6.58 4.81 -17.22
N ALA I 51 7.52 5.73 -17.36
CA ALA I 51 7.20 7.04 -17.90
C ALA I 51 7.06 7.06 -19.42
N GLU I 52 7.65 6.07 -20.09
CA GLU I 52 7.60 6.01 -21.55
C GLU I 52 6.24 6.04 -22.19
N PRO I 53 5.30 5.18 -21.73
CA PRO I 53 3.96 5.18 -22.31
C PRO I 53 3.11 6.37 -21.84
N ARG I 54 3.69 7.23 -21.02
CA ARG I 54 3.01 8.42 -20.51
C ARG I 54 3.40 9.67 -21.27
N HIS I 55 4.16 9.49 -22.35
CA HIS I 55 4.59 10.54 -23.28
C HIS I 55 5.49 11.68 -22.79
N LEU I 56 6.23 12.24 -23.75
CA LEU I 56 7.16 13.32 -23.48
C LEU I 56 6.87 14.52 -24.34
N LEU I 57 6.89 15.68 -23.70
CA LEU I 57 6.66 16.95 -24.37
C LEU I 57 7.93 17.78 -24.27
N VAL I 58 8.53 18.07 -25.41
CA VAL I 58 9.75 18.86 -25.40
C VAL I 58 9.43 20.29 -25.83
N ASN I 59 9.52 21.22 -24.89
CA ASN I 59 9.24 22.59 -25.21
C ASN I 59 10.53 23.41 -25.29
N GLY I 60 10.65 24.23 -26.32
CA GLY I 60 11.84 25.04 -26.45
C GLY I 60 11.90 25.86 -27.71
N ALA I 61 12.64 26.97 -27.66
CA ALA I 61 12.78 27.82 -28.83
C ALA I 61 13.54 27.08 -29.92
N THR I 62 13.81 27.77 -31.02
CA THR I 62 14.51 27.17 -32.16
C THR I 62 16.02 27.10 -31.93
N GLY I 63 16.60 25.96 -32.28
CA GLY I 63 18.03 25.77 -32.13
C GLY I 63 18.51 25.68 -30.69
N THR I 64 17.61 25.32 -29.77
CA THR I 64 17.97 25.19 -28.37
C THR I 64 18.39 23.76 -28.01
N GLY I 65 18.46 22.91 -29.04
CA GLY I 65 18.87 21.53 -28.84
C GLY I 65 17.78 20.50 -28.95
N LYS I 66 16.60 20.86 -29.47
CA LYS I 66 15.53 19.89 -29.60
C LYS I 66 15.97 18.74 -30.50
N SER I 67 16.72 19.08 -31.55
CA SER I 67 17.23 18.11 -32.52
C SER I 67 18.16 17.12 -31.83
N VAL I 68 19.11 17.65 -31.06
CA VAL I 68 20.06 16.82 -30.32
C VAL I 68 19.31 15.85 -29.41
N LEU I 69 18.31 16.37 -28.70
CA LEU I 69 17.50 15.60 -27.77
C LEU I 69 16.71 14.52 -28.48
N LEU I 70 16.02 14.89 -29.56
CA LEU I 70 15.22 13.93 -30.33
C LEU I 70 16.08 12.86 -30.99
N ARG I 71 17.25 13.28 -31.46
CA ARG I 71 18.18 12.37 -32.11
C ARG I 71 18.69 11.34 -31.11
N GLU I 72 19.02 11.81 -29.91
CA GLU I 72 19.50 10.94 -28.85
C GLU I 72 18.43 9.97 -28.36
N LEU I 73 17.19 10.47 -28.27
CA LEU I 73 16.07 9.65 -27.81
C LEU I 73 15.75 8.57 -28.86
N ALA I 74 15.84 8.94 -30.12
CA ALA I 74 15.58 8.02 -31.22
C ALA I 74 16.68 6.96 -31.24
N TYR I 75 17.93 7.43 -31.18
CA TYR I 75 19.11 6.57 -31.20
C TYR I 75 19.06 5.47 -30.13
N THR I 76 18.96 5.86 -28.86
CA THR I 76 18.93 4.90 -27.74
C THR I 76 17.68 4.03 -27.77
N GLY I 77 16.65 4.49 -28.48
CA GLY I 77 15.44 3.71 -28.57
C GLY I 77 15.64 2.62 -29.59
N LEU I 78 16.36 2.95 -30.67
CA LEU I 78 16.64 1.99 -31.74
C LEU I 78 17.60 0.91 -31.24
N LEU I 79 18.61 1.33 -30.47
CA LEU I 79 19.59 0.40 -29.91
C LEU I 79 18.88 -0.65 -29.07
N ARG I 80 17.72 -0.30 -28.55
CA ARG I 80 16.99 -1.23 -27.71
C ARG I 80 16.06 -2.08 -28.57
N GLY I 81 16.03 -1.78 -29.86
CA GLY I 81 15.19 -2.52 -30.79
C GLY I 81 13.77 -2.01 -30.99
N ASP I 82 13.46 -0.84 -30.45
CA ASP I 82 12.13 -0.23 -30.55
C ASP I 82 11.75 0.19 -31.96
N ARG I 83 10.47 0.06 -32.29
CA ARG I 83 9.98 0.46 -33.59
C ARG I 83 9.47 1.88 -33.44
N MET I 84 9.39 2.63 -34.54
CA MET I 84 8.93 4.00 -34.43
C MET I 84 8.53 4.67 -35.74
N VAL I 85 7.62 5.64 -35.61
CA VAL I 85 7.12 6.42 -36.72
C VAL I 85 7.72 7.79 -36.44
N ILE I 86 8.28 8.42 -37.45
CA ILE I 86 8.90 9.71 -37.23
C ILE I 86 8.48 10.74 -38.24
N VAL I 87 7.87 11.81 -37.76
CA VAL I 87 7.47 12.92 -38.61
C VAL I 87 8.80 13.64 -38.78
N ASP I 88 9.46 13.37 -39.90
CA ASP I 88 10.81 13.87 -40.18
C ASP I 88 11.01 14.97 -41.24
N PRO I 89 11.02 16.25 -40.82
CA PRO I 89 11.23 17.37 -41.74
C PRO I 89 12.60 17.29 -42.39
N ASN I 90 12.65 17.43 -43.71
CA ASN I 90 13.89 17.38 -44.49
C ASN I 90 14.63 16.05 -44.47
N GLY I 91 14.00 15.03 -43.90
CA GLY I 91 14.61 13.71 -43.86
C GLY I 91 15.85 13.58 -43.00
N ASP I 92 16.03 14.49 -42.04
CA ASP I 92 17.19 14.46 -41.15
C ASP I 92 17.35 13.14 -40.39
N MET I 93 16.28 12.67 -39.75
CA MET I 93 16.33 11.43 -39.00
C MET I 93 16.60 10.27 -39.94
N LEU I 94 16.00 10.34 -41.12
CA LEU I 94 16.17 9.30 -42.14
C LEU I 94 17.64 9.14 -42.47
N SER I 95 18.27 10.24 -42.85
CA SER I 95 19.68 10.24 -43.24
C SER I 95 20.61 9.69 -42.16
N LYS I 96 20.20 9.77 -40.90
CA LYS I 96 21.05 9.30 -39.83
C LYS I 96 20.67 7.95 -39.23
N PHE I 97 19.40 7.59 -39.34
CA PHE I 97 18.95 6.33 -38.76
C PHE I 97 18.22 5.41 -39.74
N GLY I 98 18.09 5.87 -40.98
CA GLY I 98 17.41 5.07 -41.98
C GLY I 98 18.12 3.78 -42.33
N ARG I 99 17.42 2.66 -42.19
CA ARG I 99 17.97 1.35 -42.54
C ARG I 99 17.30 0.87 -43.83
N ASP I 100 17.73 -0.28 -44.33
CA ASP I 100 17.19 -0.82 -45.58
C ASP I 100 15.73 -1.24 -45.49
N LYS I 101 15.41 -1.92 -44.39
CA LYS I 101 14.04 -2.43 -44.21
C LYS I 101 13.04 -1.39 -43.73
N ASP I 102 13.49 -0.14 -43.62
CA ASP I 102 12.60 0.93 -43.18
C ASP I 102 11.77 1.52 -44.31
N ILE I 103 10.64 2.10 -43.93
CA ILE I 103 9.68 2.69 -44.86
C ILE I 103 9.75 4.21 -44.94
N ILE I 104 9.43 4.77 -46.10
CA ILE I 104 9.42 6.22 -46.30
C ILE I 104 8.13 6.66 -46.95
N LEU I 105 7.52 7.70 -46.37
CA LEU I 105 6.29 8.25 -46.91
C LEU I 105 6.54 9.72 -47.24
N ASN I 106 6.53 10.00 -48.53
CA ASN I 106 6.75 11.35 -49.06
C ASN I 106 6.35 11.30 -50.51
N PRO I 107 5.27 12.01 -50.88
CA PRO I 107 4.81 12.00 -52.28
C PRO I 107 5.88 12.33 -53.32
N TYR I 108 6.92 13.05 -52.93
CA TYR I 108 7.96 13.44 -53.87
C TYR I 108 9.36 12.77 -53.72
N ASP I 109 9.42 11.63 -53.05
CA ASP I 109 10.69 10.94 -52.89
C ASP I 109 10.59 9.61 -53.62
N GLN I 110 11.55 9.36 -54.51
CA GLN I 110 11.56 8.14 -55.31
C GLN I 110 11.46 6.85 -54.48
N ARG I 111 11.84 6.94 -53.21
CA ARG I 111 11.82 5.79 -52.30
C ARG I 111 10.48 5.61 -51.57
N THR I 112 9.59 6.59 -51.69
CA THR I 112 8.30 6.50 -50.98
C THR I 112 7.54 5.24 -51.34
N LYS I 113 6.68 4.81 -50.42
CA LYS I 113 5.84 3.64 -50.65
C LYS I 113 4.60 4.19 -51.38
N GLY I 114 3.80 3.29 -51.93
CA GLY I 114 2.58 3.70 -52.63
C GLY I 114 1.47 3.65 -51.61
N TRP I 115 0.66 4.69 -51.54
CA TRP I 115 -0.43 4.74 -50.56
C TRP I 115 -1.66 5.59 -50.89
N SER I 116 -2.79 5.16 -50.33
CA SER I 116 -4.09 5.81 -50.47
C SER I 116 -4.85 5.42 -49.19
N PHE I 117 -5.69 6.30 -48.66
CA PHE I 117 -6.37 5.97 -47.41
C PHE I 117 -7.17 4.67 -47.50
N PHE I 118 -7.53 4.28 -48.73
CA PHE I 118 -8.31 3.06 -48.96
C PHE I 118 -7.60 1.85 -48.39
N ASN I 119 -6.26 1.89 -48.44
CA ASN I 119 -5.43 0.77 -47.97
C ASN I 119 -5.58 0.53 -46.47
N GLU I 120 -6.28 1.43 -45.77
CA GLU I 120 -6.48 1.32 -44.33
C GLU I 120 -7.86 0.80 -43.94
N ILE I 121 -8.77 0.76 -44.92
CA ILE I 121 -10.15 0.31 -44.70
C ILE I 121 -10.28 -1.23 -44.58
N ARG I 122 -10.84 -1.71 -43.49
CA ARG I 122 -11.02 -3.14 -43.31
C ARG I 122 -12.48 -3.46 -43.02
N ASN I 123 -13.08 -2.70 -42.10
CA ASN I 123 -14.47 -2.90 -41.77
C ASN I 123 -15.25 -1.69 -42.24
N ASP I 124 -16.55 -1.65 -41.97
CA ASP I 124 -17.32 -0.52 -42.43
C ASP I 124 -17.13 0.72 -41.57
N TYR I 125 -16.91 0.54 -40.27
CA TYR I 125 -16.73 1.70 -39.42
C TYR I 125 -15.42 2.43 -39.68
N ASP I 126 -14.55 1.82 -40.50
CA ASP I 126 -13.26 2.44 -40.83
C ASP I 126 -13.41 3.64 -41.74
N TRP I 127 -14.48 3.69 -42.51
CA TRP I 127 -14.69 4.80 -43.44
C TRP I 127 -14.72 6.15 -42.74
N GLN I 128 -15.54 6.28 -41.71
CA GLN I 128 -15.62 7.52 -40.94
C GLN I 128 -14.30 7.67 -40.21
N ARG I 129 -13.89 6.57 -39.58
CA ARG I 129 -12.66 6.50 -38.82
C ARG I 129 -11.51 7.16 -39.55
N TYR I 130 -11.31 6.83 -40.83
CA TYR I 130 -10.23 7.41 -41.61
C TYR I 130 -10.58 8.65 -42.42
N ALA I 131 -11.86 8.99 -42.47
CA ALA I 131 -12.28 10.20 -43.15
C ALA I 131 -11.79 11.28 -42.18
N LEU I 132 -11.85 10.93 -40.89
CA LEU I 132 -11.42 11.80 -39.81
C LEU I 132 -9.93 12.14 -39.96
N SER I 133 -9.17 11.18 -40.47
CA SER I 133 -7.73 11.32 -40.70
C SER I 133 -7.46 12.20 -41.90
N VAL I 134 -8.24 11.99 -42.96
CA VAL I 134 -8.10 12.74 -44.20
C VAL I 134 -8.58 14.18 -44.08
N VAL I 135 -9.67 14.38 -43.35
CA VAL I 135 -10.20 15.72 -43.15
C VAL I 135 -10.15 16.00 -41.65
N PRO I 136 -9.00 16.54 -41.17
CA PRO I 136 -8.84 16.84 -39.74
C PRO I 136 -9.86 17.85 -39.21
N ARG I 137 -9.87 18.03 -37.89
CA ARG I 137 -10.80 18.94 -37.24
C ARG I 137 -10.62 20.39 -37.69
N GLY I 138 -11.74 21.12 -37.81
CA GLY I 138 -11.70 22.51 -38.22
C GLY I 138 -11.26 23.42 -37.09
N LYS I 139 -10.57 24.51 -37.41
CA LYS I 139 -10.10 25.46 -36.41
C LYS I 139 -11.24 26.03 -35.60
N THR I 140 -12.34 26.36 -36.28
CA THR I 140 -13.51 26.93 -35.62
C THR I 140 -14.66 25.93 -35.67
N ASP I 141 -15.70 26.19 -34.88
CA ASP I 141 -16.87 25.32 -34.88
C ASP I 141 -17.47 25.29 -36.28
N GLU I 142 -17.45 26.45 -36.94
CA GLU I 142 -17.99 26.59 -38.29
C GLU I 142 -17.17 25.82 -39.30
N ALA I 143 -15.85 25.84 -39.17
CA ALA I 143 -14.98 25.13 -40.09
C ALA I 143 -15.15 23.62 -39.91
N GLU I 144 -15.53 23.22 -38.70
CA GLU I 144 -15.75 21.81 -38.38
C GLU I 144 -17.13 21.39 -38.88
N GLU I 145 -18.02 22.37 -39.05
CA GLU I 145 -19.35 22.09 -39.61
C GLU I 145 -19.09 21.68 -41.05
N TRP I 146 -18.32 22.52 -41.76
CA TRP I 146 -17.96 22.26 -43.16
C TRP I 146 -17.18 20.97 -43.29
N ALA I 147 -16.13 20.84 -42.49
CA ALA I 147 -15.30 19.65 -42.52
C ALA I 147 -16.17 18.39 -42.38
N SER I 148 -17.22 18.47 -41.59
CA SER I 148 -18.08 17.31 -41.38
C SER I 148 -18.78 16.95 -42.70
N TYR I 149 -19.29 17.95 -43.38
CA TYR I 149 -19.96 17.73 -44.66
C TYR I 149 -18.93 17.10 -45.59
N GLY I 150 -17.70 17.60 -45.51
CA GLY I 150 -16.61 17.09 -46.33
C GLY I 150 -16.36 15.61 -46.09
N ARG I 151 -16.47 15.17 -44.83
CA ARG I 151 -16.24 13.76 -44.53
C ARG I 151 -17.41 12.88 -44.96
N LEU I 152 -18.61 13.46 -45.04
CA LEU I 152 -19.79 12.71 -45.47
C LEU I 152 -19.63 12.48 -46.96
N LEU I 153 -19.36 13.55 -47.68
CA LEU I 153 -19.17 13.48 -49.12
C LEU I 153 -18.02 12.52 -49.38
N LEU I 154 -16.91 12.71 -48.68
CA LEU I 154 -15.74 11.85 -48.84
C LEU I 154 -16.02 10.38 -48.57
N ARG I 155 -16.56 10.05 -47.41
CA ARG I 155 -16.79 8.65 -47.08
C ARG I 155 -17.87 7.99 -47.92
N GLU I 156 -18.83 8.76 -48.41
CA GLU I 156 -19.88 8.19 -49.21
C GLU I 156 -19.45 8.04 -50.68
N THR I 157 -18.66 8.99 -51.16
CA THR I 157 -18.15 8.93 -52.52
C THR I 157 -17.13 7.80 -52.60
N ALA I 158 -16.26 7.72 -51.58
CA ALA I 158 -15.22 6.69 -51.53
C ALA I 158 -15.83 5.30 -51.38
N LYS I 159 -16.76 5.14 -50.44
CA LYS I 159 -17.39 3.85 -50.22
C LYS I 159 -18.00 3.30 -51.52
N LYS I 160 -18.56 4.21 -52.33
CA LYS I 160 -19.18 3.83 -53.60
C LYS I 160 -18.11 3.43 -54.61
N LEU I 161 -17.15 4.32 -54.84
CA LEU I 161 -16.07 4.06 -55.78
C LEU I 161 -15.46 2.68 -55.48
N ALA I 162 -15.38 2.35 -54.19
CA ALA I 162 -14.83 1.05 -53.78
C ALA I 162 -15.73 -0.05 -54.30
N LEU I 163 -17.05 0.15 -54.20
CA LEU I 163 -17.99 -0.84 -54.67
C LEU I 163 -18.01 -1.05 -56.19
N ILE I 164 -17.96 0.04 -56.95
CA ILE I 164 -17.95 -0.04 -58.41
C ILE I 164 -16.57 -0.40 -58.96
N GLY I 165 -15.66 -0.80 -58.07
CA GLY I 165 -14.34 -1.21 -58.50
C GLY I 165 -13.24 -0.22 -58.81
N THR I 166 -13.52 1.08 -58.76
CA THR I 166 -12.47 2.07 -59.05
C THR I 166 -12.09 2.91 -57.82
N PRO I 167 -11.52 2.28 -56.78
CA PRO I 167 -11.12 3.00 -55.57
C PRO I 167 -9.84 3.80 -55.82
N SER I 168 -9.97 4.80 -56.68
CA SER I 168 -8.85 5.67 -57.06
C SER I 168 -9.04 7.09 -56.55
N MET I 169 -7.96 7.66 -56.00
CA MET I 169 -8.01 9.01 -55.50
C MET I 169 -8.26 10.01 -56.63
N ARG I 170 -7.81 9.69 -57.84
CA ARG I 170 -8.03 10.61 -58.97
C ARG I 170 -9.50 10.65 -59.31
N GLU I 171 -10.16 9.51 -59.11
CA GLU I 171 -11.59 9.40 -59.36
C GLU I 171 -12.32 10.18 -58.28
N LEU I 172 -11.96 9.86 -57.04
CA LEU I 172 -12.55 10.50 -55.88
C LEU I 172 -12.39 12.01 -55.99
N PHE I 173 -11.17 12.44 -56.30
CA PHE I 173 -10.89 13.87 -56.43
C PHE I 173 -11.72 14.49 -57.54
N HIS I 174 -11.94 13.72 -58.61
CA HIS I 174 -12.72 14.22 -59.73
C HIS I 174 -14.19 14.42 -59.37
N TRP I 175 -14.80 13.42 -58.75
CA TRP I 175 -16.19 13.53 -58.38
C TRP I 175 -16.49 14.61 -57.35
N THR I 176 -15.74 14.57 -56.25
CA THR I 176 -15.93 15.52 -55.18
C THR I 176 -15.48 16.93 -55.53
N THR I 177 -14.61 17.07 -56.52
CA THR I 177 -14.06 18.40 -56.89
C THR I 177 -14.27 18.91 -58.31
N ILE I 178 -14.25 17.99 -59.28
CA ILE I 178 -14.37 18.38 -60.67
C ILE I 178 -15.73 18.15 -61.32
N ALA I 179 -16.37 17.01 -61.03
CA ALA I 179 -17.68 16.70 -61.61
C ALA I 179 -18.64 17.87 -61.32
N THR I 180 -19.62 18.09 -62.19
CA THR I 180 -20.58 19.17 -61.96
C THR I 180 -21.51 18.80 -60.81
N PHE I 181 -22.20 19.79 -60.27
CA PHE I 181 -23.11 19.54 -59.15
C PHE I 181 -24.10 18.42 -59.46
N ASP I 182 -24.82 18.57 -60.55
CA ASP I 182 -25.82 17.58 -60.96
C ASP I 182 -25.22 16.18 -61.07
N ASP I 183 -24.05 16.13 -61.70
CA ASP I 183 -23.35 14.85 -61.89
C ASP I 183 -22.95 14.24 -60.54
N LEU I 184 -22.44 15.07 -59.63
CA LEU I 184 -22.04 14.58 -58.31
C LEU I 184 -23.30 14.06 -57.61
N ARG I 185 -24.36 14.87 -57.61
CA ARG I 185 -25.61 14.47 -56.96
C ARG I 185 -26.09 13.16 -57.54
N GLY I 186 -25.90 13.00 -58.85
CA GLY I 186 -26.31 11.77 -59.50
C GLY I 186 -25.48 10.61 -58.97
N PHE I 187 -24.17 10.82 -58.93
CA PHE I 187 -23.26 9.79 -58.45
C PHE I 187 -23.58 9.37 -57.02
N LEU I 188 -24.04 10.33 -56.22
CA LEU I 188 -24.37 10.07 -54.83
C LEU I 188 -25.61 9.20 -54.65
N GLU I 189 -26.46 9.16 -55.67
CA GLU I 189 -27.66 8.35 -55.61
C GLU I 189 -27.30 6.93 -55.25
N GLY I 190 -27.96 6.40 -54.21
CA GLY I 190 -27.68 5.04 -53.78
C GLY I 190 -26.91 5.02 -52.47
N THR I 191 -26.21 6.11 -52.19
CA THR I 191 -25.43 6.23 -50.95
C THR I 191 -26.25 6.90 -49.85
N LEU I 192 -25.68 6.98 -48.66
CA LEU I 192 -26.36 7.61 -47.52
C LEU I 192 -26.39 9.13 -47.67
N ALA I 193 -25.66 9.63 -48.66
CA ALA I 193 -25.57 11.06 -48.91
C ALA I 193 -26.51 11.49 -50.03
N GLU I 194 -27.26 10.54 -50.58
CA GLU I 194 -28.17 10.85 -51.67
C GLU I 194 -29.09 12.03 -51.38
N SER I 195 -29.87 11.93 -50.29
CA SER I 195 -30.83 12.97 -49.91
C SER I 195 -30.29 14.07 -49.01
N LEU I 196 -29.23 13.78 -48.27
CA LEU I 196 -28.65 14.74 -47.35
C LEU I 196 -28.12 16.00 -48.04
N PHE I 197 -27.58 15.84 -49.25
CA PHE I 197 -27.04 16.96 -50.01
C PHE I 197 -27.97 17.45 -51.12
N ALA I 198 -29.28 17.19 -50.97
CA ALA I 198 -30.27 17.62 -51.95
C ALA I 198 -31.62 17.97 -51.32
N GLY I 199 -32.43 18.76 -52.03
CA GLY I 199 -33.74 19.13 -51.52
C GLY I 199 -33.95 20.54 -50.99
N SER I 200 -32.88 21.30 -50.79
CA SER I 200 -33.02 22.68 -50.29
C SER I 200 -31.77 23.49 -50.60
N ASN I 201 -31.85 24.80 -50.39
CA ASN I 201 -30.70 25.67 -50.63
C ASN I 201 -29.61 25.35 -49.62
N GLU I 202 -30.02 24.93 -48.42
CA GLU I 202 -29.04 24.61 -47.39
C GLU I 202 -28.28 23.33 -47.76
N ALA I 203 -28.99 22.34 -48.29
CA ALA I 203 -28.36 21.09 -48.68
C ALA I 203 -27.29 21.34 -49.74
N SER I 204 -27.59 22.26 -50.65
CA SER I 204 -26.68 22.65 -51.72
C SER I 204 -25.50 23.41 -51.13
N LYS I 205 -25.80 24.23 -50.12
CA LYS I 205 -24.80 25.02 -49.42
C LYS I 205 -23.86 24.03 -48.76
N ALA I 206 -24.44 23.10 -48.02
CA ALA I 206 -23.68 22.06 -47.34
C ALA I 206 -22.74 21.37 -48.32
N LEU I 207 -23.29 20.89 -49.43
CA LEU I 207 -22.52 20.20 -50.47
C LEU I 207 -21.36 21.07 -50.97
N THR I 208 -21.65 22.34 -51.28
CA THR I 208 -20.62 23.25 -51.76
C THR I 208 -19.48 23.36 -50.74
N SER I 209 -19.82 23.44 -49.45
CA SER I 209 -18.81 23.52 -48.42
C SER I 209 -17.96 22.22 -48.42
N ALA I 210 -18.62 21.09 -48.65
CA ALA I 210 -17.94 19.80 -48.68
C ALA I 210 -16.94 19.74 -49.85
N ARG I 211 -17.31 20.28 -51.01
CA ARG I 211 -16.42 20.28 -52.17
C ARG I 211 -15.17 21.10 -51.89
N PHE I 212 -15.38 22.31 -51.39
CA PHE I 212 -14.29 23.21 -51.06
C PHE I 212 -13.34 22.56 -50.07
N VAL I 213 -13.88 21.98 -48.99
CA VAL I 213 -13.04 21.33 -48.01
C VAL I 213 -12.16 20.25 -48.65
N LEU I 214 -12.77 19.41 -49.50
CA LEU I 214 -12.05 18.33 -50.14
C LEU I 214 -11.07 18.79 -51.20
N SER I 215 -11.36 19.91 -51.85
CA SER I 215 -10.46 20.42 -52.86
C SER I 215 -9.19 20.91 -52.16
N ASP I 216 -9.30 21.15 -50.85
CA ASP I 216 -8.18 21.64 -50.04
C ASP I 216 -7.31 20.54 -49.43
N LYS I 217 -7.95 19.43 -49.06
CA LYS I 217 -7.25 18.31 -48.43
C LYS I 217 -6.73 17.23 -49.37
N LEU I 218 -7.56 16.86 -50.34
CA LEU I 218 -7.26 15.80 -51.31
C LEU I 218 -6.11 15.96 -52.32
N PRO I 219 -5.90 17.17 -52.87
CA PRO I 219 -4.82 17.38 -53.85
C PRO I 219 -3.58 16.51 -53.69
N GLU I 220 -2.91 16.61 -52.54
CA GLU I 220 -1.70 15.82 -52.34
C GLU I 220 -1.92 14.31 -52.21
N HIS I 221 -3.15 13.91 -51.92
CA HIS I 221 -3.47 12.48 -51.83
C HIS I 221 -3.50 11.92 -53.25
N VAL I 222 -3.85 12.78 -54.19
CA VAL I 222 -3.93 12.42 -55.60
C VAL I 222 -2.51 12.20 -56.12
N THR I 223 -1.69 13.25 -56.01
CA THR I 223 -0.31 13.19 -56.48
C THR I 223 0.47 12.04 -55.84
N MET I 224 0.18 11.72 -54.59
CA MET I 224 0.90 10.63 -53.94
C MET I 224 0.89 9.38 -54.81
N PRO I 225 2.06 8.74 -54.97
CA PRO I 225 2.22 7.52 -55.76
C PRO I 225 1.31 6.45 -55.18
N ASP I 226 0.49 5.85 -56.03
CA ASP I 226 -0.44 4.81 -55.59
C ASP I 226 0.33 3.53 -55.31
N GLY I 227 -0.14 2.75 -54.35
CA GLY I 227 0.53 1.51 -54.03
C GLY I 227 -0.31 0.71 -53.07
N ASP I 228 0.26 -0.34 -52.49
CA ASP I 228 -0.45 -1.21 -51.56
C ASP I 228 -0.06 -1.03 -50.11
N PHE I 229 0.85 -0.09 -49.84
CA PHE I 229 1.28 0.09 -48.46
C PHE I 229 0.14 0.46 -47.51
N SER I 230 0.08 -0.25 -46.39
CA SER I 230 -0.92 -0.04 -45.38
C SER I 230 -0.23 0.19 -44.03
N ILE I 231 -0.47 1.36 -43.43
CA ILE I 231 0.12 1.69 -42.14
C ILE I 231 -0.39 0.72 -41.08
N ARG I 232 -1.63 0.28 -41.25
CA ARG I 232 -2.24 -0.64 -40.31
C ARG I 232 -1.53 -1.99 -40.36
N SER I 233 -1.25 -2.46 -41.57
CA SER I 233 -0.57 -3.73 -41.75
C SER I 233 0.88 -3.58 -41.27
N TRP I 234 1.47 -2.43 -41.60
CA TRP I 234 2.85 -2.14 -41.20
C TRP I 234 2.98 -2.20 -39.69
N LEU I 235 2.02 -1.64 -38.97
CA LEU I 235 2.05 -1.64 -37.51
C LEU I 235 1.96 -3.05 -36.96
N GLU I 236 1.32 -3.94 -37.73
CA GLU I 236 1.13 -5.32 -37.32
C GLU I 236 2.33 -6.24 -37.56
N ASP I 237 3.11 -5.92 -38.60
CA ASP I 237 4.31 -6.69 -38.95
C ASP I 237 5.47 -6.39 -37.99
N PRO I 238 5.86 -7.37 -37.14
CA PRO I 238 6.96 -7.20 -36.19
C PRO I 238 8.28 -6.81 -36.85
N ASN I 239 8.47 -7.27 -38.08
CA ASN I 239 9.69 -6.99 -38.82
C ASN I 239 9.48 -5.93 -39.89
N GLY I 240 8.58 -4.98 -39.63
CA GLY I 240 8.29 -3.94 -40.61
C GLY I 240 9.29 -2.78 -40.59
N GLY I 241 10.12 -2.72 -39.56
CA GLY I 241 11.09 -1.66 -39.47
C GLY I 241 10.48 -0.37 -38.95
N ASN I 242 11.03 0.76 -39.39
CA ASN I 242 10.52 2.05 -38.94
C ASN I 242 9.92 2.82 -40.10
N LEU I 243 9.14 3.85 -39.79
CA LEU I 243 8.50 4.63 -40.83
C LEU I 243 8.97 6.08 -40.74
N PHE I 244 9.44 6.62 -41.85
CA PHE I 244 9.89 8.00 -41.89
C PHE I 244 8.98 8.86 -42.77
N ILE I 245 8.26 9.78 -42.14
CA ILE I 245 7.37 10.67 -42.87
C ILE I 245 8.18 11.94 -43.08
N THR I 246 8.76 12.06 -44.25
CA THR I 246 9.62 13.19 -44.58
C THR I 246 9.00 14.16 -45.56
N TRP I 247 9.65 15.32 -45.71
CA TRP I 247 9.20 16.34 -46.64
C TRP I 247 10.11 17.57 -46.62
N ARG I 248 10.22 18.21 -47.77
CA ARG I 248 11.03 19.40 -47.91
C ARG I 248 10.30 20.52 -47.21
N GLU I 249 11.02 21.30 -46.41
CA GLU I 249 10.40 22.39 -45.68
C GLU I 249 9.70 23.45 -46.52
N ASP I 250 10.11 23.65 -47.78
CA ASP I 250 9.46 24.65 -48.62
C ASP I 250 8.12 24.12 -49.13
N MET I 251 7.79 22.89 -48.75
CA MET I 251 6.53 22.27 -49.14
C MET I 251 5.68 21.92 -47.92
N GLY I 252 5.97 22.55 -46.79
CA GLY I 252 5.22 22.27 -45.59
C GLY I 252 3.74 22.60 -45.69
N PRO I 253 3.39 23.84 -46.09
CA PRO I 253 1.98 24.22 -46.21
C PRO I 253 1.14 23.35 -47.12
N ALA I 254 1.74 22.89 -48.22
CA ALA I 254 1.05 22.05 -49.19
C ALA I 254 0.80 20.63 -48.68
N LEU I 255 1.74 20.11 -47.89
CA LEU I 255 1.66 18.74 -47.36
C LEU I 255 1.10 18.63 -45.94
N ARG I 256 0.82 19.76 -45.30
CA ARG I 256 0.29 19.73 -43.94
C ARG I 256 -0.87 18.74 -43.80
N PRO I 257 -1.88 18.80 -44.71
CA PRO I 257 -2.98 17.84 -44.56
C PRO I 257 -2.62 16.38 -44.75
N LEU I 258 -1.75 16.07 -45.72
CA LEU I 258 -1.36 14.69 -45.97
C LEU I 258 -0.58 14.12 -44.80
N ILE I 259 0.41 14.88 -44.34
CA ILE I 259 1.22 14.44 -43.21
C ILE I 259 0.36 14.28 -41.95
N SER I 260 -0.59 15.19 -41.77
CA SER I 260 -1.49 15.16 -40.63
C SER I 260 -2.32 13.89 -40.71
N ALA I 261 -2.69 13.53 -41.93
CA ALA I 261 -3.49 12.33 -42.15
C ALA I 261 -2.71 11.10 -41.71
N TRP I 262 -1.46 11.02 -42.16
CA TRP I 262 -0.60 9.89 -41.80
C TRP I 262 -0.43 9.80 -40.29
N VAL I 263 -0.14 10.93 -39.65
CA VAL I 263 0.05 10.91 -38.20
C VAL I 263 -1.24 10.42 -37.58
N ASP I 264 -2.35 10.99 -38.00
CA ASP I 264 -3.61 10.59 -37.42
C ASP I 264 -3.92 9.12 -37.67
N VAL I 265 -3.61 8.63 -38.86
CA VAL I 265 -3.88 7.22 -39.16
C VAL I 265 -3.13 6.37 -38.16
N VAL I 266 -1.93 6.78 -37.79
CA VAL I 266 -1.14 6.04 -36.80
C VAL I 266 -1.89 6.02 -35.48
N CYS I 267 -2.33 7.21 -35.06
CA CYS I 267 -3.05 7.38 -33.80
C CYS I 267 -4.30 6.51 -33.64
N THR I 268 -5.10 6.31 -34.68
CA THR I 268 -6.30 5.47 -34.53
C THR I 268 -5.89 4.02 -34.66
N SER I 269 -5.14 3.73 -35.71
CA SER I 269 -4.69 2.39 -36.00
C SER I 269 -4.09 1.64 -34.82
N ILE I 270 -3.27 2.30 -34.00
CA ILE I 270 -2.68 1.58 -32.87
C ILE I 270 -3.71 1.20 -31.85
N LEU I 271 -4.91 1.75 -31.98
CA LEU I 271 -5.97 1.43 -31.04
C LEU I 271 -6.67 0.12 -31.38
N SER I 272 -6.40 -0.41 -32.56
CA SER I 272 -6.99 -1.68 -33.00
C SER I 272 -6.02 -2.83 -32.82
N LEU I 273 -4.75 -2.52 -32.57
CA LEU I 273 -3.74 -3.56 -32.39
C LEU I 273 -4.02 -4.51 -31.23
N PRO I 274 -3.90 -5.84 -31.47
CA PRO I 274 -4.15 -6.83 -30.42
C PRO I 274 -3.13 -6.61 -29.31
N GLU I 275 -3.57 -6.68 -28.06
CA GLU I 275 -2.66 -6.43 -26.96
C GLU I 275 -1.37 -7.24 -27.02
N GLU I 276 -0.25 -6.52 -26.95
CA GLU I 276 1.07 -7.11 -26.98
C GLU I 276 1.99 -6.38 -26.01
N PRO I 277 2.13 -6.92 -24.78
CA PRO I 277 2.98 -6.32 -23.74
C PRO I 277 4.41 -6.01 -24.21
N LYS I 278 4.92 -6.80 -25.14
CA LYS I 278 6.27 -6.63 -25.64
C LYS I 278 6.44 -5.45 -26.61
N ARG I 279 5.35 -5.05 -27.26
CA ARG I 279 5.43 -3.97 -28.24
C ARG I 279 5.73 -2.60 -27.69
N ARG I 280 6.61 -1.88 -28.38
CA ARG I 280 7.01 -0.53 -28.02
C ARG I 280 7.13 0.30 -29.30
N LEU I 281 6.12 1.15 -29.53
CA LEU I 281 6.10 1.98 -30.73
C LEU I 281 6.18 3.46 -30.35
N TRP I 282 7.16 4.15 -30.92
CA TRP I 282 7.35 5.57 -30.66
C TRP I 282 6.74 6.37 -31.78
N LEU I 283 6.14 7.50 -31.42
CA LEU I 283 5.55 8.39 -32.40
C LEU I 283 6.26 9.70 -32.18
N PHE I 284 7.17 10.02 -33.09
CA PHE I 284 7.90 11.26 -32.96
C PHE I 284 7.21 12.28 -33.86
N ILE I 285 6.56 13.25 -33.22
CA ILE I 285 5.88 14.32 -33.96
C ILE I 285 6.77 15.54 -33.77
N ASP I 286 7.55 15.85 -34.79
CA ASP I 286 8.45 16.98 -34.74
C ASP I 286 7.84 18.17 -33.99
N GLU I 287 7.02 18.96 -34.69
CA GLU I 287 6.37 20.10 -34.08
C GLU I 287 4.87 19.84 -34.14
N LEU I 288 4.29 19.52 -33.00
CA LEU I 288 2.87 19.24 -32.89
C LEU I 288 1.96 20.34 -33.47
N ALA I 289 2.26 21.59 -33.17
CA ALA I 289 1.45 22.70 -33.65
C ALA I 289 1.64 22.99 -35.12
N SER I 290 2.40 22.15 -35.82
CA SER I 290 2.62 22.36 -37.25
C SER I 290 1.74 21.41 -38.06
N LEU I 291 1.11 20.48 -37.36
CA LEU I 291 0.20 19.54 -37.98
C LEU I 291 -1.18 20.18 -37.84
N GLU I 292 -2.15 19.65 -38.56
CA GLU I 292 -3.50 20.18 -38.47
C GLU I 292 -4.11 19.67 -37.16
N LYS I 293 -5.30 20.13 -36.83
CA LYS I 293 -5.96 19.70 -35.60
C LYS I 293 -6.32 18.21 -35.66
N LEU I 294 -5.43 17.37 -35.14
CA LEU I 294 -5.58 15.91 -35.16
C LEU I 294 -6.72 15.33 -34.34
N ALA I 295 -7.59 14.61 -35.04
CA ALA I 295 -8.77 14.00 -34.45
C ALA I 295 -8.56 12.82 -33.51
N SER I 296 -7.47 12.07 -33.69
CA SER I 296 -7.23 10.90 -32.86
C SER I 296 -6.03 10.97 -31.94
N LEU I 297 -5.26 12.06 -32.00
CA LEU I 297 -4.09 12.19 -31.15
C LEU I 297 -4.47 12.04 -29.68
N ALA I 298 -5.47 12.82 -29.27
CA ALA I 298 -5.96 12.81 -27.91
C ALA I 298 -6.19 11.40 -27.39
N ASP I 299 -7.01 10.63 -28.10
CA ASP I 299 -7.28 9.27 -27.70
C ASP I 299 -6.00 8.44 -27.66
N ALA I 300 -5.15 8.63 -28.67
CA ALA I 300 -3.89 7.89 -28.76
C ALA I 300 -3.04 8.13 -27.53
N LEU I 301 -2.98 9.38 -27.07
CA LEU I 301 -2.20 9.74 -25.90
C LEU I 301 -2.84 9.25 -24.61
N THR I 302 -4.10 8.85 -24.69
CA THR I 302 -4.86 8.39 -23.53
C THR I 302 -5.14 6.90 -23.49
N LYS I 303 -5.23 6.27 -24.66
CA LYS I 303 -5.54 4.85 -24.73
C LYS I 303 -4.51 3.99 -25.47
N GLY I 304 -3.33 4.55 -25.71
CA GLY I 304 -2.30 3.80 -26.41
C GLY I 304 -1.38 2.97 -25.54
N ARG I 305 -1.66 2.89 -24.24
CA ARG I 305 -0.85 2.12 -23.30
C ARG I 305 -0.72 0.64 -23.70
N LYS I 306 -1.86 -0.04 -23.89
CA LYS I 306 -1.87 -1.46 -24.26
C LYS I 306 -1.16 -1.74 -25.57
N ALA I 307 -1.23 -0.78 -26.49
CA ALA I 307 -0.59 -0.93 -27.79
C ALA I 307 0.90 -0.64 -27.66
N GLY I 308 1.29 -0.06 -26.51
CA GLY I 308 2.67 0.31 -26.26
C GLY I 308 3.10 1.59 -26.96
N LEU I 309 2.16 2.52 -27.17
CA LEU I 309 2.46 3.78 -27.84
C LEU I 309 3.20 4.75 -26.92
N ARG I 310 4.17 5.44 -27.48
CA ARG I 310 4.98 6.42 -26.76
C ARG I 310 5.10 7.61 -27.70
N VAL I 311 4.52 8.74 -27.33
CA VAL I 311 4.59 9.91 -28.18
C VAL I 311 5.57 10.93 -27.65
N VAL I 312 6.36 11.51 -28.55
CA VAL I 312 7.31 12.54 -28.19
C VAL I 312 6.96 13.68 -29.13
N ALA I 313 6.60 14.82 -28.57
CA ALA I 313 6.21 15.95 -29.42
C ALA I 313 6.93 17.21 -29.02
N GLY I 314 7.15 18.07 -30.00
CA GLY I 314 7.82 19.32 -29.77
C GLY I 314 6.89 20.51 -29.82
N LEU I 315 7.11 21.45 -28.91
CA LEU I 315 6.29 22.65 -28.82
C LEU I 315 7.18 23.84 -28.60
N GLN I 316 6.65 25.03 -28.92
CA GLN I 316 7.39 26.26 -28.76
C GLN I 316 6.57 27.27 -27.96
N SER I 317 5.80 28.10 -28.65
CA SER I 317 4.97 29.09 -27.97
C SER I 317 3.62 28.48 -27.63
N THR I 318 3.20 28.70 -26.39
CA THR I 318 1.92 28.19 -25.91
C THR I 318 0.81 28.57 -26.89
N SER I 319 0.92 29.75 -27.47
CA SER I 319 -0.07 30.26 -28.41
C SER I 319 -0.20 29.47 -29.72
N GLN I 320 0.86 28.78 -30.11
CA GLN I 320 0.83 28.01 -31.34
C GLN I 320 -0.20 26.91 -31.26
N LEU I 321 -0.06 26.04 -30.26
CA LEU I 321 -0.99 24.93 -30.10
C LEU I 321 -2.37 25.51 -29.79
N ASP I 322 -2.40 26.59 -29.01
CA ASP I 322 -3.66 27.20 -28.66
C ASP I 322 -4.43 27.67 -29.88
N ASP I 323 -3.74 28.08 -30.93
CA ASP I 323 -4.41 28.56 -32.12
C ASP I 323 -4.91 27.40 -33.00
N VAL I 324 -4.18 26.28 -32.98
CA VAL I 324 -4.57 25.11 -33.77
C VAL I 324 -5.74 24.35 -33.15
N TYR I 325 -5.64 24.04 -31.86
CA TYR I 325 -6.68 23.28 -31.20
C TYR I 325 -7.70 24.10 -30.39
N GLY I 326 -7.33 25.34 -30.07
CA GLY I 326 -8.20 26.18 -29.26
C GLY I 326 -7.63 26.07 -27.85
N VAL I 327 -7.80 27.10 -27.04
CA VAL I 327 -7.28 27.09 -25.69
C VAL I 327 -7.66 25.89 -24.83
N LYS I 328 -8.93 25.49 -24.87
CA LYS I 328 -9.40 24.36 -24.08
C LYS I 328 -8.79 23.02 -24.50
N GLU I 329 -8.90 22.69 -25.79
CA GLU I 329 -8.36 21.44 -26.29
C GLU I 329 -6.83 21.39 -26.22
N ALA I 330 -6.19 22.54 -26.39
CA ALA I 330 -4.74 22.61 -26.32
C ALA I 330 -4.31 22.19 -24.92
N GLN I 331 -4.99 22.75 -23.91
CA GLN I 331 -4.71 22.44 -22.51
C GLN I 331 -4.84 20.95 -22.25
N THR I 332 -5.91 20.36 -22.79
CA THR I 332 -6.17 18.93 -22.61
C THR I 332 -5.11 18.09 -23.33
N LEU I 333 -4.70 18.52 -24.52
CA LEU I 333 -3.69 17.79 -25.30
C LEU I 333 -2.38 17.81 -24.54
N ARG I 334 -1.89 19.01 -24.21
CA ARG I 334 -0.64 19.17 -23.46
C ARG I 334 -0.62 18.41 -22.15
N ALA I 335 -1.75 18.38 -21.47
CA ALA I 335 -1.87 17.68 -20.18
C ALA I 335 -1.79 16.16 -20.32
N SER I 336 -1.75 15.68 -21.56
CA SER I 336 -1.68 14.25 -21.85
C SER I 336 -0.23 13.75 -21.93
N PHE I 337 0.72 14.68 -21.83
CA PHE I 337 2.14 14.36 -21.83
C PHE I 337 2.62 14.51 -20.39
N ARG I 338 2.83 13.40 -19.72
CA ARG I 338 3.25 13.41 -18.32
C ARG I 338 4.70 13.81 -18.04
N SER I 339 5.55 13.81 -19.06
CA SER I 339 6.95 14.18 -18.90
C SER I 339 7.21 15.44 -19.71
N LEU I 340 7.98 16.34 -19.13
CA LEU I 340 8.30 17.60 -19.76
C LEU I 340 9.79 17.90 -19.76
N VAL I 341 10.24 18.53 -20.83
CA VAL I 341 11.63 18.93 -20.97
C VAL I 341 11.57 20.38 -21.44
N VAL I 342 12.06 21.29 -20.61
CA VAL I 342 12.04 22.70 -20.99
C VAL I 342 13.44 23.11 -21.42
N LEU I 343 13.55 23.58 -22.66
CA LEU I 343 14.81 23.96 -23.26
C LEU I 343 15.12 25.46 -23.30
N GLY I 344 14.25 26.29 -22.76
CA GLY I 344 14.58 27.71 -22.79
C GLY I 344 14.07 28.41 -24.05
N GLY I 345 13.40 29.53 -23.84
CA GLY I 345 12.84 30.26 -24.96
C GLY I 345 13.36 31.67 -25.12
N SER I 346 12.59 32.48 -25.83
CA SER I 346 12.92 33.85 -26.11
C SER I 346 12.48 34.76 -24.98
N ARG I 347 13.22 35.86 -24.78
CA ARG I 347 12.86 36.81 -23.76
C ARG I 347 11.65 37.57 -24.28
N THR I 348 11.43 37.47 -25.59
CA THR I 348 10.31 38.13 -26.24
C THR I 348 9.00 37.36 -26.07
N ASP I 349 9.05 36.23 -25.37
CA ASP I 349 7.85 35.44 -25.12
C ASP I 349 7.66 35.18 -23.61
N PRO I 350 7.48 36.26 -22.82
CA PRO I 350 7.30 36.11 -21.38
C PRO I 350 6.13 35.22 -21.01
N LYS I 351 5.11 35.15 -21.86
CA LYS I 351 3.95 34.32 -21.58
C LYS I 351 4.25 32.83 -21.50
N THR I 352 5.05 32.33 -22.45
CA THR I 352 5.40 30.91 -22.46
C THR I 352 6.42 30.59 -21.39
N ASN I 353 7.28 31.55 -21.07
CA ASN I 353 8.28 31.31 -20.03
C ASN I 353 7.56 31.16 -18.70
N GLU I 354 6.45 31.88 -18.55
CA GLU I 354 5.64 31.84 -17.34
C GLU I 354 4.89 30.51 -17.26
N ASP I 355 4.46 29.98 -18.40
CA ASP I 355 3.73 28.70 -18.43
C ASP I 355 4.68 27.53 -18.11
N MET I 356 5.88 27.58 -18.69
CA MET I 356 6.89 26.57 -18.45
C MET I 356 7.32 26.65 -17.01
N SER I 357 7.52 27.86 -16.52
CA SER I 357 7.91 28.10 -15.13
C SER I 357 6.88 27.49 -14.19
N LEU I 358 5.61 27.77 -14.49
CA LEU I 358 4.49 27.29 -13.71
C LEU I 358 4.41 25.77 -13.79
N SER I 359 4.71 25.23 -14.97
CA SER I 359 4.68 23.78 -15.16
C SER I 359 5.78 23.10 -14.38
N LEU I 360 6.98 23.70 -14.36
CA LEU I 360 8.08 23.12 -13.60
C LEU I 360 7.68 23.11 -12.10
N GLY I 361 6.83 24.07 -11.70
CA GLY I 361 6.34 24.10 -10.32
C GLY I 361 7.04 24.95 -9.27
N GLU I 362 6.40 25.01 -8.10
CA GLU I 362 6.91 25.77 -6.96
C GLU I 362 7.19 24.82 -5.81
N HIS I 363 7.77 25.35 -4.75
CA HIS I 363 8.04 24.53 -3.58
C HIS I 363 7.86 25.37 -2.32
N GLU I 364 7.66 24.70 -1.19
CA GLU I 364 7.54 25.37 0.09
C GLU I 364 8.84 25.00 0.81
N VAL I 365 9.54 26.00 1.31
CA VAL I 365 10.83 25.79 1.94
C VAL I 365 11.11 26.69 3.17
N GLU I 366 11.80 26.14 4.17
CA GLU I 366 12.15 26.89 5.38
C GLU I 366 13.58 27.39 5.21
N ARG I 367 13.78 28.69 5.41
CA ARG I 367 15.10 29.28 5.24
C ARG I 367 15.46 30.17 6.41
N ASP I 368 16.74 30.15 6.79
CA ASP I 368 17.22 30.98 7.90
C ASP I 368 17.58 32.38 7.43
N ARG I 369 16.96 33.38 8.06
CA ARG I 369 17.26 34.76 7.72
C ARG I 369 18.16 35.36 8.79
N TYR I 370 19.47 35.24 8.60
CA TYR I 370 20.42 35.77 9.57
C TYR I 370 20.10 37.25 9.77
N SER I 371 19.89 37.64 11.02
CA SER I 371 19.55 39.03 11.34
C SER I 371 20.78 39.94 11.29
N GLY I 381 20.42 37.16 16.89
CA GLY I 381 20.07 37.39 15.49
C GLY I 381 20.05 36.13 14.66
N ARG I 382 18.85 35.62 14.39
CA ARG I 382 18.63 34.40 13.60
C ARG I 382 17.13 34.10 13.56
N ALA I 383 16.62 33.66 12.42
CA ALA I 383 15.19 33.36 12.31
C ALA I 383 14.82 32.43 11.16
N LEU I 384 13.86 31.55 11.41
CA LEU I 384 13.39 30.60 10.41
C LEU I 384 12.15 31.16 9.74
N GLU I 385 12.10 31.06 8.42
CA GLU I 385 10.96 31.56 7.66
C GLU I 385 10.49 30.53 6.64
N ARG I 386 9.17 30.43 6.47
CA ARG I 386 8.56 29.51 5.49
C ARG I 386 8.30 30.35 4.25
N VAL I 387 8.73 29.86 3.10
CA VAL I 387 8.52 30.62 1.88
C VAL I 387 8.20 29.71 0.70
N ARG I 388 7.24 30.14 -0.12
CA ARG I 388 6.82 29.41 -1.30
C ARG I 388 7.46 30.12 -2.49
N GLU I 389 7.93 29.37 -3.48
CA GLU I 389 8.57 30.01 -4.63
C GLU I 389 8.71 29.12 -5.86
N ARG I 390 8.97 29.73 -7.02
CA ARG I 390 9.15 28.96 -8.24
C ARG I 390 10.52 28.27 -8.21
N VAL I 391 10.54 26.96 -8.44
CA VAL I 391 11.80 26.24 -8.47
C VAL I 391 12.62 26.81 -9.63
N VAL I 392 11.95 27.13 -10.73
CA VAL I 392 12.58 27.70 -11.92
C VAL I 392 11.83 28.96 -12.35
N MET I 393 12.48 30.11 -12.18
CA MET I 393 11.91 31.40 -12.53
C MET I 393 11.75 31.53 -14.05
N PRO I 394 10.77 32.32 -14.51
CA PRO I 394 10.56 32.50 -15.95
C PRO I 394 11.86 32.96 -16.61
N ALA I 395 12.51 33.95 -16.00
CA ALA I 395 13.77 34.48 -16.52
C ALA I 395 14.86 33.42 -16.60
N GLU I 396 14.89 32.49 -15.66
CA GLU I 396 15.89 31.42 -15.70
C GLU I 396 15.73 30.61 -16.97
N ILE I 397 14.49 30.50 -17.43
CA ILE I 397 14.15 29.79 -18.65
C ILE I 397 14.54 30.59 -19.88
N ALA I 398 14.28 31.91 -19.84
CA ALA I 398 14.61 32.78 -20.97
C ALA I 398 16.11 32.96 -21.16
N ASN I 399 16.89 32.87 -20.07
CA ASN I 399 18.34 33.02 -20.14
C ASN I 399 19.08 31.69 -20.08
N LEU I 400 18.40 30.62 -20.46
CA LEU I 400 19.00 29.30 -20.47
C LEU I 400 19.96 29.22 -21.65
N PRO I 401 21.19 28.74 -21.41
CA PRO I 401 22.15 28.63 -22.50
C PRO I 401 21.74 27.46 -23.38
N ASP I 402 22.06 27.53 -24.66
CA ASP I 402 21.69 26.45 -25.55
C ASP I 402 22.25 25.11 -25.10
N LEU I 403 21.57 24.05 -25.50
CA LEU I 403 21.96 22.70 -25.15
C LEU I 403 21.88 22.43 -23.65
N THR I 404 21.03 23.20 -22.96
CA THR I 404 20.83 22.98 -21.53
C THR I 404 19.33 22.78 -21.39
N ALA I 405 18.89 21.95 -20.46
CA ALA I 405 17.47 21.68 -20.31
C ALA I 405 17.02 21.24 -18.91
N TYR I 406 15.75 21.49 -18.60
CA TYR I 406 15.19 21.05 -17.35
C TYR I 406 14.41 19.81 -17.73
N VAL I 407 14.68 18.71 -17.06
CA VAL I 407 13.99 17.47 -17.35
C VAL I 407 13.09 17.09 -16.19
N GLY I 408 11.78 17.13 -16.45
CA GLY I 408 10.82 16.78 -15.42
C GLY I 408 10.04 15.56 -15.84
N PHE I 409 10.45 14.39 -15.36
CA PHE I 409 9.78 13.15 -15.71
C PHE I 409 8.46 12.97 -14.94
N ALA I 410 7.53 12.22 -15.52
CA ALA I 410 6.24 11.98 -14.90
C ALA I 410 6.36 11.38 -13.51
N GLY I 411 5.31 11.48 -12.72
CA GLY I 411 5.30 10.93 -11.37
C GLY I 411 6.05 11.72 -10.31
N ASN I 412 6.36 11.04 -9.21
CA ASN I 412 7.06 11.66 -8.10
C ASN I 412 8.57 11.64 -8.31
N ARG I 413 9.05 12.58 -9.10
CA ARG I 413 10.46 12.69 -9.40
C ARG I 413 10.85 14.15 -9.39
N PRO I 414 12.10 14.45 -8.98
CA PRO I 414 12.57 15.83 -8.94
C PRO I 414 12.96 16.20 -10.35
N ILE I 415 13.04 17.51 -10.64
CA ILE I 415 13.44 17.92 -11.97
C ILE I 415 14.93 18.23 -11.83
N ALA I 416 15.60 18.49 -12.95
CA ALA I 416 17.02 18.78 -12.89
C ALA I 416 17.42 19.54 -14.13
N LYS I 417 18.41 20.42 -13.97
CA LYS I 417 18.93 21.18 -15.10
C LYS I 417 20.04 20.31 -15.65
N VAL I 418 19.91 19.88 -16.90
CA VAL I 418 20.89 19.00 -17.54
C VAL I 418 21.41 19.52 -18.89
N PRO I 419 22.71 19.30 -19.16
CA PRO I 419 23.32 19.74 -20.41
C PRO I 419 23.21 18.66 -21.49
N LEU I 420 22.98 19.07 -22.72
CA LEU I 420 22.87 18.15 -23.82
C LEU I 420 24.19 18.00 -24.55
N GLU I 421 24.59 16.75 -24.78
CA GLU I 421 25.83 16.46 -25.50
C GLU I 421 25.54 16.35 -26.99
N ILE I 422 26.25 17.16 -27.79
CA ILE I 422 26.07 17.16 -29.23
C ILE I 422 26.74 15.97 -29.89
N LYS I 423 26.13 14.79 -29.79
CA LYS I 423 26.71 13.60 -30.40
C LYS I 423 26.73 13.75 -31.92
N GLN I 424 27.75 13.18 -32.54
CA GLN I 424 27.90 13.26 -33.98
C GLN I 424 27.35 11.99 -34.61
N PHE I 425 26.50 12.16 -35.62
CA PHE I 425 25.93 11.02 -36.31
C PHE I 425 26.33 11.04 -37.78
N ALA I 426 26.76 9.89 -38.28
CA ALA I 426 27.17 9.76 -39.67
C ALA I 426 25.92 9.70 -40.54
N ASN I 427 26.04 10.21 -41.75
CA ASN I 427 24.97 10.24 -42.74
C ASN I 427 24.93 8.86 -43.40
N ARG I 428 24.02 7.98 -42.99
CA ARG I 428 23.97 6.63 -43.57
C ARG I 428 22.91 6.48 -44.67
N GLN I 429 22.29 7.60 -45.04
CA GLN I 429 21.24 7.55 -46.05
C GLN I 429 20.98 8.93 -46.69
N PRO I 430 20.72 8.98 -48.00
CA PRO I 430 20.47 10.32 -48.56
C PRO I 430 19.09 10.78 -48.05
N ALA I 431 19.06 11.97 -47.46
CA ALA I 431 17.82 12.51 -46.91
C ALA I 431 16.69 12.60 -47.91
N PHE I 432 16.96 13.14 -49.09
CA PHE I 432 15.94 13.32 -50.12
C PHE I 432 16.40 12.76 -51.47
N VAL I 433 15.58 11.90 -52.07
CA VAL I 433 15.89 11.30 -53.37
C VAL I 433 14.88 11.61 -54.46
N GLU I 434 15.36 12.35 -55.47
CA GLU I 434 14.60 12.77 -56.65
C GLU I 434 14.18 14.23 -56.57
N SER J 3 25.99 45.07 -0.50
CA SER J 3 27.35 44.97 -1.13
C SER J 3 27.38 45.54 -2.55
N VAL J 4 27.75 44.72 -3.53
CA VAL J 4 27.83 45.16 -4.93
C VAL J 4 26.47 45.62 -5.45
N GLY J 5 26.05 45.12 -6.61
CA GLY J 5 24.78 45.54 -7.17
C GLY J 5 24.96 46.91 -7.81
N GLN J 6 26.19 47.42 -7.73
CA GLN J 6 26.56 48.72 -8.29
C GLN J 6 26.90 48.44 -9.75
N GLY J 7 26.22 47.45 -10.32
CA GLY J 7 26.50 47.07 -11.68
C GLY J 7 25.47 47.33 -12.76
N GLU J 8 25.14 48.60 -13.02
CA GLU J 8 24.21 48.93 -14.10
C GLU J 8 22.72 48.70 -13.88
N PHE J 9 22.38 48.16 -12.70
CA PHE J 9 21.00 47.93 -12.33
C PHE J 9 20.44 49.27 -11.88
N GLY J 10 19.27 49.64 -12.41
CA GLY J 10 18.67 50.91 -12.07
C GLY J 10 18.10 51.00 -10.67
N GLY J 11 17.82 49.85 -10.05
CA GLY J 11 17.25 49.86 -8.71
C GLY J 11 18.29 49.94 -7.60
N ALA J 12 17.90 49.58 -6.39
CA ALA J 12 18.82 49.63 -5.25
C ALA J 12 19.92 48.60 -5.40
N PRO J 13 21.17 48.97 -5.09
CA PRO J 13 22.28 48.02 -5.20
C PRO J 13 22.03 46.82 -4.28
N PHE J 14 22.61 45.68 -4.60
CA PHE J 14 22.39 44.47 -3.80
C PHE J 14 23.71 43.78 -3.46
N LYS J 15 23.65 42.85 -2.53
CA LYS J 15 24.86 42.12 -2.13
C LYS J 15 25.15 40.90 -3.02
N ARG J 16 24.11 40.10 -3.28
CA ARG J 16 24.24 38.87 -4.06
C ARG J 16 23.16 38.69 -5.14
N PHE J 17 23.58 38.36 -6.37
CA PHE J 17 22.63 38.11 -7.43
C PHE J 17 22.36 36.60 -7.38
N LEU J 18 21.09 36.22 -7.20
CA LEU J 18 20.70 34.80 -7.10
C LEU J 18 20.40 34.11 -8.43
N ARG J 19 19.42 34.64 -9.17
CA ARG J 19 19.00 34.06 -10.45
C ARG J 19 18.22 35.05 -11.30
N GLY J 20 17.95 34.69 -12.54
CA GLY J 20 17.20 35.56 -13.42
C GLY J 20 18.02 36.28 -14.47
N THR J 21 17.54 37.44 -14.89
CA THR J 21 18.21 38.23 -15.91
C THR J 21 19.33 39.09 -15.30
N ARG J 22 20.51 38.97 -15.86
CA ARG J 22 21.65 39.74 -15.39
C ARG J 22 21.76 40.97 -16.26
N ILE J 23 22.06 42.11 -15.67
CA ILE J 23 22.26 43.32 -16.47
C ILE J 23 23.69 43.80 -16.24
N VAL J 24 24.36 44.18 -17.32
CA VAL J 24 25.73 44.65 -17.22
C VAL J 24 25.87 45.98 -17.94
N SER J 25 27.07 46.55 -17.87
CA SER J 25 27.33 47.83 -18.51
C SER J 25 27.42 47.59 -20.00
N GLY J 26 27.15 48.62 -20.79
CA GLY J 26 27.24 48.45 -22.23
C GLY J 26 28.65 47.96 -22.55
N GLY J 27 29.63 48.51 -21.84
CA GLY J 27 31.01 48.13 -22.05
C GLY J 27 31.30 46.67 -21.76
N LYS J 28 30.84 46.18 -20.61
CA LYS J 28 31.09 44.78 -20.25
C LYS J 28 30.37 43.81 -21.18
N LEU J 29 29.28 44.25 -21.80
CA LEU J 29 28.55 43.39 -22.73
C LEU J 29 29.33 43.35 -24.05
N LYS J 30 29.74 44.52 -24.55
CA LYS J 30 30.48 44.58 -25.80
C LYS J 30 31.71 43.68 -25.74
N ARG J 31 32.21 43.46 -24.52
CA ARG J 31 33.39 42.63 -24.36
C ARG J 31 32.99 41.16 -24.31
N MET J 32 31.81 40.90 -23.76
CA MET J 32 31.29 39.54 -23.63
C MET J 32 30.86 38.94 -24.98
N THR J 33 30.25 39.77 -25.82
CA THR J 33 29.76 39.29 -27.11
C THR J 33 30.78 39.46 -28.22
N ARG J 34 31.94 40.05 -27.89
CA ARG J 34 32.99 40.25 -28.88
C ARG J 34 33.45 38.85 -29.30
N GLU J 35 33.58 38.63 -30.61
CA GLU J 35 33.96 37.32 -31.14
C GLU J 35 35.07 37.43 -32.20
N LYS J 36 35.77 36.32 -32.45
CA LYS J 36 36.85 36.35 -33.44
C LYS J 36 36.33 36.67 -34.82
N ALA J 37 35.35 35.90 -35.26
CA ALA J 37 34.76 36.09 -36.58
C ALA J 37 34.24 37.52 -36.76
N LYS J 38 34.16 37.93 -38.02
CA LYS J 38 33.67 39.26 -38.35
C LYS J 38 32.22 39.33 -37.89
N GLN J 39 31.91 40.36 -37.09
CA GLN J 39 30.57 40.53 -36.55
C GLN J 39 29.88 41.80 -37.02
N VAL J 40 28.56 41.81 -36.87
CA VAL J 40 27.74 42.96 -37.23
C VAL J 40 27.43 43.62 -35.88
N THR J 41 27.07 44.90 -35.86
CA THR J 41 26.80 45.53 -34.56
C THR J 41 25.37 46.02 -34.39
N VAL J 42 24.90 45.94 -33.14
CA VAL J 42 23.56 46.38 -32.77
C VAL J 42 23.73 47.40 -31.66
N ALA J 43 23.44 48.66 -31.98
CA ALA J 43 23.59 49.73 -31.01
C ALA J 43 25.04 49.75 -30.48
N GLY J 44 25.97 49.41 -31.36
CA GLY J 44 27.37 49.40 -30.99
C GLY J 44 27.86 48.11 -30.40
N VAL J 45 26.94 47.26 -29.91
CA VAL J 45 27.33 45.97 -29.32
C VAL J 45 27.45 44.92 -30.42
N PRO J 46 28.62 44.26 -30.52
CA PRO J 46 28.78 43.25 -31.57
C PRO J 46 27.84 42.07 -31.33
N MET J 47 27.08 41.69 -32.35
CA MET J 47 26.12 40.59 -32.23
C MET J 47 26.72 39.20 -32.35
N PRO J 48 26.48 38.34 -31.34
CA PRO J 48 27.04 36.99 -31.40
C PRO J 48 26.65 36.35 -32.73
N ARG J 49 27.60 35.63 -33.32
CA ARG J 49 27.34 34.98 -34.59
C ARG J 49 26.15 34.02 -34.54
N ASP J 50 26.03 33.26 -33.46
CA ASP J 50 24.96 32.29 -33.31
C ASP J 50 23.58 32.91 -33.11
N ALA J 51 23.55 34.18 -32.74
CA ALA J 51 22.28 34.87 -32.52
C ALA J 51 21.71 35.43 -33.81
N GLU J 52 22.57 35.63 -34.80
CA GLU J 52 22.16 36.19 -36.09
C GLU J 52 20.99 35.50 -36.80
N PRO J 53 21.07 34.17 -36.96
CA PRO J 53 20.01 33.38 -37.61
C PRO J 53 18.80 33.12 -36.73
N ARG J 54 18.80 33.70 -35.53
CA ARG J 54 17.68 33.53 -34.62
C ARG J 54 16.90 34.83 -34.53
N HIS J 55 17.23 35.75 -35.43
CA HIS J 55 16.56 37.02 -35.59
C HIS J 55 16.57 38.05 -34.49
N LEU J 56 16.32 39.29 -34.91
CA LEU J 56 16.32 40.43 -34.03
C LEU J 56 15.05 41.24 -34.13
N LEU J 57 14.48 41.54 -32.97
CA LEU J 57 13.27 42.32 -32.92
C LEU J 57 13.62 43.63 -32.25
N VAL J 58 13.40 44.72 -32.95
CA VAL J 58 13.69 46.03 -32.40
C VAL J 58 12.37 46.74 -32.10
N ASN J 59 12.16 47.04 -30.82
CA ASN J 59 10.94 47.70 -30.40
C ASN J 59 11.25 49.08 -29.88
N GLY J 60 10.41 50.04 -30.26
CA GLY J 60 10.62 51.41 -29.81
C GLY J 60 9.68 52.42 -30.47
N ALA J 61 9.50 53.56 -29.80
CA ALA J 61 8.64 54.62 -30.31
C ALA J 61 9.30 55.27 -31.51
N THR J 62 8.62 56.23 -32.12
CA THR J 62 9.14 56.92 -33.31
C THR J 62 10.20 57.96 -32.98
N GLY J 63 11.32 57.87 -33.68
CA GLY J 63 12.41 58.81 -33.47
C GLY J 63 13.27 58.44 -32.30
N THR J 64 13.16 57.21 -31.82
CA THR J 64 13.95 56.76 -30.69
C THR J 64 15.33 56.26 -31.13
N GLY J 65 15.54 56.18 -32.44
CA GLY J 65 16.82 55.73 -32.95
C GLY J 65 16.76 54.41 -33.70
N LYS J 66 15.57 53.98 -34.08
CA LYS J 66 15.46 52.72 -34.81
C LYS J 66 16.24 52.84 -36.13
N SER J 67 16.10 53.99 -36.78
CA SER J 67 16.78 54.22 -38.04
C SER J 67 18.29 54.12 -37.84
N VAL J 68 18.81 54.81 -36.83
CA VAL J 68 20.24 54.75 -36.56
C VAL J 68 20.66 53.31 -36.33
N LEU J 69 19.86 52.57 -35.56
CA LEU J 69 20.16 51.19 -35.24
C LEU J 69 20.20 50.32 -36.48
N LEU J 70 19.12 50.38 -37.27
CA LEU J 70 19.03 49.56 -38.47
C LEU J 70 20.07 49.95 -39.49
N ARG J 71 20.42 51.23 -39.53
CA ARG J 71 21.41 51.73 -40.48
C ARG J 71 22.79 51.17 -40.12
N GLU J 72 23.13 51.23 -38.83
CA GLU J 72 24.41 50.71 -38.34
C GLU J 72 24.53 49.19 -38.57
N LEU J 73 23.41 48.49 -38.37
CA LEU J 73 23.33 47.04 -38.53
C LEU J 73 23.51 46.64 -39.99
N ALA J 74 22.90 47.42 -40.89
CA ALA J 74 23.00 47.15 -42.32
C ALA J 74 24.40 47.49 -42.82
N TYR J 75 24.95 48.60 -42.33
CA TYR J 75 26.29 49.03 -42.70
C TYR J 75 27.32 47.95 -42.33
N THR J 76 27.39 47.63 -41.05
CA THR J 76 28.34 46.62 -40.59
C THR J 76 28.14 45.28 -41.26
N GLY J 77 26.91 44.99 -41.71
CA GLY J 77 26.66 43.72 -42.35
C GLY J 77 27.16 43.74 -43.78
N LEU J 78 27.05 44.91 -44.41
CA LEU J 78 27.50 45.10 -45.78
C LEU J 78 29.01 45.00 -45.82
N LEU J 79 29.66 45.62 -44.83
CA LEU J 79 31.13 45.60 -44.71
C LEU J 79 31.61 44.15 -44.76
N ARG J 80 30.89 43.29 -44.05
CA ARG J 80 31.24 41.88 -44.00
C ARG J 80 30.93 41.19 -45.34
N GLY J 81 30.33 41.94 -46.25
CA GLY J 81 29.97 41.42 -47.56
C GLY J 81 28.67 40.64 -47.59
N ASP J 82 27.79 40.89 -46.62
CA ASP J 82 26.51 40.18 -46.57
C ASP J 82 25.49 40.70 -47.58
N ARG J 83 24.57 39.81 -47.99
CA ARG J 83 23.50 40.17 -48.93
C ARG J 83 22.25 40.50 -48.11
N MET J 84 21.40 41.39 -48.62
CA MET J 84 20.20 41.75 -47.86
C MET J 84 19.03 42.22 -48.71
N VAL J 85 17.84 42.09 -48.13
CA VAL J 85 16.60 42.53 -48.75
C VAL J 85 16.08 43.54 -47.75
N ILE J 86 15.98 44.79 -48.16
CA ILE J 86 15.53 45.81 -47.24
C ILE J 86 14.18 46.41 -47.58
N VAL J 87 13.21 46.23 -46.70
CA VAL J 87 11.89 46.84 -46.90
C VAL J 87 12.22 48.28 -46.57
N ASP J 88 12.43 49.10 -47.59
CA ASP J 88 12.84 50.48 -47.39
C ASP J 88 11.90 51.65 -47.70
N PRO J 89 11.23 52.21 -46.67
CA PRO J 89 10.31 53.33 -46.86
C PRO J 89 11.04 54.61 -47.29
N ASN J 90 10.60 55.20 -48.40
CA ASN J 90 11.18 56.42 -48.93
C ASN J 90 12.60 56.26 -49.48
N GLY J 91 13.05 55.03 -49.69
CA GLY J 91 14.39 54.81 -50.21
C GLY J 91 15.54 55.42 -49.44
N ASP J 92 15.42 55.50 -48.12
CA ASP J 92 16.48 56.06 -47.26
C ASP J 92 17.69 55.15 -47.23
N MET J 93 17.44 53.84 -47.15
CA MET J 93 18.52 52.85 -47.12
C MET J 93 19.17 52.69 -48.48
N LEU J 94 18.39 53.00 -49.52
CA LEU J 94 18.88 52.91 -50.89
C LEU J 94 19.88 54.05 -51.10
N SER J 95 19.44 55.27 -50.78
CA SER J 95 20.25 56.46 -50.93
C SER J 95 21.55 56.47 -50.13
N LYS J 96 21.67 55.61 -49.13
CA LYS J 96 22.89 55.56 -48.32
C LYS J 96 23.77 54.34 -48.60
N PHE J 97 23.14 53.23 -48.95
CA PHE J 97 23.87 51.98 -49.21
C PHE J 97 23.65 51.40 -50.62
N GLY J 98 22.84 52.08 -51.44
CA GLY J 98 22.60 51.56 -52.78
C GLY J 98 23.85 51.53 -53.65
N ARG J 99 24.06 50.41 -54.35
CA ARG J 99 25.21 50.26 -55.24
C ARG J 99 24.65 50.15 -56.66
N ASP J 100 25.53 50.02 -57.65
CA ASP J 100 25.08 49.91 -59.02
C ASP J 100 24.53 48.53 -59.37
N LYS J 101 25.15 47.49 -58.81
CA LYS J 101 24.72 46.12 -59.06
C LYS J 101 23.47 45.75 -58.26
N ASP J 102 23.03 46.64 -57.38
CA ASP J 102 21.85 46.39 -56.54
C ASP J 102 20.50 46.57 -57.22
N ILE J 103 19.52 45.79 -56.76
CA ILE J 103 18.16 45.77 -57.29
C ILE J 103 17.20 46.70 -56.55
N ILE J 104 16.18 47.17 -57.24
CA ILE J 104 15.17 48.05 -56.66
C ILE J 104 13.78 47.63 -57.09
N LEU J 105 12.88 47.45 -56.13
CA LEU J 105 11.49 47.07 -56.42
C LEU J 105 10.56 48.19 -55.94
N ASN J 106 9.97 48.91 -56.90
CA ASN J 106 9.06 50.03 -56.62
C ASN J 106 8.30 50.28 -57.94
N PRO J 107 6.99 49.97 -57.97
CA PRO J 107 6.26 50.19 -59.23
C PRO J 107 6.39 51.60 -59.82
N TYR J 108 6.76 52.57 -59.00
CA TYR J 108 6.88 53.94 -59.48
C TYR J 108 8.27 54.58 -59.56
N ASP J 109 9.32 53.75 -59.57
CA ASP J 109 10.68 54.27 -59.69
C ASP J 109 11.21 53.79 -61.03
N GLN J 110 11.77 54.71 -61.80
CA GLN J 110 12.26 54.35 -63.12
C GLN J 110 13.36 53.27 -63.08
N ARG J 111 13.94 53.07 -61.90
CA ARG J 111 15.02 52.09 -61.72
C ARG J 111 14.56 50.67 -61.44
N THR J 112 13.28 50.53 -61.10
CA THR J 112 12.71 49.23 -60.77
C THR J 112 12.91 48.13 -61.79
N LYS J 113 12.96 46.91 -61.29
CA LYS J 113 13.10 45.73 -62.12
C LYS J 113 11.68 45.41 -62.58
N GLY J 114 11.57 44.61 -63.64
CA GLY J 114 10.26 44.25 -64.14
C GLY J 114 9.90 42.97 -63.43
N TRP J 115 8.71 42.92 -62.84
CA TRP J 115 8.30 41.74 -62.09
C TRP J 115 6.81 41.39 -62.13
N SER J 116 6.53 40.11 -61.93
CA SER J 116 5.18 39.57 -61.88
C SER J 116 5.36 38.26 -61.13
N PHE J 117 4.38 37.86 -60.33
CA PHE J 117 4.52 36.64 -59.56
C PHE J 117 4.71 35.41 -60.47
N PHE J 118 4.51 35.58 -61.77
CA PHE J 118 4.67 34.48 -62.71
C PHE J 118 6.14 34.05 -62.82
N ASN J 119 7.05 35.03 -62.69
CA ASN J 119 8.50 34.80 -62.78
C ASN J 119 9.07 33.92 -61.65
N GLU J 120 8.28 33.67 -60.62
CA GLU J 120 8.73 32.87 -59.47
C GLU J 120 8.24 31.43 -59.54
N ILE J 121 7.40 31.13 -60.53
CA ILE J 121 6.81 29.80 -60.74
C ILE J 121 7.78 28.83 -61.44
N ARG J 122 8.08 27.72 -60.78
CA ARG J 122 8.99 26.71 -61.34
C ARG J 122 8.32 25.33 -61.33
N ASN J 123 7.70 24.97 -60.22
CA ASN J 123 7.05 23.68 -60.09
C ASN J 123 5.54 23.90 -60.07
N ASP J 124 4.79 22.82 -59.90
CA ASP J 124 3.33 22.90 -59.86
C ASP J 124 2.88 23.46 -58.52
N TYR J 125 3.52 23.00 -57.46
CA TYR J 125 3.19 23.43 -56.10
C TYR J 125 3.49 24.90 -55.82
N ASP J 126 4.13 25.59 -56.78
CA ASP J 126 4.47 27.01 -56.63
C ASP J 126 3.29 27.93 -56.92
N TRP J 127 2.23 27.42 -57.53
CA TRP J 127 1.07 28.27 -57.82
C TRP J 127 0.35 28.60 -56.50
N GLN J 128 0.07 27.59 -55.69
CA GLN J 128 -0.58 27.83 -54.42
C GLN J 128 0.37 28.63 -53.55
N ARG J 129 1.62 28.14 -53.51
CA ARG J 129 2.70 28.72 -52.72
C ARG J 129 2.86 30.23 -52.87
N TYR J 130 2.75 30.74 -54.09
CA TYR J 130 2.89 32.18 -54.32
C TYR J 130 1.56 32.94 -54.38
N ALA J 131 0.45 32.18 -54.34
CA ALA J 131 -0.87 32.82 -54.33
C ALA J 131 -1.03 33.28 -52.88
N LEU J 132 -0.41 32.52 -51.97
CA LEU J 132 -0.41 32.82 -50.56
C LEU J 132 0.37 34.10 -50.33
N SER J 133 1.30 34.38 -51.25
CA SER J 133 2.11 35.59 -51.15
C SER J 133 1.35 36.76 -51.73
N VAL J 134 0.62 36.51 -52.81
CA VAL J 134 -0.13 37.58 -53.47
C VAL J 134 -1.38 37.91 -52.66
N VAL J 135 -1.99 36.89 -52.07
CA VAL J 135 -3.18 37.10 -51.26
C VAL J 135 -2.84 36.67 -49.84
N PRO J 136 -2.36 37.64 -49.04
CA PRO J 136 -1.98 37.41 -47.65
C PRO J 136 -3.17 36.95 -46.78
N ARG J 137 -2.86 36.36 -45.63
CA ARG J 137 -3.88 35.87 -44.72
C ARG J 137 -4.90 36.93 -44.26
N GLY J 138 -6.15 36.50 -44.10
CA GLY J 138 -7.20 37.40 -43.66
C GLY J 138 -7.09 37.73 -42.17
N LYS J 139 -7.53 38.94 -41.81
CA LYS J 139 -7.49 39.40 -40.41
C LYS J 139 -8.34 38.50 -39.54
N THR J 140 -9.54 38.18 -40.02
CA THR J 140 -10.47 37.31 -39.29
C THR J 140 -10.61 35.98 -40.02
N ASP J 141 -11.22 35.01 -39.34
CA ASP J 141 -11.43 33.69 -39.94
C ASP J 141 -12.29 33.76 -41.21
N GLU J 142 -13.27 34.66 -41.21
CA GLU J 142 -14.14 34.83 -42.35
C GLU J 142 -13.43 35.48 -43.54
N ALA J 143 -12.60 36.48 -43.27
CA ALA J 143 -11.85 37.15 -44.33
C ALA J 143 -10.86 36.19 -44.97
N GLU J 144 -10.38 35.23 -44.19
CA GLU J 144 -9.42 34.24 -44.67
C GLU J 144 -10.14 33.20 -45.52
N GLU J 145 -11.44 33.05 -45.27
CA GLU J 145 -12.26 32.13 -46.04
C GLU J 145 -12.34 32.74 -47.45
N TRP J 146 -12.63 34.05 -47.50
CA TRP J 146 -12.73 34.74 -48.77
C TRP J 146 -11.37 34.79 -49.45
N ALA J 147 -10.32 34.93 -48.65
CA ALA J 147 -8.96 34.97 -49.18
C ALA J 147 -8.67 33.62 -49.84
N SER J 148 -9.18 32.55 -49.24
CA SER J 148 -8.99 31.20 -49.78
C SER J 148 -9.62 31.11 -51.15
N TYR J 149 -10.78 31.74 -51.30
CA TYR J 149 -11.48 31.74 -52.57
C TYR J 149 -10.67 32.56 -53.58
N GLY J 150 -10.18 33.70 -53.13
CA GLY J 150 -9.38 34.55 -53.99
C GLY J 150 -8.19 33.79 -54.55
N ARG J 151 -7.53 32.97 -53.73
CA ARG J 151 -6.36 32.20 -54.16
C ARG J 151 -6.73 31.07 -55.11
N LEU J 152 -7.87 30.43 -54.86
CA LEU J 152 -8.30 29.35 -55.73
C LEU J 152 -8.49 29.94 -57.12
N LEU J 153 -9.24 31.03 -57.17
CA LEU J 153 -9.50 31.73 -58.41
C LEU J 153 -8.18 32.19 -59.04
N LEU J 154 -7.40 32.96 -58.30
CA LEU J 154 -6.13 33.47 -58.81
C LEU J 154 -5.23 32.38 -59.39
N ARG J 155 -4.95 31.33 -58.63
CA ARG J 155 -4.06 30.28 -59.10
C ARG J 155 -4.57 29.50 -60.32
N GLU J 156 -5.87 29.23 -60.37
CA GLU J 156 -6.40 28.49 -61.51
C GLU J 156 -6.46 29.33 -62.78
N THR J 157 -6.82 30.61 -62.61
CA THR J 157 -6.88 31.51 -63.75
C THR J 157 -5.46 31.71 -64.29
N ALA J 158 -4.53 32.01 -63.39
CA ALA J 158 -3.14 32.23 -63.77
C ALA J 158 -2.53 30.99 -64.39
N LYS J 159 -2.81 29.82 -63.80
CA LYS J 159 -2.30 28.57 -64.32
C LYS J 159 -2.70 28.43 -65.79
N LYS J 160 -3.97 28.72 -66.07
CA LYS J 160 -4.53 28.64 -67.42
C LYS J 160 -3.89 29.64 -68.35
N LEU J 161 -3.91 30.92 -67.96
CA LEU J 161 -3.33 31.98 -68.77
C LEU J 161 -1.90 31.60 -69.15
N ALA J 162 -1.21 30.93 -68.22
CA ALA J 162 0.16 30.50 -68.44
C ALA J 162 0.20 29.42 -69.53
N LEU J 163 -0.80 28.54 -69.55
CA LEU J 163 -0.85 27.49 -70.57
C LEU J 163 -1.21 28.03 -71.96
N ILE J 164 -2.18 28.94 -72.02
CA ILE J 164 -2.55 29.51 -73.31
C ILE J 164 -1.46 30.47 -73.81
N GLY J 165 -0.35 30.52 -73.09
CA GLY J 165 0.77 31.38 -73.47
C GLY J 165 0.60 32.87 -73.22
N THR J 166 -0.38 33.27 -72.42
CA THR J 166 -0.62 34.69 -72.13
C THR J 166 -0.47 35.00 -70.62
N PRO J 167 0.70 34.70 -70.03
CA PRO J 167 0.90 34.97 -68.60
C PRO J 167 1.04 36.45 -68.28
N SER J 168 -0.04 37.19 -68.52
CA SER J 168 -0.11 38.62 -68.31
C SER J 168 -0.96 38.96 -67.10
N MET J 169 -0.51 39.94 -66.30
CA MET J 169 -1.26 40.36 -65.13
C MET J 169 -2.48 41.18 -65.52
N ARG J 170 -2.38 41.89 -66.64
CA ARG J 170 -3.50 42.68 -67.12
C ARG J 170 -4.64 41.73 -67.48
N GLU J 171 -4.29 40.61 -68.10
CA GLU J 171 -5.27 39.60 -68.49
C GLU J 171 -5.81 38.91 -67.24
N LEU J 172 -4.90 38.52 -66.35
CA LEU J 172 -5.29 37.87 -65.12
C LEU J 172 -6.29 38.76 -64.38
N PHE J 173 -5.93 40.03 -64.24
CA PHE J 173 -6.77 41.02 -63.56
C PHE J 173 -8.08 41.27 -64.29
N HIS J 174 -8.05 41.20 -65.61
CA HIS J 174 -9.27 41.43 -66.37
C HIS J 174 -10.23 40.29 -66.10
N TRP J 175 -9.71 39.08 -66.18
CA TRP J 175 -10.51 37.90 -65.97
C TRP J 175 -11.16 37.83 -64.59
N THR J 176 -10.33 37.80 -63.55
CA THR J 176 -10.82 37.71 -62.18
C THR J 176 -11.59 38.93 -61.68
N THR J 177 -11.47 40.07 -62.36
CA THR J 177 -12.13 41.29 -61.90
C THR J 177 -13.06 42.00 -62.87
N ILE J 178 -12.64 42.04 -64.14
CA ILE J 178 -13.42 42.74 -65.14
C ILE J 178 -14.35 41.88 -66.00
N ALA J 179 -13.91 40.68 -66.39
CA ALA J 179 -14.76 39.81 -67.22
C ALA J 179 -16.10 39.61 -66.51
N THR J 180 -17.14 39.27 -67.25
CA THR J 180 -18.44 39.06 -66.62
C THR J 180 -18.42 37.73 -65.89
N PHE J 181 -19.39 37.53 -65.01
CA PHE J 181 -19.48 36.28 -64.25
C PHE J 181 -19.53 35.09 -65.21
N ASP J 182 -20.47 35.14 -66.16
CA ASP J 182 -20.62 34.06 -67.14
C ASP J 182 -19.33 33.78 -67.92
N ASP J 183 -18.71 34.83 -68.45
CA ASP J 183 -17.47 34.67 -69.22
C ASP J 183 -16.37 34.04 -68.37
N LEU J 184 -16.29 34.48 -67.11
CA LEU J 184 -15.29 33.98 -66.17
C LEU J 184 -15.54 32.47 -65.96
N ARG J 185 -16.77 32.12 -65.61
CA ARG J 185 -17.12 30.72 -65.41
C ARG J 185 -16.64 29.94 -66.64
N GLY J 186 -16.94 30.48 -67.82
CA GLY J 186 -16.54 29.84 -69.07
C GLY J 186 -15.03 29.70 -69.20
N PHE J 187 -14.31 30.74 -68.81
CA PHE J 187 -12.84 30.73 -68.88
C PHE J 187 -12.28 29.66 -67.93
N LEU J 188 -12.96 29.47 -66.80
CA LEU J 188 -12.51 28.49 -65.81
C LEU J 188 -12.78 27.05 -66.20
N GLU J 189 -13.52 26.87 -67.29
CA GLU J 189 -13.81 25.53 -67.75
C GLU J 189 -12.50 24.85 -68.09
N GLY J 190 -12.32 23.64 -67.58
CA GLY J 190 -11.09 22.90 -67.84
C GLY J 190 -10.09 23.03 -66.71
N THR J 191 -10.36 23.94 -65.78
CA THR J 191 -9.49 24.18 -64.63
C THR J 191 -10.08 23.49 -63.41
N LEU J 192 -9.31 23.37 -62.33
CA LEU J 192 -9.78 22.72 -61.11
C LEU J 192 -10.94 23.51 -60.47
N ALA J 193 -11.01 24.80 -60.80
CA ALA J 193 -12.03 25.68 -60.27
C ALA J 193 -13.28 25.76 -61.12
N GLU J 194 -13.37 24.89 -62.14
CA GLU J 194 -14.53 24.89 -63.04
C GLU J 194 -15.86 24.63 -62.34
N SER J 195 -15.90 23.65 -61.45
CA SER J 195 -17.13 23.32 -60.75
C SER J 195 -17.24 23.88 -59.34
N LEU J 196 -16.11 24.12 -58.71
CA LEU J 196 -16.12 24.64 -57.35
C LEU J 196 -16.81 26.00 -57.26
N PHE J 197 -16.71 26.80 -58.33
CA PHE J 197 -17.34 28.12 -58.33
C PHE J 197 -18.68 28.16 -59.05
N ALA J 198 -19.33 27.01 -59.24
CA ALA J 198 -20.62 26.98 -59.93
C ALA J 198 -21.52 25.85 -59.42
N GLY J 199 -22.82 25.96 -59.67
CA GLY J 199 -23.74 24.93 -59.24
C GLY J 199 -24.64 25.21 -58.05
N SER J 200 -24.42 26.34 -57.38
CA SER J 200 -25.25 26.71 -56.23
C SER J 200 -25.03 28.16 -55.88
N ASN J 201 -25.94 28.73 -55.09
CA ASN J 201 -25.83 30.11 -54.70
C ASN J 201 -24.57 30.31 -53.87
N GLU J 202 -24.25 29.30 -53.07
CA GLU J 202 -23.06 29.36 -52.22
C GLU J 202 -21.78 29.46 -53.06
N ALA J 203 -21.73 28.68 -54.14
CA ALA J 203 -20.58 28.69 -55.04
C ALA J 203 -20.45 30.06 -55.72
N SER J 204 -21.59 30.69 -55.99
CA SER J 204 -21.60 31.99 -56.65
C SER J 204 -21.14 33.07 -55.65
N LYS J 205 -21.56 32.92 -54.40
CA LYS J 205 -21.18 33.85 -53.34
C LYS J 205 -19.65 33.74 -53.20
N ALA J 206 -19.17 32.50 -53.15
CA ALA J 206 -17.74 32.21 -53.05
C ALA J 206 -16.97 32.90 -54.17
N LEU J 207 -17.45 32.76 -55.40
CA LEU J 207 -16.78 33.39 -56.54
C LEU J 207 -16.81 34.90 -56.40
N THR J 208 -17.94 35.43 -55.93
CA THR J 208 -18.06 36.86 -55.75
C THR J 208 -17.01 37.35 -54.78
N SER J 209 -16.87 36.62 -53.67
CA SER J 209 -15.88 36.96 -52.64
C SER J 209 -14.48 36.97 -53.24
N ALA J 210 -14.18 35.95 -54.04
CA ALA J 210 -12.88 35.82 -54.69
C ALA J 210 -12.59 37.00 -55.61
N ARG J 211 -13.63 37.51 -56.26
CA ARG J 211 -13.47 38.65 -57.17
C ARG J 211 -13.12 39.92 -56.39
N PHE J 212 -13.79 40.10 -55.25
CA PHE J 212 -13.54 41.26 -54.39
C PHE J 212 -12.14 41.21 -53.79
N VAL J 213 -11.69 40.02 -53.41
CA VAL J 213 -10.36 39.89 -52.84
C VAL J 213 -9.34 40.31 -53.89
N LEU J 214 -9.37 39.65 -55.03
CA LEU J 214 -8.46 39.93 -56.13
C LEU J 214 -8.47 41.37 -56.61
N SER J 215 -9.64 41.99 -56.61
CA SER J 215 -9.73 43.37 -57.06
C SER J 215 -9.00 44.26 -56.08
N ASP J 216 -8.80 43.77 -54.86
CA ASP J 216 -8.11 44.53 -53.83
C ASP J 216 -6.60 44.37 -53.83
N LYS J 217 -6.14 43.14 -54.10
CA LYS J 217 -4.71 42.86 -54.08
C LYS J 217 -3.94 43.06 -55.39
N LEU J 218 -4.60 42.74 -56.50
CA LEU J 218 -3.98 42.82 -57.82
C LEU J 218 -3.65 44.17 -58.44
N PRO J 219 -4.49 45.20 -58.25
CA PRO J 219 -4.22 46.52 -58.84
C PRO J 219 -2.74 46.94 -59.02
N GLU J 220 -1.97 46.93 -57.94
CA GLU J 220 -0.57 47.32 -58.02
C GLU J 220 0.32 46.31 -58.73
N HIS J 221 -0.14 45.07 -58.85
CA HIS J 221 0.65 44.05 -59.55
C HIS J 221 0.57 44.36 -61.03
N VAL J 222 -0.61 44.81 -61.44
CA VAL J 222 -0.89 45.16 -62.82
C VAL J 222 -0.11 46.41 -63.21
N THR J 223 -0.11 47.42 -62.33
CA THR J 223 0.62 48.64 -62.61
C THR J 223 2.14 48.41 -62.60
N MET J 224 2.58 47.38 -61.87
CA MET J 224 4.00 47.07 -61.78
C MET J 224 4.62 46.79 -63.15
N PRO J 225 5.71 47.51 -63.48
CA PRO J 225 6.39 47.32 -64.76
C PRO J 225 6.78 45.86 -64.86
N ASP J 226 6.24 45.17 -65.86
CA ASP J 226 6.52 43.76 -66.03
C ASP J 226 7.91 43.53 -66.62
N GLY J 227 8.51 42.40 -66.25
CA GLY J 227 9.84 42.07 -66.73
C GLY J 227 10.15 40.62 -66.45
N ASP J 228 11.43 40.29 -66.49
CA ASP J 228 11.89 38.91 -66.26
C ASP J 228 12.45 38.68 -64.86
N PHE J 229 12.61 39.75 -64.07
CA PHE J 229 13.17 39.61 -62.73
C PHE J 229 12.49 38.54 -61.88
N SER J 230 13.31 37.74 -61.19
CA SER J 230 12.81 36.66 -60.35
C SER J 230 13.56 36.65 -59.03
N ILE J 231 12.83 36.97 -57.96
CA ILE J 231 13.40 36.99 -56.62
C ILE J 231 14.07 35.67 -56.30
N ARG J 232 13.48 34.58 -56.75
CA ARG J 232 14.03 33.26 -56.52
C ARG J 232 15.41 33.13 -57.15
N SER J 233 15.53 33.54 -58.40
CA SER J 233 16.81 33.47 -59.08
C SER J 233 17.78 34.44 -58.42
N TRP J 234 17.30 35.63 -58.11
CA TRP J 234 18.09 36.66 -57.47
C TRP J 234 18.78 36.07 -56.25
N LEU J 235 18.02 35.30 -55.47
CA LEU J 235 18.54 34.67 -54.26
C LEU J 235 19.65 33.66 -54.52
N GLU J 236 19.49 32.89 -55.58
CA GLU J 236 20.47 31.87 -55.96
C GLU J 236 21.73 32.45 -56.61
N ASP J 237 21.64 33.70 -57.07
CA ASP J 237 22.76 34.39 -57.71
C ASP J 237 23.70 35.02 -56.67
N PRO J 238 24.89 34.43 -56.46
CA PRO J 238 25.84 34.95 -55.47
C PRO J 238 26.17 36.42 -55.67
N ASN J 239 26.31 36.82 -56.93
CA ASN J 239 26.65 38.20 -57.27
C ASN J 239 25.41 39.02 -57.60
N GLY J 240 24.27 38.63 -57.01
CA GLY J 240 23.03 39.34 -57.26
C GLY J 240 22.97 40.72 -56.63
N GLY J 241 23.71 40.89 -55.53
CA GLY J 241 23.72 42.16 -54.83
C GLY J 241 22.63 42.19 -53.79
N ASN J 242 22.14 43.39 -53.48
CA ASN J 242 21.09 43.56 -52.47
C ASN J 242 19.82 44.06 -53.13
N LEU J 243 18.67 43.84 -52.48
CA LEU J 243 17.39 44.28 -53.01
C LEU J 243 16.76 45.31 -52.10
N PHE J 244 16.33 46.42 -52.68
CA PHE J 244 15.69 47.48 -51.92
C PHE J 244 14.24 47.64 -52.36
N ILE J 245 13.32 47.23 -51.49
CA ILE J 245 11.89 47.36 -51.77
C ILE J 245 11.58 48.75 -51.25
N THR J 246 11.43 49.73 -52.14
CA THR J 246 11.14 51.09 -51.71
C THR J 246 9.78 51.59 -52.17
N TRP J 247 9.33 52.69 -51.55
CA TRP J 247 8.06 53.32 -51.89
C TRP J 247 7.92 54.65 -51.13
N ARG J 248 7.01 55.50 -51.60
CA ARG J 248 6.76 56.79 -50.96
C ARG J 248 5.73 56.60 -49.84
N GLU J 249 5.99 57.24 -48.70
CA GLU J 249 5.11 57.14 -47.55
C GLU J 249 3.64 57.47 -47.81
N ASP J 250 3.35 58.35 -48.77
CA ASP J 250 1.96 58.69 -49.04
C ASP J 250 1.27 57.63 -49.91
N MET J 251 1.98 56.55 -50.21
CA MET J 251 1.43 55.47 -51.03
C MET J 251 1.52 54.16 -50.28
N GLY J 252 1.65 54.25 -48.96
CA GLY J 252 1.75 53.05 -48.15
C GLY J 252 0.55 52.14 -48.27
N PRO J 253 -0.65 52.65 -47.94
CA PRO J 253 -1.86 51.84 -48.03
C PRO J 253 -2.08 51.17 -49.37
N ALA J 254 -1.79 51.89 -50.45
CA ALA J 254 -1.94 51.37 -51.81
C ALA J 254 -0.98 50.22 -52.12
N LEU J 255 0.29 50.36 -51.73
CA LEU J 255 1.29 49.35 -51.98
C LEU J 255 1.46 48.29 -50.89
N ARG J 256 0.64 48.37 -49.85
CA ARG J 256 0.73 47.39 -48.75
C ARG J 256 0.69 45.93 -49.26
N PRO J 257 -0.29 45.60 -50.11
CA PRO J 257 -0.40 44.25 -50.65
C PRO J 257 0.79 43.81 -51.48
N LEU J 258 1.33 44.69 -52.32
CA LEU J 258 2.48 44.35 -53.18
C LEU J 258 3.76 44.14 -52.34
N ILE J 259 4.07 45.09 -51.48
CA ILE J 259 5.25 44.99 -50.62
C ILE J 259 5.19 43.70 -49.80
N SER J 260 4.02 43.42 -49.24
CA SER J 260 3.80 42.22 -48.44
C SER J 260 4.08 40.98 -49.30
N ALA J 261 3.66 41.05 -50.56
CA ALA J 261 3.85 39.96 -51.50
C ALA J 261 5.34 39.72 -51.67
N TRP J 262 6.08 40.77 -51.97
CA TRP J 262 7.51 40.63 -52.14
C TRP J 262 8.14 40.09 -50.88
N VAL J 263 7.78 40.65 -49.74
CA VAL J 263 8.35 40.20 -48.47
C VAL J 263 8.08 38.71 -48.31
N ASP J 264 6.84 38.32 -48.55
CA ASP J 264 6.49 36.93 -48.40
C ASP J 264 7.19 36.05 -49.43
N VAL J 265 7.39 36.57 -50.65
CA VAL J 265 8.07 35.80 -51.68
C VAL J 265 9.45 35.42 -51.16
N VAL J 266 10.12 36.37 -50.50
CA VAL J 266 11.43 36.09 -49.95
C VAL J 266 11.30 35.01 -48.86
N CYS J 267 10.25 35.12 -48.05
CA CYS J 267 10.03 34.16 -46.97
C CYS J 267 9.83 32.71 -47.37
N THR J 268 9.20 32.44 -48.52
CA THR J 268 9.02 31.04 -48.91
C THR J 268 10.24 30.61 -49.70
N SER J 269 10.61 31.49 -50.63
CA SER J 269 11.74 31.24 -51.51
C SER J 269 13.01 30.78 -50.84
N ILE J 270 13.42 31.39 -49.73
CA ILE J 270 14.67 30.96 -49.09
C ILE J 270 14.59 29.53 -48.55
N LEU J 271 13.41 28.94 -48.55
CA LEU J 271 13.25 27.58 -48.08
C LEU J 271 13.52 26.58 -49.21
N SER J 272 13.71 27.12 -50.42
CA SER J 272 13.98 26.31 -51.60
C SER J 272 15.47 26.32 -51.93
N LEU J 273 16.19 27.29 -51.37
CA LEU J 273 17.61 27.43 -51.63
C LEU J 273 18.40 26.23 -51.14
N PRO J 274 19.32 25.76 -51.99
CA PRO J 274 20.17 24.61 -51.64
C PRO J 274 21.04 25.01 -50.44
N GLU J 275 21.23 24.09 -49.48
CA GLU J 275 22.03 24.44 -48.32
C GLU J 275 23.41 24.96 -48.68
N GLU J 276 23.70 26.15 -48.16
CA GLU J 276 24.99 26.79 -48.38
C GLU J 276 25.37 27.44 -47.06
N PRO J 277 26.23 26.76 -46.29
CA PRO J 277 26.70 27.23 -44.97
C PRO J 277 27.33 28.63 -45.04
N LYS J 278 27.82 28.98 -46.22
CA LYS J 278 28.48 30.27 -46.44
C LYS J 278 27.52 31.45 -46.61
N ARG J 279 26.31 31.18 -47.08
CA ARG J 279 25.33 32.23 -47.33
C ARG J 279 24.75 32.90 -46.09
N ARG J 280 24.63 34.22 -46.17
CA ARG J 280 24.08 35.05 -45.11
C ARG J 280 23.20 36.12 -45.74
N LEU J 281 21.89 35.92 -45.66
CA LEU J 281 20.92 36.87 -46.24
C LEU J 281 20.11 37.54 -45.12
N TRP J 282 20.05 38.87 -45.17
CA TRP J 282 19.31 39.65 -44.17
C TRP J 282 17.97 40.13 -44.70
N LEU J 283 16.93 39.97 -43.89
CA LEU J 283 15.62 40.46 -44.29
C LEU J 283 15.28 41.58 -43.33
N PHE J 284 15.35 42.81 -43.83
CA PHE J 284 15.04 43.97 -43.02
C PHE J 284 13.61 44.40 -43.28
N ILE J 285 12.71 43.97 -42.41
CA ILE J 285 11.32 44.36 -42.53
C ILE J 285 11.22 45.59 -41.68
N ASP J 286 11.08 46.72 -42.34
CA ASP J 286 10.97 48.00 -41.64
C ASP J 286 10.07 47.89 -40.42
N GLU J 287 8.75 47.98 -40.62
CA GLU J 287 7.78 47.89 -39.54
C GLU J 287 6.88 46.70 -39.82
N LEU J 288 7.21 45.60 -39.17
CA LEU J 288 6.47 44.36 -39.37
C LEU J 288 4.94 44.51 -39.38
N ALA J 289 4.41 45.27 -38.43
CA ALA J 289 2.96 45.45 -38.32
C ALA J 289 2.37 46.34 -39.40
N SER J 290 3.21 46.80 -40.33
CA SER J 290 2.72 47.65 -41.41
C SER J 290 2.48 46.83 -42.66
N LEU J 291 2.99 45.60 -42.67
CA LEU J 291 2.81 44.70 -43.78
C LEU J 291 1.56 43.90 -43.45
N GLU J 292 0.98 43.25 -44.45
CA GLU J 292 -0.22 42.46 -44.21
C GLU J 292 0.12 41.25 -43.34
N LYS J 293 -0.85 40.38 -43.15
CA LYS J 293 -0.62 39.19 -42.36
C LYS J 293 0.13 38.18 -43.24
N LEU J 294 1.46 38.17 -43.12
CA LEU J 294 2.30 37.30 -43.91
C LEU J 294 2.09 35.82 -43.62
N ALA J 295 1.91 35.06 -44.69
CA ALA J 295 1.67 33.63 -44.63
C ALA J 295 2.95 32.80 -44.48
N SER J 296 4.08 33.35 -44.90
CA SER J 296 5.33 32.60 -44.83
C SER J 296 6.31 33.10 -43.80
N LEU J 297 6.06 34.29 -43.27
CA LEU J 297 6.95 34.87 -42.28
C LEU J 297 7.31 33.87 -41.19
N ALA J 298 6.29 33.34 -40.51
CA ALA J 298 6.50 32.39 -39.42
C ALA J 298 7.43 31.22 -39.75
N ASP J 299 7.22 30.55 -40.88
CA ASP J 299 8.08 29.43 -41.23
C ASP J 299 9.50 29.89 -41.55
N ALA J 300 9.62 31.05 -42.18
CA ALA J 300 10.95 31.57 -42.53
C ALA J 300 11.76 31.84 -41.26
N LEU J 301 11.09 32.32 -40.22
CA LEU J 301 11.70 32.65 -38.93
C LEU J 301 12.06 31.41 -38.13
N THR J 302 11.50 30.27 -38.54
CA THR J 302 11.71 28.99 -37.87
C THR J 302 12.56 27.98 -38.67
N LYS J 303 12.54 28.09 -39.99
CA LYS J 303 13.26 27.14 -40.81
C LYS J 303 14.30 27.73 -41.74
N GLY J 304 14.60 29.02 -41.60
CA GLY J 304 15.55 29.65 -42.49
C GLY J 304 17.02 29.59 -42.07
N ARG J 305 17.33 28.82 -41.04
CA ARG J 305 18.69 28.71 -40.56
C ARG J 305 19.61 28.13 -41.65
N LYS J 306 19.22 26.99 -42.21
CA LYS J 306 19.99 26.31 -43.25
C LYS J 306 20.26 27.23 -44.43
N ALA J 307 19.26 28.02 -44.78
CA ALA J 307 19.38 28.95 -45.90
C ALA J 307 20.21 30.16 -45.51
N GLY J 308 20.41 30.33 -44.19
CA GLY J 308 21.19 31.44 -43.69
C GLY J 308 20.40 32.74 -43.65
N LEU J 309 19.11 32.63 -43.32
CA LEU J 309 18.25 33.81 -43.25
C LEU J 309 18.34 34.49 -41.88
N ARG J 310 18.36 35.82 -41.91
CA ARG J 310 18.45 36.65 -40.70
C ARG J 310 17.39 37.74 -40.84
N VAL J 311 16.44 37.78 -39.92
CA VAL J 311 15.41 38.81 -40.02
C VAL J 311 15.50 39.86 -38.91
N VAL J 312 15.29 41.11 -39.30
CA VAL J 312 15.33 42.23 -38.38
C VAL J 312 14.01 42.98 -38.58
N ALA J 313 13.16 42.96 -37.57
CA ALA J 313 11.87 43.63 -37.70
C ALA J 313 11.69 44.65 -36.62
N GLY J 314 10.93 45.69 -36.96
CA GLY J 314 10.67 46.75 -36.00
C GLY J 314 9.22 46.72 -35.61
N LEU J 315 8.96 46.95 -34.33
CA LEU J 315 7.61 46.96 -33.80
C LEU J 315 7.46 48.15 -32.87
N GLN J 316 6.23 48.59 -32.64
CA GLN J 316 6.01 49.69 -31.73
C GLN J 316 5.12 49.26 -30.59
N SER J 317 3.81 49.30 -30.79
CA SER J 317 2.89 48.87 -29.74
C SER J 317 2.53 47.42 -29.92
N THR J 318 2.44 46.71 -28.81
CA THR J 318 2.08 45.31 -28.80
C THR J 318 0.79 45.12 -29.60
N SER J 319 -0.17 46.00 -29.34
CA SER J 319 -1.48 45.95 -29.98
C SER J 319 -1.46 45.98 -31.49
N GLN J 320 -0.45 46.62 -32.07
CA GLN J 320 -0.33 46.77 -33.52
C GLN J 320 -0.22 45.43 -34.24
N LEU J 321 0.72 44.60 -33.83
CA LEU J 321 0.88 43.30 -34.47
C LEU J 321 -0.29 42.41 -34.05
N ASP J 322 -0.78 42.59 -32.83
CA ASP J 322 -1.91 41.80 -32.32
C ASP J 322 -3.16 42.01 -33.15
N ASP J 323 -3.33 43.20 -33.71
CA ASP J 323 -4.52 43.45 -34.52
C ASP J 323 -4.31 42.86 -35.91
N VAL J 324 -3.07 42.89 -36.38
CA VAL J 324 -2.77 42.35 -37.71
C VAL J 324 -2.88 40.83 -37.75
N TYR J 325 -2.11 40.15 -36.88
CA TYR J 325 -2.07 38.69 -36.81
C TYR J 325 -3.03 38.06 -35.80
N GLY J 326 -3.47 38.84 -34.81
CA GLY J 326 -4.35 38.30 -33.78
C GLY J 326 -3.46 38.04 -32.57
N VAL J 327 -4.03 38.08 -31.37
CA VAL J 327 -3.24 37.86 -30.16
C VAL J 327 -2.34 36.61 -30.18
N LYS J 328 -2.93 35.46 -30.51
CA LYS J 328 -2.19 34.19 -30.53
C LYS J 328 -1.08 34.12 -31.57
N GLU J 329 -1.38 34.39 -32.83
CA GLU J 329 -0.37 34.33 -33.88
C GLU J 329 0.68 35.42 -33.72
N ALA J 330 0.28 36.57 -33.17
CA ALA J 330 1.19 37.68 -32.92
C ALA J 330 2.21 37.27 -31.84
N GLN J 331 1.73 36.53 -30.83
CA GLN J 331 2.61 36.07 -29.76
C GLN J 331 3.65 35.11 -30.33
N THR J 332 3.18 34.17 -31.15
CA THR J 332 4.05 33.18 -31.75
C THR J 332 5.08 33.83 -32.64
N LEU J 333 4.65 34.85 -33.38
CA LEU J 333 5.54 35.57 -34.30
C LEU J 333 6.66 36.27 -33.54
N ARG J 334 6.31 37.08 -32.53
CA ARG J 334 7.32 37.77 -31.74
C ARG J 334 8.24 36.77 -31.04
N ALA J 335 7.67 35.67 -30.57
CA ALA J 335 8.45 34.64 -29.89
C ALA J 335 9.50 33.99 -30.80
N SER J 336 9.42 34.28 -32.10
CA SER J 336 10.35 33.73 -33.09
C SER J 336 11.59 34.60 -33.28
N PHE J 337 11.62 35.74 -32.60
CA PHE J 337 12.77 36.64 -32.64
C PHE J 337 13.43 36.44 -31.28
N ARG J 338 14.58 35.76 -31.27
CA ARG J 338 15.31 35.47 -30.04
C ARG J 338 16.09 36.65 -29.41
N SER J 339 16.42 37.66 -30.22
CA SER J 339 17.12 38.82 -29.72
C SER J 339 16.21 40.03 -29.74
N LEU J 340 16.33 40.85 -28.70
CA LEU J 340 15.49 42.04 -28.56
C LEU J 340 16.26 43.31 -28.20
N VAL J 341 15.79 44.42 -28.76
CA VAL J 341 16.36 45.74 -28.51
C VAL J 341 15.19 46.62 -28.14
N VAL J 342 15.14 47.08 -26.89
CA VAL J 342 14.05 47.92 -26.43
C VAL J 342 14.49 49.37 -26.43
N LEU J 343 13.89 50.18 -27.30
CA LEU J 343 14.25 51.57 -27.42
C LEU J 343 13.45 52.54 -26.56
N GLY J 344 12.49 52.02 -25.80
CA GLY J 344 11.71 52.93 -24.95
C GLY J 344 10.57 53.60 -25.67
N GLY J 345 9.41 53.62 -25.02
CA GLY J 345 8.24 54.19 -25.65
C GLY J 345 7.59 55.39 -25.00
N SER J 346 6.27 55.49 -25.19
CA SER J 346 5.47 56.58 -24.64
C SER J 346 4.84 56.24 -23.30
N ARG J 347 4.69 57.25 -22.46
CA ARG J 347 4.09 57.06 -21.16
C ARG J 347 2.61 56.80 -21.37
N THR J 348 2.12 57.09 -22.58
CA THR J 348 0.70 56.87 -22.91
C THR J 348 0.43 55.42 -23.33
N ASP J 349 1.49 54.61 -23.36
CA ASP J 349 1.36 53.21 -23.72
C ASP J 349 1.92 52.35 -22.60
N PRO J 350 1.28 52.39 -21.42
CA PRO J 350 1.77 51.59 -20.29
C PRO J 350 1.77 50.08 -20.55
N LYS J 351 0.81 49.58 -21.35
CA LYS J 351 0.75 48.14 -21.62
C LYS J 351 1.95 47.62 -22.36
N THR J 352 2.43 48.36 -23.35
CA THR J 352 3.61 47.92 -24.10
C THR J 352 4.88 48.03 -23.28
N ASN J 353 4.94 49.03 -22.39
CA ASN J 353 6.11 49.22 -21.52
C ASN J 353 6.18 48.07 -20.55
N GLU J 354 5.01 47.62 -20.07
CA GLU J 354 4.95 46.49 -19.16
C GLU J 354 5.44 45.25 -19.91
N ASP J 355 5.00 45.07 -21.16
CA ASP J 355 5.39 43.94 -21.98
C ASP J 355 6.89 43.88 -22.21
N MET J 356 7.49 45.02 -22.51
CA MET J 356 8.93 45.07 -22.75
C MET J 356 9.70 44.89 -21.45
N SER J 357 9.14 45.40 -20.35
CA SER J 357 9.77 45.26 -19.05
C SER J 357 9.80 43.76 -18.72
N LEU J 358 8.63 43.14 -18.86
CA LEU J 358 8.47 41.71 -18.62
C LEU J 358 9.44 40.93 -19.50
N SER J 359 9.55 41.35 -20.76
CA SER J 359 10.43 40.70 -21.72
C SER J 359 11.87 40.81 -21.31
N LEU J 360 12.25 41.99 -20.81
CA LEU J 360 13.61 42.20 -20.36
C LEU J 360 13.88 41.29 -19.16
N GLY J 361 12.82 40.96 -18.42
CA GLY J 361 12.93 40.03 -17.31
C GLY J 361 13.22 40.51 -15.91
N GLU J 362 12.99 39.61 -14.97
CA GLU J 362 13.21 39.88 -13.56
C GLU J 362 14.48 39.20 -13.12
N HIS J 363 14.84 39.43 -11.86
CA HIS J 363 15.99 38.79 -11.26
C HIS J 363 15.67 38.61 -9.79
N GLU J 364 16.27 37.59 -9.18
CA GLU J 364 16.04 37.37 -7.76
C GLU J 364 17.35 37.78 -7.11
N VAL J 365 17.26 38.67 -6.14
CA VAL J 365 18.43 39.20 -5.51
C VAL J 365 18.40 39.20 -3.99
N GLU J 366 19.56 39.32 -3.36
CA GLU J 366 19.63 39.37 -1.91
C GLU J 366 20.22 40.73 -1.57
N ARG J 367 19.53 41.47 -0.71
CA ARG J 367 19.98 42.80 -0.35
C ARG J 367 20.07 43.04 1.15
N ASP J 368 21.07 43.82 1.55
CA ASP J 368 21.29 44.14 2.96
C ASP J 368 20.36 45.27 3.31
N ARG J 369 19.53 45.05 4.32
CA ARG J 369 18.58 46.06 4.78
C ARG J 369 19.15 46.68 6.07
N TYR J 370 20.06 47.64 5.89
CA TYR J 370 20.73 48.35 7.00
C TYR J 370 19.76 48.86 8.06
N SER J 371 20.06 48.52 9.31
CA SER J 371 19.22 48.90 10.45
C SER J 371 19.84 50.00 11.34
N ARG J 382 21.69 45.37 10.43
CA ARG J 382 21.72 44.92 9.04
C ARG J 382 21.19 43.49 8.93
N ALA J 383 20.30 43.29 7.95
CA ALA J 383 19.69 41.99 7.70
C ALA J 383 19.63 41.67 6.21
N LEU J 384 19.66 40.37 5.91
CA LEU J 384 19.61 39.87 4.54
C LEU J 384 18.17 39.62 4.11
N GLU J 385 17.82 40.08 2.90
CA GLU J 385 16.47 39.89 2.38
C GLU J 385 16.50 39.46 0.90
N ARG J 386 15.69 38.45 0.56
CA ARG J 386 15.61 37.95 -0.82
C ARG J 386 14.49 38.70 -1.53
N VAL J 387 14.73 39.15 -2.75
CA VAL J 387 13.71 39.91 -3.49
C VAL J 387 13.71 39.73 -5.01
N ARG J 388 12.52 39.54 -5.57
CA ARG J 388 12.34 39.39 -7.01
C ARG J 388 11.86 40.74 -7.52
N GLU J 389 12.41 41.19 -8.63
CA GLU J 389 12.02 42.47 -9.18
C GLU J 389 12.42 42.59 -10.64
N ARG J 390 11.84 43.57 -11.34
CA ARG J 390 12.15 43.78 -12.75
C ARG J 390 13.53 44.37 -12.86
N VAL J 391 14.31 43.88 -13.81
CA VAL J 391 15.64 44.43 -14.03
C VAL J 391 15.41 45.84 -14.61
N VAL J 392 14.40 45.96 -15.48
CA VAL J 392 14.05 47.24 -16.07
C VAL J 392 12.55 47.47 -15.89
N MET J 393 12.22 48.47 -15.09
CA MET J 393 10.82 48.79 -14.83
C MET J 393 10.16 49.35 -16.09
N PRO J 394 8.83 49.33 -16.14
CA PRO J 394 8.13 49.86 -17.31
C PRO J 394 8.42 51.37 -17.38
N ALA J 395 8.44 52.00 -16.21
CA ALA J 395 8.69 53.43 -16.11
C ALA J 395 10.07 53.81 -16.65
N GLU J 396 11.05 52.93 -16.48
CA GLU J 396 12.41 53.20 -16.98
C GLU J 396 12.41 53.23 -18.50
N ILE J 397 11.52 52.43 -19.10
CA ILE J 397 11.42 52.35 -20.55
C ILE J 397 10.70 53.58 -21.11
N ALA J 398 9.71 54.08 -20.38
CA ALA J 398 8.94 55.25 -20.81
C ALA J 398 9.80 56.52 -20.72
N ASN J 399 10.71 56.54 -19.74
CA ASN J 399 11.58 57.68 -19.51
C ASN J 399 12.96 57.52 -20.13
N LEU J 400 13.10 56.60 -21.08
CA LEU J 400 14.37 56.40 -21.73
C LEU J 400 14.59 57.57 -22.69
N PRO J 401 15.80 58.14 -22.70
CA PRO J 401 16.10 59.27 -23.59
C PRO J 401 16.32 58.65 -24.97
N ASP J 402 16.21 59.45 -26.01
CA ASP J 402 16.41 58.90 -27.35
C ASP J 402 17.84 58.42 -27.57
N LEU J 403 18.02 57.55 -28.55
CA LEU J 403 19.33 57.02 -28.86
C LEU J 403 19.90 56.19 -27.70
N THR J 404 19.02 55.59 -26.91
CA THR J 404 19.46 54.74 -25.82
C THR J 404 18.59 53.52 -25.93
N ALA J 405 19.21 52.35 -25.78
CA ALA J 405 18.48 51.10 -25.89
C ALA J 405 18.94 50.03 -24.93
N TYR J 406 18.08 49.05 -24.70
CA TYR J 406 18.43 47.92 -23.86
C TYR J 406 18.62 46.81 -24.89
N VAL J 407 19.79 46.21 -24.89
CA VAL J 407 20.10 45.15 -25.82
C VAL J 407 20.16 43.78 -25.15
N GLY J 408 19.20 42.93 -25.47
CA GLY J 408 19.14 41.60 -24.89
C GLY J 408 19.26 40.55 -25.98
N PHE J 409 20.47 40.05 -26.16
CA PHE J 409 20.75 39.03 -27.18
C PHE J 409 20.24 37.67 -26.78
N ALA J 410 20.01 36.82 -27.77
CA ALA J 410 19.51 35.47 -27.54
C ALA J 410 20.40 34.70 -26.55
N GLY J 411 19.88 33.63 -26.00
CA GLY J 411 20.65 32.80 -25.09
C GLY J 411 21.03 33.44 -23.77
N ASN J 412 21.91 32.76 -23.06
CA ASN J 412 22.38 33.19 -21.75
C ASN J 412 23.34 34.39 -21.80
N ARG J 413 22.79 35.57 -22.04
CA ARG J 413 23.57 36.80 -22.11
C ARG J 413 22.89 37.84 -21.23
N PRO J 414 23.67 38.72 -20.61
CA PRO J 414 23.05 39.75 -19.77
C PRO J 414 22.58 40.83 -20.71
N ILE J 415 21.72 41.70 -20.23
CA ILE J 415 21.25 42.78 -21.07
C ILE J 415 22.08 43.99 -20.67
N ALA J 416 22.05 45.03 -21.49
CA ALA J 416 22.81 46.24 -21.21
C ALA J 416 22.11 47.46 -21.78
N LYS J 417 22.17 48.56 -21.04
CA LYS J 417 21.59 49.82 -21.48
C LYS J 417 22.70 50.45 -22.29
N VAL J 418 22.50 50.58 -23.60
CA VAL J 418 23.54 51.16 -24.45
C VAL J 418 23.08 52.35 -25.30
N PRO J 419 23.95 53.35 -25.46
CA PRO J 419 23.66 54.56 -26.25
C PRO J 419 24.00 54.34 -27.72
N LEU J 420 23.17 54.89 -28.60
CA LEU J 420 23.40 54.79 -30.04
C LEU J 420 24.10 56.00 -30.59
N GLU J 421 25.11 55.77 -31.40
CA GLU J 421 25.88 56.86 -32.01
C GLU J 421 25.23 57.19 -33.35
N ILE J 422 24.91 58.47 -33.57
CA ILE J 422 24.31 58.87 -34.84
C ILE J 422 25.37 58.98 -35.94
N LYS J 423 25.81 57.85 -36.46
CA LYS J 423 26.82 57.85 -37.51
C LYS J 423 26.23 58.58 -38.71
N GLN J 424 27.08 59.31 -39.43
CA GLN J 424 26.66 60.07 -40.59
C GLN J 424 26.95 59.30 -41.88
N PHE J 425 25.96 59.17 -42.74
CA PHE J 425 26.15 58.45 -43.99
C PHE J 425 25.89 59.35 -45.19
N ALA J 426 26.84 59.35 -46.12
CA ALA J 426 26.74 60.17 -47.33
C ALA J 426 25.73 59.58 -48.29
N ASN J 427 24.94 60.44 -48.93
CA ASN J 427 23.92 60.02 -49.88
C ASN J 427 24.61 59.60 -51.18
N ARG J 428 24.76 58.29 -51.37
CA ARG J 428 25.43 57.76 -52.54
C ARG J 428 24.49 57.41 -53.69
N GLN J 429 23.22 57.78 -53.57
CA GLN J 429 22.25 57.47 -54.62
C GLN J 429 20.93 58.19 -54.37
N PRO J 430 20.26 58.65 -55.44
CA PRO J 430 18.98 59.34 -55.25
C PRO J 430 17.92 58.35 -54.71
N ALA J 431 17.26 58.71 -53.62
CA ALA J 431 16.26 57.82 -53.01
C ALA J 431 15.13 57.37 -53.94
N PHE J 432 14.57 58.31 -54.70
CA PHE J 432 13.45 58.02 -55.59
C PHE J 432 13.70 58.67 -56.95
N VAL J 433 13.44 57.92 -58.01
CA VAL J 433 13.61 58.41 -59.38
C VAL J 433 12.34 58.23 -60.20
N GLU J 434 11.50 59.26 -60.25
CA GLU J 434 10.25 59.24 -61.01
C GLU J 434 10.33 58.42 -62.30
N ASN K 2 15.21 61.86 4.98
CA ASN K 2 14.09 62.08 4.01
C ASN K 2 13.92 63.55 3.64
N SER K 3 14.89 64.09 2.90
CA SER K 3 14.86 65.49 2.48
C SER K 3 14.49 65.60 1.01
N VAL K 4 13.72 64.64 0.49
CA VAL K 4 13.35 64.65 -0.91
C VAL K 4 11.86 64.44 -1.24
N GLY K 5 11.37 65.20 -2.21
CA GLY K 5 10.00 65.08 -2.66
C GLY K 5 8.85 65.83 -2.01
N GLN K 6 9.04 66.37 -0.81
CA GLN K 6 7.97 67.07 -0.11
C GLN K 6 7.09 68.05 -0.91
N GLY K 7 7.71 68.84 -1.79
CA GLY K 7 6.91 69.77 -2.58
C GLY K 7 6.75 69.32 -4.03
N GLU K 8 6.78 68.01 -4.24
CA GLU K 8 6.68 67.43 -5.57
C GLU K 8 5.87 66.13 -5.55
N PHE K 9 6.36 65.17 -4.78
CA PHE K 9 5.71 63.88 -4.64
C PHE K 9 4.58 63.94 -3.60
N GLY K 10 3.41 63.42 -3.95
CA GLY K 10 2.27 63.45 -3.05
C GLY K 10 2.34 62.46 -1.90
N GLY K 11 3.20 61.45 -2.01
CA GLY K 11 3.31 60.46 -0.96
C GLY K 11 4.34 60.83 0.10
N ALA K 12 4.80 59.84 0.86
CA ALA K 12 5.80 60.09 1.90
C ALA K 12 7.15 60.49 1.31
N PRO K 13 7.83 61.45 1.95
CA PRO K 13 9.14 61.91 1.48
C PRO K 13 10.14 60.76 1.58
N PHE K 14 11.23 60.83 0.81
CA PHE K 14 12.23 59.76 0.80
C PHE K 14 13.65 60.25 0.82
N LYS K 15 14.57 59.34 1.14
CA LYS K 15 15.98 59.67 1.19
C LYS K 15 16.58 59.71 -0.22
N ARG K 16 16.45 58.61 -0.95
CA ARG K 16 17.00 58.55 -2.30
C ARG K 16 16.01 58.01 -3.34
N PHE K 17 16.12 58.54 -4.55
CA PHE K 17 15.29 58.11 -5.66
C PHE K 17 16.18 57.17 -6.49
N LEU K 18 15.72 55.93 -6.65
CA LEU K 18 16.48 54.94 -7.38
C LEU K 18 16.23 54.94 -8.89
N ARG K 19 14.97 54.77 -9.30
CA ARG K 19 14.63 54.72 -10.71
C ARG K 19 13.13 54.94 -10.94
N GLY K 20 12.75 55.01 -12.21
CA GLY K 20 11.36 55.19 -12.57
C GLY K 20 11.02 56.60 -13.02
N THR K 21 9.79 56.99 -12.75
CA THR K 21 9.30 58.31 -13.11
C THR K 21 9.67 59.36 -12.06
N ARG K 22 10.31 60.41 -12.53
CA ARG K 22 10.71 61.52 -11.67
C ARG K 22 9.60 62.54 -11.67
N ILE K 23 9.18 62.95 -10.48
CA ILE K 23 8.17 63.99 -10.39
C ILE K 23 8.90 65.17 -9.78
N VAL K 24 8.74 66.34 -10.41
CA VAL K 24 9.38 67.55 -9.91
C VAL K 24 8.32 68.64 -9.75
N SER K 25 8.71 69.83 -9.30
CA SER K 25 7.78 70.93 -9.11
C SER K 25 7.58 71.62 -10.46
N GLY K 26 6.41 72.23 -10.65
CA GLY K 26 6.12 72.91 -11.89
C GLY K 26 7.25 73.86 -12.26
N GLY K 27 7.71 74.62 -11.27
CA GLY K 27 8.78 75.56 -11.52
C GLY K 27 10.06 74.92 -12.01
N LYS K 28 10.49 73.84 -11.35
CA LYS K 28 11.72 73.17 -11.75
C LYS K 28 11.61 72.54 -13.13
N LEU K 29 10.40 72.12 -13.50
CA LEU K 29 10.21 71.51 -14.82
C LEU K 29 10.26 72.63 -15.84
N LYS K 30 9.72 73.79 -15.48
CA LYS K 30 9.71 74.94 -16.38
C LYS K 30 11.13 75.40 -16.67
N ARG K 31 12.02 75.23 -15.69
CA ARG K 31 13.42 75.63 -15.86
C ARG K 31 14.19 74.59 -16.66
N MET K 32 13.80 73.32 -16.48
CA MET K 32 14.45 72.23 -17.19
C MET K 32 14.06 72.21 -18.66
N THR K 33 12.80 72.52 -18.94
CA THR K 33 12.28 72.52 -20.31
C THR K 33 12.56 73.79 -21.08
N ARG K 34 12.80 74.89 -20.36
CA ARG K 34 13.08 76.17 -20.98
C ARG K 34 14.22 76.04 -21.97
N GLU K 35 14.03 76.58 -23.17
CA GLU K 35 15.04 76.47 -24.21
C GLU K 35 15.32 77.83 -24.84
N LYS K 36 16.45 77.94 -25.53
CA LYS K 36 16.80 79.21 -26.19
C LYS K 36 15.77 79.57 -27.25
N ALA K 37 15.47 78.62 -28.14
CA ALA K 37 14.51 78.85 -29.22
C ALA K 37 13.10 79.23 -28.73
N LYS K 38 12.33 79.85 -29.63
CA LYS K 38 10.96 80.24 -29.30
C LYS K 38 10.16 78.96 -29.10
N GLN K 39 9.43 78.89 -27.99
CA GLN K 39 8.65 77.70 -27.67
C GLN K 39 7.18 77.96 -27.45
N VAL K 40 6.42 76.86 -27.39
CA VAL K 40 4.99 76.89 -27.13
C VAL K 40 4.86 76.46 -25.66
N THR K 41 3.75 76.78 -25.00
CA THR K 41 3.66 76.37 -23.62
C THR K 41 2.43 75.49 -23.35
N VAL K 42 2.63 74.53 -22.45
CA VAL K 42 1.58 73.60 -22.05
C VAL K 42 1.36 73.82 -20.56
N ALA K 43 0.20 74.37 -20.21
CA ALA K 43 -0.11 74.65 -18.81
C ALA K 43 0.96 75.53 -18.17
N GLY K 44 1.47 76.48 -18.95
CA GLY K 44 2.50 77.37 -18.46
C GLY K 44 3.90 76.85 -18.66
N VAL K 45 4.03 75.53 -18.86
CA VAL K 45 5.33 74.89 -19.06
C VAL K 45 5.80 74.92 -20.51
N PRO K 46 7.01 75.46 -20.76
CA PRO K 46 7.50 75.49 -22.14
C PRO K 46 7.77 74.07 -22.65
N MET K 47 7.23 73.77 -23.83
CA MET K 47 7.38 72.45 -24.42
C MET K 47 8.66 72.29 -25.24
N PRO K 48 9.50 71.30 -24.86
CA PRO K 48 10.75 71.03 -25.57
C PRO K 48 10.50 70.94 -27.07
N ARG K 49 11.30 71.66 -27.84
CA ARG K 49 11.17 71.69 -29.28
C ARG K 49 11.07 70.31 -29.94
N ASP K 50 11.89 69.37 -29.50
CA ASP K 50 11.90 68.02 -30.06
C ASP K 50 10.60 67.24 -29.77
N ALA K 51 9.91 67.63 -28.70
CA ALA K 51 8.68 66.95 -28.29
C ALA K 51 7.45 67.31 -29.12
N GLU K 52 7.50 68.45 -29.80
CA GLU K 52 6.38 68.91 -30.60
C GLU K 52 5.94 67.96 -31.70
N PRO K 53 6.89 67.52 -32.55
CA PRO K 53 6.48 66.60 -33.62
C PRO K 53 6.20 65.16 -33.12
N ARG K 54 6.12 64.99 -31.80
CA ARG K 54 5.87 63.69 -31.20
C ARG K 54 4.50 63.65 -30.52
N HIS K 55 3.74 64.70 -30.82
CA HIS K 55 2.37 64.89 -30.37
C HIS K 55 2.06 64.94 -28.90
N LEU K 56 0.95 65.61 -28.61
CA LEU K 56 0.50 65.79 -27.25
C LEU K 56 -0.90 65.25 -27.08
N LEU K 57 -1.08 64.50 -26.00
CA LEU K 57 -2.38 63.94 -25.69
C LEU K 57 -2.84 64.57 -24.38
N VAL K 58 -3.98 65.24 -24.43
CA VAL K 58 -4.54 65.89 -23.27
C VAL K 58 -5.74 65.10 -22.80
N ASN K 59 -5.63 64.50 -21.63
CA ASN K 59 -6.73 63.72 -21.08
C ASN K 59 -7.31 64.38 -19.82
N GLY K 60 -8.62 64.36 -19.70
CA GLY K 60 -9.24 64.96 -18.54
C GLY K 60 -10.74 65.01 -18.72
N ALA K 61 -11.47 65.25 -17.65
CA ALA K 61 -12.92 65.33 -17.71
C ALA K 61 -13.35 66.66 -18.32
N THR K 62 -14.65 66.95 -18.22
CA THR K 62 -15.23 68.17 -18.76
C THR K 62 -15.09 69.38 -17.81
N GLY K 63 -14.59 70.50 -18.34
CA GLY K 63 -14.44 71.68 -17.52
C GLY K 63 -13.29 71.62 -16.52
N THR K 64 -12.27 70.85 -16.88
CA THR K 64 -11.11 70.71 -16.01
C THR K 64 -10.01 71.68 -16.47
N GLY K 65 -10.28 72.35 -17.59
CA GLY K 65 -9.33 73.31 -18.12
C GLY K 65 -8.69 72.90 -19.44
N LYS K 66 -9.30 71.98 -20.16
CA LYS K 66 -8.73 71.56 -21.44
C LYS K 66 -8.74 72.77 -22.37
N SER K 67 -9.83 73.52 -22.31
CA SER K 67 -10.03 74.70 -23.15
C SER K 67 -8.91 75.69 -22.88
N VAL K 68 -8.68 75.96 -21.61
CA VAL K 68 -7.64 76.88 -21.16
C VAL K 68 -6.27 76.48 -21.71
N LEU K 69 -6.00 75.17 -21.69
CA LEU K 69 -4.75 74.58 -22.15
C LEU K 69 -4.55 74.63 -23.67
N LEU K 70 -5.58 74.19 -24.41
CA LEU K 70 -5.51 74.21 -25.87
C LEU K 70 -5.47 75.65 -26.37
N ARG K 71 -6.20 76.52 -25.68
CA ARG K 71 -6.25 77.94 -26.01
C ARG K 71 -4.80 78.47 -25.93
N GLU K 72 -4.20 78.32 -24.75
CA GLU K 72 -2.83 78.75 -24.49
C GLU K 72 -1.83 78.16 -25.45
N LEU K 73 -1.98 76.86 -25.73
CA LEU K 73 -1.07 76.18 -26.64
C LEU K 73 -1.20 76.77 -28.04
N ALA K 74 -2.43 77.10 -28.44
CA ALA K 74 -2.67 77.66 -29.77
C ALA K 74 -2.18 79.11 -29.82
N TYR K 75 -2.42 79.85 -28.76
CA TYR K 75 -1.97 81.24 -28.72
C TYR K 75 -0.45 81.31 -28.89
N THR K 76 0.29 80.73 -27.95
CA THR K 76 1.74 80.76 -28.01
C THR K 76 2.29 80.21 -29.33
N GLY K 77 1.57 79.29 -29.95
CA GLY K 77 2.05 78.75 -31.21
C GLY K 77 1.88 79.79 -32.31
N LEU K 78 0.77 80.53 -32.24
CA LEU K 78 0.48 81.54 -33.23
C LEU K 78 1.49 82.68 -33.13
N LEU K 79 1.86 83.01 -31.88
CA LEU K 79 2.83 84.07 -31.59
C LEU K 79 4.17 83.73 -32.21
N ARG K 80 4.42 82.44 -32.40
CA ARG K 80 5.68 82.01 -32.98
C ARG K 80 5.49 81.92 -34.50
N GLY K 81 4.29 82.21 -34.95
CA GLY K 81 4.00 82.18 -36.37
C GLY K 81 3.76 80.81 -36.96
N ASP K 82 3.28 79.86 -36.15
CA ASP K 82 2.99 78.51 -36.64
C ASP K 82 1.64 78.47 -37.36
N ARG K 83 1.50 77.53 -38.28
CA ARG K 83 0.23 77.35 -38.99
C ARG K 83 -0.52 76.24 -38.28
N MET K 84 -1.84 76.24 -38.39
CA MET K 84 -2.62 75.21 -37.73
C MET K 84 -4.02 74.95 -38.27
N VAL K 85 -4.46 73.71 -38.09
CA VAL K 85 -5.77 73.23 -38.49
C VAL K 85 -6.44 72.96 -37.16
N ILE K 86 -7.57 73.61 -36.90
CA ILE K 86 -8.24 73.44 -35.63
C ILE K 86 -9.66 72.91 -35.72
N VAL K 87 -9.89 71.73 -35.15
CA VAL K 87 -11.24 71.17 -35.11
C VAL K 87 -11.84 72.00 -33.99
N ASP K 88 -12.60 73.02 -34.37
CA ASP K 88 -13.17 73.96 -33.42
C ASP K 88 -14.69 73.94 -33.19
N PRO K 89 -15.14 73.19 -32.17
CA PRO K 89 -16.57 73.08 -31.85
C PRO K 89 -17.14 74.43 -31.43
N ASN K 90 -18.17 74.87 -32.15
CA ASN K 90 -18.86 76.13 -31.88
C ASN K 90 -18.05 77.36 -32.24
N GLY K 91 -16.93 77.16 -32.93
CA GLY K 91 -16.09 78.26 -33.34
C GLY K 91 -15.44 79.09 -32.24
N ASP K 92 -15.17 78.47 -31.09
CA ASP K 92 -14.53 79.19 -29.97
C ASP K 92 -13.13 79.68 -30.31
N MET K 93 -12.29 78.80 -30.87
CA MET K 93 -10.94 79.19 -31.22
C MET K 93 -10.95 80.19 -32.37
N LEU K 94 -11.96 80.08 -33.23
CA LEU K 94 -12.10 80.98 -34.36
C LEU K 94 -12.33 82.40 -33.85
N SER K 95 -13.33 82.54 -32.99
CA SER K 95 -13.68 83.85 -32.43
C SER K 95 -12.52 84.53 -31.70
N LYS K 96 -11.60 83.75 -31.13
CA LYS K 96 -10.48 84.34 -30.40
C LYS K 96 -9.22 84.49 -31.24
N PHE K 97 -8.98 83.57 -32.16
CA PHE K 97 -7.76 83.63 -32.97
C PHE K 97 -7.97 83.76 -34.47
N GLY K 98 -9.23 83.83 -34.88
CA GLY K 98 -9.51 83.96 -36.30
C GLY K 98 -9.08 85.29 -36.88
N ARG K 99 -8.29 85.24 -37.95
CA ARG K 99 -7.84 86.44 -38.63
C ARG K 99 -8.54 86.51 -39.99
N ASP K 100 -8.30 87.59 -40.72
CA ASP K 100 -8.93 87.79 -42.02
C ASP K 100 -8.48 86.80 -43.10
N LYS K 101 -7.19 86.48 -43.10
CA LYS K 101 -6.65 85.57 -44.10
C LYS K 101 -6.89 84.10 -43.79
N ASP K 102 -7.50 83.82 -42.64
CA ASP K 102 -7.75 82.45 -42.24
C ASP K 102 -8.99 81.84 -42.88
N ILE K 103 -8.90 80.52 -43.13
CA ILE K 103 -9.96 79.75 -43.77
C ILE K 103 -10.92 79.08 -42.77
N ILE K 104 -12.18 78.93 -43.17
CA ILE K 104 -13.18 78.30 -42.33
C ILE K 104 -13.94 77.25 -43.12
N LEU K 105 -14.16 76.10 -42.49
CA LEU K 105 -14.91 75.00 -43.12
C LEU K 105 -16.07 74.62 -42.23
N ASN K 106 -17.28 74.94 -42.69
CA ASN K 106 -18.50 74.64 -41.96
C ASN K 106 -19.63 74.81 -42.97
N PRO K 107 -20.27 73.72 -43.41
CA PRO K 107 -21.36 73.85 -44.39
C PRO K 107 -22.47 74.82 -44.00
N TYR K 108 -22.50 75.25 -42.74
CA TYR K 108 -23.54 76.16 -42.25
C TYR K 108 -23.10 77.58 -41.87
N ASP K 109 -21.87 77.93 -42.22
CA ASP K 109 -21.35 79.26 -41.91
C ASP K 109 -21.17 80.02 -43.20
N GLN K 110 -21.65 81.25 -43.22
CA GLN K 110 -21.57 82.10 -44.40
C GLN K 110 -20.14 82.30 -44.91
N ARG K 111 -19.18 82.31 -43.98
CA ARG K 111 -17.77 82.54 -44.30
C ARG K 111 -16.99 81.33 -44.82
N THR K 112 -17.62 80.16 -44.85
CA THR K 112 -16.93 78.96 -45.30
C THR K 112 -16.45 78.96 -46.74
N LYS K 113 -15.41 78.18 -47.00
CA LYS K 113 -14.90 78.06 -48.34
C LYS K 113 -15.72 76.98 -49.01
N GLY K 114 -15.66 76.93 -50.34
CA GLY K 114 -16.41 75.93 -51.08
C GLY K 114 -15.48 74.74 -51.25
N TRP K 115 -16.03 73.53 -51.12
CA TRP K 115 -15.20 72.33 -51.21
C TRP K 115 -15.98 71.06 -51.58
N SER K 116 -15.24 70.12 -52.15
CA SER K 116 -15.76 68.82 -52.54
C SER K 116 -14.48 67.97 -52.56
N PHE K 117 -14.57 66.70 -52.21
CA PHE K 117 -13.36 65.88 -52.17
C PHE K 117 -12.67 65.81 -53.53
N PHE K 118 -13.38 66.20 -54.58
CA PHE K 118 -12.80 66.18 -55.92
C PHE K 118 -11.62 67.15 -56.03
N ASN K 119 -11.70 68.24 -55.26
CA ASN K 119 -10.67 69.29 -55.22
C ASN K 119 -9.32 68.81 -54.68
N GLU K 120 -9.27 67.56 -54.20
CA GLU K 120 -8.03 67.02 -53.64
C GLU K 120 -7.39 65.98 -54.55
N ILE K 121 -8.11 65.56 -55.58
CA ILE K 121 -7.60 64.55 -56.51
C ILE K 121 -6.57 65.13 -57.49
N ARG K 122 -5.35 64.57 -57.49
CA ARG K 122 -4.29 65.02 -58.39
C ARG K 122 -3.91 63.85 -59.30
N ASN K 123 -3.59 62.72 -58.67
CA ASN K 123 -3.19 61.51 -59.37
C ASN K 123 -4.30 60.47 -59.33
N ASP K 124 -4.02 59.28 -59.87
CA ASP K 124 -5.00 58.22 -59.91
C ASP K 124 -5.16 57.54 -58.54
N TYR K 125 -4.05 57.37 -57.82
CA TYR K 125 -4.06 56.73 -56.51
C TYR K 125 -4.78 57.57 -55.44
N ASP K 126 -5.11 58.82 -55.79
CA ASP K 126 -5.80 59.71 -54.85
C ASP K 126 -7.27 59.36 -54.67
N TRP K 127 -7.83 58.61 -55.61
CA TRP K 127 -9.23 58.23 -55.54
C TRP K 127 -9.55 57.33 -54.35
N GLN K 128 -8.76 56.29 -54.16
CA GLN K 128 -8.99 55.40 -53.04
C GLN K 128 -8.50 56.13 -51.81
N ARG K 129 -7.38 56.83 -51.97
CA ARG K 129 -6.79 57.60 -50.90
C ARG K 129 -7.83 58.47 -50.19
N TYR K 130 -8.56 59.27 -50.96
CA TYR K 130 -9.56 60.15 -50.38
C TYR K 130 -10.93 59.51 -50.20
N ALA K 131 -11.06 58.26 -50.63
CA ALA K 131 -12.31 57.52 -50.46
C ALA K 131 -12.23 57.08 -48.99
N LEU K 132 -11.00 56.79 -48.54
CA LEU K 132 -10.76 56.39 -47.16
C LEU K 132 -11.13 57.52 -46.22
N SER K 133 -11.04 58.75 -46.71
CA SER K 133 -11.34 59.92 -45.90
C SER K 133 -12.84 60.20 -45.88
N VAL K 134 -13.50 59.95 -47.00
CA VAL K 134 -14.94 60.18 -47.11
C VAL K 134 -15.72 59.13 -46.35
N VAL K 135 -15.32 57.88 -46.51
CA VAL K 135 -15.96 56.76 -45.83
C VAL K 135 -14.94 56.18 -44.81
N PRO K 136 -14.92 56.73 -43.59
CA PRO K 136 -13.97 56.26 -42.57
C PRO K 136 -14.09 54.77 -42.22
N ARG K 137 -13.13 54.28 -41.43
CA ARG K 137 -13.08 52.89 -41.01
C ARG K 137 -14.31 52.46 -40.24
N GLY K 138 -14.82 51.28 -40.58
CA GLY K 138 -16.00 50.77 -39.90
C GLY K 138 -15.68 50.38 -38.46
N LYS K 139 -16.66 50.45 -37.56
CA LYS K 139 -16.46 50.12 -36.15
C LYS K 139 -16.08 48.66 -35.99
N THR K 140 -16.81 47.80 -36.71
CA THR K 140 -16.60 46.36 -36.67
C THR K 140 -15.99 45.89 -37.97
N ASP K 141 -15.62 44.62 -38.01
CA ASP K 141 -15.04 44.07 -39.23
C ASP K 141 -16.10 44.04 -40.32
N GLU K 142 -17.31 43.64 -39.95
CA GLU K 142 -18.43 43.56 -40.90
C GLU K 142 -18.78 44.94 -41.49
N ALA K 143 -18.79 45.96 -40.63
CA ALA K 143 -19.10 47.31 -41.07
C ALA K 143 -18.03 47.84 -42.00
N GLU K 144 -16.77 47.43 -41.77
CA GLU K 144 -15.67 47.88 -42.62
C GLU K 144 -15.74 47.15 -43.94
N GLU K 145 -16.38 45.98 -43.93
CA GLU K 145 -16.57 45.20 -45.14
C GLU K 145 -17.51 46.05 -46.01
N TRP K 146 -18.62 46.49 -45.43
CA TRP K 146 -19.57 47.33 -46.15
C TRP K 146 -18.93 48.64 -46.60
N ALA K 147 -18.18 49.26 -45.69
CA ALA K 147 -17.49 50.52 -45.98
C ALA K 147 -16.61 50.32 -47.22
N SER K 148 -15.99 49.15 -47.32
CA SER K 148 -15.14 48.85 -48.47
C SER K 148 -15.93 48.89 -49.76
N TYR K 149 -17.16 48.36 -49.72
CA TYR K 149 -18.04 48.36 -50.89
C TYR K 149 -18.47 49.80 -51.16
N GLY K 150 -18.56 50.60 -50.11
CA GLY K 150 -18.94 51.98 -50.28
C GLY K 150 -17.88 52.75 -51.01
N ARG K 151 -16.61 52.49 -50.66
CA ARG K 151 -15.50 53.19 -51.29
C ARG K 151 -15.35 52.74 -52.74
N LEU K 152 -15.59 51.46 -53.01
CA LEU K 152 -15.49 50.96 -54.36
C LEU K 152 -16.50 51.70 -55.21
N LEU K 153 -17.75 51.73 -54.74
CA LEU K 153 -18.83 52.40 -55.45
C LEU K 153 -18.54 53.89 -55.52
N LEU K 154 -18.03 54.46 -54.43
CA LEU K 154 -17.69 55.89 -54.39
C LEU K 154 -16.64 56.31 -55.40
N ARG K 155 -15.45 55.71 -55.31
CA ARG K 155 -14.37 56.09 -56.23
C ARG K 155 -14.63 55.72 -57.69
N GLU K 156 -15.33 54.63 -57.93
CA GLU K 156 -15.60 54.24 -59.31
C GLU K 156 -16.64 55.16 -59.94
N THR K 157 -17.63 55.57 -59.15
CA THR K 157 -18.68 56.45 -59.64
C THR K 157 -18.15 57.86 -59.75
N ALA K 158 -17.20 58.20 -58.87
CA ALA K 158 -16.60 59.53 -58.87
C ALA K 158 -15.63 59.66 -60.05
N LYS K 159 -14.82 58.61 -60.26
CA LYS K 159 -13.86 58.59 -61.37
C LYS K 159 -14.57 58.94 -62.69
N LYS K 160 -15.69 58.26 -62.94
CA LYS K 160 -16.47 58.47 -64.16
C LYS K 160 -17.13 59.85 -64.27
N LEU K 161 -17.79 60.30 -63.21
CA LEU K 161 -18.41 61.62 -63.25
C LEU K 161 -17.36 62.67 -63.57
N ALA K 162 -16.15 62.45 -63.09
CA ALA K 162 -15.05 63.37 -63.36
C ALA K 162 -14.68 63.29 -64.85
N LEU K 163 -14.70 62.08 -65.39
CA LEU K 163 -14.38 61.85 -66.81
C LEU K 163 -15.40 62.50 -67.73
N ILE K 164 -16.68 62.22 -67.51
CA ILE K 164 -17.72 62.79 -68.35
C ILE K 164 -17.97 64.26 -68.03
N GLY K 165 -17.02 64.90 -67.35
CA GLY K 165 -17.12 66.32 -67.02
C GLY K 165 -18.13 66.85 -66.02
N THR K 166 -18.78 65.98 -65.25
CA THR K 166 -19.75 66.43 -64.25
C THR K 166 -19.31 66.02 -62.84
N PRO K 167 -18.14 66.52 -62.37
CA PRO K 167 -17.63 66.19 -61.03
C PRO K 167 -18.44 66.87 -59.94
N SER K 168 -19.73 66.53 -59.88
CA SER K 168 -20.66 67.09 -58.91
C SER K 168 -21.05 66.10 -57.83
N MET K 169 -21.13 66.60 -56.60
CA MET K 169 -21.50 65.79 -55.45
C MET K 169 -22.97 65.42 -55.54
N ARG K 170 -23.78 66.34 -56.05
CA ARG K 170 -25.20 66.11 -56.17
C ARG K 170 -25.48 65.02 -57.19
N GLU K 171 -24.63 64.91 -58.20
CA GLU K 171 -24.77 63.87 -59.20
C GLU K 171 -24.27 62.58 -58.59
N LEU K 172 -23.12 62.62 -57.91
CA LEU K 172 -22.56 61.42 -57.27
C LEU K 172 -23.56 60.86 -56.26
N PHE K 173 -24.16 61.75 -55.47
CA PHE K 173 -25.13 61.36 -54.46
C PHE K 173 -26.36 60.77 -55.10
N HIS K 174 -26.70 61.26 -56.28
CA HIS K 174 -27.86 60.75 -56.99
C HIS K 174 -27.60 59.34 -57.51
N TRP K 175 -26.49 59.16 -58.20
CA TRP K 175 -26.15 57.84 -58.74
C TRP K 175 -25.99 56.76 -57.69
N THR K 176 -25.21 57.04 -56.66
CA THR K 176 -24.95 56.07 -55.60
C THR K 176 -26.08 55.85 -54.61
N THR K 177 -26.98 56.82 -54.48
CA THR K 177 -28.09 56.75 -53.51
C THR K 177 -29.51 56.78 -54.07
N ILE K 178 -29.76 57.65 -55.04
CA ILE K 178 -31.08 57.82 -55.61
C ILE K 178 -31.46 57.02 -56.86
N ALA K 179 -30.55 56.93 -57.84
CA ALA K 179 -30.83 56.19 -59.08
C ALA K 179 -31.28 54.76 -58.75
N THR K 180 -32.07 54.14 -59.62
CA THR K 180 -32.52 52.78 -59.35
C THR K 180 -31.31 51.85 -59.40
N PHE K 181 -31.50 50.63 -58.93
CA PHE K 181 -30.44 49.64 -58.91
C PHE K 181 -29.91 49.40 -60.33
N ASP K 182 -30.83 49.20 -61.27
CA ASP K 182 -30.48 48.95 -62.66
C ASP K 182 -29.77 50.12 -63.33
N ASP K 183 -30.19 51.34 -63.00
CA ASP K 183 -29.60 52.55 -63.57
C ASP K 183 -28.15 52.73 -63.10
N LEU K 184 -27.90 52.44 -61.83
CA LEU K 184 -26.57 52.55 -61.26
C LEU K 184 -25.70 51.48 -61.94
N ARG K 185 -26.21 50.25 -61.97
CA ARG K 185 -25.52 49.14 -62.60
C ARG K 185 -25.04 49.58 -63.99
N GLY K 186 -25.98 50.07 -64.80
CA GLY K 186 -25.67 50.53 -66.14
C GLY K 186 -24.64 51.63 -66.13
N PHE K 187 -24.82 52.63 -65.27
CA PHE K 187 -23.86 53.73 -65.18
C PHE K 187 -22.45 53.21 -64.87
N LEU K 188 -22.37 52.13 -64.06
CA LEU K 188 -21.09 51.55 -63.67
C LEU K 188 -20.41 50.76 -64.80
N GLU K 189 -21.08 50.70 -65.95
CA GLU K 189 -20.52 50.01 -67.11
C GLU K 189 -19.32 50.80 -67.62
N GLY K 190 -18.20 50.09 -67.78
CA GLY K 190 -16.98 50.72 -68.25
C GLY K 190 -16.03 51.01 -67.10
N THR K 191 -16.54 50.89 -65.87
CA THR K 191 -15.74 51.15 -64.69
C THR K 191 -15.30 49.80 -64.10
N LEU K 192 -14.27 49.84 -63.27
CA LEU K 192 -13.73 48.63 -62.63
C LEU K 192 -14.80 47.92 -61.77
N ALA K 193 -15.83 48.67 -61.39
CA ALA K 193 -16.90 48.15 -60.53
C ALA K 193 -18.07 47.59 -61.31
N GLU K 194 -17.93 47.53 -62.64
CA GLU K 194 -19.00 47.02 -63.50
C GLU K 194 -19.44 45.58 -63.16
N SER K 195 -18.46 44.69 -63.05
CA SER K 195 -18.76 43.29 -62.78
C SER K 195 -18.71 42.91 -61.30
N LEU K 196 -17.98 43.69 -60.50
CA LEU K 196 -17.86 43.39 -59.07
C LEU K 196 -19.23 43.39 -58.39
N PHE K 197 -20.07 44.36 -58.73
CA PHE K 197 -21.42 44.49 -58.14
C PHE K 197 -22.52 43.84 -58.96
N ALA K 198 -22.17 42.82 -59.74
CA ALA K 198 -23.17 42.13 -60.57
C ALA K 198 -22.77 40.68 -60.78
N GLY K 199 -23.76 39.85 -61.13
CA GLY K 199 -23.48 38.44 -61.37
C GLY K 199 -23.91 37.43 -60.31
N SER K 200 -24.44 37.91 -59.18
CA SER K 200 -24.89 37.02 -58.11
C SER K 200 -25.58 37.83 -57.02
N ASN K 201 -26.27 37.13 -56.11
CA ASN K 201 -26.96 37.80 -55.02
C ASN K 201 -25.98 38.47 -54.09
N GLU K 202 -24.83 37.84 -53.89
CA GLU K 202 -23.78 38.38 -53.04
C GLU K 202 -23.31 39.72 -53.60
N ALA K 203 -23.10 39.77 -54.91
CA ALA K 203 -22.67 40.99 -55.57
C ALA K 203 -23.74 42.07 -55.41
N SER K 204 -24.99 41.64 -55.48
CA SER K 204 -26.15 42.52 -55.34
C SER K 204 -26.25 43.03 -53.90
N LYS K 205 -26.00 42.13 -52.94
CA LYS K 205 -26.03 42.50 -51.53
C LYS K 205 -24.89 43.49 -51.26
N ALA K 206 -23.73 43.21 -51.84
CA ALA K 206 -22.57 44.07 -51.68
C ALA K 206 -22.88 45.48 -52.15
N LEU K 207 -23.58 45.59 -53.29
CA LEU K 207 -23.94 46.90 -53.87
C LEU K 207 -24.94 47.62 -52.99
N THR K 208 -25.87 46.87 -52.41
CA THR K 208 -26.87 47.48 -51.53
C THR K 208 -26.17 48.06 -50.31
N SER K 209 -25.18 47.33 -49.78
CA SER K 209 -24.43 47.79 -48.62
C SER K 209 -23.68 49.08 -48.92
N ALA K 210 -23.11 49.18 -50.13
CA ALA K 210 -22.36 50.35 -50.56
C ALA K 210 -23.25 51.59 -50.65
N ARG K 211 -24.49 51.38 -51.10
CA ARG K 211 -25.47 52.46 -51.24
C ARG K 211 -25.81 53.00 -49.86
N PHE K 212 -26.13 52.10 -48.94
CA PHE K 212 -26.46 52.51 -47.58
C PHE K 212 -25.28 53.24 -46.95
N VAL K 213 -24.09 52.65 -47.04
CA VAL K 213 -22.93 53.33 -46.47
C VAL K 213 -22.85 54.77 -46.96
N LEU K 214 -22.97 54.95 -48.28
CA LEU K 214 -22.90 56.28 -48.91
C LEU K 214 -24.08 57.20 -48.58
N SER K 215 -25.26 56.62 -48.40
CA SER K 215 -26.43 57.40 -48.06
C SER K 215 -26.22 57.98 -46.67
N ASP K 216 -25.31 57.37 -45.91
CA ASP K 216 -24.97 57.79 -44.54
C ASP K 216 -23.89 58.87 -44.52
N LYS K 217 -22.86 58.69 -45.32
CA LYS K 217 -21.72 59.61 -45.36
C LYS K 217 -21.83 60.87 -46.23
N LEU K 218 -22.35 60.71 -47.45
CA LEU K 218 -22.43 61.81 -48.41
C LEU K 218 -23.39 62.98 -48.18
N PRO K 219 -24.56 62.74 -47.55
CA PRO K 219 -25.52 63.84 -47.32
C PRO K 219 -24.91 65.22 -47.11
N GLU K 220 -24.08 65.36 -46.08
CA GLU K 220 -23.47 66.65 -45.78
C GLU K 220 -22.44 67.14 -46.78
N HIS K 221 -21.91 66.23 -47.60
CA HIS K 221 -20.93 66.60 -48.60
C HIS K 221 -21.66 67.32 -49.72
N VAL K 222 -22.91 66.94 -49.91
CA VAL K 222 -23.76 67.52 -50.94
C VAL K 222 -24.27 68.89 -50.50
N THR K 223 -24.72 69.03 -49.25
CA THR K 223 -25.23 70.31 -48.77
C THR K 223 -24.08 71.33 -48.67
N MET K 224 -22.85 70.83 -48.54
CA MET K 224 -21.68 71.69 -48.44
C MET K 224 -21.55 72.59 -49.66
N PRO K 225 -21.39 73.91 -49.44
CA PRO K 225 -21.25 74.87 -50.55
C PRO K 225 -20.11 74.45 -51.48
N ASP K 226 -20.42 74.34 -52.77
CA ASP K 226 -19.42 73.95 -53.77
C ASP K 226 -18.40 75.07 -53.96
N GLY K 227 -17.16 74.70 -54.21
CA GLY K 227 -16.10 75.67 -54.40
C GLY K 227 -14.83 75.05 -54.97
N ASP K 228 -13.78 75.88 -55.00
CA ASP K 228 -12.48 75.51 -55.55
C ASP K 228 -11.46 75.18 -54.45
N PHE K 229 -11.76 75.56 -53.22
CA PHE K 229 -10.83 75.33 -52.13
C PHE K 229 -10.29 73.90 -52.01
N SER K 230 -8.97 73.80 -51.84
CA SER K 230 -8.31 72.51 -51.70
C SER K 230 -7.35 72.55 -50.51
N ILE K 231 -7.58 71.65 -49.56
CA ILE K 231 -6.76 71.58 -48.36
C ILE K 231 -5.32 71.29 -48.75
N ARG K 232 -5.14 70.44 -49.76
CA ARG K 232 -3.79 70.09 -50.21
C ARG K 232 -3.06 71.36 -50.57
N SER K 233 -3.62 72.11 -51.52
CA SER K 233 -3.03 73.36 -51.96
C SER K 233 -2.86 74.33 -50.78
N TRP K 234 -3.88 74.39 -49.93
CA TRP K 234 -3.81 75.25 -48.77
C TRP K 234 -2.57 74.87 -47.94
N LEU K 235 -2.34 73.57 -47.79
CA LEU K 235 -1.20 73.06 -47.03
C LEU K 235 0.11 73.47 -47.66
N GLU K 236 0.09 73.69 -48.98
CA GLU K 236 1.29 74.06 -49.70
C GLU K 236 1.52 75.54 -49.77
N ASP K 237 0.46 76.31 -49.56
CA ASP K 237 0.55 77.76 -49.61
C ASP K 237 1.08 78.29 -48.27
N PRO K 238 2.34 78.78 -48.25
CA PRO K 238 2.96 79.32 -47.03
C PRO K 238 2.17 80.43 -46.35
N ASN K 239 1.45 81.23 -47.14
CA ASN K 239 0.67 82.33 -46.60
C ASN K 239 -0.85 82.05 -46.66
N GLY K 240 -1.19 80.77 -46.58
CA GLY K 240 -2.59 80.36 -46.63
C GLY K 240 -3.31 80.65 -45.32
N GLY K 241 -2.53 80.89 -44.27
CA GLY K 241 -3.12 81.17 -42.97
C GLY K 241 -3.46 79.89 -42.23
N ASN K 242 -4.48 79.95 -41.38
CA ASN K 242 -4.90 78.79 -40.60
C ASN K 242 -6.29 78.31 -41.02
N LEU K 243 -6.56 77.03 -40.78
CA LEU K 243 -7.84 76.43 -41.15
C LEU K 243 -8.66 76.09 -39.92
N PHE K 244 -9.92 76.53 -39.92
CA PHE K 244 -10.79 76.24 -38.80
C PHE K 244 -11.96 75.41 -39.26
N ILE K 245 -12.06 74.22 -38.69
CA ILE K 245 -13.16 73.32 -38.98
C ILE K 245 -14.10 73.53 -37.81
N THR K 246 -15.16 74.31 -38.04
CA THR K 246 -16.12 74.60 -36.97
C THR K 246 -17.47 73.95 -37.22
N TRP K 247 -18.35 74.02 -36.23
CA TRP K 247 -19.71 73.48 -36.33
C TRP K 247 -20.44 73.69 -35.02
N ARG K 248 -21.77 73.73 -35.11
CA ARG K 248 -22.60 73.91 -33.93
C ARG K 248 -22.74 72.55 -33.25
N GLU K 249 -22.70 72.54 -31.93
CA GLU K 249 -22.78 71.29 -31.22
C GLU K 249 -24.06 70.53 -31.38
N ASP K 250 -25.15 71.22 -31.70
CA ASP K 250 -26.42 70.53 -31.89
C ASP K 250 -26.45 69.83 -33.24
N MET K 251 -25.38 69.99 -34.01
CA MET K 251 -25.27 69.36 -35.31
C MET K 251 -24.11 68.38 -35.35
N GLY K 252 -23.54 68.08 -34.18
CA GLY K 252 -22.41 67.17 -34.11
C GLY K 252 -22.57 65.85 -34.84
N PRO K 253 -23.56 65.02 -34.45
CA PRO K 253 -23.77 63.74 -35.11
C PRO K 253 -23.93 63.79 -36.63
N ALA K 254 -24.60 64.81 -37.13
CA ALA K 254 -24.83 64.95 -38.55
C ALA K 254 -23.53 65.26 -39.33
N LEU K 255 -22.68 66.10 -38.74
CA LEU K 255 -21.44 66.50 -39.37
C LEU K 255 -20.26 65.58 -39.07
N ARG K 256 -20.44 64.65 -38.16
CA ARG K 256 -19.37 63.73 -37.79
C ARG K 256 -18.63 63.14 -39.00
N PRO K 257 -19.36 62.67 -40.03
CA PRO K 257 -18.65 62.10 -41.18
C PRO K 257 -17.84 63.12 -41.99
N LEU K 258 -18.41 64.32 -42.15
CA LEU K 258 -17.74 65.36 -42.92
C LEU K 258 -16.50 65.87 -42.16
N ILE K 259 -16.69 66.19 -40.88
CA ILE K 259 -15.59 66.69 -40.08
C ILE K 259 -14.44 65.68 -40.03
N SER K 260 -14.81 64.41 -39.93
CA SER K 260 -13.84 63.34 -39.88
C SER K 260 -13.10 63.25 -41.22
N ALA K 261 -13.79 63.61 -42.30
CA ALA K 261 -13.22 63.58 -43.65
C ALA K 261 -12.13 64.63 -43.77
N TRP K 262 -12.46 65.86 -43.34
CA TRP K 262 -11.49 66.94 -43.41
C TRP K 262 -10.29 66.62 -42.56
N VAL K 263 -10.54 66.16 -41.33
CA VAL K 263 -9.43 65.84 -40.44
C VAL K 263 -8.55 64.75 -41.05
N ASP K 264 -9.17 63.81 -41.76
CA ASP K 264 -8.40 62.73 -42.38
C ASP K 264 -7.67 63.20 -43.64
N VAL K 265 -8.30 64.12 -44.39
CA VAL K 265 -7.70 64.65 -45.60
C VAL K 265 -6.39 65.34 -45.21
N VAL K 266 -6.42 66.04 -44.07
CA VAL K 266 -5.23 66.71 -43.58
C VAL K 266 -4.19 65.63 -43.24
N CYS K 267 -4.63 64.56 -42.60
CA CYS K 267 -3.74 63.47 -42.20
C CYS K 267 -3.00 62.76 -43.33
N THR K 268 -3.65 62.53 -44.46
CA THR K 268 -2.96 61.88 -45.59
C THR K 268 -2.19 62.90 -46.39
N SER K 269 -2.82 64.03 -46.64
CA SER K 269 -2.22 65.09 -47.44
C SER K 269 -0.85 65.54 -46.98
N ILE K 270 -0.64 65.75 -45.68
CA ILE K 270 0.67 66.20 -45.24
C ILE K 270 1.77 65.18 -45.51
N LEU K 271 1.36 63.96 -45.88
CA LEU K 271 2.30 62.89 -46.20
C LEU K 271 2.84 63.04 -47.63
N SER K 272 2.27 63.98 -48.39
CA SER K 272 2.68 64.24 -49.76
C SER K 272 3.46 65.53 -49.90
N LEU K 273 3.45 66.35 -48.86
CA LEU K 273 4.17 67.63 -48.87
C LEU K 273 5.69 67.47 -49.02
N PRO K 274 6.31 68.32 -49.85
CA PRO K 274 7.76 68.30 -50.09
C PRO K 274 8.50 68.65 -48.79
N GLU K 275 9.51 67.86 -48.45
CA GLU K 275 10.26 68.07 -47.21
C GLU K 275 10.71 69.51 -47.00
N GLU K 276 10.21 70.12 -45.94
CA GLU K 276 10.56 71.50 -45.59
C GLU K 276 10.80 71.60 -44.09
N PRO K 277 12.06 71.46 -43.66
CA PRO K 277 12.48 71.53 -42.26
C PRO K 277 11.98 72.75 -41.48
N LYS K 278 11.63 73.81 -42.20
CA LYS K 278 11.14 75.05 -41.58
C LYS K 278 9.64 75.02 -41.24
N ARG K 279 8.90 74.11 -41.88
CA ARG K 279 7.46 73.99 -41.67
C ARG K 279 7.03 73.37 -40.34
N ARG K 280 5.99 73.92 -39.76
CA ARG K 280 5.42 73.45 -38.51
C ARG K 280 3.90 73.66 -38.57
N LEU K 281 3.16 72.56 -38.68
CA LEU K 281 1.71 72.62 -38.77
C LEU K 281 1.10 71.86 -37.60
N TRP K 282 0.15 72.48 -36.90
CA TRP K 282 -0.52 71.85 -35.78
C TRP K 282 -1.88 71.30 -36.20
N LEU K 283 -2.21 70.13 -35.69
CA LEU K 283 -3.49 69.51 -35.96
C LEU K 283 -4.14 69.46 -34.59
N PHE K 284 -5.06 70.38 -34.33
CA PHE K 284 -5.75 70.45 -33.05
C PHE K 284 -7.06 69.66 -33.12
N ILE K 285 -7.00 68.40 -32.72
CA ILE K 285 -8.16 67.55 -32.73
C ILE K 285 -8.82 67.72 -31.39
N ASP K 286 -9.87 68.53 -31.35
CA ASP K 286 -10.60 68.77 -30.12
C ASP K 286 -10.75 67.50 -29.29
N GLU K 287 -11.75 66.69 -29.62
CA GLU K 287 -12.00 65.44 -28.93
C GLU K 287 -11.81 64.32 -29.94
N LEU K 288 -10.69 63.63 -29.83
CA LEU K 288 -10.34 62.57 -30.75
C LEU K 288 -11.41 61.49 -30.93
N ALA K 289 -12.03 61.08 -29.83
CA ALA K 289 -13.06 60.04 -29.87
C ALA K 289 -14.42 60.50 -30.40
N SER K 290 -14.55 61.78 -30.71
CA SER K 290 -15.82 62.27 -31.23
C SER K 290 -15.84 62.21 -32.75
N LEU K 291 -14.70 61.88 -33.33
CA LEU K 291 -14.58 61.77 -34.77
C LEU K 291 -14.77 60.32 -35.11
N GLU K 292 -15.01 60.02 -36.37
CA GLU K 292 -15.16 58.64 -36.77
C GLU K 292 -13.79 58.01 -36.68
N LYS K 293 -13.73 56.72 -37.00
CA LYS K 293 -12.48 55.98 -36.95
C LYS K 293 -11.63 56.41 -38.15
N LEU K 294 -10.72 57.36 -37.92
CA LEU K 294 -9.89 57.87 -39.02
C LEU K 294 -8.91 56.85 -39.56
N ALA K 295 -8.82 56.80 -40.88
CA ALA K 295 -7.95 55.85 -41.58
C ALA K 295 -6.49 56.27 -41.69
N SER K 296 -6.27 57.59 -41.70
CA SER K 296 -4.91 58.10 -41.85
C SER K 296 -4.30 58.70 -40.60
N LEU K 297 -5.08 58.87 -39.55
CA LEU K 297 -4.55 59.46 -38.33
C LEU K 297 -3.30 58.72 -37.90
N ALA K 298 -3.40 57.40 -37.85
CA ALA K 298 -2.28 56.59 -37.42
C ALA K 298 -0.99 56.91 -38.17
N ASP K 299 -1.02 56.89 -39.49
CA ASP K 299 0.18 57.19 -40.26
C ASP K 299 0.66 58.61 -40.03
N ALA K 300 -0.27 59.56 -40.05
CA ALA K 300 0.09 60.95 -39.84
C ALA K 300 0.83 61.18 -38.51
N LEU K 301 0.48 60.42 -37.48
CA LEU K 301 1.12 60.55 -36.17
C LEU K 301 2.49 59.90 -36.11
N THR K 302 2.77 59.06 -37.10
CA THR K 302 4.01 58.29 -37.18
C THR K 302 4.99 58.72 -38.28
N LYS K 303 4.47 59.34 -39.34
CA LYS K 303 5.31 59.74 -40.44
C LYS K 303 5.14 61.20 -40.83
N GLY K 304 4.61 62.02 -39.93
CA GLY K 304 4.42 63.42 -40.25
C GLY K 304 5.55 64.31 -39.78
N ARG K 305 6.58 63.71 -39.19
CA ARG K 305 7.74 64.46 -38.69
C ARG K 305 8.42 65.25 -39.79
N LYS K 306 8.60 64.63 -40.95
CA LYS K 306 9.23 65.32 -42.08
C LYS K 306 8.41 66.52 -42.58
N ALA K 307 7.09 66.40 -42.53
CA ALA K 307 6.21 67.48 -42.97
C ALA K 307 6.00 68.47 -41.83
N GLY K 308 6.59 68.18 -40.68
CA GLY K 308 6.47 69.04 -39.51
C GLY K 308 5.10 69.04 -38.84
N LEU K 309 4.42 67.89 -38.84
CA LEU K 309 3.08 67.76 -38.22
C LEU K 309 3.19 67.62 -36.70
N ARG K 310 2.31 68.32 -35.99
CA ARG K 310 2.23 68.32 -34.53
C ARG K 310 0.76 68.17 -34.14
N VAL K 311 0.39 67.00 -33.64
CA VAL K 311 -1.00 66.76 -33.27
C VAL K 311 -1.22 66.94 -31.78
N VAL K 312 -2.36 67.53 -31.44
CA VAL K 312 -2.74 67.75 -30.06
C VAL K 312 -4.18 67.28 -30.03
N ALA K 313 -4.41 66.19 -29.30
CA ALA K 313 -5.76 65.64 -29.22
C ALA K 313 -6.26 65.60 -27.79
N GLY K 314 -7.59 65.68 -27.66
CA GLY K 314 -8.21 65.62 -26.35
C GLY K 314 -8.88 64.28 -26.18
N LEU K 315 -8.95 63.81 -24.94
CA LEU K 315 -9.56 62.53 -24.65
C LEU K 315 -10.18 62.61 -23.27
N GLN K 316 -11.08 61.69 -22.98
CA GLN K 316 -11.71 61.68 -21.67
C GLN K 316 -11.64 60.28 -21.10
N SER K 317 -12.61 59.42 -21.40
CA SER K 317 -12.58 58.04 -20.88
C SER K 317 -11.84 57.11 -21.83
N THR K 318 -11.11 56.16 -21.27
CA THR K 318 -10.36 55.18 -22.06
C THR K 318 -11.35 54.47 -22.99
N SER K 319 -12.49 54.12 -22.42
CA SER K 319 -13.54 53.41 -23.14
C SER K 319 -14.10 54.12 -24.37
N GLN K 320 -14.01 55.44 -24.41
CA GLN K 320 -14.53 56.20 -25.55
C GLN K 320 -13.78 55.89 -26.84
N LEU K 321 -12.46 56.04 -26.82
CA LEU K 321 -11.63 55.78 -27.98
C LEU K 321 -11.63 54.26 -28.26
N ASP K 322 -11.76 53.48 -27.19
CA ASP K 322 -11.79 52.02 -27.31
C ASP K 322 -12.98 51.57 -28.09
N ASP K 323 -14.10 52.26 -27.90
CA ASP K 323 -15.32 51.88 -28.59
C ASP K 323 -15.24 52.28 -30.07
N VAL K 324 -14.54 53.39 -30.34
CA VAL K 324 -14.40 53.87 -31.71
C VAL K 324 -13.37 53.08 -32.54
N TYR K 325 -12.16 52.91 -32.03
CA TYR K 325 -11.13 52.17 -32.75
C TYR K 325 -10.99 50.71 -32.39
N GLY K 326 -11.45 50.34 -31.19
CA GLY K 326 -11.31 48.97 -30.74
C GLY K 326 -10.14 49.02 -29.79
N VAL K 327 -10.14 48.17 -28.78
CA VAL K 327 -9.08 48.13 -27.79
C VAL K 327 -7.66 48.13 -28.34
N LYS K 328 -7.40 47.28 -29.32
CA LYS K 328 -6.06 47.19 -29.91
C LYS K 328 -5.66 48.45 -30.67
N GLU K 329 -6.47 48.87 -31.63
CA GLU K 329 -6.13 50.06 -32.40
C GLU K 329 -6.11 51.33 -31.55
N ALA K 330 -7.01 51.42 -30.57
CA ALA K 330 -7.04 52.57 -29.70
C ALA K 330 -5.71 52.66 -28.95
N GLN K 331 -5.21 51.51 -28.51
CA GLN K 331 -3.94 51.47 -27.78
C GLN K 331 -2.81 51.99 -28.65
N THR K 332 -2.83 51.55 -29.91
CA THR K 332 -1.81 51.96 -30.86
C THR K 332 -1.88 53.46 -31.09
N LEU K 333 -3.09 53.97 -31.19
CA LEU K 333 -3.31 55.39 -31.43
C LEU K 333 -2.78 56.21 -30.25
N ARG K 334 -3.28 55.93 -29.05
CA ARG K 334 -2.81 56.65 -27.86
C ARG K 334 -1.30 56.54 -27.72
N ALA K 335 -0.75 55.39 -28.08
CA ALA K 335 0.69 55.16 -27.97
C ALA K 335 1.50 56.04 -28.90
N SER K 336 0.80 56.68 -29.85
CA SER K 336 1.46 57.55 -30.83
C SER K 336 1.69 58.96 -30.28
N PHE K 337 1.06 59.29 -29.16
CA PHE K 337 1.25 60.61 -28.56
C PHE K 337 2.28 60.47 -27.42
N ARG K 338 3.49 60.96 -27.67
CA ARG K 338 4.59 60.86 -26.70
C ARG K 338 4.46 61.75 -25.46
N SER K 339 3.77 62.88 -25.59
CA SER K 339 3.58 63.79 -24.47
C SER K 339 2.16 63.69 -23.95
N LEU K 340 2.05 63.63 -22.63
CA LEU K 340 0.77 63.47 -21.97
C LEU K 340 0.53 64.53 -20.92
N VAL K 341 -0.73 64.93 -20.78
CA VAL K 341 -1.14 65.91 -19.77
C VAL K 341 -2.38 65.32 -19.11
N VAL K 342 -2.31 65.08 -17.80
CA VAL K 342 -3.45 64.52 -17.09
C VAL K 342 -4.15 65.59 -16.26
N LEU K 343 -5.37 65.94 -16.67
CA LEU K 343 -6.18 66.96 -16.03
C LEU K 343 -7.08 66.51 -14.90
N GLY K 344 -7.18 65.20 -14.65
CA GLY K 344 -8.04 64.77 -13.56
C GLY K 344 -9.47 64.48 -13.99
N GLY K 345 -9.97 63.31 -13.57
CA GLY K 345 -11.30 62.93 -13.96
C GLY K 345 -12.27 62.74 -12.82
N SER K 346 -13.27 61.89 -13.04
CA SER K 346 -14.31 61.61 -12.08
C SER K 346 -14.03 60.40 -11.19
N ARG K 347 -14.52 60.46 -9.97
CA ARG K 347 -14.38 59.36 -9.02
C ARG K 347 -15.26 58.22 -9.51
N THR K 348 -16.17 58.54 -10.44
CA THR K 348 -17.07 57.54 -10.98
C THR K 348 -16.45 56.76 -12.14
N ASP K 349 -15.17 57.02 -12.43
CA ASP K 349 -14.47 56.30 -13.49
C ASP K 349 -13.09 55.85 -13.01
N PRO K 350 -13.04 54.90 -12.05
CA PRO K 350 -11.78 54.39 -11.50
C PRO K 350 -10.85 53.73 -12.52
N LYS K 351 -11.42 53.17 -13.57
CA LYS K 351 -10.61 52.53 -14.61
C LYS K 351 -9.72 53.50 -15.38
N THR K 352 -10.25 54.65 -15.76
CA THR K 352 -9.43 55.60 -16.49
C THR K 352 -8.45 56.27 -15.53
N ASN K 353 -8.84 56.40 -14.26
CA ASN K 353 -7.93 57.01 -13.28
C ASN K 353 -6.74 56.08 -13.08
N GLU K 354 -7.02 54.78 -13.10
CA GLU K 354 -5.97 53.77 -12.97
C GLU K 354 -5.04 53.84 -14.19
N ASP K 355 -5.62 53.93 -15.38
CA ASP K 355 -4.85 53.99 -16.62
C ASP K 355 -3.96 55.22 -16.63
N MET K 356 -4.50 56.34 -16.17
CA MET K 356 -3.72 57.58 -16.14
C MET K 356 -2.61 57.48 -15.10
N SER K 357 -2.93 56.92 -13.94
CA SER K 357 -1.95 56.71 -12.88
C SER K 357 -0.80 55.82 -13.40
N LEU K 358 -1.19 54.72 -14.03
CA LEU K 358 -0.26 53.79 -14.62
C LEU K 358 0.60 54.52 -15.65
N SER K 359 -0.02 55.42 -16.41
CA SER K 359 0.66 56.18 -17.46
C SER K 359 1.69 57.15 -16.91
N LEU K 360 1.34 57.82 -15.81
CA LEU K 360 2.27 58.75 -15.18
C LEU K 360 3.45 57.94 -14.65
N GLY K 361 3.19 56.68 -14.33
CA GLY K 361 4.26 55.79 -13.89
C GLY K 361 4.51 55.59 -12.42
N GLU K 362 5.42 54.65 -12.15
CA GLU K 362 5.85 54.29 -10.81
C GLU K 362 7.32 54.64 -10.63
N HIS K 363 7.77 54.63 -9.39
CA HIS K 363 9.17 54.91 -9.11
C HIS K 363 9.63 53.99 -7.99
N GLU K 364 10.93 53.71 -7.98
CA GLU K 364 11.52 52.89 -6.93
C GLU K 364 12.25 53.92 -6.11
N VAL K 365 12.12 53.82 -4.78
CA VAL K 365 12.74 54.78 -3.89
C VAL K 365 13.18 54.18 -2.55
N GLU K 366 14.20 54.79 -1.94
CA GLU K 366 14.70 54.36 -0.63
C GLU K 366 14.20 55.35 0.44
N ARG K 367 13.53 54.82 1.46
CA ARG K 367 12.98 55.66 2.52
C ARG K 367 13.36 55.12 3.88
N ASP K 368 13.62 56.03 4.82
CA ASP K 368 13.98 55.62 6.18
C ASP K 368 12.71 55.36 6.99
N ARG K 369 12.64 54.19 7.61
CA ARG K 369 11.48 53.85 8.42
C ARG K 369 11.92 54.03 9.87
N TYR K 370 11.65 55.22 10.42
CA TYR K 370 12.04 55.56 11.79
C TYR K 370 11.29 54.77 12.86
N SER K 371 12.00 54.50 13.96
CA SER K 371 11.41 53.75 15.06
C SER K 371 11.71 54.34 16.45
N LYS K 372 10.81 54.07 17.38
CA LYS K 372 10.92 54.53 18.77
C LYS K 372 10.30 53.50 19.72
N ARG K 382 18.30 53.82 12.25
CA ARG K 382 17.69 54.06 10.94
C ARG K 382 17.52 52.76 10.14
N ALA K 383 16.32 52.54 9.59
CA ALA K 383 16.09 51.35 8.78
C ALA K 383 15.69 51.75 7.37
N LEU K 384 16.58 51.50 6.41
CA LEU K 384 16.34 51.84 5.01
C LEU K 384 15.57 50.73 4.32
N GLU K 385 14.53 51.12 3.59
CA GLU K 385 13.72 50.16 2.86
C GLU K 385 13.53 50.62 1.43
N ARG K 386 13.40 49.67 0.52
CA ARG K 386 13.20 49.97 -0.89
C ARG K 386 11.72 49.82 -1.19
N VAL K 387 11.15 50.82 -1.85
CA VAL K 387 9.73 50.82 -2.16
C VAL K 387 9.43 51.25 -3.59
N ARG K 388 8.51 50.51 -4.21
CA ARG K 388 8.06 50.76 -5.57
C ARG K 388 6.65 51.32 -5.41
N GLU K 389 6.39 52.50 -5.98
CA GLU K 389 5.06 53.06 -5.84
C GLU K 389 4.63 53.98 -6.95
N ARG K 390 3.33 54.21 -7.02
CA ARG K 390 2.79 55.08 -8.03
C ARG K 390 3.18 56.51 -7.72
N VAL K 391 3.81 57.19 -8.68
CA VAL K 391 4.17 58.57 -8.46
C VAL K 391 2.86 59.32 -8.21
N VAL K 392 1.85 59.00 -9.01
CA VAL K 392 0.54 59.65 -8.86
C VAL K 392 -0.53 58.59 -8.73
N MET K 393 -1.20 58.58 -7.58
CA MET K 393 -2.26 57.61 -7.33
C MET K 393 -3.49 57.89 -8.17
N PRO K 394 -4.36 56.88 -8.33
CA PRO K 394 -5.58 57.09 -9.11
C PRO K 394 -6.47 58.10 -8.37
N ALA K 395 -6.48 58.00 -7.04
CA ALA K 395 -7.27 58.90 -6.20
C ALA K 395 -6.78 60.35 -6.26
N GLU K 396 -5.49 60.53 -6.54
CA GLU K 396 -4.93 61.87 -6.63
C GLU K 396 -5.40 62.50 -7.94
N ILE K 397 -5.70 61.67 -8.93
CA ILE K 397 -6.17 62.15 -10.22
C ILE K 397 -7.67 62.47 -10.16
N ALA K 398 -8.41 61.70 -9.38
CA ALA K 398 -9.85 61.91 -9.23
C ALA K 398 -10.11 63.15 -8.37
N ASN K 399 -9.20 63.43 -7.46
CA ASN K 399 -9.31 64.58 -6.56
C ASN K 399 -8.56 65.81 -7.05
N LEU K 400 -8.15 65.81 -8.31
CA LEU K 400 -7.44 66.96 -8.86
C LEU K 400 -8.39 68.14 -8.97
N PRO K 401 -8.00 69.31 -8.43
CA PRO K 401 -8.88 70.48 -8.51
C PRO K 401 -8.82 71.00 -9.95
N ASP K 402 -9.88 71.65 -10.40
CA ASP K 402 -9.87 72.16 -11.76
C ASP K 402 -8.67 73.07 -11.99
N LEU K 403 -8.25 73.19 -13.25
CA LEU K 403 -7.13 74.03 -13.61
C LEU K 403 -5.79 73.60 -12.99
N THR K 404 -5.66 72.29 -12.74
CA THR K 404 -4.43 71.71 -12.21
C THR K 404 -4.16 70.51 -13.11
N ALA K 405 -2.93 70.34 -13.55
CA ALA K 405 -2.62 69.22 -14.43
C ALA K 405 -1.28 68.62 -14.17
N TYR K 406 -1.09 67.39 -14.66
CA TYR K 406 0.19 66.72 -14.57
C TYR K 406 0.70 66.81 -16.00
N VAL K 407 1.92 67.31 -16.15
CA VAL K 407 2.51 67.45 -17.47
C VAL K 407 3.70 66.52 -17.59
N GLY K 408 3.60 65.58 -18.52
CA GLY K 408 4.67 64.63 -18.71
C GLY K 408 5.11 64.69 -20.15
N PHE K 409 6.21 65.39 -20.40
CA PHE K 409 6.71 65.52 -21.75
C PHE K 409 7.39 64.25 -22.24
N ALA K 410 7.43 64.08 -23.56
CA ALA K 410 8.06 62.92 -24.16
C ALA K 410 9.49 62.78 -23.67
N GLY K 411 10.03 61.57 -23.73
CA GLY K 411 11.40 61.34 -23.32
C GLY K 411 11.73 61.34 -21.84
N ASN K 412 13.02 61.53 -21.55
CA ASN K 412 13.51 61.54 -20.19
C ASN K 412 13.34 62.89 -19.49
N ARG K 413 12.09 63.18 -19.09
CA ARG K 413 11.77 64.41 -18.38
C ARG K 413 10.88 64.02 -17.22
N PRO K 414 11.05 64.65 -16.06
CA PRO K 414 10.19 64.30 -14.94
C PRO K 414 8.79 64.83 -15.22
N ILE K 415 7.82 64.39 -14.44
CA ILE K 415 6.46 64.90 -14.60
C ILE K 415 6.31 65.97 -13.53
N ALA K 416 5.24 66.76 -13.64
CA ALA K 416 5.02 67.81 -12.66
C ALA K 416 3.55 68.18 -12.63
N LYS K 417 3.09 68.57 -11.46
CA LYS K 417 1.72 69.00 -11.25
C LYS K 417 1.79 70.51 -11.37
N VAL K 418 1.12 71.06 -12.38
CA VAL K 418 1.15 72.49 -12.62
C VAL K 418 -0.25 73.05 -12.76
N PRO K 419 -0.45 74.30 -12.31
CA PRO K 419 -1.75 74.97 -12.38
C PRO K 419 -1.90 75.71 -13.71
N LEU K 420 -3.15 75.82 -14.16
CA LEU K 420 -3.49 76.50 -15.39
C LEU K 420 -4.01 77.89 -15.11
N GLU K 421 -3.42 78.87 -15.79
CA GLU K 421 -3.80 80.27 -15.68
C GLU K 421 -4.93 80.52 -16.67
N ILE K 422 -6.04 81.07 -16.19
CA ILE K 422 -7.17 81.36 -17.08
C ILE K 422 -6.96 82.70 -17.79
N LYS K 423 -6.15 82.71 -18.84
CA LYS K 423 -5.90 83.94 -19.57
C LYS K 423 -7.16 84.35 -20.31
N GLN K 424 -7.39 85.65 -20.42
CA GLN K 424 -8.58 86.17 -21.08
C GLN K 424 -8.24 86.54 -22.51
N PHE K 425 -9.09 86.14 -23.44
CA PHE K 425 -8.88 86.46 -24.83
C PHE K 425 -10.08 87.24 -25.35
N ALA K 426 -9.80 88.25 -26.17
CA ALA K 426 -10.84 89.10 -26.73
C ALA K 426 -11.45 88.41 -27.95
N ASN K 427 -12.75 88.59 -28.14
CA ASN K 427 -13.47 88.00 -29.27
C ASN K 427 -13.13 88.83 -30.51
N ARG K 428 -12.21 88.33 -31.34
CA ARG K 428 -11.80 89.04 -32.54
C ARG K 428 -12.64 88.74 -33.78
N GLN K 429 -13.53 87.75 -33.68
CA GLN K 429 -14.35 87.35 -34.82
C GLN K 429 -15.65 86.72 -34.34
N PRO K 430 -16.72 86.81 -35.15
CA PRO K 430 -17.96 86.18 -34.67
C PRO K 430 -17.72 84.67 -34.76
N ALA K 431 -18.17 83.93 -33.75
CA ALA K 431 -17.98 82.49 -33.73
C ALA K 431 -18.70 81.79 -34.87
N PHE K 432 -19.97 82.12 -35.03
CA PHE K 432 -20.82 81.53 -36.06
C PHE K 432 -21.55 82.61 -36.85
N VAL K 433 -21.42 82.55 -38.18
CA VAL K 433 -22.07 83.53 -39.06
C VAL K 433 -23.01 82.84 -40.05
N GLU K 434 -24.24 83.34 -40.09
CA GLU K 434 -25.31 82.82 -40.97
C GLU K 434 -26.07 81.78 -40.18
N GLY K 435 -26.99 81.10 -40.84
CA GLY K 435 -27.77 80.08 -40.17
C GLY K 435 -29.16 80.53 -39.78
N THR K 436 -29.73 79.84 -38.80
CA THR K 436 -31.08 80.15 -38.32
C THR K 436 -31.02 81.14 -37.16
N ASN L 2 -1.20 58.99 16.49
CA ASN L 2 -2.12 57.93 15.95
C ASN L 2 -3.55 58.18 16.44
N SER L 3 -4.02 59.41 16.27
CA SER L 3 -5.35 59.82 16.69
C SER L 3 -6.06 60.63 15.60
N VAL L 4 -6.03 60.11 14.38
CA VAL L 4 -6.66 60.79 13.26
C VAL L 4 -7.62 59.85 12.52
N GLY L 5 -8.89 60.22 12.47
CA GLY L 5 -9.86 59.38 11.79
C GLY L 5 -10.96 58.80 12.65
N GLN L 6 -10.97 59.09 13.95
CA GLN L 6 -12.02 58.56 14.83
C GLN L 6 -13.39 58.98 14.29
N GLY L 7 -14.26 57.99 14.02
CA GLY L 7 -15.58 58.29 13.50
C GLY L 7 -15.72 58.48 11.99
N GLU L 8 -14.84 59.30 11.40
CA GLU L 8 -14.88 59.58 9.97
C GLU L 8 -14.43 58.36 9.15
N PHE L 9 -13.21 57.91 9.37
CA PHE L 9 -12.67 56.73 8.69
C PHE L 9 -13.15 55.49 9.45
N GLY L 10 -13.59 54.47 8.70
CA GLY L 10 -14.08 53.25 9.32
C GLY L 10 -13.00 52.30 9.81
N GLY L 11 -11.82 52.38 9.21
CA GLY L 11 -10.73 51.51 9.61
C GLY L 11 -10.01 51.99 10.85
N ALA L 12 -8.75 51.59 10.98
CA ALA L 12 -7.92 51.96 12.11
C ALA L 12 -7.41 53.39 11.98
N PRO L 13 -7.40 54.13 13.10
CA PRO L 13 -6.94 55.52 13.14
C PRO L 13 -5.49 55.59 12.69
N PHE L 14 -5.07 56.73 12.16
CA PHE L 14 -3.70 56.87 11.73
C PHE L 14 -3.09 58.14 12.26
N LYS L 15 -1.78 58.25 12.08
CA LYS L 15 -1.02 59.39 12.54
C LYS L 15 -0.94 60.51 11.52
N ARG L 16 -0.76 60.15 10.25
CA ARG L 16 -0.62 61.16 9.21
C ARG L 16 -1.23 60.71 7.88
N PHE L 17 -2.00 61.60 7.26
CA PHE L 17 -2.62 61.31 5.96
C PHE L 17 -1.67 61.79 4.86
N LEU L 18 -1.29 60.89 3.95
CA LEU L 18 -0.35 61.24 2.89
C LEU L 18 -0.96 61.73 1.57
N ARG L 19 -1.85 60.92 0.98
CA ARG L 19 -2.51 61.27 -0.26
C ARG L 19 -3.73 60.38 -0.55
N GLY L 20 -4.48 60.73 -1.59
CA GLY L 20 -5.65 59.96 -1.95
C GLY L 20 -6.96 60.56 -1.48
N THR L 21 -7.97 59.72 -1.37
CA THR L 21 -9.28 60.17 -0.93
C THR L 21 -9.33 60.47 0.57
N ARG L 22 -9.86 61.64 0.91
CA ARG L 22 -10.00 62.04 2.31
C ARG L 22 -11.44 61.75 2.66
N ILE L 23 -11.67 61.24 3.86
CA ILE L 23 -13.02 60.98 4.31
C ILE L 23 -13.18 61.87 5.53
N VAL L 24 -14.25 62.64 5.53
CA VAL L 24 -14.50 63.57 6.61
C VAL L 24 -15.90 63.29 7.17
N SER L 25 -16.23 63.90 8.30
CA SER L 25 -17.54 63.69 8.91
C SER L 25 -18.60 64.37 8.07
N GLY L 26 -19.85 64.00 8.28
CA GLY L 26 -20.93 64.64 7.53
C GLY L 26 -20.93 66.13 7.84
N GLY L 27 -20.80 66.45 9.12
CA GLY L 27 -20.80 67.84 9.56
C GLY L 27 -19.66 68.69 9.02
N LYS L 28 -18.45 68.15 9.03
CA LYS L 28 -17.30 68.89 8.54
C LYS L 28 -17.40 69.13 7.02
N LEU L 29 -18.06 68.21 6.31
CA LEU L 29 -18.25 68.35 4.86
C LEU L 29 -19.30 69.43 4.61
N LYS L 30 -20.41 69.39 5.35
CA LYS L 30 -21.45 70.40 5.19
C LYS L 30 -20.82 71.78 5.39
N ARG L 31 -19.78 71.81 6.20
CA ARG L 31 -19.07 73.04 6.54
C ARG L 31 -18.14 73.47 5.41
N MET L 32 -17.55 72.49 4.74
CA MET L 32 -16.61 72.74 3.64
C MET L 32 -17.30 73.09 2.33
N THR L 33 -18.48 72.53 2.11
CA THR L 33 -19.22 72.78 0.88
C THR L 33 -20.11 74.01 0.95
N ARG L 34 -20.46 74.41 2.17
CA ARG L 34 -21.32 75.59 2.38
C ARG L 34 -20.78 76.78 1.61
N GLU L 35 -21.68 77.44 0.88
CA GLU L 35 -21.32 78.59 0.08
C GLU L 35 -22.32 79.72 0.28
N LYS L 36 -21.86 80.92 -0.01
CA LYS L 36 -22.64 82.13 0.10
C LYS L 36 -23.93 82.05 -0.71
N ALA L 37 -23.79 81.70 -1.99
CA ALA L 37 -24.93 81.60 -2.91
C ALA L 37 -25.97 80.59 -2.44
N LYS L 38 -27.17 80.70 -2.99
CA LYS L 38 -28.28 79.78 -2.66
C LYS L 38 -27.91 78.40 -3.20
N GLN L 39 -28.04 77.37 -2.36
CA GLN L 39 -27.67 76.03 -2.77
C GLN L 39 -28.75 74.98 -2.67
N VAL L 40 -28.47 73.86 -3.32
CA VAL L 40 -29.34 72.70 -3.32
C VAL L 40 -28.63 71.72 -2.39
N THR L 41 -29.36 70.78 -1.77
CA THR L 41 -28.68 69.83 -0.89
C THR L 41 -28.84 68.34 -1.24
N VAL L 42 -27.72 67.63 -1.12
CA VAL L 42 -27.64 66.20 -1.39
C VAL L 42 -27.41 65.51 -0.05
N ALA L 43 -28.44 64.82 0.43
CA ALA L 43 -28.36 64.11 1.70
C ALA L 43 -28.07 65.06 2.87
N GLY L 44 -28.53 66.30 2.74
CA GLY L 44 -28.30 67.28 3.79
C GLY L 44 -27.06 68.11 3.54
N VAL L 45 -26.18 67.64 2.67
CA VAL L 45 -24.96 68.38 2.40
C VAL L 45 -25.15 69.36 1.23
N PRO L 46 -24.93 70.66 1.47
CA PRO L 46 -25.12 71.59 0.36
C PRO L 46 -24.17 71.21 -0.77
N MET L 47 -24.66 71.26 -2.00
CA MET L 47 -23.86 70.92 -3.16
C MET L 47 -23.12 72.12 -3.73
N PRO L 48 -21.79 72.01 -3.88
CA PRO L 48 -21.00 73.13 -4.44
C PRO L 48 -21.60 73.58 -5.77
N ARG L 49 -21.72 74.89 -5.94
CA ARG L 49 -22.31 75.43 -7.16
C ARG L 49 -21.64 74.92 -8.42
N ASP L 50 -20.32 74.89 -8.44
CA ASP L 50 -19.55 74.43 -9.60
C ASP L 50 -19.82 72.96 -9.95
N ALA L 51 -20.28 72.18 -8.97
CA ALA L 51 -20.52 70.76 -9.18
C ALA L 51 -21.84 70.45 -9.87
N GLU L 52 -22.82 71.33 -9.71
CA GLU L 52 -24.15 71.14 -10.30
C GLU L 52 -24.13 70.80 -11.78
N PRO L 53 -23.50 71.66 -12.62
CA PRO L 53 -23.46 71.37 -14.06
C PRO L 53 -22.56 70.19 -14.45
N ARG L 54 -22.00 69.51 -13.46
CA ARG L 54 -21.13 68.36 -13.70
C ARG L 54 -21.81 67.04 -13.33
N HIS L 55 -23.12 67.14 -13.07
CA HIS L 55 -23.99 66.02 -12.80
C HIS L 55 -23.70 65.09 -11.61
N LEU L 56 -24.78 64.52 -11.10
CA LEU L 56 -24.74 63.64 -9.96
C LEU L 56 -25.28 62.25 -10.28
N LEU L 57 -24.54 61.23 -9.87
CA LEU L 57 -24.95 59.86 -10.09
C LEU L 57 -25.25 59.28 -8.71
N VAL L 58 -26.48 58.83 -8.49
CA VAL L 58 -26.84 58.25 -7.22
C VAL L 58 -26.99 56.75 -7.37
N ASN L 59 -26.01 56.00 -6.87
CA ASN L 59 -26.05 54.55 -6.97
C ASN L 59 -26.53 53.95 -5.64
N GLY L 60 -27.38 52.92 -5.69
CA GLY L 60 -27.87 52.31 -4.47
C GLY L 60 -28.95 51.29 -4.73
N ALA L 61 -29.16 50.38 -3.77
CA ALA L 61 -30.18 49.33 -3.89
C ALA L 61 -31.58 49.92 -3.82
N THR L 62 -32.59 49.06 -3.66
CA THR L 62 -33.99 49.51 -3.60
C THR L 62 -34.43 49.81 -2.15
N GLY L 63 -34.99 51.01 -1.96
CA GLY L 63 -35.46 51.41 -0.65
C GLY L 63 -34.35 51.84 0.29
N THR L 64 -33.21 52.25 -0.26
CA THR L 64 -32.10 52.69 0.58
C THR L 64 -32.17 54.20 0.84
N GLY L 65 -33.18 54.86 0.26
CA GLY L 65 -33.37 56.29 0.45
C GLY L 65 -33.16 57.16 -0.77
N LYS L 66 -33.14 56.55 -1.94
CA LYS L 66 -32.95 57.29 -3.20
C LYS L 66 -34.07 58.30 -3.36
N SER L 67 -35.28 57.87 -3.04
CA SER L 67 -36.45 58.74 -3.14
C SER L 67 -36.21 59.94 -2.25
N VAL L 68 -35.95 59.66 -0.98
CA VAL L 68 -35.69 60.70 -0.01
C VAL L 68 -34.64 61.70 -0.54
N LEU L 69 -33.58 61.19 -1.14
CA LEU L 69 -32.51 62.05 -1.65
C LEU L 69 -32.88 62.87 -2.89
N LEU L 70 -33.56 62.24 -3.85
CA LEU L 70 -33.99 62.92 -5.06
C LEU L 70 -35.08 63.91 -4.67
N ARG L 71 -35.95 63.46 -3.80
CA ARG L 71 -37.07 64.25 -3.28
C ARG L 71 -36.50 65.57 -2.75
N GLU L 72 -35.54 65.47 -1.83
CA GLU L 72 -34.90 66.63 -1.22
C GLU L 72 -34.09 67.50 -2.18
N LEU L 73 -33.49 66.87 -3.18
CA LEU L 73 -32.70 67.59 -4.16
C LEU L 73 -33.63 68.42 -5.04
N ALA L 74 -34.81 67.89 -5.33
CA ALA L 74 -35.77 68.59 -6.16
C ALA L 74 -36.38 69.76 -5.39
N TYR L 75 -36.82 69.51 -4.16
CA TYR L 75 -37.41 70.55 -3.32
C TYR L 75 -36.49 71.75 -3.19
N THR L 76 -35.27 71.53 -2.72
CA THR L 76 -34.32 72.61 -2.53
C THR L 76 -33.91 73.30 -3.83
N GLY L 77 -34.14 72.62 -4.95
CA GLY L 77 -33.81 73.20 -6.25
C GLY L 77 -34.97 74.09 -6.68
N LEU L 78 -36.17 73.65 -6.36
CA LEU L 78 -37.38 74.39 -6.68
C LEU L 78 -37.39 75.68 -5.86
N LEU L 79 -37.18 75.56 -4.55
CA LEU L 79 -37.14 76.70 -3.65
C LEU L 79 -36.24 77.79 -4.22
N ARG L 80 -35.22 77.37 -4.96
CA ARG L 80 -34.28 78.31 -5.54
C ARG L 80 -34.77 78.82 -6.88
N GLY L 81 -35.91 78.29 -7.33
CA GLY L 81 -36.49 78.72 -8.59
C GLY L 81 -35.97 78.04 -9.85
N ASP L 82 -35.27 76.92 -9.69
CA ASP L 82 -34.75 76.21 -10.85
C ASP L 82 -35.87 75.48 -11.56
N ARG L 83 -35.69 75.29 -12.87
CA ARG L 83 -36.67 74.55 -13.66
C ARG L 83 -36.14 73.13 -13.77
N MET L 84 -37.01 72.20 -14.14
CA MET L 84 -36.56 70.82 -14.26
C MET L 84 -37.56 69.88 -14.90
N VAL L 85 -37.02 68.87 -15.57
CA VAL L 85 -37.83 67.85 -16.21
C VAL L 85 -37.57 66.64 -15.35
N ILE L 86 -38.63 65.98 -14.91
CA ILE L 86 -38.48 64.82 -14.05
C ILE L 86 -39.06 63.53 -14.61
N VAL L 87 -38.21 62.51 -14.77
CA VAL L 87 -38.68 61.21 -15.23
C VAL L 87 -39.30 60.72 -13.94
N ASP L 88 -40.62 60.82 -13.85
CA ASP L 88 -41.32 60.48 -12.64
C ASP L 88 -42.27 59.26 -12.61
N PRO L 89 -41.74 58.07 -12.29
CA PRO L 89 -42.55 56.85 -12.23
C PRO L 89 -43.69 56.96 -11.23
N ASN L 90 -44.89 56.61 -11.69
CA ASN L 90 -46.09 56.66 -10.86
C ASN L 90 -46.54 58.04 -10.40
N GLY L 91 -45.90 59.08 -10.92
CA GLY L 91 -46.28 60.44 -10.57
C GLY L 91 -45.99 60.87 -9.14
N ASP L 92 -44.99 60.26 -8.51
CA ASP L 92 -44.62 60.58 -7.13
C ASP L 92 -44.15 62.03 -6.95
N MET L 93 -43.25 62.48 -7.83
CA MET L 93 -42.73 63.84 -7.76
C MET L 93 -43.82 64.84 -8.14
N LEU L 94 -44.72 64.41 -9.02
CA LEU L 94 -45.82 65.25 -9.47
C LEU L 94 -46.75 65.56 -8.32
N SER L 95 -47.15 64.50 -7.61
CA SER L 95 -48.05 64.63 -6.48
C SER L 95 -47.48 65.49 -5.37
N LYS L 96 -46.15 65.49 -5.23
CA LYS L 96 -45.46 66.27 -4.20
C LYS L 96 -45.07 67.68 -4.63
N PHE L 97 -44.55 67.80 -5.85
CA PHE L 97 -44.08 69.09 -6.37
C PHE L 97 -44.78 69.73 -7.58
N GLY L 98 -45.88 69.13 -8.01
CA GLY L 98 -46.60 69.68 -9.15
C GLY L 98 -47.43 70.94 -8.91
N ARG L 99 -47.20 71.96 -9.76
CA ARG L 99 -47.95 73.21 -9.71
C ARG L 99 -48.87 73.22 -10.92
N ASP L 100 -49.75 74.20 -11.02
CA ASP L 100 -50.68 74.25 -12.15
C ASP L 100 -50.08 74.69 -13.50
N LYS L 101 -49.03 75.52 -13.44
CA LYS L 101 -48.37 75.98 -14.65
C LYS L 101 -47.41 74.91 -15.16
N ASP L 102 -47.28 73.82 -14.42
CA ASP L 102 -46.39 72.74 -14.81
C ASP L 102 -46.98 71.80 -15.86
N ILE L 103 -46.08 71.19 -16.64
CA ILE L 103 -46.43 70.29 -17.74
C ILE L 103 -46.41 68.82 -17.36
N ILE L 104 -47.24 68.03 -18.03
CA ILE L 104 -47.30 66.58 -17.79
C ILE L 104 -47.34 65.80 -19.10
N LEU L 105 -46.40 64.87 -19.28
CA LEU L 105 -46.36 64.03 -20.47
C LEU L 105 -46.58 62.58 -20.07
N ASN L 106 -47.77 62.07 -20.39
CA ASN L 106 -48.17 60.71 -20.08
C ASN L 106 -49.33 60.41 -21.04
N PRO L 107 -49.16 59.47 -21.97
CA PRO L 107 -50.29 59.21 -22.86
C PRO L 107 -51.60 58.77 -22.22
N TYR L 108 -51.58 58.40 -20.94
CA TYR L 108 -52.79 57.95 -20.28
C TYR L 108 -53.36 58.81 -19.14
N ASP L 109 -52.84 60.02 -18.99
CA ASP L 109 -53.31 60.94 -17.95
C ASP L 109 -54.05 62.12 -18.60
N GLN L 110 -55.28 62.37 -18.14
CA GLN L 110 -56.08 63.44 -18.71
C GLN L 110 -55.42 64.81 -18.75
N ARG L 111 -54.44 65.02 -17.88
CA ARG L 111 -53.74 66.31 -17.80
C ARG L 111 -52.60 66.45 -18.80
N THR L 112 -52.33 65.39 -19.54
CA THR L 112 -51.23 65.37 -20.51
C THR L 112 -51.31 66.37 -21.63
N LYS L 113 -50.15 66.86 -22.06
CA LYS L 113 -50.10 67.77 -23.19
C LYS L 113 -50.20 66.91 -24.43
N GLY L 114 -50.54 67.52 -25.55
CA GLY L 114 -50.63 66.80 -26.80
C GLY L 114 -49.27 66.95 -27.43
N TRP L 115 -48.75 65.87 -28.04
CA TRP L 115 -47.43 65.92 -28.65
C TRP L 115 -47.18 64.81 -29.68
N SER L 116 -46.24 65.10 -30.56
CA SER L 116 -45.77 64.18 -31.60
C SER L 116 -44.40 64.76 -31.90
N PHE L 117 -43.46 63.95 -32.36
CA PHE L 117 -42.12 64.47 -32.60
C PHE L 117 -42.05 65.52 -33.71
N PHE L 118 -43.16 65.70 -34.43
CA PHE L 118 -43.19 66.70 -35.49
C PHE L 118 -43.09 68.09 -34.87
N ASN L 119 -43.63 68.24 -33.67
CA ASN L 119 -43.63 69.50 -32.95
C ASN L 119 -42.22 69.98 -32.61
N GLU L 120 -41.22 69.13 -32.85
CA GLU L 120 -39.84 69.48 -32.52
C GLU L 120 -39.00 69.84 -33.74
N ILE L 121 -39.57 69.66 -34.93
CA ILE L 121 -38.87 69.96 -36.18
C ILE L 121 -38.90 71.46 -36.53
N ARG L 122 -37.73 72.06 -36.63
CA ARG L 122 -37.62 73.47 -36.98
C ARG L 122 -36.84 73.58 -38.29
N ASN L 123 -35.72 72.85 -38.39
CA ASN L 123 -34.89 72.86 -39.59
C ASN L 123 -34.79 71.47 -40.18
N ASP L 124 -34.15 71.34 -41.35
CA ASP L 124 -34.06 70.03 -41.99
C ASP L 124 -33.19 69.04 -41.21
N TYR L 125 -32.17 69.54 -40.52
CA TYR L 125 -31.26 68.69 -39.76
C TYR L 125 -31.93 68.10 -38.53
N ASP L 126 -33.14 68.59 -38.21
CA ASP L 126 -33.88 68.11 -37.06
C ASP L 126 -34.61 66.81 -37.35
N TRP L 127 -34.67 66.42 -38.62
CA TRP L 127 -35.35 65.18 -38.95
C TRP L 127 -34.54 64.00 -38.45
N GLN L 128 -33.25 63.95 -38.78
CA GLN L 128 -32.41 62.86 -38.30
C GLN L 128 -32.15 63.02 -36.80
N ARG L 129 -32.04 64.27 -36.37
CA ARG L 129 -31.79 64.60 -34.98
C ARG L 129 -32.82 63.96 -34.06
N TYR L 130 -34.09 64.08 -34.41
CA TYR L 130 -35.14 63.52 -33.57
C TYR L 130 -35.60 62.12 -33.99
N ALA L 131 -35.03 61.60 -35.09
CA ALA L 131 -35.36 60.24 -35.51
C ALA L 131 -34.55 59.38 -34.53
N LEU L 132 -33.44 59.97 -34.08
CA LEU L 132 -32.51 59.37 -33.13
C LEU L 132 -33.16 59.28 -31.75
N SER L 133 -34.03 60.24 -31.45
CA SER L 133 -34.75 60.26 -30.18
C SER L 133 -35.85 59.24 -30.20
N VAL L 134 -36.52 59.12 -31.35
CA VAL L 134 -37.61 58.18 -31.55
C VAL L 134 -37.13 56.75 -31.63
N VAL L 135 -36.06 56.51 -32.36
CA VAL L 135 -35.53 55.16 -32.46
C VAL L 135 -34.16 55.16 -31.80
N PRO L 136 -34.11 54.88 -30.47
CA PRO L 136 -32.84 54.86 -29.73
C PRO L 136 -31.83 53.84 -30.25
N ARG L 137 -30.58 53.96 -29.84
CA ARG L 137 -29.53 53.04 -30.28
C ARG L 137 -29.82 51.57 -29.95
N GLY L 138 -29.40 50.68 -30.85
CA GLY L 138 -29.60 49.25 -30.66
C GLY L 138 -28.63 48.71 -29.64
N LYS L 139 -29.05 47.68 -28.92
CA LYS L 139 -28.22 47.04 -27.89
C LYS L 139 -26.96 46.45 -28.52
N THR L 140 -27.11 45.83 -29.68
CA THR L 140 -26.00 45.23 -30.41
C THR L 140 -25.74 45.97 -31.72
N ASP L 141 -24.54 45.78 -32.29
CA ASP L 141 -24.17 46.44 -33.55
C ASP L 141 -25.21 46.11 -34.63
N GLU L 142 -25.62 44.85 -34.68
CA GLU L 142 -26.61 44.40 -35.65
C GLU L 142 -27.96 45.07 -35.44
N ALA L 143 -28.38 45.16 -34.18
CA ALA L 143 -29.67 45.78 -33.87
C ALA L 143 -29.64 47.27 -34.19
N GLU L 144 -28.45 47.87 -34.14
CA GLU L 144 -28.32 49.29 -34.43
C GLU L 144 -28.33 49.48 -35.96
N GLU L 145 -27.97 48.41 -36.67
CA GLU L 145 -27.97 48.41 -38.12
C GLU L 145 -29.45 48.52 -38.48
N TRP L 146 -30.28 47.71 -37.80
CA TRP L 146 -31.72 47.70 -38.04
C TRP L 146 -32.35 49.03 -37.66
N ALA L 147 -31.91 49.61 -36.56
CA ALA L 147 -32.46 50.87 -36.13
C ALA L 147 -32.14 51.97 -37.13
N SER L 148 -30.97 51.88 -37.77
CA SER L 148 -30.58 52.90 -38.74
C SER L 148 -31.50 52.88 -39.95
N TYR L 149 -31.92 51.67 -40.32
CA TYR L 149 -32.83 51.47 -41.42
C TYR L 149 -34.18 52.05 -41.01
N GLY L 150 -34.55 51.81 -39.74
CA GLY L 150 -35.79 52.33 -39.23
C GLY L 150 -35.85 53.84 -39.23
N ARG L 151 -34.73 54.49 -38.88
CA ARG L 151 -34.68 55.95 -38.84
C ARG L 151 -34.72 56.58 -40.23
N LEU L 152 -34.11 55.91 -41.21
CA LEU L 152 -34.13 56.40 -42.59
C LEU L 152 -35.57 56.35 -43.06
N LEU L 153 -36.22 55.21 -42.84
CA LEU L 153 -37.61 55.06 -43.23
C LEU L 153 -38.47 56.06 -42.46
N LEU L 154 -38.21 56.19 -41.17
CA LEU L 154 -38.98 57.10 -40.35
C LEU L 154 -38.86 58.53 -40.81
N ARG L 155 -37.63 59.00 -40.92
CA ARG L 155 -37.39 60.38 -41.32
C ARG L 155 -37.83 60.74 -42.74
N GLU L 156 -37.69 59.81 -43.69
CA GLU L 156 -38.10 60.10 -45.06
C GLU L 156 -39.62 60.04 -45.22
N THR L 157 -40.27 59.13 -44.49
CA THR L 157 -41.72 59.01 -44.56
C THR L 157 -42.39 60.16 -43.81
N ALA L 158 -41.75 60.61 -42.73
CA ALA L 158 -42.31 61.69 -41.94
C ALA L 158 -42.07 63.01 -42.66
N LYS L 159 -40.96 63.09 -43.37
CA LYS L 159 -40.61 64.30 -44.12
C LYS L 159 -41.64 64.51 -45.22
N LYS L 160 -42.06 63.43 -45.85
CA LYS L 160 -43.04 63.53 -46.93
C LYS L 160 -44.43 63.88 -46.38
N LEU L 161 -44.89 63.11 -45.39
CA LEU L 161 -46.19 63.37 -44.80
C LEU L 161 -46.29 64.83 -44.41
N ALA L 162 -45.21 65.39 -43.87
CA ALA L 162 -45.22 66.80 -43.48
C ALA L 162 -45.48 67.63 -44.74
N LEU L 163 -44.74 67.33 -45.80
CA LEU L 163 -44.87 68.03 -47.09
C LEU L 163 -46.30 67.97 -47.60
N ILE L 164 -46.81 66.77 -47.82
CA ILE L 164 -48.16 66.59 -48.32
C ILE L 164 -49.24 67.07 -47.33
N GLY L 165 -48.80 67.81 -46.30
CA GLY L 165 -49.73 68.35 -45.32
C GLY L 165 -50.44 67.44 -44.32
N THR L 166 -49.98 66.20 -44.17
CA THR L 166 -50.59 65.25 -43.23
C THR L 166 -49.54 64.79 -42.23
N PRO L 167 -49.04 65.70 -41.37
CA PRO L 167 -48.03 65.28 -40.39
C PRO L 167 -48.68 64.59 -39.20
N SER L 168 -49.22 63.40 -39.47
CA SER L 168 -49.92 62.58 -38.48
C SER L 168 -49.13 61.33 -38.10
N MET L 169 -49.19 60.97 -36.82
CA MET L 169 -48.51 59.78 -36.35
C MET L 169 -49.26 58.52 -36.77
N ARG L 170 -50.58 58.59 -36.85
CA ARG L 170 -51.36 57.43 -37.26
C ARG L 170 -51.05 57.11 -38.73
N GLU L 171 -50.83 58.15 -39.53
CA GLU L 171 -50.49 57.99 -40.94
C GLU L 171 -49.08 57.46 -41.04
N LEU L 172 -48.16 58.13 -40.34
CA LEU L 172 -46.78 57.71 -40.32
C LEU L 172 -46.67 56.24 -39.95
N PHE L 173 -47.41 55.85 -38.90
CA PHE L 173 -47.41 54.47 -38.44
C PHE L 173 -48.03 53.54 -39.48
N HIS L 174 -49.05 54.03 -40.19
CA HIS L 174 -49.70 53.21 -41.22
C HIS L 174 -48.79 52.93 -42.41
N TRP L 175 -48.12 53.97 -42.91
CA TRP L 175 -47.22 53.81 -44.04
C TRP L 175 -46.05 52.89 -43.74
N THR L 176 -45.36 53.19 -42.64
CA THR L 176 -44.20 52.42 -42.20
C THR L 176 -44.45 51.02 -41.62
N THR L 177 -45.69 50.72 -41.23
CA THR L 177 -45.99 49.42 -40.60
C THR L 177 -47.15 48.61 -41.19
N ILE L 178 -48.21 49.29 -41.60
CA ILE L 178 -49.38 48.62 -42.13
C ILE L 178 -49.43 48.52 -43.65
N ALA L 179 -49.21 49.64 -44.36
CA ALA L 179 -49.26 49.67 -45.82
C ALA L 179 -48.47 48.49 -46.39
N THR L 180 -48.91 47.97 -47.53
CA THR L 180 -48.20 46.85 -48.15
C THR L 180 -46.81 47.32 -48.57
N PHE L 181 -45.90 46.38 -48.78
CA PHE L 181 -44.54 46.72 -49.17
C PHE L 181 -44.46 47.53 -50.47
N ASP L 182 -45.29 47.18 -51.44
CA ASP L 182 -45.25 47.89 -52.71
C ASP L 182 -45.84 49.28 -52.56
N ASP L 183 -46.90 49.42 -51.76
CA ASP L 183 -47.52 50.73 -51.52
C ASP L 183 -46.55 51.68 -50.82
N LEU L 184 -45.78 51.13 -49.88
CA LEU L 184 -44.81 51.93 -49.14
C LEU L 184 -43.77 52.43 -50.14
N ARG L 185 -43.16 51.49 -50.84
CA ARG L 185 -42.16 51.79 -51.85
C ARG L 185 -42.65 52.90 -52.77
N GLY L 186 -43.93 52.83 -53.07
CA GLY L 186 -44.52 53.85 -53.93
C GLY L 186 -44.52 55.18 -53.22
N PHE L 187 -44.96 55.17 -51.96
CA PHE L 187 -45.03 56.40 -51.17
C PHE L 187 -43.63 57.01 -51.06
N LEU L 188 -42.63 56.15 -50.89
CA LEU L 188 -41.24 56.61 -50.74
C LEU L 188 -40.66 57.26 -52.00
N GLU L 189 -41.35 57.10 -53.12
CA GLU L 189 -40.89 57.72 -54.37
C GLU L 189 -40.85 59.23 -54.19
N GLY L 190 -39.70 59.82 -54.51
CA GLY L 190 -39.56 61.25 -54.37
C GLY L 190 -38.76 61.63 -53.14
N THR L 191 -38.52 60.65 -52.27
CA THR L 191 -37.75 60.89 -51.04
C THR L 191 -36.35 60.30 -51.19
N LEU L 192 -35.49 60.60 -50.23
CA LEU L 192 -34.13 60.08 -50.28
C LEU L 192 -34.10 58.56 -50.14
N ALA L 193 -35.20 57.99 -49.68
CA ALA L 193 -35.29 56.54 -49.47
C ALA L 193 -35.94 55.77 -50.63
N GLU L 194 -36.27 56.51 -51.68
CA GLU L 194 -36.90 55.96 -52.87
C GLU L 194 -36.22 54.71 -53.39
N SER L 195 -34.91 54.77 -53.61
CA SER L 195 -34.18 53.63 -54.14
C SER L 195 -33.39 52.80 -53.12
N LEU L 196 -33.03 53.40 -52.00
CA LEU L 196 -32.27 52.66 -51.00
C LEU L 196 -32.97 51.38 -50.57
N PHE L 197 -34.30 51.45 -50.46
CA PHE L 197 -35.09 50.30 -50.02
C PHE L 197 -35.67 49.44 -51.15
N ALA L 198 -35.04 49.47 -52.31
CA ALA L 198 -35.52 48.68 -53.44
C ALA L 198 -34.36 48.29 -54.35
N GLY L 199 -34.57 47.25 -55.16
CA GLY L 199 -33.52 46.84 -56.09
C GLY L 199 -32.81 45.53 -55.83
N SER L 200 -32.96 44.98 -54.62
CA SER L 200 -32.30 43.71 -54.31
C SER L 200 -32.94 43.07 -53.11
N ASN L 201 -32.56 41.82 -52.83
CA ASN L 201 -33.09 41.12 -51.67
C ASN L 201 -32.62 41.85 -50.42
N GLU L 202 -31.38 42.30 -50.42
CA GLU L 202 -30.82 42.99 -49.28
C GLU L 202 -31.61 44.27 -48.96
N ALA L 203 -31.98 45.02 -49.99
CA ALA L 203 -32.72 46.27 -49.82
C ALA L 203 -34.10 46.01 -49.22
N SER L 204 -34.68 44.87 -49.61
CA SER L 204 -35.99 44.44 -49.12
C SER L 204 -35.84 43.97 -47.67
N LYS L 205 -34.74 43.28 -47.40
CA LYS L 205 -34.44 42.81 -46.06
C LYS L 205 -34.29 44.02 -45.16
N ALA L 206 -33.51 45.00 -45.60
CA ALA L 206 -33.30 46.23 -44.85
C ALA L 206 -34.63 46.92 -44.55
N LEU L 207 -35.49 47.02 -45.55
CA LEU L 207 -36.80 47.66 -45.37
C LEU L 207 -37.64 46.88 -44.34
N THR L 208 -37.59 45.55 -44.44
CA THR L 208 -38.33 44.70 -43.51
C THR L 208 -37.84 45.00 -42.07
N SER L 209 -36.52 45.08 -41.90
CA SER L 209 -35.94 45.36 -40.59
C SER L 209 -36.37 46.73 -40.06
N ALA L 210 -36.58 47.68 -40.96
CA ALA L 210 -37.01 49.02 -40.57
C ALA L 210 -38.47 48.97 -40.14
N ARG L 211 -39.27 48.14 -40.81
CA ARG L 211 -40.68 47.99 -40.48
C ARG L 211 -40.79 47.45 -39.05
N PHE L 212 -40.03 46.39 -38.78
CA PHE L 212 -40.02 45.76 -37.47
C PHE L 212 -39.65 46.75 -36.39
N VAL L 213 -38.57 47.48 -36.59
CA VAL L 213 -38.14 48.46 -35.61
C VAL L 213 -39.27 49.46 -35.30
N LEU L 214 -39.82 50.09 -36.35
CA LEU L 214 -40.87 51.07 -36.19
C LEU L 214 -42.15 50.52 -35.57
N SER L 215 -42.46 49.26 -35.85
CA SER L 215 -43.67 48.64 -35.29
C SER L 215 -43.53 48.53 -33.77
N ASP L 216 -42.28 48.54 -33.31
CA ASP L 216 -41.92 48.43 -31.89
C ASP L 216 -41.89 49.75 -31.16
N LYS L 217 -41.24 50.74 -31.77
CA LYS L 217 -41.10 52.05 -31.15
C LYS L 217 -42.29 53.01 -31.28
N LEU L 218 -43.01 52.94 -32.40
CA LEU L 218 -44.12 53.85 -32.65
C LEU L 218 -45.48 53.65 -31.98
N PRO L 219 -45.90 52.40 -31.71
CA PRO L 219 -47.22 52.20 -31.08
C PRO L 219 -47.72 53.27 -30.10
N GLU L 220 -46.91 53.63 -29.11
CA GLU L 220 -47.34 54.62 -28.12
C GLU L 220 -47.27 56.07 -28.59
N HIS L 221 -46.52 56.34 -29.65
CA HIS L 221 -46.43 57.70 -30.17
C HIS L 221 -47.77 58.00 -30.86
N VAL L 222 -48.39 56.93 -31.35
CA VAL L 222 -49.67 57.00 -32.05
C VAL L 222 -50.81 57.22 -31.04
N THR L 223 -50.79 56.45 -29.95
CA THR L 223 -51.81 56.55 -28.91
C THR L 223 -51.68 57.86 -28.11
N MET L 224 -50.50 58.45 -28.12
CA MET L 224 -50.28 59.69 -27.41
C MET L 224 -51.24 60.75 -27.94
N PRO L 225 -51.92 61.48 -27.03
CA PRO L 225 -52.87 62.54 -27.41
C PRO L 225 -52.15 63.57 -28.25
N ASP L 226 -52.66 63.87 -29.45
CA ASP L 226 -52.03 64.84 -30.33
C ASP L 226 -52.31 66.28 -29.92
N GLY L 227 -51.31 67.14 -30.11
CA GLY L 227 -51.44 68.52 -29.74
C GLY L 227 -50.27 69.28 -30.31
N ASP L 228 -50.10 70.52 -29.85
CA ASP L 228 -49.04 71.36 -30.35
C ASP L 228 -47.88 71.55 -29.37
N PHE L 229 -47.92 70.86 -28.24
CA PHE L 229 -46.84 71.01 -27.27
C PHE L 229 -45.49 70.61 -27.84
N SER L 230 -44.50 71.46 -27.62
CA SER L 230 -43.13 71.25 -28.10
C SER L 230 -42.13 71.46 -26.97
N ILE L 231 -41.44 70.39 -26.58
CA ILE L 231 -40.43 70.46 -25.53
C ILE L 231 -39.42 71.58 -25.85
N ARG L 232 -38.99 71.65 -27.11
CA ARG L 232 -38.02 72.66 -27.55
C ARG L 232 -38.47 74.07 -27.22
N SER L 233 -39.75 74.35 -27.45
CA SER L 233 -40.33 75.65 -27.18
C SER L 233 -40.47 75.85 -25.67
N TRP L 234 -40.91 74.79 -25.00
CA TRP L 234 -41.09 74.81 -23.54
C TRP L 234 -39.75 75.19 -22.90
N LEU L 235 -38.67 74.62 -23.43
CA LEU L 235 -37.32 74.88 -22.91
C LEU L 235 -36.96 76.35 -23.00
N GLU L 236 -37.45 77.02 -24.05
CA GLU L 236 -37.15 78.43 -24.28
C GLU L 236 -38.02 79.39 -23.48
N ASP L 237 -39.18 78.90 -23.03
CA ASP L 237 -40.10 79.73 -22.26
C ASP L 237 -39.69 79.79 -20.78
N PRO L 238 -39.21 80.95 -20.33
CA PRO L 238 -38.77 81.17 -18.95
C PRO L 238 -39.88 80.85 -17.95
N ASN L 239 -41.13 81.10 -18.34
CA ASN L 239 -42.28 80.85 -17.48
C ASN L 239 -43.00 79.57 -17.83
N GLY L 240 -42.27 78.61 -18.38
CA GLY L 240 -42.86 77.35 -18.76
C GLY L 240 -43.16 76.42 -17.58
N GLY L 241 -42.46 76.66 -16.47
CA GLY L 241 -42.64 75.82 -15.31
C GLY L 241 -41.73 74.61 -15.38
N ASN L 242 -42.25 73.47 -14.93
CA ASN L 242 -41.50 72.22 -14.93
C ASN L 242 -42.25 71.15 -15.74
N LEU L 243 -41.52 70.13 -16.17
CA LEU L 243 -42.10 69.04 -16.94
C LEU L 243 -42.02 67.72 -16.15
N PHE L 244 -43.13 67.00 -16.07
CA PHE L 244 -43.15 65.73 -15.37
C PHE L 244 -43.50 64.60 -16.31
N ILE L 245 -42.53 63.72 -16.57
CA ILE L 245 -42.75 62.56 -17.43
C ILE L 245 -43.12 61.43 -16.50
N THR L 246 -44.43 61.18 -16.37
CA THR L 246 -44.95 60.16 -15.47
C THR L 246 -45.56 58.95 -16.16
N TRP L 247 -45.85 57.92 -15.38
CA TRP L 247 -46.46 56.71 -15.90
C TRP L 247 -46.62 55.67 -14.80
N ARG L 248 -47.57 54.77 -14.97
CA ARG L 248 -47.81 53.71 -14.00
C ARG L 248 -46.84 52.57 -14.30
N GLU L 249 -46.19 52.07 -13.27
CA GLU L 249 -45.20 51.01 -13.42
C GLU L 249 -45.62 49.74 -14.12
N ASP L 250 -46.91 49.40 -14.10
CA ASP L 250 -47.32 48.19 -14.77
C ASP L 250 -47.27 48.37 -16.28
N MET L 251 -46.87 49.56 -16.72
CA MET L 251 -46.74 49.88 -18.14
C MET L 251 -45.39 50.48 -18.50
N GLY L 252 -44.36 50.08 -17.76
CA GLY L 252 -43.03 50.58 -18.01
C GLY L 252 -42.50 50.03 -19.32
N PRO L 253 -42.62 48.71 -19.56
CA PRO L 253 -42.12 48.12 -20.81
C PRO L 253 -42.75 48.69 -22.08
N ALA L 254 -44.06 48.87 -22.07
CA ALA L 254 -44.76 49.41 -23.23
C ALA L 254 -44.34 50.84 -23.53
N LEU L 255 -44.19 51.65 -22.47
CA LEU L 255 -43.83 53.03 -22.60
C LEU L 255 -42.33 53.32 -22.60
N ARG L 256 -41.51 52.28 -22.50
CA ARG L 256 -40.07 52.51 -22.47
C ARG L 256 -39.58 53.34 -23.64
N PRO L 257 -40.02 53.01 -24.87
CA PRO L 257 -39.57 53.79 -26.04
C PRO L 257 -40.04 55.26 -26.08
N LEU L 258 -41.29 55.51 -25.69
CA LEU L 258 -41.82 56.87 -25.69
C LEU L 258 -41.06 57.74 -24.67
N ILE L 259 -41.00 57.23 -23.44
CA ILE L 259 -40.31 57.94 -22.34
C ILE L 259 -38.85 58.20 -22.72
N SER L 260 -38.19 57.18 -23.26
CA SER L 260 -36.81 57.32 -23.70
C SER L 260 -36.71 58.40 -24.77
N ALA L 261 -37.75 58.50 -25.60
CA ALA L 261 -37.81 59.50 -26.66
C ALA L 261 -37.83 60.91 -26.04
N TRP L 262 -38.70 61.10 -25.06
CA TRP L 262 -38.81 62.39 -24.42
C TRP L 262 -37.54 62.83 -23.73
N VAL L 263 -36.90 61.91 -23.01
CA VAL L 263 -35.65 62.25 -22.31
C VAL L 263 -34.58 62.63 -23.32
N ASP L 264 -34.53 61.92 -24.44
CA ASP L 264 -33.53 62.22 -25.44
C ASP L 264 -33.82 63.55 -26.15
N VAL L 265 -35.11 63.86 -26.30
CA VAL L 265 -35.51 65.12 -26.94
C VAL L 265 -34.93 66.24 -26.10
N VAL L 266 -35.09 66.13 -24.79
CA VAL L 266 -34.57 67.13 -23.86
C VAL L 266 -33.05 67.21 -24.00
N CYS L 267 -32.42 66.06 -24.20
CA CYS L 267 -30.96 66.01 -24.32
C CYS L 267 -30.36 66.69 -25.56
N THR L 268 -30.99 66.56 -26.73
CA THR L 268 -30.44 67.24 -27.91
C THR L 268 -30.86 68.71 -27.89
N SER L 269 -32.13 68.92 -27.58
CA SER L 269 -32.74 70.24 -27.54
C SER L 269 -32.07 71.31 -26.68
N ILE L 270 -31.53 70.95 -25.52
CA ILE L 270 -30.88 71.99 -24.72
C ILE L 270 -29.56 72.42 -25.37
N LEU L 271 -29.12 71.65 -26.36
CA LEU L 271 -27.88 71.95 -27.09
C LEU L 271 -28.11 73.05 -28.11
N SER L 272 -29.38 73.41 -28.31
CA SER L 272 -29.74 74.46 -29.26
C SER L 272 -30.14 75.76 -28.56
N LEU L 273 -30.38 75.69 -27.26
CA LEU L 273 -30.76 76.86 -26.49
C LEU L 273 -29.69 77.95 -26.57
N PRO L 274 -30.11 79.23 -26.65
CA PRO L 274 -29.15 80.33 -26.71
C PRO L 274 -28.45 80.46 -25.36
N GLU L 275 -27.15 80.68 -25.38
CA GLU L 275 -26.40 80.80 -24.13
C GLU L 275 -27.09 81.72 -23.15
N GLU L 276 -27.41 81.17 -21.98
CA GLU L 276 -28.06 81.92 -20.93
C GLU L 276 -27.37 81.55 -19.62
N PRO L 277 -26.44 82.40 -19.17
CA PRO L 277 -25.69 82.17 -17.93
C PRO L 277 -26.56 81.94 -16.71
N LYS L 278 -27.75 82.56 -16.70
CA LYS L 278 -28.67 82.40 -15.57
C LYS L 278 -29.57 81.18 -15.59
N ARG L 279 -29.65 80.47 -16.72
CA ARG L 279 -30.50 79.28 -16.83
C ARG L 279 -29.93 78.09 -16.07
N ARG L 280 -30.81 77.41 -15.34
CA ARG L 280 -30.46 76.24 -14.54
C ARG L 280 -31.56 75.20 -14.71
N LEU L 281 -31.33 74.23 -15.60
CA LEU L 281 -32.30 73.18 -15.87
C LEU L 281 -31.83 71.83 -15.36
N TRP L 282 -32.69 71.15 -14.61
CA TRP L 282 -32.36 69.84 -14.08
C TRP L 282 -33.05 68.71 -14.82
N LEU L 283 -32.31 67.65 -15.10
CA LEU L 283 -32.88 66.48 -15.74
C LEU L 283 -32.79 65.37 -14.71
N PHE L 284 -33.93 65.02 -14.12
CA PHE L 284 -33.98 63.97 -13.13
C PHE L 284 -34.36 62.67 -13.82
N ILE L 285 -33.36 61.86 -14.17
CA ILE L 285 -33.60 60.58 -14.82
C ILE L 285 -33.68 59.54 -13.72
N ASP L 286 -34.89 59.22 -13.29
CA ASP L 286 -35.05 58.26 -12.23
C ASP L 286 -34.03 57.13 -12.27
N GLU L 287 -34.29 56.11 -13.10
CA GLU L 287 -33.39 54.99 -13.23
C GLU L 287 -32.84 54.96 -14.66
N LEU L 288 -31.61 55.45 -14.79
CA LEU L 288 -30.93 55.55 -16.07
C LEU L 288 -30.99 54.28 -16.92
N ALA L 289 -30.72 53.12 -16.32
CA ALA L 289 -30.72 51.86 -17.07
C ALA L 289 -32.11 51.31 -17.38
N SER L 290 -33.16 52.01 -16.95
CA SER L 290 -34.54 51.59 -17.22
C SER L 290 -35.05 52.19 -18.52
N LEU L 291 -34.28 53.11 -19.06
CA LEU L 291 -34.59 53.76 -20.32
C LEU L 291 -33.79 53.01 -21.39
N GLU L 292 -34.04 53.30 -22.65
CA GLU L 292 -33.30 52.63 -23.69
C GLU L 292 -31.92 53.28 -23.85
N LYS L 293 -31.17 52.83 -24.84
CA LYS L 293 -29.84 53.40 -25.04
C LYS L 293 -30.04 54.76 -25.71
N LEU L 294 -30.01 55.81 -24.89
CA LEU L 294 -30.21 57.18 -25.37
C LEU L 294 -29.06 57.65 -26.23
N ALA L 295 -29.40 58.22 -27.38
CA ALA L 295 -28.42 58.70 -28.34
C ALA L 295 -27.81 60.06 -28.06
N SER L 296 -28.48 60.87 -27.24
CA SER L 296 -27.99 62.22 -26.96
C SER L 296 -27.54 62.45 -25.53
N LEU L 297 -27.85 61.50 -24.64
CA LEU L 297 -27.47 61.66 -23.25
C LEU L 297 -26.00 62.04 -23.13
N ALA L 298 -25.14 61.26 -23.77
CA ALA L 298 -23.71 61.51 -23.70
C ALA L 298 -23.33 62.95 -24.00
N ASP L 299 -23.83 63.49 -25.10
CA ASP L 299 -23.50 64.87 -25.45
C ASP L 299 -24.09 65.85 -24.46
N ALA L 300 -25.31 65.58 -24.03
CA ALA L 300 -25.97 66.44 -23.07
C ALA L 300 -25.17 66.53 -21.77
N LEU L 301 -24.51 65.43 -21.39
CA LEU L 301 -23.71 65.39 -20.17
C LEU L 301 -22.33 66.02 -20.35
N THR L 302 -21.94 66.20 -21.61
CA THR L 302 -20.63 66.76 -21.94
C THR L 302 -20.66 68.19 -22.50
N LYS L 303 -21.80 68.59 -23.05
CA LYS L 303 -21.91 69.89 -23.68
C LYS L 303 -23.11 70.71 -23.22
N GLY L 304 -23.69 70.33 -22.08
CA GLY L 304 -24.84 71.04 -21.57
C GLY L 304 -24.54 72.11 -20.53
N ARG L 305 -23.27 72.41 -20.33
CA ARG L 305 -22.87 73.44 -19.35
C ARG L 305 -23.42 74.83 -19.70
N LYS L 306 -23.16 75.27 -20.93
CA LYS L 306 -23.62 76.59 -21.41
C LYS L 306 -25.13 76.76 -21.34
N ALA L 307 -25.86 75.66 -21.55
CA ALA L 307 -27.32 75.67 -21.50
C ALA L 307 -27.75 75.56 -20.04
N GLY L 308 -26.79 75.25 -19.16
CA GLY L 308 -27.06 75.13 -17.74
C GLY L 308 -27.73 73.82 -17.31
N LEU L 309 -27.55 72.77 -18.10
CA LEU L 309 -28.13 71.45 -17.83
C LEU L 309 -27.47 70.77 -16.63
N ARG L 310 -28.30 70.15 -15.79
CA ARG L 310 -27.84 69.43 -14.61
C ARG L 310 -28.56 68.10 -14.61
N VAL L 311 -27.80 67.00 -14.70
CA VAL L 311 -28.41 65.68 -14.71
C VAL L 311 -28.20 64.91 -13.41
N VAL L 312 -29.29 64.32 -12.92
CA VAL L 312 -29.29 63.53 -11.72
C VAL L 312 -29.84 62.17 -12.13
N ALA L 313 -28.98 61.16 -12.15
CA ALA L 313 -29.40 59.82 -12.56
C ALA L 313 -29.18 58.78 -11.47
N GLY L 314 -30.11 57.84 -11.39
CA GLY L 314 -30.01 56.77 -10.42
C GLY L 314 -29.53 55.52 -11.13
N LEU L 315 -28.79 54.69 -10.40
CA LEU L 315 -28.24 53.46 -10.95
C LEU L 315 -28.21 52.45 -9.82
N GLN L 316 -28.27 51.17 -10.13
CA GLN L 316 -28.23 50.14 -9.10
C GLN L 316 -27.05 49.21 -9.30
N SER L 317 -27.19 48.27 -10.22
CA SER L 317 -26.11 47.34 -10.50
C SER L 317 -25.34 47.81 -11.71
N THR L 318 -24.02 47.70 -11.62
CA THR L 318 -23.12 48.10 -12.69
C THR L 318 -23.52 47.38 -13.98
N SER L 319 -23.80 46.09 -13.85
CA SER L 319 -24.19 45.27 -14.98
C SER L 319 -25.46 45.72 -15.68
N GLN L 320 -26.30 46.49 -15.01
CA GLN L 320 -27.55 46.94 -15.62
C GLN L 320 -27.30 47.93 -16.76
N LEU L 321 -26.57 49.00 -16.47
CA LEU L 321 -26.25 50.00 -17.46
C LEU L 321 -25.35 49.35 -18.52
N ASP L 322 -24.44 48.48 -18.07
CA ASP L 322 -23.53 47.78 -18.99
C ASP L 322 -24.27 46.93 -20.02
N ASP L 323 -25.38 46.32 -19.63
CA ASP L 323 -26.13 45.51 -20.56
C ASP L 323 -26.91 46.41 -21.51
N VAL L 324 -27.24 47.62 -21.07
CA VAL L 324 -27.98 48.55 -21.93
C VAL L 324 -27.06 49.20 -22.96
N TYR L 325 -26.04 49.90 -22.48
CA TYR L 325 -25.12 50.59 -23.37
C TYR L 325 -23.92 49.78 -23.84
N GLY L 326 -23.59 48.73 -23.09
CA GLY L 326 -22.43 47.93 -23.43
C GLY L 326 -21.34 48.43 -22.51
N VAL L 327 -20.45 47.55 -22.11
CA VAL L 327 -19.37 47.88 -21.20
C VAL L 327 -18.66 49.20 -21.43
N LYS L 328 -18.09 49.35 -22.63
CA LYS L 328 -17.35 50.57 -22.97
C LYS L 328 -18.19 51.84 -22.89
N GLU L 329 -19.34 51.85 -23.55
CA GLU L 329 -20.19 53.03 -23.54
C GLU L 329 -20.78 53.32 -22.15
N ALA L 330 -21.05 52.25 -21.39
CA ALA L 330 -21.57 52.41 -20.05
C ALA L 330 -20.54 53.12 -19.17
N GLN L 331 -19.27 52.75 -19.35
CA GLN L 331 -18.17 53.35 -18.58
C GLN L 331 -18.06 54.83 -18.92
N THR L 332 -18.15 55.16 -20.20
CA THR L 332 -18.08 56.54 -20.65
C THR L 332 -19.25 57.34 -20.09
N LEU L 333 -20.42 56.72 -20.09
CA LEU L 333 -21.63 57.35 -19.57
C LEU L 333 -21.45 57.68 -18.08
N ARG L 334 -21.18 56.66 -17.26
CA ARG L 334 -21.00 56.88 -15.82
C ARG L 334 -19.87 57.86 -15.52
N ALA L 335 -18.81 57.84 -16.32
CA ALA L 335 -17.68 58.72 -16.09
C ALA L 335 -18.06 60.18 -16.33
N SER L 336 -19.22 60.40 -16.95
CA SER L 336 -19.68 61.76 -17.24
C SER L 336 -20.35 62.42 -16.04
N PHE L 337 -20.55 61.67 -14.96
CA PHE L 337 -21.15 62.22 -13.75
C PHE L 337 -19.98 62.43 -12.79
N ARG L 338 -19.68 63.69 -12.49
CA ARG L 338 -18.55 64.01 -11.62
C ARG L 338 -18.82 63.84 -10.13
N SER L 339 -20.09 63.90 -9.72
CA SER L 339 -20.43 63.72 -8.31
C SER L 339 -21.10 62.37 -8.13
N LEU L 340 -20.80 61.73 -7.01
CA LEU L 340 -21.36 60.42 -6.74
C LEU L 340 -21.99 60.32 -5.35
N VAL L 341 -22.98 59.47 -5.23
CA VAL L 341 -23.64 59.24 -3.97
C VAL L 341 -23.81 57.73 -3.94
N VAL L 342 -23.24 57.07 -2.93
CA VAL L 342 -23.33 55.62 -2.79
C VAL L 342 -24.24 55.33 -1.62
N LEU L 343 -25.35 54.66 -1.90
CA LEU L 343 -26.35 54.36 -0.89
C LEU L 343 -26.32 52.96 -0.30
N GLY L 344 -25.37 52.15 -0.72
CA GLY L 344 -25.30 50.81 -0.15
C GLY L 344 -26.13 49.80 -0.90
N GLY L 345 -25.49 48.69 -1.23
CA GLY L 345 -26.14 47.64 -1.98
C GLY L 345 -26.36 46.38 -1.18
N SER L 346 -26.60 45.30 -1.91
CA SER L 346 -26.85 43.99 -1.34
C SER L 346 -25.55 43.23 -1.17
N ARG L 347 -25.54 42.31 -0.21
CA ARG L 347 -24.35 41.50 -0.01
C ARG L 347 -24.25 40.49 -1.14
N THR L 348 -25.35 40.32 -1.88
CA THR L 348 -25.40 39.38 -3.01
C THR L 348 -24.84 39.98 -4.29
N ASP L 349 -24.40 41.24 -4.23
CA ASP L 349 -23.79 41.89 -5.39
C ASP L 349 -22.38 42.37 -5.01
N PRO L 350 -21.45 41.42 -4.75
CA PRO L 350 -20.10 41.83 -4.39
C PRO L 350 -19.33 42.60 -5.46
N LYS L 351 -19.71 42.45 -6.72
CA LYS L 351 -19.01 43.15 -7.79
C LYS L 351 -19.33 44.65 -7.79
N THR L 352 -20.60 44.98 -7.58
CA THR L 352 -21.00 46.38 -7.57
C THR L 352 -20.42 47.08 -6.35
N ASN L 353 -20.40 46.39 -5.21
CA ASN L 353 -19.86 46.99 -4.00
C ASN L 353 -18.39 47.28 -4.19
N GLU L 354 -17.69 46.42 -4.92
CA GLU L 354 -16.27 46.60 -5.21
C GLU L 354 -16.07 47.81 -6.14
N ASP L 355 -16.99 47.98 -7.08
CA ASP L 355 -16.91 49.08 -8.02
C ASP L 355 -17.09 50.41 -7.30
N MET L 356 -18.08 50.47 -6.41
CA MET L 356 -18.37 51.67 -5.66
C MET L 356 -17.25 51.96 -4.68
N SER L 357 -16.70 50.90 -4.09
CA SER L 357 -15.59 51.02 -3.16
C SER L 357 -14.37 51.58 -3.88
N LEU L 358 -14.13 51.05 -5.07
CA LEU L 358 -13.01 51.49 -5.91
C LEU L 358 -13.25 52.93 -6.34
N SER L 359 -14.51 53.28 -6.56
CA SER L 359 -14.88 54.61 -6.99
C SER L 359 -14.71 55.62 -5.85
N LEU L 360 -15.05 55.19 -4.63
CA LEU L 360 -14.91 56.05 -3.46
C LEU L 360 -13.41 56.28 -3.26
N GLY L 361 -12.60 55.31 -3.68
CA GLY L 361 -11.15 55.44 -3.60
C GLY L 361 -10.33 54.97 -2.41
N GLU L 362 -9.02 54.99 -2.61
CA GLU L 362 -8.05 54.58 -1.59
C GLU L 362 -7.24 55.77 -1.11
N HIS L 363 -6.64 55.62 0.06
CA HIS L 363 -5.80 56.66 0.62
C HIS L 363 -4.48 56.05 1.05
N GLU L 364 -3.45 56.88 1.17
CA GLU L 364 -2.15 56.43 1.64
C GLU L 364 -2.03 57.09 3.00
N VAL L 365 -1.74 56.30 4.01
CA VAL L 365 -1.69 56.80 5.36
C VAL L 365 -0.50 56.28 6.17
N GLU L 366 -0.01 57.06 7.12
CA GLU L 366 1.08 56.65 7.99
C GLU L 366 0.47 56.29 9.34
N ARG L 367 0.77 55.10 9.84
CA ARG L 367 0.20 54.68 11.11
C ARG L 367 1.23 54.07 12.05
N ASP L 368 1.02 54.26 13.34
CA ASP L 368 1.92 53.74 14.37
C ASP L 368 1.55 52.30 14.75
N ARG L 369 2.53 51.41 14.61
CA ARG L 369 2.37 50.00 14.94
C ARG L 369 2.92 49.81 16.36
N TYR L 370 2.04 49.99 17.36
CA TYR L 370 2.40 49.86 18.78
C TYR L 370 2.79 48.45 19.23
N SER L 371 3.57 48.40 20.32
CA SER L 371 4.04 47.15 20.92
C SER L 371 3.93 47.19 22.44
N GLY L 381 7.07 50.70 22.72
CA GLY L 381 7.22 50.29 21.34
C GLY L 381 6.37 51.06 20.35
N ARG L 382 6.99 51.54 19.27
CA ARG L 382 6.27 52.31 18.25
C ARG L 382 7.04 52.43 16.92
N ALA L 383 6.44 51.89 15.86
CA ALA L 383 7.02 51.93 14.52
C ALA L 383 6.06 52.53 13.49
N LEU L 384 6.57 53.39 12.61
CA LEU L 384 5.76 54.03 11.57
C LEU L 384 5.67 53.13 10.34
N GLU L 385 4.46 52.99 9.81
CA GLU L 385 4.22 52.18 8.63
C GLU L 385 3.36 52.93 7.61
N ARG L 386 3.73 52.83 6.34
CA ARG L 386 2.97 53.47 5.25
C ARG L 386 2.01 52.42 4.71
N VAL L 387 0.74 52.77 4.55
CA VAL L 387 -0.24 51.81 4.07
C VAL L 387 -1.27 52.37 3.09
N ARG L 388 -1.57 51.61 2.05
CA ARG L 388 -2.57 52.03 1.08
C ARG L 388 -3.81 51.21 1.42
N GLU L 389 -4.98 51.83 1.37
CA GLU L 389 -6.21 51.13 1.70
C GLU L 389 -7.46 51.86 1.23
N ARG L 390 -8.56 51.11 1.13
CA ARG L 390 -9.83 51.68 0.71
C ARG L 390 -10.41 52.54 1.81
N VAL L 391 -10.78 53.77 1.48
CA VAL L 391 -11.38 54.62 2.47
C VAL L 391 -12.69 53.92 2.87
N VAL L 392 -13.34 53.28 1.90
CA VAL L 392 -14.59 52.57 2.17
C VAL L 392 -14.54 51.17 1.56
N MET L 393 -14.56 50.16 2.42
CA MET L 393 -14.52 48.78 1.96
C MET L 393 -15.83 48.35 1.34
N PRO L 394 -15.78 47.36 0.44
CA PRO L 394 -17.00 46.87 -0.21
C PRO L 394 -17.98 46.38 0.83
N ALA L 395 -17.48 45.78 1.90
CA ALA L 395 -18.33 45.27 2.97
C ALA L 395 -19.03 46.42 3.70
N GLU L 396 -18.38 47.57 3.79
CA GLU L 396 -19.00 48.71 4.48
C GLU L 396 -20.20 49.18 3.67
N ILE L 397 -20.11 49.07 2.34
CA ILE L 397 -21.20 49.47 1.46
C ILE L 397 -22.34 48.45 1.55
N ALA L 398 -21.99 47.18 1.69
CA ALA L 398 -23.00 46.12 1.78
C ALA L 398 -23.73 46.17 3.10
N ASN L 399 -23.07 46.71 4.11
CA ASN L 399 -23.66 46.82 5.44
C ASN L 399 -24.13 48.23 5.78
N LEU L 400 -24.30 49.06 4.78
CA LEU L 400 -24.78 50.41 5.03
C LEU L 400 -26.23 50.28 5.44
N PRO L 401 -26.63 51.00 6.52
CA PRO L 401 -28.02 50.94 6.97
C PRO L 401 -28.80 51.89 6.07
N ASP L 402 -30.10 51.66 5.92
CA ASP L 402 -30.92 52.53 5.07
C ASP L 402 -30.87 53.99 5.52
N LEU L 403 -31.01 54.91 4.57
CA LEU L 403 -30.99 56.33 4.86
C LEU L 403 -29.60 56.80 5.27
N THR L 404 -28.57 56.13 4.77
CA THR L 404 -27.20 56.50 5.04
C THR L 404 -26.50 56.44 3.70
N ALA L 405 -25.68 57.44 3.39
CA ALA L 405 -25.01 57.46 2.11
C ALA L 405 -23.65 58.12 2.17
N TYR L 406 -22.81 57.81 1.20
CA TYR L 406 -21.51 58.42 1.10
C TYR L 406 -21.70 59.44 0.00
N VAL L 407 -21.33 60.68 0.27
CA VAL L 407 -21.45 61.75 -0.71
C VAL L 407 -20.06 62.15 -1.13
N GLY L 408 -19.78 61.99 -2.42
CA GLY L 408 -18.48 62.34 -2.96
C GLY L 408 -18.66 63.33 -4.08
N PHE L 409 -18.51 64.61 -3.76
CA PHE L 409 -18.67 65.66 -4.75
C PHE L 409 -17.48 65.76 -5.68
N ALA L 410 -17.70 66.33 -6.86
CA ALA L 410 -16.66 66.48 -7.85
C ALA L 410 -15.46 67.22 -7.30
N GLY L 411 -14.40 67.25 -8.09
CA GLY L 411 -13.20 67.95 -7.69
C GLY L 411 -12.51 67.44 -6.44
N ASN L 412 -11.70 68.31 -5.85
CA ASN L 412 -10.94 67.98 -4.65
C ASN L 412 -11.71 68.15 -3.34
N ARG L 413 -12.67 67.27 -3.08
CA ARG L 413 -13.44 67.37 -1.85
C ARG L 413 -13.42 65.99 -1.21
N PRO L 414 -13.40 65.93 0.13
CA PRO L 414 -13.39 64.63 0.80
C PRO L 414 -14.80 64.06 0.74
N ILE L 415 -14.95 62.75 0.91
CA ILE L 415 -16.29 62.16 0.88
C ILE L 415 -16.74 62.10 2.33
N ALA L 416 -18.02 61.84 2.55
CA ALA L 416 -18.51 61.76 3.91
C ALA L 416 -19.72 60.86 4.00
N LYS L 417 -19.82 60.13 5.10
CA LYS L 417 -20.93 59.24 5.32
C LYS L 417 -21.97 60.12 6.00
N VAL L 418 -23.11 60.29 5.35
CA VAL L 418 -24.16 61.15 5.85
C VAL L 418 -25.50 60.43 5.98
N PRO L 419 -26.30 60.79 7.00
CA PRO L 419 -27.60 60.16 7.19
C PRO L 419 -28.61 60.99 6.41
N LEU L 420 -29.69 60.35 5.97
CA LEU L 420 -30.73 61.05 5.22
C LEU L 420 -31.99 61.23 6.08
N GLU L 421 -32.50 62.45 6.08
CA GLU L 421 -33.71 62.79 6.84
C GLU L 421 -34.98 62.53 6.01
N ILE L 422 -35.90 61.76 6.57
CA ILE L 422 -37.16 61.48 5.88
C ILE L 422 -38.13 62.66 6.00
N LYS L 423 -37.93 63.70 5.19
CA LYS L 423 -38.83 64.86 5.21
C LYS L 423 -40.20 64.50 4.69
N GLN L 424 -41.23 65.02 5.33
CA GLN L 424 -42.60 64.77 4.93
C GLN L 424 -43.06 65.83 3.94
N PHE L 425 -43.60 65.38 2.83
CA PHE L 425 -44.10 66.27 1.80
C PHE L 425 -45.57 65.97 1.60
N ALA L 426 -46.39 67.02 1.64
CA ALA L 426 -47.82 66.88 1.45
C ALA L 426 -48.11 66.69 -0.04
N ASN L 427 -49.10 65.88 -0.37
CA ASN L 427 -49.44 65.69 -1.77
C ASN L 427 -50.28 66.87 -2.22
N ARG L 428 -49.70 67.71 -3.07
CA ARG L 428 -50.37 68.90 -3.58
C ARG L 428 -51.12 68.64 -4.90
N GLN L 429 -50.95 67.45 -5.48
CA GLN L 429 -51.59 67.11 -6.76
C GLN L 429 -51.85 65.62 -6.87
N PRO L 430 -52.91 65.23 -7.59
CA PRO L 430 -53.15 63.79 -7.71
C PRO L 430 -52.04 63.25 -8.63
N ALA L 431 -51.45 62.14 -8.25
CA ALA L 431 -50.37 61.56 -9.03
C ALA L 431 -50.78 61.14 -10.44
N PHE L 432 -51.92 60.48 -10.54
CA PHE L 432 -52.42 60.00 -11.82
C PHE L 432 -53.90 60.33 -12.03
N VAL L 433 -54.22 60.99 -13.13
CA VAL L 433 -55.60 61.33 -13.46
C VAL L 433 -56.06 60.48 -14.64
N GLU L 434 -56.71 59.37 -14.31
CA GLU L 434 -57.21 58.41 -15.28
C GLU L 434 -58.62 58.73 -15.82
N GLY L 435 -59.63 58.10 -15.24
CA GLY L 435 -61.01 58.30 -15.66
C GLY L 435 -61.90 57.08 -15.43
#